data_2LFP
#
_entry.id   2LFP
#
_entity_poly.entity_id   1
_entity_poly.type   'polypeptide(L)'
_entity_poly.pdbx_seq_one_letter_code
;QGLQTWKLASRALQKATVENLESYQPLMEMVNQVTESPGKDDPYPYVVIGDQSSTPFETKSSFGENITMDFHVWGGTTRA
EAQDISSRVLEALTYKPLMFEGFTFVAKKLVLAQVITDTDGVTKHGIIKVRFTINNNTG
;
_entity_poly.pdbx_strand_id   A
#
# COMPACT_ATOMS: atom_id res chain seq x y z
N GLN A 1 -20.37 -2.31 21.22
CA GLN A 1 -20.57 -2.42 19.79
C GLN A 1 -19.41 -1.73 19.11
N GLY A 2 -18.67 -0.90 19.88
CA GLY A 2 -17.54 -0.08 19.44
C GLY A 2 -16.40 -0.20 20.41
N LEU A 3 -15.84 -1.43 20.55
CA LEU A 3 -14.70 -1.72 21.42
C LEU A 3 -13.49 -2.05 20.55
N GLN A 4 -13.51 -3.19 19.84
CA GLN A 4 -12.44 -3.64 18.98
C GLN A 4 -13.09 -4.22 17.73
N THR A 5 -14.17 -3.58 17.22
CA THR A 5 -15.00 -3.98 16.08
C THR A 5 -14.38 -3.86 14.66
N TRP A 6 -13.03 -3.99 14.58
CA TRP A 6 -12.22 -3.92 13.38
C TRP A 6 -11.75 -5.31 13.05
N LYS A 7 -10.52 -5.67 13.51
CA LYS A 7 -9.80 -6.94 13.41
C LYS A 7 -9.61 -7.49 11.99
N LEU A 8 -10.59 -8.30 11.49
CA LEU A 8 -10.73 -8.80 10.12
C LEU A 8 -11.18 -7.71 9.13
N ALA A 9 -11.90 -6.64 9.60
CA ALA A 9 -12.35 -5.50 8.80
C ALA A 9 -11.20 -4.59 8.31
N SER A 10 -10.21 -4.35 9.20
CA SER A 10 -8.97 -3.60 8.97
C SER A 10 -8.08 -4.19 7.87
N ARG A 11 -7.87 -5.51 7.91
CA ARG A 11 -7.14 -6.30 6.93
C ARG A 11 -7.89 -6.50 5.58
N ALA A 12 -9.23 -6.64 5.67
CA ALA A 12 -10.18 -6.49 4.55
C ALA A 12 -10.15 -5.11 3.82
N LEU A 13 -9.66 -3.99 4.49
CA LEU A 13 -9.29 -2.71 3.82
C LEU A 13 -8.12 -2.87 2.86
N GLN A 14 -7.17 -3.82 3.11
CA GLN A 14 -6.09 -4.22 2.22
C GLN A 14 -6.65 -4.95 1.00
N LYS A 15 -7.72 -5.77 1.19
CA LYS A 15 -8.55 -6.30 0.08
C LYS A 15 -9.34 -5.24 -0.75
N ALA A 16 -9.86 -4.16 -0.11
CA ALA A 16 -10.53 -3.01 -0.71
C ALA A 16 -9.53 -2.10 -1.43
N THR A 17 -8.29 -2.03 -0.87
CA THR A 17 -7.10 -1.35 -1.41
C THR A 17 -6.57 -2.09 -2.63
N VAL A 18 -6.59 -3.46 -2.57
CA VAL A 18 -6.35 -4.36 -3.72
C VAL A 18 -7.45 -4.22 -4.77
N GLU A 19 -8.72 -3.90 -4.38
CA GLU A 19 -9.80 -3.56 -5.31
C GLU A 19 -9.62 -2.22 -6.06
N ASN A 20 -9.06 -1.13 -5.45
CA ASN A 20 -8.60 0.05 -6.23
C ASN A 20 -7.37 -0.25 -7.12
N LEU A 21 -6.39 -1.10 -6.65
CA LEU A 21 -5.28 -1.59 -7.48
C LEU A 21 -5.72 -2.43 -8.70
N GLU A 22 -6.74 -3.33 -8.55
CA GLU A 22 -7.34 -4.10 -9.64
C GLU A 22 -8.29 -3.27 -10.50
N SER A 23 -8.95 -2.20 -9.93
CA SER A 23 -9.86 -1.33 -10.69
C SER A 23 -9.13 -0.27 -11.50
N TYR A 24 -7.86 0.05 -11.14
CA TYR A 24 -7.07 1.06 -11.82
C TYR A 24 -6.28 0.51 -13.02
N GLN A 25 -6.95 0.63 -14.19
CA GLN A 25 -6.54 0.26 -15.55
C GLN A 25 -5.19 0.77 -16.07
N PRO A 26 -4.70 2.03 -15.83
CA PRO A 26 -3.33 2.45 -16.12
C PRO A 26 -2.23 1.75 -15.31
N LEU A 27 -2.49 1.09 -14.13
CA LEU A 27 -1.42 0.48 -13.32
C LEU A 27 -0.93 -0.89 -13.83
N MET A 28 -1.87 -1.77 -14.24
CA MET A 28 -1.78 -3.11 -14.86
C MET A 28 -1.01 -3.19 -16.20
N GLU A 29 -0.96 -2.06 -16.95
CA GLU A 29 -0.18 -1.87 -18.18
C GLU A 29 1.28 -1.51 -17.86
N MET A 30 1.51 -0.98 -16.62
CA MET A 30 2.78 -0.58 -16.04
C MET A 30 3.43 -1.71 -15.20
N VAL A 31 2.63 -2.61 -14.54
CA VAL A 31 3.10 -3.79 -13.79
C VAL A 31 2.43 -5.00 -14.38
N ASN A 32 3.05 -6.18 -14.37
CA ASN A 32 2.36 -7.43 -14.74
C ASN A 32 1.94 -8.19 -13.46
N GLN A 33 2.46 -7.65 -12.35
CA GLN A 33 2.66 -8.23 -11.06
C GLN A 33 2.05 -7.64 -9.84
N VAL A 34 0.78 -7.15 -9.80
CA VAL A 34 0.22 -6.65 -8.53
C VAL A 34 -0.36 -7.87 -7.82
N THR A 35 0.40 -8.23 -6.77
CA THR A 35 0.22 -9.43 -5.97
C THR A 35 0.38 -9.09 -4.50
N GLU A 36 -0.26 -9.89 -3.61
CA GLU A 36 -0.25 -9.69 -2.17
C GLU A 36 0.87 -10.45 -1.45
N SER A 37 2.11 -10.38 -2.00
CA SER A 37 3.35 -11.01 -1.54
C SER A 37 3.91 -12.00 -2.54
N PRO A 38 3.30 -13.12 -3.02
CA PRO A 38 3.98 -14.07 -3.91
C PRO A 38 4.20 -13.55 -5.35
N GLY A 39 5.41 -13.79 -5.91
CA GLY A 39 5.82 -13.34 -7.22
C GLY A 39 6.91 -12.30 -7.09
N LYS A 40 7.92 -12.58 -6.23
CA LYS A 40 9.06 -11.73 -5.92
C LYS A 40 10.19 -11.89 -6.94
N ASP A 41 10.18 -13.03 -7.66
CA ASP A 41 11.09 -13.48 -8.70
C ASP A 41 10.45 -13.36 -10.08
N ASP A 42 9.34 -12.57 -10.21
CA ASP A 42 8.61 -12.36 -11.47
C ASP A 42 9.12 -11.09 -12.18
N PRO A 43 8.86 -10.87 -13.50
CA PRO A 43 9.54 -9.84 -14.32
C PRO A 43 9.32 -8.37 -13.94
N TYR A 44 10.36 -7.55 -14.16
CA TYR A 44 10.49 -6.13 -13.85
C TYR A 44 9.94 -5.26 -14.99
N PRO A 45 9.15 -4.16 -14.81
CA PRO A 45 8.68 -3.55 -13.55
C PRO A 45 7.50 -4.32 -12.89
N TYR A 46 7.36 -4.33 -11.53
CA TYR A 46 6.35 -5.13 -10.81
C TYR A 46 6.18 -4.82 -9.28
N VAL A 47 5.06 -5.29 -8.56
CA VAL A 47 4.84 -4.94 -7.13
C VAL A 47 4.34 -6.05 -6.20
N VAL A 48 4.96 -6.14 -5.00
CA VAL A 48 4.49 -7.00 -3.90
C VAL A 48 4.05 -6.15 -2.70
N ILE A 49 2.93 -6.57 -2.03
CA ILE A 49 2.36 -5.97 -0.82
C ILE A 49 2.85 -6.71 0.44
N GLY A 50 3.19 -5.98 1.53
CA GLY A 50 3.57 -6.54 2.83
C GLY A 50 3.93 -5.49 3.89
N ASP A 51 5.16 -5.61 4.47
CA ASP A 51 5.74 -4.74 5.50
C ASP A 51 7.26 -4.63 5.26
N GLN A 52 7.92 -3.61 5.85
CA GLN A 52 9.36 -3.36 5.70
C GLN A 52 10.10 -3.64 7.02
N SER A 53 11.29 -4.29 6.96
CA SER A 53 12.21 -4.64 8.07
C SER A 53 11.61 -5.55 9.16
N SER A 54 11.97 -5.26 10.44
CA SER A 54 11.45 -5.91 11.65
C SER A 54 10.37 -5.03 12.26
N THR A 55 9.37 -4.57 11.45
CA THR A 55 8.21 -3.75 11.82
C THR A 55 7.21 -4.52 12.69
N PRO A 56 6.55 -5.66 12.33
CA PRO A 56 5.77 -6.46 13.28
C PRO A 56 6.70 -7.40 14.09
N PHE A 57 6.84 -7.20 15.42
CA PHE A 57 7.70 -7.99 16.31
C PHE A 57 6.85 -8.50 17.46
N GLU A 58 6.80 -9.84 17.67
CA GLU A 58 6.04 -10.59 18.69
C GLU A 58 4.54 -10.71 18.42
N THR A 59 3.93 -9.60 17.92
CA THR A 59 2.56 -9.44 17.47
C THR A 59 2.67 -8.72 16.14
N LYS A 60 1.60 -8.79 15.32
CA LYS A 60 1.49 -8.13 14.03
C LYS A 60 0.45 -7.02 14.09
N SER A 61 0.13 -6.53 15.31
CA SER A 61 -0.88 -5.53 15.63
C SER A 61 -0.35 -4.12 15.88
N SER A 62 -0.55 -3.17 14.92
CA SER A 62 -0.19 -1.74 14.90
C SER A 62 -0.77 -0.80 15.99
N PHE A 63 -0.52 -1.15 17.28
CA PHE A 63 -0.89 -0.46 18.51
C PHE A 63 -2.27 -0.83 19.02
N GLY A 64 -3.34 -0.34 18.37
CA GLY A 64 -4.72 -0.60 18.77
C GLY A 64 -5.67 -0.16 17.68
N GLU A 65 -5.90 1.17 17.57
CA GLU A 65 -6.76 1.84 16.60
C GLU A 65 -5.99 2.26 15.34
N ASN A 66 -5.59 1.27 14.51
CA ASN A 66 -4.86 1.49 13.28
C ASN A 66 -4.93 0.24 12.40
N ILE A 67 -4.85 0.47 11.08
CA ILE A 67 -4.85 -0.44 9.94
C ILE A 67 -3.55 -0.07 9.22
N THR A 68 -2.65 -1.01 8.82
CA THR A 68 -1.36 -0.69 8.20
C THR A 68 -1.18 -1.52 6.94
N MET A 69 -0.70 -0.92 5.82
CA MET A 69 -0.43 -1.61 4.56
C MET A 69 0.76 -0.98 3.86
N ASP A 70 1.76 -1.81 3.50
CA ASP A 70 2.94 -1.37 2.75
C ASP A 70 2.94 -2.10 1.41
N PHE A 71 3.54 -1.39 0.40
CA PHE A 71 3.68 -1.79 -1.00
C PHE A 71 5.17 -1.61 -1.32
N HIS A 72 5.80 -2.59 -1.99
CA HIS A 72 7.20 -2.58 -2.40
C HIS A 72 7.23 -2.85 -3.87
N VAL A 73 7.77 -1.87 -4.63
CA VAL A 73 7.74 -1.82 -6.07
C VAL A 73 9.14 -1.79 -6.60
N TRP A 74 9.47 -2.70 -7.55
CA TRP A 74 10.78 -2.63 -8.20
C TRP A 74 10.52 -2.48 -9.69
N GLY A 75 10.75 -1.25 -10.22
CA GLY A 75 10.66 -0.86 -11.62
C GLY A 75 11.95 -1.16 -12.32
N GLY A 76 13.06 -0.61 -11.71
CA GLY A 76 14.45 -0.80 -12.11
C GLY A 76 14.93 0.02 -13.28
N THR A 77 14.52 1.31 -13.38
CA THR A 77 14.96 2.21 -14.46
C THR A 77 15.52 3.51 -13.90
N THR A 78 14.90 4.66 -14.25
CA THR A 78 15.33 6.02 -13.96
C THR A 78 14.26 6.79 -13.20
N ARG A 79 14.67 7.99 -12.67
CA ARG A 79 14.04 8.87 -11.69
C ARG A 79 12.58 9.28 -11.87
N ALA A 80 12.15 9.49 -13.14
CA ALA A 80 10.80 9.79 -13.58
C ALA A 80 9.80 8.64 -13.41
N GLU A 81 10.24 7.37 -13.60
CA GLU A 81 9.47 6.13 -13.45
C GLU A 81 9.13 5.81 -11.99
N ALA A 82 10.03 6.14 -11.02
CA ALA A 82 9.84 5.99 -9.57
C ALA A 82 8.73 6.87 -8.99
N GLN A 83 8.56 8.09 -9.56
CA GLN A 83 7.46 9.00 -9.25
C GLN A 83 6.14 8.60 -9.94
N ASP A 84 6.23 8.01 -11.17
CA ASP A 84 5.14 7.38 -11.91
C ASP A 84 4.60 6.12 -11.23
N ILE A 85 5.45 5.15 -10.76
CA ILE A 85 5.00 3.98 -9.96
C ILE A 85 4.41 4.35 -8.58
N SER A 86 5.06 5.30 -7.83
CA SER A 86 4.60 5.85 -6.53
C SER A 86 3.33 6.71 -6.64
N SER A 87 3.22 7.62 -7.65
CA SER A 87 2.00 8.40 -7.95
C SER A 87 0.86 7.54 -8.49
N ARG A 88 1.13 6.48 -9.31
CA ARG A 88 0.14 5.51 -9.80
C ARG A 88 -0.44 4.64 -8.68
N VAL A 89 0.39 4.12 -7.70
CA VAL A 89 -0.10 3.41 -6.50
C VAL A 89 -0.94 4.29 -5.54
N LEU A 90 -0.54 5.57 -5.23
CA LEU A 90 -1.34 6.51 -4.41
C LEU A 90 -2.59 7.03 -5.13
N GLU A 91 -2.47 7.28 -6.48
CA GLU A 91 -3.57 7.63 -7.40
C GLU A 91 -4.62 6.54 -7.49
N ALA A 92 -4.22 5.23 -7.39
CA ALA A 92 -5.16 4.10 -7.19
C ALA A 92 -5.85 4.15 -5.80
N LEU A 93 -5.00 4.28 -4.73
CA LEU A 93 -5.33 4.37 -3.29
C LEU A 93 -6.40 5.38 -2.86
N THR A 94 -6.52 6.50 -3.60
CA THR A 94 -7.61 7.48 -3.49
C THR A 94 -8.42 7.58 -4.78
N TYR A 95 -8.23 6.70 -5.81
CA TYR A 95 -8.99 6.64 -7.08
C TYR A 95 -10.36 6.12 -6.77
N LYS A 96 -10.40 4.98 -6.02
CA LYS A 96 -11.70 4.53 -5.53
C LYS A 96 -11.60 4.64 -3.99
N PRO A 97 -12.43 5.38 -3.22
CA PRO A 97 -12.25 5.60 -1.76
C PRO A 97 -12.31 4.33 -0.90
N LEU A 98 -11.54 4.28 0.22
CA LEU A 98 -11.40 3.07 1.02
C LEU A 98 -12.52 2.81 2.02
N MET A 99 -13.33 1.80 1.67
CA MET A 99 -14.44 1.31 2.43
C MET A 99 -14.43 -0.18 2.20
N PHE A 100 -14.98 -0.89 3.20
CA PHE A 100 -15.21 -2.29 3.37
C PHE A 100 -16.67 -2.30 3.87
N GLU A 101 -17.48 -3.31 3.52
CA GLU A 101 -18.92 -3.56 3.72
C GLU A 101 -19.48 -3.38 5.14
N GLY A 102 -19.67 -2.09 5.51
CA GLY A 102 -20.10 -1.58 6.79
C GLY A 102 -18.98 -0.93 7.56
N PHE A 103 -17.71 -0.99 7.05
CA PHE A 103 -16.54 -0.45 7.76
C PHE A 103 -15.75 0.62 6.97
N THR A 104 -15.53 1.82 7.56
CA THR A 104 -14.76 2.93 6.99
C THR A 104 -13.50 3.20 7.83
N PHE A 105 -12.38 3.56 7.15
CA PHE A 105 -11.04 3.89 7.66
C PHE A 105 -10.52 4.93 6.68
N VAL A 106 -9.75 5.93 7.17
CA VAL A 106 -9.19 7.06 6.42
C VAL A 106 -7.69 6.95 6.41
N ALA A 107 -6.99 7.24 5.26
CA ALA A 107 -5.53 7.19 5.12
C ALA A 107 -4.92 8.47 5.70
N LYS A 108 -4.26 8.29 6.86
CA LYS A 108 -3.77 9.34 7.72
C LYS A 108 -2.42 8.90 8.27
N LYS A 109 -1.33 9.38 7.63
CA LYS A 109 0.04 9.01 7.91
C LYS A 109 0.96 10.12 7.34
N LEU A 110 2.25 10.17 7.77
CA LEU A 110 3.27 11.10 7.31
C LEU A 110 4.52 10.27 7.00
N VAL A 111 4.94 10.25 5.72
CA VAL A 111 6.06 9.46 5.19
C VAL A 111 6.67 10.25 4.03
N LEU A 112 7.81 9.77 3.47
CA LEU A 112 8.46 10.33 2.31
C LEU A 112 9.30 9.22 1.69
N ALA A 113 9.39 9.19 0.34
CA ALA A 113 10.22 8.28 -0.42
C ALA A 113 10.85 9.22 -1.42
N GLN A 114 12.20 9.29 -1.47
CA GLN A 114 12.95 10.21 -2.29
C GLN A 114 13.45 9.54 -3.55
N VAL A 115 13.33 10.23 -4.71
CA VAL A 115 13.80 9.78 -6.01
C VAL A 115 15.15 10.47 -6.31
N ILE A 116 16.23 9.68 -6.49
CA ILE A 116 17.60 10.18 -6.69
C ILE A 116 18.34 9.36 -7.73
N THR A 117 19.38 9.97 -8.35
CA THR A 117 20.30 9.41 -9.34
C THR A 117 21.67 9.52 -8.72
N ASP A 118 22.41 8.39 -8.56
CA ASP A 118 23.74 8.39 -7.94
C ASP A 118 24.80 7.95 -8.93
N THR A 119 26.03 8.54 -8.77
CA THR A 119 27.29 8.37 -9.50
C THR A 119 27.91 6.97 -9.46
N ASP A 120 27.50 6.18 -8.44
CA ASP A 120 27.86 4.79 -8.18
C ASP A 120 26.98 3.78 -8.94
N GLY A 121 25.82 4.21 -9.53
CA GLY A 121 24.99 3.33 -10.37
C GLY A 121 23.94 2.49 -9.67
N VAL A 122 23.11 3.11 -8.78
CA VAL A 122 22.01 2.46 -8.03
C VAL A 122 20.71 2.33 -8.85
N THR A 123 19.91 1.25 -8.58
CA THR A 123 18.59 0.95 -9.12
C THR A 123 17.52 1.88 -8.52
N LYS A 124 16.45 2.15 -9.28
CA LYS A 124 15.28 2.90 -8.82
C LYS A 124 14.18 1.95 -8.38
N HIS A 125 13.91 2.04 -7.06
CA HIS A 125 12.97 1.27 -6.27
C HIS A 125 12.10 2.25 -5.50
N GLY A 126 10.83 1.85 -5.25
CA GLY A 126 9.87 2.64 -4.48
C GLY A 126 9.41 1.80 -3.32
N ILE A 127 9.54 2.30 -2.07
CA ILE A 127 9.09 1.63 -0.85
C ILE A 127 8.03 2.57 -0.32
N ILE A 128 6.77 2.09 -0.21
CA ILE A 128 5.60 2.89 0.15
C ILE A 128 5.04 2.29 1.42
N LYS A 129 4.83 3.12 2.48
CA LYS A 129 4.29 2.69 3.75
C LYS A 129 3.06 3.52 4.00
N VAL A 130 1.87 2.91 4.14
CA VAL A 130 0.62 3.62 4.35
C VAL A 130 -0.03 3.08 5.60
N ARG A 131 -0.64 3.99 6.38
CA ARG A 131 -1.40 3.71 7.58
C ARG A 131 -2.68 4.50 7.45
N PHE A 132 -3.76 3.84 7.89
CA PHE A 132 -5.13 4.28 7.84
C PHE A 132 -5.55 4.19 9.28
N THR A 133 -6.32 5.20 9.73
CA THR A 133 -6.67 5.36 11.13
C THR A 133 -8.17 5.36 11.29
N ILE A 134 -8.69 4.65 12.33
CA ILE A 134 -10.07 4.65 12.79
C ILE A 134 -9.94 5.44 14.07
N ASN A 135 -10.59 6.63 14.11
CA ASN A 135 -10.52 7.61 15.17
C ASN A 135 -11.69 8.54 14.89
N ASN A 136 -11.71 9.12 13.65
CA ASN A 136 -12.81 9.93 13.12
C ASN A 136 -13.01 9.41 11.70
N ASN A 137 -13.47 8.15 11.58
CA ASN A 137 -13.73 7.41 10.36
C ASN A 137 -15.18 7.54 9.90
N THR A 138 -15.52 8.72 9.33
CA THR A 138 -16.81 9.17 8.83
C THR A 138 -17.35 8.41 7.63
N GLY A 139 -18.17 7.36 7.89
CA GLY A 139 -18.82 6.55 6.86
C GLY A 139 -19.50 5.42 7.55
N GLN A 1 -19.59 -8.99 8.77
CA GLN A 1 -19.41 -8.62 7.40
C GLN A 1 -20.79 -8.58 6.76
N GLY A 2 -21.61 -9.62 7.07
CA GLY A 2 -23.06 -9.63 6.86
C GLY A 2 -23.76 -9.61 8.20
N LEU A 3 -23.03 -10.02 9.27
CA LEU A 3 -23.55 -10.15 10.63
C LEU A 3 -22.76 -9.37 11.67
N GLN A 4 -21.98 -8.36 11.23
CA GLN A 4 -21.14 -7.46 12.03
C GLN A 4 -19.87 -8.12 12.57
N THR A 5 -18.84 -8.30 11.71
CA THR A 5 -17.55 -8.93 12.01
C THR A 5 -16.49 -7.86 12.13
N TRP A 6 -15.70 -7.81 13.23
CA TRP A 6 -14.63 -6.83 13.41
C TRP A 6 -13.27 -7.54 13.41
N LYS A 7 -12.14 -6.79 13.55
CA LYS A 7 -10.75 -7.25 13.56
C LYS A 7 -10.16 -7.64 12.19
N LEU A 8 -10.84 -8.54 11.40
CA LEU A 8 -10.45 -8.99 10.05
C LEU A 8 -10.66 -7.90 9.01
N ALA A 9 -11.62 -6.99 9.33
CA ALA A 9 -12.01 -5.77 8.62
C ALA A 9 -10.86 -4.78 8.39
N SER A 10 -9.91 -4.69 9.38
CA SER A 10 -8.68 -3.90 9.34
C SER A 10 -7.71 -4.38 8.28
N ARG A 11 -7.39 -5.69 8.17
CA ARG A 11 -6.62 -6.27 7.06
C ARG A 11 -7.33 -6.43 5.71
N ALA A 12 -8.64 -6.80 5.74
CA ALA A 12 -9.58 -6.81 4.62
C ALA A 12 -9.71 -5.46 3.84
N LEU A 13 -9.39 -4.33 4.53
CA LEU A 13 -9.11 -2.99 3.98
C LEU A 13 -7.92 -2.99 3.00
N GLN A 14 -6.83 -3.78 3.26
CA GLN A 14 -5.64 -3.97 2.42
C GLN A 14 -6.01 -4.70 1.17
N LYS A 15 -6.93 -5.71 1.26
CA LYS A 15 -7.54 -6.26 0.01
C LYS A 15 -8.48 -5.29 -0.78
N ALA A 16 -9.19 -4.35 -0.10
CA ALA A 16 -9.99 -3.28 -0.74
C ALA A 16 -9.12 -2.17 -1.37
N THR A 17 -7.95 -1.88 -0.74
CA THR A 17 -6.88 -0.97 -1.17
C THR A 17 -6.10 -1.51 -2.37
N VAL A 18 -5.94 -2.88 -2.38
CA VAL A 18 -5.44 -3.69 -3.50
C VAL A 18 -6.48 -3.67 -4.63
N GLU A 19 -7.80 -3.57 -4.29
CA GLU A 19 -8.89 -3.32 -5.23
C GLU A 19 -8.87 -1.93 -5.89
N ASN A 20 -8.38 -0.87 -5.17
CA ASN A 20 -7.93 0.43 -5.74
C ASN A 20 -6.80 0.29 -6.74
N LEU A 21 -5.71 -0.46 -6.36
CA LEU A 21 -4.59 -0.80 -7.26
C LEU A 21 -4.97 -1.52 -8.57
N GLU A 22 -5.98 -2.43 -8.53
CA GLU A 22 -6.52 -3.09 -9.72
C GLU A 22 -7.69 -2.35 -10.37
N SER A 23 -8.38 -1.36 -9.71
CA SER A 23 -9.47 -0.59 -10.33
C SER A 23 -8.93 0.67 -11.00
N TYR A 24 -7.77 1.20 -10.54
CA TYR A 24 -7.13 2.37 -11.14
C TYR A 24 -6.42 2.05 -12.46
N GLN A 25 -7.13 2.46 -13.56
CA GLN A 25 -6.93 2.25 -15.00
C GLN A 25 -5.49 2.30 -15.54
N PRO A 26 -4.60 3.31 -15.28
CA PRO A 26 -3.20 3.30 -15.69
C PRO A 26 -2.34 2.21 -15.03
N LEU A 27 -2.70 1.62 -13.84
CA LEU A 27 -1.93 0.53 -13.20
C LEU A 27 -2.00 -0.80 -13.94
N MET A 28 -3.06 -0.96 -14.79
CA MET A 28 -3.28 -2.06 -15.74
C MET A 28 -2.24 -2.12 -16.85
N GLU A 29 -1.70 -0.94 -17.20
CA GLU A 29 -0.64 -0.68 -18.16
C GLU A 29 0.74 -0.60 -17.50
N MET A 30 0.80 -0.15 -16.23
CA MET A 30 2.00 0.13 -15.45
C MET A 30 2.65 -1.01 -14.63
N VAL A 31 1.88 -2.01 -14.10
CA VAL A 31 2.40 -3.17 -13.36
C VAL A 31 1.75 -4.41 -13.97
N ASN A 32 2.47 -5.56 -14.00
CA ASN A 32 1.92 -6.87 -14.44
C ASN A 32 1.53 -7.76 -13.24
N GLN A 33 2.28 -7.43 -12.20
CA GLN A 33 2.74 -8.15 -11.06
C GLN A 33 2.32 -7.62 -9.72
N VAL A 34 1.04 -7.15 -9.59
CA VAL A 34 0.47 -6.64 -8.34
C VAL A 34 -0.13 -7.85 -7.61
N THR A 35 0.57 -8.17 -6.51
CA THR A 35 0.39 -9.38 -5.73
C THR A 35 0.54 -9.07 -4.24
N GLU A 36 -0.19 -9.83 -3.38
CA GLU A 36 -0.26 -9.65 -1.93
C GLU A 36 0.87 -10.32 -1.13
N SER A 37 2.14 -10.01 -1.50
CA SER A 37 3.40 -10.47 -0.90
C SER A 37 4.21 -11.43 -1.78
N PRO A 38 3.81 -12.65 -2.23
CA PRO A 38 4.63 -13.53 -3.11
C PRO A 38 4.78 -12.98 -4.55
N GLY A 39 5.92 -13.25 -5.25
CA GLY A 39 6.14 -12.78 -6.62
C GLY A 39 7.14 -11.66 -6.65
N LYS A 40 8.04 -11.63 -5.63
CA LYS A 40 9.13 -10.72 -5.37
C LYS A 40 10.31 -10.85 -6.32
N ASP A 41 10.41 -12.02 -7.00
CA ASP A 41 11.42 -12.38 -8.00
C ASP A 41 10.84 -12.39 -9.42
N ASP A 42 9.64 -11.78 -9.65
CA ASP A 42 8.94 -11.76 -10.95
C ASP A 42 9.21 -10.45 -11.71
N PRO A 43 8.84 -10.27 -13.02
CA PRO A 43 9.28 -9.14 -13.88
C PRO A 43 9.02 -7.68 -13.47
N TYR A 44 9.99 -6.81 -13.79
CA TYR A 44 10.09 -5.38 -13.51
C TYR A 44 9.49 -4.52 -14.64
N PRO A 45 8.71 -3.43 -14.43
CA PRO A 45 8.21 -2.86 -13.15
C PRO A 45 7.06 -3.68 -12.52
N TYR A 46 6.94 -3.72 -11.16
CA TYR A 46 5.98 -4.56 -10.45
C TYR A 46 5.87 -4.29 -8.93
N VAL A 47 4.81 -4.85 -8.23
CA VAL A 47 4.57 -4.57 -6.79
C VAL A 47 4.14 -5.75 -5.91
N VAL A 48 4.78 -5.85 -4.70
CA VAL A 48 4.34 -6.74 -3.63
C VAL A 48 3.84 -5.88 -2.45
N ILE A 49 2.66 -6.26 -1.87
CA ILE A 49 2.03 -5.66 -0.69
C ILE A 49 2.60 -6.39 0.54
N GLY A 50 2.99 -5.69 1.62
CA GLY A 50 3.60 -6.36 2.76
C GLY A 50 3.64 -5.49 3.97
N ASP A 51 4.77 -5.61 4.74
CA ASP A 51 5.03 -4.87 5.96
C ASP A 51 6.54 -4.55 6.10
N GLN A 52 6.84 -3.35 6.67
CA GLN A 52 8.16 -2.82 6.97
C GLN A 52 8.52 -3.22 8.39
N SER A 53 9.80 -3.53 8.67
CA SER A 53 10.31 -3.97 9.98
C SER A 53 10.44 -2.86 11.03
N SER A 54 9.31 -2.58 11.76
CA SER A 54 8.93 -1.63 12.82
C SER A 54 9.92 -1.13 13.88
N THR A 55 11.23 -1.07 13.53
CA THR A 55 12.39 -0.65 14.32
C THR A 55 12.52 0.87 14.47
N PRO A 56 12.62 1.77 13.46
CA PRO A 56 12.61 3.22 13.66
C PRO A 56 11.16 3.72 13.83
N PHE A 57 10.78 4.23 15.01
CA PHE A 57 9.41 4.66 15.28
C PHE A 57 9.38 6.00 16.00
N GLU A 58 8.79 7.03 15.33
CA GLU A 58 8.69 8.41 15.81
C GLU A 58 7.26 8.92 15.94
N THR A 59 6.24 8.17 15.46
CA THR A 59 4.83 8.57 15.51
C THR A 59 4.09 7.49 16.28
N LYS A 60 3.65 7.80 17.53
CA LYS A 60 3.01 6.83 18.40
C LYS A 60 2.05 7.55 19.35
N SER A 61 0.73 7.29 19.15
CA SER A 61 -0.45 7.79 19.84
C SER A 61 -1.54 7.28 18.90
N SER A 62 -2.85 7.46 19.20
CA SER A 62 -3.93 7.03 18.32
C SER A 62 -5.23 7.71 18.77
N PHE A 63 -6.31 7.37 18.04
CA PHE A 63 -7.68 7.82 18.19
C PHE A 63 -8.65 6.65 18.41
N GLY A 64 -8.17 5.38 18.29
CA GLY A 64 -9.03 4.24 18.57
C GLY A 64 -8.41 2.95 18.14
N GLU A 65 -8.27 2.76 16.81
CA GLU A 65 -7.67 1.59 16.18
C GLU A 65 -6.98 2.11 14.95
N ASN A 66 -5.99 1.34 14.44
CA ASN A 66 -5.24 1.66 13.24
C ASN A 66 -5.14 0.41 12.38
N ILE A 67 -5.03 0.66 11.07
CA ILE A 67 -4.81 -0.27 9.97
C ILE A 67 -3.53 0.27 9.38
N THR A 68 -2.49 -0.55 9.21
CA THR A 68 -1.22 -0.14 8.63
C THR A 68 -0.93 -1.17 7.55
N MET A 69 -0.58 -0.65 6.35
CA MET A 69 -0.36 -1.38 5.13
C MET A 69 0.85 -0.80 4.44
N ASP A 70 1.69 -1.66 3.82
CA ASP A 70 2.86 -1.21 3.08
C ASP A 70 2.89 -1.89 1.73
N PHE A 71 3.70 -1.30 0.81
CA PHE A 71 4.01 -1.81 -0.52
C PHE A 71 5.52 -1.65 -0.69
N HIS A 72 6.15 -2.66 -1.36
CA HIS A 72 7.54 -2.71 -1.79
C HIS A 72 7.38 -2.69 -3.30
N VAL A 73 7.92 -1.65 -3.99
CA VAL A 73 7.65 -1.39 -5.38
C VAL A 73 8.99 -1.39 -6.04
N TRP A 74 9.17 -2.16 -7.14
CA TRP A 74 10.45 -2.12 -7.84
C TRP A 74 10.14 -1.75 -9.28
N GLY A 75 10.73 -0.62 -9.75
CA GLY A 75 10.57 -0.10 -11.11
C GLY A 75 11.74 -0.41 -11.99
N GLY A 76 11.43 -0.75 -13.26
CA GLY A 76 12.38 -1.02 -14.33
C GLY A 76 12.03 -0.14 -15.52
N THR A 77 12.85 -0.26 -16.61
CA THR A 77 12.78 0.45 -17.88
C THR A 77 13.56 1.76 -17.81
N THR A 78 12.94 2.83 -17.25
CA THR A 78 13.55 4.14 -17.07
C THR A 78 13.01 4.69 -15.75
N ARG A 79 13.55 5.85 -15.29
CA ARG A 79 13.22 6.63 -14.10
C ARG A 79 11.78 7.14 -14.00
N ALA A 80 11.16 7.50 -15.16
CA ALA A 80 9.80 7.99 -15.34
C ALA A 80 8.74 6.90 -15.16
N GLU A 81 9.01 5.65 -15.60
CA GLU A 81 8.13 4.46 -15.47
C GLU A 81 8.04 3.92 -14.02
N ALA A 82 9.18 4.07 -13.29
CA ALA A 82 9.38 3.88 -11.86
C ALA A 82 8.67 4.96 -11.00
N GLN A 83 8.74 6.24 -11.46
CA GLN A 83 8.07 7.41 -10.89
C GLN A 83 6.55 7.33 -11.01
N ASP A 84 6.11 6.86 -12.23
CA ASP A 84 4.74 6.51 -12.63
C ASP A 84 4.13 5.41 -11.77
N ILE A 85 4.81 4.25 -11.47
CA ILE A 85 4.30 3.24 -10.51
C ILE A 85 4.09 3.81 -9.09
N SER A 86 5.00 4.68 -8.55
CA SER A 86 4.80 5.42 -7.28
C SER A 86 3.63 6.44 -7.30
N SER A 87 3.52 7.29 -8.37
CA SER A 87 2.44 8.26 -8.60
C SER A 87 1.07 7.64 -8.92
N ARG A 88 1.01 6.52 -9.72
CA ARG A 88 -0.19 5.74 -10.01
C ARG A 88 -0.68 4.91 -8.80
N VAL A 89 0.26 4.38 -7.92
CA VAL A 89 -0.08 3.70 -6.65
C VAL A 89 -0.68 4.66 -5.61
N LEU A 90 -0.07 5.85 -5.32
CA LEU A 90 -0.58 6.87 -4.36
C LEU A 90 -1.95 7.47 -4.77
N GLU A 91 -2.06 7.71 -6.11
CA GLU A 91 -3.27 8.08 -6.83
C GLU A 91 -4.35 7.01 -6.76
N ALA A 92 -4.02 5.68 -6.81
CA ALA A 92 -4.93 4.54 -6.58
C ALA A 92 -5.51 4.55 -5.15
N LEU A 93 -4.61 4.68 -4.12
CA LEU A 93 -4.91 4.77 -2.67
C LEU A 93 -5.99 5.78 -2.30
N THR A 94 -5.90 7.04 -2.84
CA THR A 94 -7.03 8.00 -2.76
C THR A 94 -7.93 8.08 -3.99
N TYR A 95 -7.80 7.20 -5.02
CA TYR A 95 -8.68 7.12 -6.21
C TYR A 95 -10.04 6.59 -5.79
N LYS A 96 -10.04 5.38 -5.13
CA LYS A 96 -11.37 4.83 -4.75
C LYS A 96 -11.58 4.82 -3.24
N PRO A 97 -12.82 5.00 -2.69
CA PRO A 97 -13.07 5.09 -1.25
C PRO A 97 -12.92 3.72 -0.58
N LEU A 98 -12.07 3.67 0.47
CA LEU A 98 -11.75 2.46 1.22
C LEU A 98 -12.93 2.01 2.11
N MET A 99 -13.57 0.90 1.69
CA MET A 99 -14.70 0.28 2.35
C MET A 99 -14.57 -1.22 2.20
N PHE A 100 -14.94 -1.96 3.25
CA PHE A 100 -14.95 -3.41 3.26
C PHE A 100 -16.27 -3.78 3.96
N GLU A 101 -17.26 -4.35 3.24
CA GLU A 101 -18.54 -4.94 3.69
C GLU A 101 -19.48 -3.99 4.43
N GLY A 102 -19.35 -2.70 4.06
CA GLY A 102 -20.00 -1.55 4.68
C GLY A 102 -19.13 -0.88 5.71
N PHE A 103 -17.89 -1.36 5.99
CA PHE A 103 -17.05 -0.78 7.07
C PHE A 103 -15.99 0.14 6.48
N THR A 104 -15.92 1.42 6.94
CA THR A 104 -15.08 2.52 6.48
C THR A 104 -13.81 2.72 7.31
N PHE A 105 -12.70 3.09 6.63
CA PHE A 105 -11.40 3.40 7.24
C PHE A 105 -10.89 4.63 6.48
N VAL A 106 -10.27 5.57 7.22
CA VAL A 106 -9.88 6.91 6.76
C VAL A 106 -8.40 6.97 6.56
N ALA A 107 -7.93 7.24 5.33
CA ALA A 107 -6.54 7.22 4.93
C ALA A 107 -5.72 8.45 5.25
N LYS A 108 -4.48 8.17 5.71
CA LYS A 108 -3.36 9.07 5.87
C LYS A 108 -2.49 8.67 4.67
N LYS A 109 -2.40 9.55 3.62
CA LYS A 109 -1.76 9.27 2.33
C LYS A 109 -0.25 9.15 2.31
N LEU A 110 0.43 10.02 3.12
CA LEU A 110 1.88 10.14 3.27
C LEU A 110 2.53 10.71 2.00
N VAL A 111 2.24 12.01 1.70
CA VAL A 111 2.58 12.77 0.49
C VAL A 111 4.06 13.17 0.41
N LEU A 112 4.96 12.17 0.54
CA LEU A 112 6.41 12.31 0.52
C LEU A 112 6.92 11.78 -0.82
N ALA A 113 6.48 12.43 -1.93
CA ALA A 113 6.77 12.09 -3.32
C ALA A 113 8.09 12.71 -3.80
N GLN A 114 9.20 12.04 -3.40
CA GLN A 114 10.58 12.38 -3.69
C GLN A 114 11.00 12.04 -5.13
N VAL A 115 11.36 13.09 -5.91
CA VAL A 115 11.80 13.03 -7.31
C VAL A 115 13.32 13.13 -7.31
N ILE A 116 14.01 12.12 -7.89
CA ILE A 116 15.47 12.02 -7.93
C ILE A 116 15.89 11.64 -9.32
N THR A 117 16.96 12.29 -9.85
CA THR A 117 17.53 12.15 -11.19
C THR A 117 18.71 11.18 -11.18
N ASP A 118 18.63 10.06 -11.95
CA ASP A 118 19.69 9.07 -12.08
C ASP A 118 20.41 9.31 -13.40
N THR A 119 21.75 9.48 -13.38
CA THR A 119 22.62 9.80 -14.50
C THR A 119 22.85 8.69 -15.53
N ASP A 120 22.77 7.40 -15.12
CA ASP A 120 22.97 6.22 -15.97
C ASP A 120 21.68 5.73 -16.64
N GLY A 121 20.51 6.27 -16.22
CA GLY A 121 19.17 5.87 -16.69
C GLY A 121 18.55 4.71 -15.95
N VAL A 122 19.29 4.18 -14.93
CA VAL A 122 18.93 3.07 -14.06
C VAL A 122 18.12 3.56 -12.87
N THR A 123 17.17 2.71 -12.44
CA THR A 123 16.19 2.90 -11.39
C THR A 123 16.65 2.42 -10.01
N LYS A 124 16.11 3.05 -8.94
CA LYS A 124 16.30 2.71 -7.54
C LYS A 124 14.97 2.16 -7.03
N HIS A 125 14.99 1.11 -6.16
CA HIS A 125 13.84 0.42 -5.57
C HIS A 125 13.49 1.05 -4.22
N GLY A 126 12.18 1.15 -3.90
CA GLY A 126 11.68 1.75 -2.66
C GLY A 126 10.65 0.92 -1.95
N ILE A 127 10.36 1.34 -0.69
CA ILE A 127 9.29 0.85 0.15
C ILE A 127 8.54 2.10 0.56
N ILE A 128 7.19 2.03 0.61
CA ILE A 128 6.33 3.13 1.02
C ILE A 128 5.21 2.53 1.85
N LYS A 129 4.85 3.21 2.96
CA LYS A 129 3.84 2.79 3.92
C LYS A 129 2.64 3.71 3.89
N VAL A 130 1.41 3.13 4.03
CA VAL A 130 0.15 3.88 4.13
C VAL A 130 -0.54 3.49 5.43
N ARG A 131 -1.19 4.45 6.13
CA ARG A 131 -1.87 4.28 7.41
C ARG A 131 -3.30 4.78 7.31
N PHE A 132 -4.28 4.08 7.93
CA PHE A 132 -5.69 4.44 7.93
C PHE A 132 -6.16 4.36 9.39
N THR A 133 -7.04 5.30 9.83
CA THR A 133 -7.67 5.42 11.15
C THR A 133 -9.17 5.15 11.02
N ILE A 134 -9.81 4.51 12.04
CA ILE A 134 -11.27 4.25 12.07
C ILE A 134 -12.11 5.44 12.57
N ASN A 135 -13.31 5.65 11.99
CA ASN A 135 -14.30 6.67 12.33
C ASN A 135 -15.52 6.18 11.56
N ASN A 136 -16.59 7.01 11.36
CA ASN A 136 -17.76 6.70 10.54
C ASN A 136 -17.56 7.13 9.08
N ASN A 137 -17.42 8.45 8.83
CA ASN A 137 -17.21 9.03 7.52
C ASN A 137 -16.59 10.40 7.72
N THR A 138 -16.05 11.02 6.64
CA THR A 138 -15.51 12.38 6.63
C THR A 138 -16.53 13.27 5.92
N GLY A 139 -16.90 14.43 6.52
CA GLY A 139 -17.89 15.37 5.98
C GLY A 139 -17.29 16.64 5.45
N GLN A 1 -6.44 -20.71 16.53
CA GLN A 1 -5.25 -20.52 17.32
C GLN A 1 -5.11 -19.06 17.64
N GLY A 2 -5.66 -18.20 16.76
CA GLY A 2 -5.62 -16.74 16.81
C GLY A 2 -4.33 -16.13 16.36
N LEU A 3 -3.21 -16.45 17.08
CA LEU A 3 -1.83 -15.97 16.95
C LEU A 3 -1.64 -14.65 17.71
N GLN A 4 -2.46 -13.65 17.38
CA GLN A 4 -2.51 -12.34 18.01
C GLN A 4 -3.90 -11.79 17.78
N THR A 5 -4.21 -10.58 18.31
CA THR A 5 -5.49 -9.87 18.21
C THR A 5 -5.62 -9.08 16.89
N TRP A 6 -5.62 -9.85 15.76
CA TRP A 6 -5.76 -9.39 14.38
C TRP A 6 -7.21 -9.45 13.91
N LYS A 7 -7.71 -8.32 13.39
CA LYS A 7 -9.07 -8.16 12.89
C LYS A 7 -9.06 -8.28 11.36
N LEU A 8 -9.99 -9.12 10.81
CA LEU A 8 -10.18 -9.46 9.40
C LEU A 8 -10.62 -8.30 8.51
N ALA A 9 -11.43 -7.35 9.06
CA ALA A 9 -11.88 -6.11 8.40
C ALA A 9 -10.77 -5.09 8.15
N SER A 10 -9.84 -4.93 9.16
CA SER A 10 -8.65 -4.07 9.10
C SER A 10 -7.72 -4.41 7.95
N ARG A 11 -7.37 -5.70 7.75
CA ARG A 11 -6.66 -6.22 6.57
C ARG A 11 -7.44 -6.33 5.25
N ALA A 12 -8.76 -6.69 5.28
CA ALA A 12 -9.73 -6.62 4.17
C ALA A 12 -9.81 -5.23 3.44
N LEU A 13 -9.39 -4.14 4.15
CA LEU A 13 -9.00 -2.82 3.59
C LEU A 13 -7.87 -2.91 2.54
N GLN A 14 -6.84 -3.79 2.73
CA GLN A 14 -5.72 -4.11 1.85
C GLN A 14 -6.22 -4.80 0.62
N LYS A 15 -7.25 -5.66 0.79
CA LYS A 15 -8.04 -6.21 -0.35
C LYS A 15 -8.86 -5.15 -1.16
N ALA A 16 -9.42 -4.10 -0.49
CA ALA A 16 -10.10 -2.92 -1.07
C ALA A 16 -9.12 -1.93 -1.75
N THR A 17 -7.89 -1.85 -1.18
CA THR A 17 -6.71 -1.12 -1.63
C THR A 17 -6.12 -1.79 -2.87
N VAL A 18 -6.10 -3.17 -2.89
CA VAL A 18 -5.80 -4.02 -4.06
C VAL A 18 -6.88 -3.86 -5.13
N GLU A 19 -8.17 -3.60 -4.74
CA GLU A 19 -9.26 -3.23 -5.65
C GLU A 19 -9.14 -1.83 -6.32
N ASN A 20 -8.55 -0.83 -5.61
CA ASN A 20 -8.02 0.44 -6.17
C ASN A 20 -6.88 0.22 -7.15
N LEU A 21 -5.88 -0.63 -6.81
CA LEU A 21 -4.77 -1.00 -7.69
C LEU A 21 -5.17 -1.76 -8.96
N GLU A 22 -6.26 -2.60 -8.92
CA GLU A 22 -6.80 -3.24 -10.10
C GLU A 22 -7.84 -2.38 -10.81
N SER A 23 -8.55 -1.40 -10.12
CA SER A 23 -9.53 -0.55 -10.81
C SER A 23 -8.91 0.69 -11.44
N TYR A 24 -7.73 1.19 -10.94
CA TYR A 24 -7.02 2.33 -11.51
C TYR A 24 -6.19 1.91 -12.73
N GLN A 25 -6.83 2.09 -13.93
CA GLN A 25 -6.41 1.70 -15.26
C GLN A 25 -4.95 1.86 -15.72
N PRO A 26 -4.13 2.91 -15.45
CA PRO A 26 -2.69 2.92 -15.72
C PRO A 26 -1.84 1.90 -14.92
N LEU A 27 -2.30 1.33 -13.76
CA LEU A 27 -1.60 0.30 -12.98
C LEU A 27 -1.71 -1.09 -13.59
N MET A 28 -2.82 -1.34 -14.35
CA MET A 28 -3.17 -2.54 -15.12
C MET A 28 -2.19 -2.86 -16.23
N GLU A 29 -1.57 -1.79 -16.77
CA GLU A 29 -0.59 -1.72 -17.83
C GLU A 29 0.85 -1.70 -17.28
N MET A 30 0.96 -1.55 -15.94
CA MET A 30 2.21 -1.47 -15.18
C MET A 30 2.58 -2.79 -14.52
N VAL A 31 1.71 -3.40 -13.66
CA VAL A 31 2.13 -4.59 -12.92
C VAL A 31 1.20 -5.77 -13.27
N ASN A 32 1.85 -6.95 -13.32
CA ASN A 32 1.38 -8.29 -13.64
C ASN A 32 1.16 -9.18 -12.42
N GLN A 33 1.87 -8.70 -11.41
CA GLN A 33 2.50 -9.38 -10.32
C GLN A 33 2.26 -8.65 -9.03
N VAL A 34 1.01 -8.12 -8.82
CA VAL A 34 0.61 -7.45 -7.59
C VAL A 34 -0.04 -8.49 -6.63
N THR A 35 0.70 -8.82 -5.53
CA THR A 35 0.31 -9.81 -4.51
C THR A 35 0.82 -9.44 -3.11
N GLU A 36 0.36 -10.13 -2.02
CA GLU A 36 0.80 -9.91 -0.64
C GLU A 36 1.99 -10.80 -0.25
N SER A 37 3.24 -10.27 -0.32
CA SER A 37 4.51 -10.95 0.02
C SER A 37 5.24 -11.76 -1.08
N PRO A 38 4.87 -12.96 -1.67
CA PRO A 38 5.68 -13.68 -2.66
C PRO A 38 5.81 -13.01 -4.05
N GLY A 39 6.82 -13.41 -4.87
CA GLY A 39 6.97 -12.87 -6.23
C GLY A 39 8.12 -11.93 -6.33
N LYS A 40 8.81 -11.64 -5.19
CA LYS A 40 9.96 -10.76 -5.00
C LYS A 40 11.16 -10.91 -5.95
N ASP A 41 11.39 -12.13 -6.47
CA ASP A 41 12.42 -12.57 -7.40
C ASP A 41 11.88 -12.83 -8.83
N ASP A 42 10.66 -12.32 -9.17
CA ASP A 42 10.04 -12.48 -10.50
C ASP A 42 10.38 -11.26 -11.37
N PRO A 43 10.24 -11.27 -12.72
CA PRO A 43 10.65 -10.17 -13.62
C PRO A 43 9.91 -8.84 -13.45
N TYR A 44 10.71 -7.75 -13.46
CA TYR A 44 10.52 -6.32 -13.25
C TYR A 44 9.78 -5.66 -14.43
N PRO A 45 8.81 -4.71 -14.31
CA PRO A 45 8.25 -4.08 -13.11
C PRO A 45 7.14 -4.90 -12.43
N TYR A 46 6.99 -4.82 -11.07
CA TYR A 46 6.01 -5.60 -10.28
C TYR A 46 5.92 -5.15 -8.77
N VAL A 47 4.86 -5.66 -8.02
CA VAL A 47 4.56 -5.19 -6.65
C VAL A 47 4.25 -6.30 -5.64
N VAL A 48 4.91 -6.24 -4.47
CA VAL A 48 4.61 -7.06 -3.29
C VAL A 48 4.15 -6.12 -2.16
N ILE A 49 3.02 -6.46 -1.48
CA ILE A 49 2.45 -5.78 -0.32
C ILE A 49 3.01 -6.44 0.94
N GLY A 50 3.45 -5.62 1.92
CA GLY A 50 4.03 -6.05 3.19
C GLY A 50 3.78 -5.01 4.24
N ASP A 51 4.79 -4.73 5.11
CA ASP A 51 4.75 -3.75 6.20
C ASP A 51 6.10 -3.04 6.33
N GLN A 52 6.05 -1.72 6.66
CA GLN A 52 7.16 -0.82 7.02
C GLN A 52 6.63 -0.14 8.30
N SER A 53 7.44 0.64 9.07
CA SER A 53 6.96 1.46 10.18
C SER A 53 7.19 2.92 9.78
N SER A 54 6.57 3.91 10.47
CA SER A 54 6.70 5.33 10.10
C SER A 54 6.82 6.20 11.34
N THR A 55 7.51 5.68 12.38
CA THR A 55 7.82 6.24 13.70
C THR A 55 6.90 5.64 14.76
N PRO A 56 7.38 5.19 15.94
CA PRO A 56 6.56 4.61 17.01
C PRO A 56 5.89 5.69 17.88
N PHE A 57 4.67 5.39 18.36
CA PHE A 57 3.84 6.23 19.21
C PHE A 57 3.31 5.30 20.30
N GLU A 58 3.04 5.81 21.52
CA GLU A 58 2.52 5.05 22.66
C GLU A 58 1.21 5.67 23.12
N THR A 59 0.20 4.81 23.41
CA THR A 59 -1.12 5.20 23.89
C THR A 59 -1.76 3.93 24.41
N LYS A 60 -3.01 4.06 24.90
CA LYS A 60 -3.88 3.00 25.40
C LYS A 60 -5.18 2.96 24.62
N SER A 61 -5.31 3.80 23.56
CA SER A 61 -6.46 3.95 22.67
C SER A 61 -6.29 3.17 21.37
N SER A 62 -5.65 1.98 21.43
CA SER A 62 -5.28 1.17 20.28
C SER A 62 -5.92 -0.21 20.31
N PHE A 63 -7.04 -0.40 21.05
CA PHE A 63 -7.72 -1.68 21.21
C PHE A 63 -9.03 -1.69 20.46
N GLY A 64 -8.99 -2.18 19.19
CA GLY A 64 -10.14 -2.30 18.33
C GLY A 64 -9.69 -2.63 16.94
N GLU A 65 -9.75 -1.64 16.02
CA GLU A 65 -9.39 -1.79 14.61
C GLU A 65 -8.55 -0.61 14.13
N ASN A 66 -7.30 -0.89 13.69
CA ASN A 66 -6.42 0.12 13.06
C ASN A 66 -5.78 -0.68 11.95
N ILE A 67 -5.21 -0.03 10.90
CA ILE A 67 -4.68 -0.70 9.73
C ILE A 67 -3.36 -0.03 9.38
N THR A 68 -2.23 -0.78 9.34
CA THR A 68 -0.90 -0.26 8.98
C THR A 68 -0.41 -1.08 7.80
N MET A 69 -0.19 -0.47 6.60
CA MET A 69 0.14 -1.18 5.37
C MET A 69 1.31 -0.55 4.64
N ASP A 70 1.99 -1.37 3.79
CA ASP A 70 3.08 -0.93 2.95
C ASP A 70 3.06 -1.69 1.64
N PHE A 71 3.51 -1.03 0.56
CA PHE A 71 3.75 -1.59 -0.76
C PHE A 71 5.25 -1.47 -1.00
N HIS A 72 5.89 -2.55 -1.52
CA HIS A 72 7.27 -2.57 -2.00
C HIS A 72 7.14 -2.80 -3.47
N VAL A 73 7.65 -1.82 -4.23
CA VAL A 73 7.46 -1.71 -5.64
C VAL A 73 8.83 -1.68 -6.28
N TRP A 74 9.06 -2.51 -7.32
CA TRP A 74 10.30 -2.38 -8.06
C TRP A 74 9.90 -2.16 -9.51
N GLY A 75 10.34 -1.00 -10.10
CA GLY A 75 10.08 -0.63 -11.49
C GLY A 75 11.25 -1.02 -12.34
N GLY A 76 12.12 -0.05 -12.73
CA GLY A 76 13.39 -0.30 -13.41
C GLY A 76 13.32 -0.40 -14.91
N THR A 77 13.17 0.73 -15.64
CA THR A 77 13.09 0.68 -17.11
C THR A 77 13.39 2.09 -17.57
N THR A 78 12.42 3.02 -17.40
CA THR A 78 12.57 4.44 -17.70
C THR A 78 12.82 5.14 -16.35
N ARG A 79 13.51 6.31 -16.33
CA ARG A 79 13.81 7.13 -15.15
C ARG A 79 12.56 7.75 -14.50
N ALA A 80 11.69 8.33 -15.38
CA ALA A 80 10.38 8.96 -15.24
C ALA A 80 9.34 8.10 -14.55
N GLU A 81 9.46 6.76 -14.78
CA GLU A 81 8.67 5.64 -14.30
C GLU A 81 8.60 5.56 -12.78
N ALA A 82 9.65 5.96 -12.01
CA ALA A 82 9.67 6.05 -10.54
C ALA A 82 8.68 7.08 -9.97
N GLN A 83 8.56 8.24 -10.68
CA GLN A 83 7.58 9.30 -10.46
C GLN A 83 6.20 8.88 -10.96
N ASP A 84 6.10 8.12 -12.08
CA ASP A 84 4.85 7.52 -12.57
C ASP A 84 4.27 6.42 -11.66
N ILE A 85 5.09 5.42 -11.19
CA ILE A 85 4.67 4.31 -10.31
C ILE A 85 4.24 4.72 -8.90
N SER A 86 4.97 5.69 -8.24
CA SER A 86 4.60 6.28 -6.93
C SER A 86 3.34 7.16 -7.02
N SER A 87 3.17 7.91 -8.17
CA SER A 87 2.00 8.73 -8.53
C SER A 87 0.76 7.87 -8.83
N ARG A 88 0.92 6.74 -9.61
CA ARG A 88 -0.07 5.69 -9.89
C ARG A 88 -0.58 4.97 -8.64
N VAL A 89 0.35 4.56 -7.70
CA VAL A 89 0.02 3.92 -6.41
C VAL A 89 -0.74 4.82 -5.43
N LEU A 90 -0.33 6.10 -5.15
CA LEU A 90 -1.11 7.03 -4.29
C LEU A 90 -2.41 7.58 -4.96
N GLU A 91 -2.41 7.77 -6.33
CA GLU A 91 -3.57 8.16 -7.15
C GLU A 91 -4.65 7.11 -7.13
N ALA A 92 -4.27 5.79 -7.19
CA ALA A 92 -5.16 4.63 -6.95
C ALA A 92 -5.71 4.63 -5.52
N LEU A 93 -4.78 4.72 -4.52
CA LEU A 93 -5.01 4.81 -3.07
C LEU A 93 -6.03 5.84 -2.56
N THR A 94 -6.26 6.95 -3.31
CA THR A 94 -7.42 7.85 -3.09
C THR A 94 -8.32 8.04 -4.31
N TYR A 95 -8.13 7.24 -5.40
CA TYR A 95 -8.95 7.16 -6.63
C TYR A 95 -10.30 6.58 -6.27
N LYS A 96 -10.30 5.34 -5.68
CA LYS A 96 -11.57 4.75 -5.23
C LYS A 96 -11.54 4.79 -3.69
N PRO A 97 -12.62 5.22 -2.96
CA PRO A 97 -12.60 5.44 -1.51
C PRO A 97 -12.55 4.14 -0.72
N LEU A 98 -11.70 4.10 0.35
CA LEU A 98 -11.43 2.91 1.16
C LEU A 98 -12.62 2.50 2.04
N MET A 99 -13.27 1.39 1.65
CA MET A 99 -14.36 0.78 2.37
C MET A 99 -14.27 -0.72 2.22
N PHE A 100 -14.77 -1.42 3.25
CA PHE A 100 -14.98 -2.86 3.24
C PHE A 100 -16.28 -3.10 4.00
N GLU A 101 -17.35 -3.46 3.25
CA GLU A 101 -18.71 -3.89 3.56
C GLU A 101 -19.60 -2.92 4.33
N GLY A 102 -19.25 -2.69 5.61
CA GLY A 102 -19.88 -1.76 6.51
C GLY A 102 -18.81 -1.13 7.34
N PHE A 103 -17.54 -1.14 6.83
CA PHE A 103 -16.37 -0.59 7.51
C PHE A 103 -15.72 0.48 6.64
N THR A 104 -15.54 1.71 7.19
CA THR A 104 -14.93 2.85 6.51
C THR A 104 -13.77 3.29 7.39
N PHE A 105 -12.55 3.26 6.80
CA PHE A 105 -11.26 3.59 7.38
C PHE A 105 -10.69 4.75 6.57
N VAL A 106 -10.08 5.72 7.29
CA VAL A 106 -9.61 7.01 6.85
C VAL A 106 -8.09 6.98 6.76
N ALA A 107 -7.50 7.42 5.62
CA ALA A 107 -6.07 7.39 5.34
C ALA A 107 -5.23 8.53 5.94
N LYS A 108 -4.05 8.14 6.46
CA LYS A 108 -3.02 8.98 7.03
C LYS A 108 -1.70 8.67 6.32
N LYS A 109 -0.98 9.70 5.84
CA LYS A 109 0.32 9.53 5.26
C LYS A 109 1.03 10.82 5.55
N LEU A 110 2.27 10.70 6.08
CA LEU A 110 3.16 11.79 6.43
C LEU A 110 4.33 11.81 5.48
N VAL A 111 4.83 10.61 5.07
CA VAL A 111 5.98 10.46 4.19
C VAL A 111 5.71 9.24 3.34
N LEU A 112 6.65 9.02 2.39
CA LEU A 112 6.83 7.92 1.46
C LEU A 112 8.31 8.05 1.14
N ALA A 113 9.00 7.05 0.52
CA ALA A 113 10.43 7.14 0.22
C ALA A 113 10.81 8.09 -0.93
N GLN A 114 11.85 8.96 -0.72
CA GLN A 114 12.33 9.96 -1.69
C GLN A 114 13.39 9.36 -2.61
N VAL A 115 12.90 8.52 -3.57
CA VAL A 115 13.69 7.79 -4.55
C VAL A 115 13.79 8.61 -5.83
N ILE A 116 15.04 8.76 -6.34
CA ILE A 116 15.42 9.48 -7.54
C ILE A 116 16.30 8.51 -8.32
N THR A 117 16.10 8.44 -9.66
CA THR A 117 16.74 7.56 -10.64
C THR A 117 17.93 8.25 -11.30
N ASP A 118 19.00 7.45 -11.60
CA ASP A 118 20.24 7.85 -12.27
C ASP A 118 20.14 7.85 -13.80
N THR A 119 20.98 8.69 -14.46
CA THR A 119 21.14 9.07 -15.87
C THR A 119 21.19 7.98 -16.94
N ASP A 120 21.62 6.75 -16.56
CA ASP A 120 21.72 5.58 -17.42
C ASP A 120 20.46 4.74 -17.48
N GLY A 121 19.54 4.84 -16.48
CA GLY A 121 18.30 4.06 -16.42
C GLY A 121 18.45 2.72 -15.76
N VAL A 122 19.12 2.65 -14.58
CA VAL A 122 19.34 1.45 -13.77
C VAL A 122 18.15 1.17 -12.83
N THR A 123 17.87 -0.12 -12.52
CA THR A 123 16.81 -0.69 -11.66
C THR A 123 16.72 -0.08 -10.25
N LYS A 124 15.54 0.49 -9.88
CA LYS A 124 15.35 1.22 -8.63
C LYS A 124 14.20 0.66 -7.81
N HIS A 125 14.40 0.64 -6.46
CA HIS A 125 13.49 0.16 -5.44
C HIS A 125 12.91 1.35 -4.67
N GLY A 126 11.57 1.31 -4.46
CA GLY A 126 10.82 2.26 -3.65
C GLY A 126 9.91 1.53 -2.70
N ILE A 127 9.69 2.13 -1.51
CA ILE A 127 8.85 1.63 -0.45
C ILE A 127 7.89 2.78 -0.12
N ILE A 128 6.57 2.46 -0.20
CA ILE A 128 5.46 3.39 0.02
C ILE A 128 4.66 2.86 1.20
N LYS A 129 4.58 3.63 2.32
CA LYS A 129 3.90 3.23 3.55
C LYS A 129 2.74 4.17 3.87
N VAL A 130 1.55 3.59 4.11
CA VAL A 130 0.31 4.32 4.41
C VAL A 130 -0.36 3.62 5.58
N ARG A 131 -0.85 4.44 6.55
CA ARG A 131 -1.54 4.03 7.75
C ARG A 131 -2.95 4.59 7.64
N PHE A 132 -3.98 3.81 8.05
CA PHE A 132 -5.38 4.17 7.90
C PHE A 132 -6.00 3.90 9.26
N THR A 133 -7.05 4.63 9.65
CA THR A 133 -7.63 4.51 10.99
C THR A 133 -9.16 4.51 10.91
N ILE A 134 -9.83 3.73 11.79
CA ILE A 134 -11.29 3.63 11.95
C ILE A 134 -11.61 3.71 13.44
N ASN A 135 -12.70 4.43 13.81
CA ASN A 135 -13.22 4.53 15.18
C ASN A 135 -14.63 5.02 15.00
N ASN A 136 -14.74 6.24 14.40
CA ASN A 136 -15.93 6.96 13.94
C ASN A 136 -16.90 7.38 15.03
N ASN A 137 -16.54 8.45 15.78
CA ASN A 137 -17.23 8.97 16.96
C ASN A 137 -18.18 10.11 16.64
N THR A 138 -19.24 10.28 17.49
CA THR A 138 -20.23 11.36 17.40
C THR A 138 -19.71 12.61 18.07
N GLY A 139 -19.03 13.48 17.29
CA GLY A 139 -18.36 14.70 17.74
C GLY A 139 -16.91 14.45 18.01
N GLN A 1 -4.92 -11.91 14.85
CA GLN A 1 -4.47 -12.38 13.56
C GLN A 1 -5.69 -12.61 12.70
N GLY A 2 -6.75 -13.20 13.31
CA GLY A 2 -8.03 -13.50 12.66
C GLY A 2 -9.10 -13.15 13.63
N LEU A 3 -9.16 -11.87 14.02
CA LEU A 3 -10.02 -11.33 15.06
C LEU A 3 -11.45 -11.03 14.61
N GLN A 4 -12.25 -12.14 14.47
CA GLN A 4 -13.68 -12.24 14.18
C GLN A 4 -14.10 -11.63 12.84
N THR A 5 -14.57 -10.36 12.90
CA THR A 5 -14.92 -9.52 11.76
C THR A 5 -14.62 -8.09 12.20
N TRP A 6 -13.63 -7.91 13.10
CA TRP A 6 -13.25 -6.63 13.68
C TRP A 6 -11.86 -6.22 13.20
N LYS A 7 -10.75 -6.83 13.74
CA LYS A 7 -9.38 -6.43 13.36
C LYS A 7 -8.92 -7.05 12.03
N LEU A 8 -9.71 -8.04 11.50
CA LEU A 8 -9.61 -8.69 10.18
C LEU A 8 -10.07 -7.74 9.06
N ALA A 9 -10.92 -6.74 9.42
CA ALA A 9 -11.42 -5.66 8.56
C ALA A 9 -10.32 -4.72 8.05
N SER A 10 -9.28 -4.45 8.91
CA SER A 10 -8.09 -3.64 8.62
C SER A 10 -7.25 -4.17 7.46
N ARG A 11 -6.99 -5.49 7.47
CA ARG A 11 -6.35 -6.30 6.45
C ARG A 11 -7.19 -6.60 5.19
N ALA A 12 -8.53 -6.84 5.35
CA ALA A 12 -9.51 -6.86 4.25
C ALA A 12 -9.57 -5.54 3.42
N LEU A 13 -9.12 -4.41 4.05
CA LEU A 13 -8.73 -3.16 3.38
C LEU A 13 -7.49 -3.29 2.47
N GLN A 14 -6.47 -4.20 2.70
CA GLN A 14 -5.36 -4.52 1.77
C GLN A 14 -5.92 -5.15 0.50
N LYS A 15 -6.97 -6.04 0.65
CA LYS A 15 -7.76 -6.49 -0.54
C LYS A 15 -8.58 -5.41 -1.29
N ALA A 16 -9.07 -4.35 -0.58
CA ALA A 16 -9.61 -3.11 -1.14
C ALA A 16 -8.57 -2.20 -1.86
N THR A 17 -7.27 -2.18 -1.40
CA THR A 17 -6.15 -1.49 -2.07
C THR A 17 -5.80 -2.20 -3.36
N VAL A 18 -5.69 -3.58 -3.34
CA VAL A 18 -5.48 -4.38 -4.57
C VAL A 18 -6.64 -4.27 -5.56
N GLU A 19 -7.91 -4.06 -5.08
CA GLU A 19 -9.02 -3.66 -5.95
C GLU A 19 -8.96 -2.22 -6.53
N ASN A 20 -8.52 -1.18 -5.77
CA ASN A 20 -8.25 0.17 -6.30
C ASN A 20 -7.01 0.26 -7.21
N LEU A 21 -5.95 -0.57 -6.94
CA LEU A 21 -4.78 -0.80 -7.79
C LEU A 21 -5.15 -1.53 -9.11
N GLU A 22 -6.07 -2.54 -9.06
CA GLU A 22 -6.52 -3.27 -10.26
C GLU A 22 -7.66 -2.56 -10.98
N SER A 23 -8.47 -1.68 -10.31
CA SER A 23 -9.54 -0.92 -10.95
C SER A 23 -8.96 0.31 -11.67
N TYR A 24 -7.82 0.87 -11.18
CA TYR A 24 -7.17 2.04 -11.76
C TYR A 24 -6.39 1.76 -13.06
N GLN A 25 -7.04 2.20 -14.17
CA GLN A 25 -6.75 2.02 -15.60
C GLN A 25 -5.29 2.08 -16.08
N PRO A 26 -4.43 3.11 -15.87
CA PRO A 26 -3.01 3.09 -16.21
C PRO A 26 -2.15 2.09 -15.41
N LEU A 27 -2.55 1.54 -14.20
CA LEU A 27 -1.76 0.51 -13.51
C LEU A 27 -1.86 -0.88 -14.16
N MET A 28 -3.02 -1.13 -14.84
CA MET A 28 -3.40 -2.36 -15.54
C MET A 28 -2.52 -2.72 -16.71
N GLU A 29 -1.93 -1.68 -17.34
CA GLU A 29 -1.03 -1.69 -18.47
C GLU A 29 0.44 -1.68 -18.04
N MET A 30 0.70 -1.37 -16.73
CA MET A 30 2.02 -1.23 -16.12
C MET A 30 2.47 -2.43 -15.27
N VAL A 31 1.58 -3.03 -14.43
CA VAL A 31 2.01 -4.16 -13.60
C VAL A 31 1.13 -5.37 -13.97
N ASN A 32 1.78 -6.55 -13.92
CA ASN A 32 1.28 -7.90 -14.19
C ASN A 32 0.99 -8.68 -12.91
N GLN A 33 1.77 -8.24 -11.91
CA GLN A 33 2.19 -8.80 -10.65
C GLN A 33 1.76 -7.98 -9.47
N VAL A 34 0.52 -7.42 -9.50
CA VAL A 34 -0.03 -6.72 -8.33
C VAL A 34 -0.74 -7.78 -7.46
N THR A 35 -0.05 -8.04 -6.31
CA THR A 35 -0.28 -9.18 -5.43
C THR A 35 -0.13 -8.74 -3.98
N GLU A 36 -0.75 -9.51 -3.05
CA GLU A 36 -0.83 -9.20 -1.62
C GLU A 36 0.33 -9.67 -0.73
N SER A 37 1.49 -10.02 -1.36
CA SER A 37 2.80 -10.39 -0.79
C SER A 37 3.65 -11.19 -1.78
N PRO A 38 3.39 -12.46 -2.21
CA PRO A 38 4.25 -13.20 -3.15
C PRO A 38 4.19 -12.71 -4.62
N GLY A 39 5.34 -12.59 -5.35
CA GLY A 39 5.41 -12.17 -6.73
C GLY A 39 6.86 -12.35 -7.12
N LYS A 40 7.35 -13.57 -6.92
CA LYS A 40 8.70 -14.09 -7.15
C LYS A 40 8.91 -14.54 -8.59
N ASP A 41 7.77 -14.56 -9.33
CA ASP A 41 7.52 -14.88 -10.72
C ASP A 41 7.41 -13.59 -11.54
N ASP A 42 7.86 -12.47 -10.96
CA ASP A 42 7.94 -11.09 -11.43
C ASP A 42 8.46 -10.64 -12.83
N PRO A 43 7.67 -10.38 -13.90
CA PRO A 43 8.13 -9.57 -15.04
C PRO A 43 7.94 -8.07 -14.65
N TYR A 44 9.01 -7.24 -14.53
CA TYR A 44 8.94 -5.88 -14.01
C TYR A 44 8.41 -4.81 -15.02
N PRO A 45 7.71 -3.70 -14.62
CA PRO A 45 7.39 -3.26 -13.26
C PRO A 45 6.34 -4.12 -12.57
N TYR A 46 6.36 -4.16 -11.21
CA TYR A 46 5.41 -4.93 -10.41
C TYR A 46 5.21 -4.40 -8.97
N VAL A 47 4.12 -4.91 -8.25
CA VAL A 47 3.74 -4.41 -6.91
C VAL A 47 3.34 -5.50 -5.91
N VAL A 48 4.02 -5.50 -4.73
CA VAL A 48 3.63 -6.33 -3.58
C VAL A 48 3.25 -5.45 -2.39
N ILE A 49 2.22 -5.93 -1.63
CA ILE A 49 1.76 -5.38 -0.35
C ILE A 49 2.51 -6.11 0.77
N GLY A 50 2.93 -5.39 1.84
CA GLY A 50 3.73 -6.01 2.89
C GLY A 50 3.97 -5.07 4.03
N ASP A 51 5.12 -5.26 4.70
CA ASP A 51 5.62 -4.46 5.80
C ASP A 51 7.13 -4.49 5.63
N GLN A 52 7.84 -3.40 6.00
CA GLN A 52 9.30 -3.32 6.02
C GLN A 52 9.80 -3.59 7.46
N SER A 53 10.91 -4.35 7.62
CA SER A 53 11.48 -4.67 8.92
C SER A 53 13.01 -4.81 8.87
N SER A 54 13.54 -5.97 9.33
CA SER A 54 14.95 -6.37 9.45
C SER A 54 14.90 -7.64 10.33
N THR A 55 16.07 -8.19 10.73
CA THR A 55 16.33 -9.41 11.53
C THR A 55 15.61 -9.67 12.88
N PRO A 56 15.46 -8.74 13.86
CA PRO A 56 14.72 -8.99 15.12
C PRO A 56 13.19 -8.92 14.90
N PHE A 57 12.46 -10.06 15.05
CA PHE A 57 11.02 -10.14 14.79
C PHE A 57 10.14 -10.14 16.04
N GLU A 58 9.05 -9.34 15.99
CA GLU A 58 8.06 -9.17 17.04
C GLU A 58 6.87 -8.52 16.32
N THR A 59 5.68 -8.41 16.96
CA THR A 59 4.49 -7.77 16.38
C THR A 59 3.62 -7.44 17.59
N LYS A 60 2.57 -6.61 17.40
CA LYS A 60 1.66 -6.14 18.45
C LYS A 60 0.32 -6.85 18.37
N SER A 61 0.35 -8.20 18.53
CA SER A 61 -0.77 -9.16 18.53
C SER A 61 -1.80 -8.89 19.63
N SER A 62 -2.84 -8.13 19.24
CA SER A 62 -3.83 -7.56 20.14
C SER A 62 -5.14 -7.25 19.40
N PHE A 63 -5.61 -5.97 19.44
CA PHE A 63 -6.85 -5.46 18.89
C PHE A 63 -6.59 -3.97 18.57
N GLY A 64 -7.53 -3.27 17.87
CA GLY A 64 -7.41 -1.85 17.57
C GLY A 64 -8.45 -1.46 16.57
N GLU A 65 -8.44 -0.18 16.09
CA GLU A 65 -9.35 0.34 15.07
C GLU A 65 -8.51 0.99 13.98
N ASN A 66 -7.29 0.43 13.76
CA ASN A 66 -6.29 0.94 12.85
C ASN A 66 -5.85 -0.13 11.87
N ILE A 67 -5.17 0.36 10.82
CA ILE A 67 -4.65 -0.35 9.68
C ILE A 67 -3.30 0.33 9.46
N THR A 68 -2.19 -0.43 9.46
CA THR A 68 -0.86 0.06 9.09
C THR A 68 -0.41 -0.91 8.04
N MET A 69 -0.06 -0.38 6.84
CA MET A 69 0.28 -1.11 5.65
C MET A 69 1.45 -0.44 4.98
N ASP A 70 2.22 -1.22 4.19
CA ASP A 70 3.29 -0.72 3.34
C ASP A 70 3.10 -1.38 1.98
N PHE A 71 3.65 -0.71 0.94
CA PHE A 71 3.69 -1.17 -0.45
C PHE A 71 5.14 -1.17 -0.86
N HIS A 72 5.57 -2.20 -1.63
CA HIS A 72 6.90 -2.29 -2.22
C HIS A 72 6.64 -2.32 -3.71
N VAL A 73 7.16 -1.29 -4.42
CA VAL A 73 6.91 -1.08 -5.84
C VAL A 73 8.28 -1.11 -6.49
N TRP A 74 8.49 -2.05 -7.45
CA TRP A 74 9.81 -2.13 -8.09
C TRP A 74 9.61 -1.79 -9.57
N GLY A 75 10.35 -0.77 -10.09
CA GLY A 75 10.23 -0.28 -11.46
C GLY A 75 10.98 -1.09 -12.49
N GLY A 76 12.28 -0.79 -12.69
CA GLY A 76 13.11 -1.55 -13.63
C GLY A 76 14.09 -0.70 -14.37
N THR A 77 13.61 0.46 -14.87
CA THR A 77 14.36 1.37 -15.75
C THR A 77 14.96 2.58 -15.03
N THR A 78 14.28 3.74 -15.09
CA THR A 78 14.70 5.04 -14.60
C THR A 78 13.79 5.43 -13.45
N ARG A 79 14.24 6.37 -12.57
CA ARG A 79 13.55 6.95 -11.42
C ARG A 79 12.16 7.54 -11.67
N ALA A 80 11.94 8.17 -12.87
CA ALA A 80 10.68 8.70 -13.38
C ALA A 80 9.56 7.66 -13.52
N GLU A 81 9.91 6.38 -13.88
CA GLU A 81 9.02 5.22 -13.94
C GLU A 81 8.60 4.73 -12.54
N ALA A 82 9.56 4.80 -11.55
CA ALA A 82 9.42 4.50 -10.13
C ALA A 82 8.55 5.50 -9.34
N GLN A 83 8.70 6.82 -9.67
CA GLN A 83 7.89 7.95 -9.18
C GLN A 83 6.46 7.89 -9.76
N ASP A 84 6.33 7.53 -11.09
CA ASP A 84 5.09 7.27 -11.85
C ASP A 84 4.25 6.13 -11.28
N ILE A 85 4.83 4.93 -10.97
CA ILE A 85 4.15 3.84 -10.21
C ILE A 85 3.70 4.25 -8.80
N SER A 86 4.50 5.08 -8.03
CA SER A 86 4.08 5.71 -6.74
C SER A 86 2.87 6.64 -6.86
N SER A 87 2.87 7.48 -7.94
CA SER A 87 1.83 8.40 -8.41
C SER A 87 0.54 7.67 -8.80
N ARG A 88 0.65 6.59 -9.65
CA ARG A 88 -0.46 5.70 -10.02
C ARG A 88 -0.99 4.80 -8.88
N VAL A 89 -0.11 4.28 -7.95
CA VAL A 89 -0.46 3.46 -6.77
C VAL A 89 -1.20 4.25 -5.68
N LEU A 90 -0.78 5.52 -5.36
CA LEU A 90 -1.43 6.48 -4.45
C LEU A 90 -2.72 7.07 -5.04
N GLU A 91 -2.70 7.43 -6.37
CA GLU A 91 -3.86 7.87 -7.15
C GLU A 91 -4.93 6.80 -7.27
N ALA A 92 -4.53 5.50 -7.34
CA ALA A 92 -5.39 4.31 -7.24
C ALA A 92 -6.03 4.16 -5.85
N LEU A 93 -5.15 4.27 -4.81
CA LEU A 93 -5.43 4.26 -3.36
C LEU A 93 -6.60 5.12 -2.89
N THR A 94 -6.66 6.37 -3.42
CA THR A 94 -7.76 7.31 -3.22
C THR A 94 -8.63 7.52 -4.46
N TYR A 95 -8.48 6.70 -5.54
CA TYR A 95 -9.28 6.73 -6.79
C TYR A 95 -10.63 6.13 -6.45
N LYS A 96 -10.56 4.91 -5.85
CA LYS A 96 -11.77 4.27 -5.34
C LYS A 96 -11.53 4.19 -3.84
N PRO A 97 -12.31 4.84 -2.93
CA PRO A 97 -11.96 5.01 -1.50
C PRO A 97 -11.97 3.71 -0.72
N LEU A 98 -11.13 3.63 0.36
CA LEU A 98 -10.93 2.44 1.18
C LEU A 98 -12.17 2.09 2.02
N MET A 99 -12.85 1.01 1.58
CA MET A 99 -14.06 0.49 2.17
C MET A 99 -14.07 -1.02 2.08
N PHE A 100 -14.61 -1.66 3.13
CA PHE A 100 -14.81 -3.09 3.23
C PHE A 100 -16.02 -3.33 4.15
N GLU A 101 -17.16 -3.74 3.56
CA GLU A 101 -18.41 -4.26 4.12
C GLU A 101 -19.28 -3.24 4.81
N GLY A 102 -19.04 -3.04 6.13
CA GLY A 102 -19.67 -2.00 6.93
C GLY A 102 -18.59 -1.13 7.50
N PHE A 103 -17.40 -1.10 6.87
CA PHE A 103 -16.27 -0.32 7.38
C PHE A 103 -15.73 0.65 6.35
N THR A 104 -15.47 1.92 6.78
CA THR A 104 -14.84 3.00 6.02
C THR A 104 -13.71 3.43 6.92
N PHE A 105 -12.48 3.44 6.36
CA PHE A 105 -11.25 3.76 7.07
C PHE A 105 -10.61 4.91 6.33
N VAL A 106 -10.08 5.90 7.08
CA VAL A 106 -9.58 7.18 6.58
C VAL A 106 -8.08 7.12 6.62
N ALA A 107 -7.38 7.54 5.53
CA ALA A 107 -5.91 7.56 5.44
C ALA A 107 -5.34 8.82 6.10
N LYS A 108 -4.27 8.68 6.91
CA LYS A 108 -3.74 9.75 7.75
C LYS A 108 -2.35 10.21 7.31
N LYS A 109 -2.27 11.31 6.51
CA LYS A 109 -1.07 11.97 6.01
C LYS A 109 -0.29 11.26 4.90
N LEU A 110 0.18 10.00 5.14
CA LEU A 110 1.00 9.13 4.29
C LEU A 110 2.50 9.48 4.40
N VAL A 111 3.38 8.44 4.41
CA VAL A 111 4.83 8.58 4.53
C VAL A 111 5.46 8.07 3.24
N LEU A 112 6.15 8.95 2.48
CA LEU A 112 6.79 8.57 1.24
C LEU A 112 8.01 9.46 1.07
N ALA A 113 9.21 8.85 1.15
CA ALA A 113 10.49 9.45 0.88
C ALA A 113 11.20 8.43 0.00
N GLN A 114 11.06 8.56 -1.35
CA GLN A 114 11.64 7.65 -2.33
C GLN A 114 13.05 8.09 -2.74
N VAL A 115 14.01 8.04 -1.79
CA VAL A 115 15.42 8.32 -1.98
C VAL A 115 16.09 7.06 -1.46
N ILE A 116 16.76 6.30 -2.36
CA ILE A 116 17.38 5.02 -2.10
C ILE A 116 18.54 4.94 -3.10
N THR A 117 19.79 4.67 -2.64
CA THR A 117 21.00 4.64 -3.47
C THR A 117 21.55 3.24 -3.68
N ASP A 118 21.50 2.70 -4.92
CA ASP A 118 22.09 1.40 -5.29
C ASP A 118 23.36 1.73 -6.06
N THR A 119 24.51 1.31 -5.48
CA THR A 119 25.90 1.56 -5.90
C THR A 119 26.47 0.84 -7.12
N ASP A 120 25.87 -0.30 -7.53
CA ASP A 120 26.36 -1.21 -8.58
C ASP A 120 25.89 -0.93 -10.01
N GLY A 121 25.13 0.18 -10.26
CA GLY A 121 24.56 0.53 -11.57
C GLY A 121 23.23 -0.12 -11.86
N VAL A 122 22.62 -0.73 -10.82
CA VAL A 122 21.35 -1.45 -10.76
C VAL A 122 20.27 -0.50 -10.27
N THR A 123 18.99 -0.69 -10.72
CA THR A 123 17.77 0.08 -10.40
C THR A 123 17.36 0.02 -8.92
N LYS A 124 16.72 1.10 -8.42
CA LYS A 124 16.28 1.25 -7.04
C LYS A 124 14.82 0.84 -6.81
N HIS A 125 14.59 0.20 -5.65
CA HIS A 125 13.32 -0.26 -5.12
C HIS A 125 12.76 0.83 -4.21
N GLY A 126 11.48 1.22 -4.41
CA GLY A 126 10.81 2.25 -3.64
C GLY A 126 9.87 1.60 -2.66
N ILE A 127 9.98 2.02 -1.36
CA ILE A 127 9.17 1.54 -0.26
C ILE A 127 8.22 2.69 0.08
N ILE A 128 6.91 2.38 0.24
CA ILE A 128 5.83 3.33 0.52
C ILE A 128 5.18 2.84 1.79
N LYS A 129 4.95 3.72 2.80
CA LYS A 129 4.36 3.39 4.09
C LYS A 129 3.06 4.14 4.19
N VAL A 130 1.92 3.45 4.47
CA VAL A 130 0.62 4.12 4.57
C VAL A 130 -0.14 3.73 5.85
N ARG A 131 -0.73 4.76 6.52
CA ARG A 131 -1.46 4.67 7.77
C ARG A 131 -2.91 5.06 7.53
N PHE A 132 -3.87 4.25 8.05
CA PHE A 132 -5.29 4.45 7.92
C PHE A 132 -5.90 4.20 9.28
N THR A 133 -7.06 4.82 9.57
CA THR A 133 -7.78 4.69 10.84
C THR A 133 -9.29 4.64 10.59
N ILE A 134 -10.09 3.77 11.29
CA ILE A 134 -11.55 3.72 11.16
C ILE A 134 -12.18 4.35 12.40
N ASN A 135 -13.10 5.34 12.19
CA ASN A 135 -13.79 6.08 13.25
C ASN A 135 -14.91 5.33 13.96
N ASN A 136 -14.76 5.18 15.29
CA ASN A 136 -15.79 4.69 16.18
C ASN A 136 -15.39 5.18 17.56
N ASN A 137 -15.44 6.52 17.66
CA ASN A 137 -15.30 7.30 18.87
C ASN A 137 -16.65 7.97 19.09
N THR A 138 -17.74 7.31 18.63
CA THR A 138 -19.13 7.75 18.71
C THR A 138 -19.76 7.11 19.93
N GLY A 139 -19.68 7.81 21.09
CA GLY A 139 -20.20 7.34 22.38
C GLY A 139 -19.09 6.73 23.21
N GLN A 1 -20.91 0.35 16.27
CA GLN A 1 -19.51 0.07 16.45
C GLN A 1 -19.12 0.36 17.87
N GLY A 2 -18.69 -0.67 18.62
CA GLY A 2 -18.13 -0.54 19.97
C GLY A 2 -17.70 -1.91 20.39
N LEU A 3 -17.03 -2.04 21.58
CA LEU A 3 -16.58 -3.27 22.25
C LEU A 3 -15.49 -4.11 21.58
N GLN A 4 -15.67 -4.37 20.26
CA GLN A 4 -14.83 -5.16 19.37
C GLN A 4 -13.53 -4.46 18.92
N THR A 5 -12.41 -5.20 18.92
CA THR A 5 -11.08 -4.81 18.49
C THR A 5 -10.55 -6.17 18.04
N TRP A 6 -9.56 -6.23 17.09
CA TRP A 6 -9.04 -7.46 16.48
C TRP A 6 -10.02 -8.10 15.47
N LYS A 7 -10.76 -7.21 14.75
CA LYS A 7 -11.80 -7.49 13.79
C LYS A 7 -11.28 -7.81 12.39
N LEU A 8 -11.99 -8.72 11.69
CA LEU A 8 -11.82 -9.17 10.31
C LEU A 8 -12.09 -8.09 9.26
N ALA A 9 -12.95 -7.09 9.61
CA ALA A 9 -13.31 -5.92 8.80
C ALA A 9 -12.15 -4.95 8.57
N SER A 10 -11.29 -4.75 9.62
CA SER A 10 -10.06 -3.95 9.62
C SER A 10 -9.03 -4.48 8.62
N ARG A 11 -8.79 -5.81 8.62
CA ARG A 11 -7.95 -6.51 7.64
C ARG A 11 -8.59 -6.64 6.23
N ALA A 12 -9.95 -6.85 6.15
CA ALA A 12 -10.77 -6.69 4.93
C ALA A 12 -10.62 -5.32 4.19
N LEU A 13 -10.18 -4.23 4.91
CA LEU A 13 -9.67 -2.96 4.30
C LEU A 13 -8.42 -3.12 3.44
N GLN A 14 -7.47 -4.03 3.83
CA GLN A 14 -6.24 -4.39 3.10
C GLN A 14 -6.60 -5.10 1.80
N LYS A 15 -7.68 -5.94 1.88
CA LYS A 15 -8.43 -6.42 0.69
C LYS A 15 -9.12 -5.32 -0.18
N ALA A 16 -9.62 -4.20 0.43
CA ALA A 16 -10.18 -3.01 -0.23
C ALA A 16 -9.12 -2.14 -0.93
N THR A 17 -7.87 -1.99 -0.36
CA THR A 17 -6.70 -1.41 -1.07
C THR A 17 -6.19 -2.37 -2.16
N VAL A 18 -6.28 -3.73 -2.01
CA VAL A 18 -6.02 -4.65 -3.14
C VAL A 18 -7.12 -4.61 -4.24
N GLU A 19 -8.41 -4.36 -3.90
CA GLU A 19 -9.51 -4.12 -4.85
C GLU A 19 -9.46 -2.79 -5.61
N ASN A 20 -8.88 -1.75 -4.96
CA ASN A 20 -8.54 -0.45 -5.53
C ASN A 20 -7.37 -0.53 -6.52
N LEU A 21 -6.32 -1.33 -6.14
CA LEU A 21 -5.17 -1.69 -6.97
C LEU A 21 -5.52 -2.58 -8.17
N GLU A 22 -6.58 -3.45 -8.07
CA GLU A 22 -7.11 -4.19 -9.22
C GLU A 22 -8.10 -3.36 -10.04
N SER A 23 -8.76 -2.29 -9.45
CA SER A 23 -9.71 -1.43 -10.16
C SER A 23 -9.08 -0.36 -11.05
N TYR A 24 -7.87 0.16 -10.68
CA TYR A 24 -7.19 1.16 -11.51
C TYR A 24 -6.38 0.57 -12.69
N GLN A 25 -7.06 0.51 -13.85
CA GLN A 25 -6.67 0.05 -15.18
C GLN A 25 -5.36 0.56 -15.79
N PRO A 26 -4.87 1.83 -15.66
CA PRO A 26 -3.51 2.25 -16.03
C PRO A 26 -2.37 1.55 -15.25
N LEU A 27 -2.59 0.92 -14.04
CA LEU A 27 -1.56 0.17 -13.29
C LEU A 27 -0.98 -1.00 -14.07
N MET A 28 -1.81 -1.84 -14.72
CA MET A 28 -1.46 -2.95 -15.62
C MET A 28 -0.57 -2.60 -16.81
N GLU A 29 -0.62 -1.34 -17.30
CA GLU A 29 0.23 -0.78 -18.35
C GLU A 29 1.56 -0.24 -17.81
N MET A 30 1.61 0.10 -16.49
CA MET A 30 2.78 0.63 -15.76
C MET A 30 3.55 -0.45 -14.98
N VAL A 31 2.87 -1.40 -14.31
CA VAL A 31 3.43 -2.53 -13.57
C VAL A 31 2.77 -3.73 -14.24
N ASN A 32 3.52 -4.85 -14.32
CA ASN A 32 3.17 -6.09 -14.98
C ASN A 32 2.65 -7.16 -14.03
N GLN A 33 3.05 -6.92 -12.79
CA GLN A 33 3.23 -7.77 -11.64
C GLN A 33 2.70 -7.13 -10.41
N VAL A 34 1.51 -6.45 -10.42
CA VAL A 34 0.94 -5.83 -9.21
C VAL A 34 0.15 -6.94 -8.49
N THR A 35 0.76 -7.35 -7.36
CA THR A 35 0.41 -8.56 -6.62
C THR A 35 0.61 -8.35 -5.13
N GLU A 36 0.09 -9.28 -4.31
CA GLU A 36 0.21 -9.27 -2.85
C GLU A 36 1.20 -10.34 -2.39
N SER A 37 2.49 -10.19 -2.80
CA SER A 37 3.67 -11.03 -2.48
C SER A 37 4.25 -11.83 -3.64
N PRO A 38 3.73 -12.93 -4.23
CA PRO A 38 4.37 -13.67 -5.35
C PRO A 38 4.29 -12.90 -6.68
N GLY A 39 5.40 -12.85 -7.49
CA GLY A 39 5.45 -12.09 -8.74
C GLY A 39 6.84 -11.54 -8.95
N LYS A 40 7.64 -11.46 -7.86
CA LYS A 40 8.99 -10.95 -7.77
C LYS A 40 10.13 -11.66 -8.52
N ASP A 41 9.90 -12.91 -9.02
CA ASP A 41 10.82 -13.75 -9.78
C ASP A 41 10.65 -13.60 -11.30
N ASP A 42 9.99 -12.50 -11.72
CA ASP A 42 9.62 -12.16 -13.09
C ASP A 42 10.27 -10.83 -13.50
N PRO A 43 10.16 -10.34 -14.78
CA PRO A 43 10.73 -9.07 -15.24
C PRO A 43 10.06 -7.79 -14.68
N TYR A 44 10.85 -6.71 -14.66
CA TYR A 44 10.62 -5.39 -14.11
C TYR A 44 10.07 -4.45 -15.20
N PRO A 45 9.19 -3.47 -14.90
CA PRO A 45 8.69 -3.05 -13.59
C PRO A 45 7.59 -3.92 -12.96
N TYR A 46 7.57 -3.93 -11.58
CA TYR A 46 6.55 -4.62 -10.79
C TYR A 46 6.32 -4.07 -9.36
N VAL A 47 5.18 -4.51 -8.70
CA VAL A 47 4.78 -3.99 -7.37
C VAL A 47 4.34 -5.18 -6.52
N VAL A 48 4.87 -5.29 -5.27
CA VAL A 48 4.41 -6.24 -4.26
C VAL A 48 3.80 -5.42 -3.12
N ILE A 49 2.62 -5.87 -2.64
CA ILE A 49 1.85 -5.27 -1.56
C ILE A 49 2.06 -6.19 -0.37
N GLY A 50 2.48 -5.65 0.80
CA GLY A 50 2.88 -6.49 1.91
C GLY A 50 3.21 -5.70 3.13
N ASP A 51 4.35 -6.03 3.81
CA ASP A 51 4.78 -5.41 5.05
C ASP A 51 6.29 -5.20 5.06
N GLN A 52 6.73 -4.12 5.76
CA GLN A 52 8.11 -3.68 5.95
C GLN A 52 8.57 -4.09 7.36
N SER A 53 9.90 -4.25 7.61
CA SER A 53 10.47 -4.60 8.93
C SER A 53 10.87 -3.34 9.72
N SER A 54 11.66 -3.56 10.81
CA SER A 54 12.23 -2.60 11.77
C SER A 54 11.46 -2.50 13.09
N THR A 55 10.49 -3.44 13.34
CA THR A 55 9.58 -3.53 14.49
C THR A 55 10.27 -3.83 15.86
N PRO A 56 10.26 -2.94 16.87
CA PRO A 56 10.84 -3.17 18.21
C PRO A 56 9.98 -4.09 19.11
N PHE A 57 10.60 -4.69 20.17
CA PHE A 57 9.97 -5.58 21.13
C PHE A 57 9.87 -4.88 22.49
N GLU A 58 8.72 -5.04 23.18
CA GLU A 58 8.36 -4.49 24.50
C GLU A 58 7.73 -3.10 24.38
N THR A 59 6.39 -3.02 24.51
CA THR A 59 5.61 -1.79 24.43
C THR A 59 4.27 -2.20 24.99
N LYS A 60 3.61 -1.35 25.82
CA LYS A 60 2.35 -1.65 26.52
C LYS A 60 1.12 -1.04 25.84
N SER A 61 1.02 -1.22 24.50
CA SER A 61 -0.06 -0.74 23.64
C SER A 61 0.34 -1.19 22.25
N SER A 62 -0.45 -0.78 21.23
CA SER A 62 -0.31 -0.93 19.78
C SER A 62 -1.19 -2.00 19.13
N PHE A 63 -1.81 -2.92 19.92
CA PHE A 63 -2.62 -4.04 19.41
C PHE A 63 -4.12 -3.74 19.45
N GLY A 64 -4.54 -2.67 18.72
CA GLY A 64 -5.88 -2.10 18.56
C GLY A 64 -5.63 -0.76 17.90
N GLU A 65 -6.66 0.10 17.68
CA GLU A 65 -6.58 1.45 17.08
C GLU A 65 -6.39 1.53 15.57
N ASN A 66 -5.35 0.88 15.04
CA ASN A 66 -4.94 0.95 13.63
C ASN A 66 -4.90 -0.38 12.86
N ILE A 67 -4.90 -0.18 11.53
CA ILE A 67 -4.80 -1.09 10.40
C ILE A 67 -3.54 -0.56 9.69
N THR A 68 -2.52 -1.42 9.40
CA THR A 68 -1.26 -0.99 8.78
C THR A 68 -0.97 -1.83 7.54
N MET A 69 -0.61 -1.17 6.39
CA MET A 69 -0.29 -1.78 5.10
C MET A 69 0.90 -1.05 4.49
N ASP A 70 1.67 -1.72 3.57
CA ASP A 70 2.81 -1.16 2.87
C ASP A 70 2.79 -1.61 1.42
N PHE A 71 3.50 -0.87 0.53
CA PHE A 71 3.67 -1.18 -0.89
C PHE A 71 5.16 -1.06 -1.21
N HIS A 72 5.75 -2.08 -1.89
CA HIS A 72 7.15 -2.17 -2.28
C HIS A 72 7.14 -2.26 -3.81
N VAL A 73 7.78 -1.27 -4.48
CA VAL A 73 7.75 -1.13 -5.92
C VAL A 73 9.17 -1.09 -6.44
N TRP A 74 9.46 -1.82 -7.54
CA TRP A 74 10.76 -1.75 -8.18
C TRP A 74 10.52 -1.57 -9.68
N GLY A 75 11.06 -0.48 -10.29
CA GLY A 75 10.86 -0.18 -11.71
C GLY A 75 12.15 0.02 -12.44
N GLY A 76 13.13 -0.89 -12.25
CA GLY A 76 14.50 -0.91 -12.82
C GLY A 76 14.66 -1.13 -14.30
N THR A 77 14.03 -0.26 -15.13
CA THR A 77 14.04 -0.28 -16.60
C THR A 77 14.60 1.02 -17.11
N THR A 78 13.81 2.09 -16.95
CA THR A 78 14.10 3.46 -17.32
C THR A 78 13.73 4.25 -16.09
N ARG A 79 14.49 5.35 -15.76
CA ARG A 79 14.36 6.24 -14.58
C ARG A 79 12.96 6.80 -14.33
N ALA A 80 12.25 7.12 -15.47
CA ALA A 80 10.88 7.57 -15.65
C ALA A 80 9.85 6.61 -15.11
N GLU A 81 10.10 5.28 -15.21
CA GLU A 81 9.25 4.20 -14.73
C GLU A 81 8.98 4.24 -13.23
N ALA A 82 9.96 4.69 -12.42
CA ALA A 82 9.88 4.93 -10.98
C ALA A 82 8.99 6.11 -10.58
N GLN A 83 8.96 7.17 -11.42
CA GLN A 83 8.17 8.39 -11.32
C GLN A 83 6.73 8.14 -11.76
N ASP A 84 6.60 7.37 -12.88
CA ASP A 84 5.37 6.84 -13.50
C ASP A 84 4.64 5.79 -12.64
N ILE A 85 5.34 4.73 -12.09
CA ILE A 85 4.77 3.74 -11.15
C ILE A 85 4.37 4.34 -9.79
N SER A 86 5.18 5.32 -9.23
CA SER A 86 4.89 6.10 -8.01
C SER A 86 3.61 6.93 -8.16
N SER A 87 3.49 7.65 -9.31
CA SER A 87 2.32 8.43 -9.76
C SER A 87 1.05 7.59 -9.95
N ARG A 88 1.13 6.41 -10.66
CA ARG A 88 0.04 5.44 -10.87
C ARG A 88 -0.47 4.71 -9.61
N VAL A 89 0.41 4.30 -8.64
CA VAL A 89 0.02 3.71 -7.33
C VAL A 89 -0.65 4.74 -6.39
N LEU A 90 -0.10 5.98 -6.28
CA LEU A 90 -0.64 7.17 -5.57
C LEU A 90 -2.00 7.63 -6.15
N GLU A 91 -2.10 7.59 -7.52
CA GLU A 91 -3.31 7.81 -8.31
C GLU A 91 -4.38 6.74 -8.09
N ALA A 92 -4.02 5.42 -7.97
CA ALA A 92 -4.92 4.33 -7.54
C ALA A 92 -5.46 4.53 -6.09
N LEU A 93 -4.55 4.73 -5.09
CA LEU A 93 -4.85 4.96 -3.67
C LEU A 93 -5.76 6.14 -3.34
N THR A 94 -5.85 7.20 -4.20
CA THR A 94 -6.94 8.22 -4.10
C THR A 94 -7.90 8.24 -5.28
N TYR A 95 -7.83 7.24 -6.20
CA TYR A 95 -8.80 6.99 -7.29
C TYR A 95 -10.08 6.40 -6.70
N LYS A 96 -9.95 5.30 -5.91
CA LYS A 96 -11.11 4.73 -5.21
C LYS A 96 -10.83 4.78 -3.70
N PRO A 97 -11.72 5.29 -2.80
CA PRO A 97 -11.46 5.43 -1.37
C PRO A 97 -11.64 4.09 -0.63
N LEU A 98 -10.64 3.67 0.20
CA LEU A 98 -10.66 2.38 0.91
C LEU A 98 -11.68 2.33 2.09
N MET A 99 -12.77 1.57 1.88
CA MET A 99 -13.87 1.32 2.80
C MET A 99 -14.21 -0.14 2.51
N PHE A 100 -14.94 -0.82 3.44
CA PHE A 100 -15.35 -2.20 3.30
C PHE A 100 -16.79 -2.35 3.86
N GLU A 101 -17.76 -2.55 2.95
CA GLU A 101 -19.18 -2.89 3.06
C GLU A 101 -20.06 -1.79 3.63
N GLY A 102 -19.96 -1.66 4.97
CA GLY A 102 -20.58 -0.63 5.77
C GLY A 102 -19.64 -0.34 6.89
N PHE A 103 -18.31 -0.65 6.71
CA PHE A 103 -17.30 -0.40 7.74
C PHE A 103 -16.25 0.53 7.14
N THR A 104 -16.01 1.68 7.80
CA THR A 104 -15.14 2.75 7.30
C THR A 104 -13.91 2.93 8.18
N PHE A 105 -12.75 3.22 7.54
CA PHE A 105 -11.44 3.41 8.17
C PHE A 105 -10.79 4.49 7.35
N VAL A 106 -10.14 5.45 8.05
CA VAL A 106 -9.57 6.70 7.54
C VAL A 106 -8.07 6.60 7.52
N ALA A 107 -7.40 7.04 6.41
CA ALA A 107 -5.95 7.07 6.25
C ALA A 107 -5.36 8.30 6.92
N LYS A 108 -4.31 8.11 7.76
CA LYS A 108 -3.68 9.16 8.54
C LYS A 108 -2.45 9.69 7.81
N LYS A 109 -2.37 11.01 7.50
CA LYS A 109 -1.23 11.57 6.78
C LYS A 109 -1.26 13.08 6.86
N LEU A 110 -0.26 13.72 6.22
CA LEU A 110 -0.09 15.17 6.07
C LEU A 110 0.68 15.30 4.78
N VAL A 111 1.79 14.54 4.72
CA VAL A 111 2.63 14.28 3.55
C VAL A 111 2.59 12.76 3.45
N LEU A 112 2.84 12.14 2.26
CA LEU A 112 2.76 10.69 2.07
C LEU A 112 4.14 10.09 1.86
N ALA A 113 4.95 10.61 0.92
CA ALA A 113 6.27 10.11 0.64
C ALA A 113 7.09 11.29 0.18
N GLN A 114 8.43 11.11 0.02
CA GLN A 114 9.37 12.12 -0.48
C GLN A 114 9.78 11.71 -1.89
N VAL A 115 9.88 12.71 -2.80
CA VAL A 115 10.28 12.56 -4.20
C VAL A 115 11.73 13.03 -4.35
N ILE A 116 12.59 12.16 -4.93
CA ILE A 116 14.01 12.38 -5.17
C ILE A 116 14.33 11.73 -6.51
N THR A 117 14.94 12.49 -7.47
CA THR A 117 15.37 12.03 -8.79
C THR A 117 16.88 12.20 -8.87
N ASP A 118 17.58 11.24 -9.51
CA ASP A 118 19.02 11.23 -9.69
C ASP A 118 19.40 11.83 -11.04
N THR A 119 20.30 12.83 -11.04
CA THR A 119 20.87 13.53 -12.20
C THR A 119 21.84 12.69 -13.03
N ASP A 120 22.40 11.62 -12.39
CA ASP A 120 23.34 10.64 -12.92
C ASP A 120 22.69 9.46 -13.65
N GLY A 121 21.33 9.38 -13.66
CA GLY A 121 20.57 8.38 -14.42
C GLY A 121 20.28 7.04 -13.79
N VAL A 122 20.74 6.79 -12.54
CA VAL A 122 20.61 5.55 -11.77
C VAL A 122 19.20 5.26 -11.20
N THR A 123 18.55 4.12 -11.59
CA THR A 123 17.17 3.77 -11.19
C THR A 123 17.02 3.29 -9.74
N LYS A 124 16.20 4.02 -8.95
CA LYS A 124 15.83 3.80 -7.57
C LYS A 124 14.47 3.10 -7.46
N HIS A 125 14.39 2.19 -6.45
CA HIS A 125 13.24 1.45 -5.97
C HIS A 125 12.73 2.18 -4.73
N GLY A 126 11.39 2.09 -4.48
CA GLY A 126 10.76 2.73 -3.34
C GLY A 126 9.98 1.75 -2.49
N ILE A 127 9.90 2.07 -1.16
CA ILE A 127 9.09 1.44 -0.13
C ILE A 127 8.19 2.57 0.31
N ILE A 128 6.85 2.35 0.25
CA ILE A 128 5.80 3.31 0.60
C ILE A 128 5.03 2.64 1.74
N LYS A 129 4.79 3.35 2.86
CA LYS A 129 4.12 2.83 4.05
C LYS A 129 2.77 3.51 4.16
N VAL A 130 1.65 2.83 4.56
CA VAL A 130 0.39 3.56 4.73
C VAL A 130 -0.36 3.04 5.95
N ARG A 131 -0.90 3.96 6.79
CA ARG A 131 -1.62 3.64 8.01
C ARG A 131 -3.00 4.28 8.02
N PHE A 132 -3.97 3.47 8.50
CA PHE A 132 -5.38 3.78 8.61
C PHE A 132 -5.74 3.63 10.07
N THR A 133 -6.49 4.59 10.65
CA THR A 133 -6.81 4.64 12.08
C THR A 133 -8.32 4.66 12.29
N ILE A 134 -8.85 3.98 13.36
CA ILE A 134 -10.30 3.96 13.65
C ILE A 134 -10.67 4.39 15.06
N ASN A 135 -11.34 5.58 15.16
CA ASN A 135 -11.99 6.18 16.33
C ASN A 135 -11.11 6.63 17.50
N ASN A 136 -10.59 5.67 18.29
CA ASN A 136 -9.72 5.76 19.46
C ASN A 136 -9.31 4.30 19.57
N ASN A 137 -10.05 3.57 20.41
CA ASN A 137 -10.01 2.13 20.56
C ASN A 137 -11.16 1.84 21.52
N THR A 138 -11.02 2.21 22.82
CA THR A 138 -12.05 2.08 23.86
C THR A 138 -13.17 3.12 23.66
N GLY A 139 -14.38 2.66 23.25
CA GLY A 139 -15.53 3.52 22.95
C GLY A 139 -16.11 3.20 21.60
N GLN A 1 -5.78 -13.83 10.35
CA GLN A 1 -7.00 -14.46 10.81
C GLN A 1 -6.71 -15.40 11.96
N GLY A 2 -5.42 -15.73 12.19
CA GLY A 2 -4.94 -16.63 13.25
C GLY A 2 -4.17 -15.91 14.33
N LEU A 3 -4.70 -14.73 14.75
CA LEU A 3 -4.15 -13.84 15.75
C LEU A 3 -5.32 -13.09 16.37
N GLN A 4 -5.19 -12.62 17.64
CA GLN A 4 -6.16 -11.89 18.45
C GLN A 4 -6.30 -10.39 18.07
N THR A 5 -6.50 -10.12 16.76
CA THR A 5 -6.59 -8.82 16.10
C THR A 5 -8.02 -8.29 16.04
N TRP A 6 -9.05 -9.19 16.08
CA TRP A 6 -10.49 -8.91 16.10
C TRP A 6 -11.11 -8.27 14.86
N LYS A 7 -10.58 -7.09 14.46
CA LYS A 7 -10.98 -6.25 13.36
C LYS A 7 -10.18 -6.60 12.13
N LEU A 8 -10.39 -7.85 11.61
CA LEU A 8 -9.84 -8.49 10.41
C LEU A 8 -10.15 -7.72 9.13
N ALA A 9 -11.25 -6.92 9.24
CA ALA A 9 -11.85 -5.93 8.36
C ALA A 9 -10.88 -4.81 7.97
N SER A 10 -9.94 -4.42 8.90
CA SER A 10 -8.83 -3.47 8.70
C SER A 10 -7.90 -3.85 7.54
N ARG A 11 -7.51 -5.13 7.52
CA ARG A 11 -6.73 -5.88 6.57
C ARG A 11 -7.48 -6.15 5.26
N ALA A 12 -8.81 -6.41 5.34
CA ALA A 12 -9.76 -6.40 4.21
C ALA A 12 -9.80 -5.05 3.42
N LEU A 13 -9.39 -3.92 4.08
CA LEU A 13 -9.02 -2.65 3.39
C LEU A 13 -7.76 -2.73 2.50
N GLN A 14 -6.76 -3.62 2.79
CA GLN A 14 -5.55 -3.92 1.99
C GLN A 14 -5.96 -4.60 0.70
N LYS A 15 -6.99 -5.49 0.83
CA LYS A 15 -7.78 -6.08 -0.29
C LYS A 15 -8.57 -5.00 -1.07
N ALA A 16 -9.07 -3.91 -0.43
CA ALA A 16 -9.63 -2.73 -1.13
C ALA A 16 -8.57 -1.92 -1.92
N THR A 17 -7.29 -1.82 -1.41
CA THR A 17 -6.13 -1.28 -2.16
C THR A 17 -5.76 -2.16 -3.35
N VAL A 18 -5.84 -3.52 -3.21
CA VAL A 18 -5.67 -4.50 -4.29
C VAL A 18 -6.78 -4.48 -5.33
N GLU A 19 -8.04 -4.20 -4.89
CA GLU A 19 -9.19 -3.95 -5.76
C GLU A 19 -9.14 -2.62 -6.50
N ASN A 20 -8.63 -1.50 -5.92
CA ASN A 20 -8.37 -0.25 -6.67
C ASN A 20 -7.20 -0.39 -7.66
N LEU A 21 -6.14 -1.18 -7.31
CA LEU A 21 -5.05 -1.58 -8.20
C LEU A 21 -5.44 -2.50 -9.38
N GLU A 22 -6.49 -3.37 -9.18
CA GLU A 22 -7.11 -4.20 -10.21
C GLU A 22 -8.21 -3.46 -11.00
N SER A 23 -8.93 -2.47 -10.38
CA SER A 23 -10.01 -1.68 -10.99
C SER A 23 -9.48 -0.53 -11.83
N TYR A 24 -8.23 -0.09 -11.58
CA TYR A 24 -7.58 1.01 -12.27
C TYR A 24 -6.87 0.51 -13.53
N GLN A 25 -7.57 0.59 -14.69
CA GLN A 25 -7.14 0.23 -16.05
C GLN A 25 -5.84 0.84 -16.60
N PRO A 26 -5.43 2.13 -16.37
CA PRO A 26 -4.09 2.65 -16.68
C PRO A 26 -2.96 1.98 -15.86
N LEU A 27 -3.21 1.30 -14.70
CA LEU A 27 -2.22 0.62 -13.88
C LEU A 27 -1.75 -0.74 -14.44
N MET A 28 -2.52 -1.28 -15.43
CA MET A 28 -2.30 -2.50 -16.20
C MET A 28 -1.09 -2.43 -17.12
N GLU A 29 -0.80 -1.19 -17.56
CA GLU A 29 0.29 -0.78 -18.42
C GLU A 29 1.55 -0.42 -17.62
N MET A 30 1.39 -0.21 -16.28
CA MET A 30 2.41 0.17 -15.31
C MET A 30 2.94 -0.99 -14.44
N VAL A 31 2.08 -1.93 -13.97
CA VAL A 31 2.50 -3.05 -13.10
C VAL A 31 2.09 -4.35 -13.79
N ASN A 32 2.89 -5.42 -13.61
CA ASN A 32 2.58 -6.73 -14.16
C ASN A 32 2.00 -7.70 -13.13
N GLN A 33 2.63 -7.57 -11.95
CA GLN A 33 2.69 -8.33 -10.74
C GLN A 33 2.16 -7.72 -9.48
N VAL A 34 1.00 -6.98 -9.50
CA VAL A 34 0.45 -6.38 -8.28
C VAL A 34 -0.42 -7.42 -7.52
N THR A 35 0.15 -7.87 -6.36
CA THR A 35 -0.38 -8.95 -5.54
C THR A 35 -0.14 -8.77 -4.04
N GLU A 36 -0.81 -9.64 -3.25
CA GLU A 36 -0.84 -9.68 -1.79
C GLU A 36 0.38 -10.30 -1.07
N SER A 37 1.61 -9.86 -1.40
CA SER A 37 2.89 -10.21 -0.76
C SER A 37 3.93 -11.02 -1.54
N PRO A 38 3.79 -12.26 -2.10
CA PRO A 38 4.84 -12.93 -2.92
C PRO A 38 5.05 -12.37 -4.35
N GLY A 39 6.20 -12.73 -5.01
CA GLY A 39 6.40 -12.41 -6.42
C GLY A 39 7.78 -11.94 -6.80
N LYS A 40 8.83 -12.12 -5.93
CA LYS A 40 10.24 -11.72 -6.13
C LYS A 40 10.96 -12.19 -7.40
N ASP A 41 10.53 -13.37 -7.92
CA ASP A 41 10.97 -14.05 -9.13
C ASP A 41 10.08 -13.74 -10.34
N ASP A 42 9.14 -12.77 -10.23
CA ASP A 42 8.26 -12.32 -11.30
C ASP A 42 8.89 -11.17 -12.10
N PRO A 43 8.40 -10.79 -13.31
CA PRO A 43 8.99 -9.74 -14.15
C PRO A 43 8.84 -8.31 -13.60
N TYR A 44 9.84 -7.45 -13.90
CA TYR A 44 9.97 -6.06 -13.46
C TYR A 44 9.38 -5.15 -14.55
N PRO A 45 8.51 -4.13 -14.29
CA PRO A 45 8.01 -3.67 -12.98
C PRO A 45 6.80 -4.46 -12.38
N TYR A 46 6.73 -4.49 -11.03
CA TYR A 46 5.70 -5.18 -10.25
C TYR A 46 5.55 -4.66 -8.79
N VAL A 47 4.42 -5.05 -8.06
CA VAL A 47 4.14 -4.53 -6.70
C VAL A 47 3.66 -5.63 -5.76
N VAL A 48 4.24 -5.65 -4.53
CA VAL A 48 3.80 -6.50 -3.43
C VAL A 48 3.45 -5.62 -2.23
N ILE A 49 2.27 -5.89 -1.61
CA ILE A 49 1.76 -5.24 -0.41
C ILE A 49 2.07 -6.20 0.73
N GLY A 50 2.77 -5.75 1.79
CA GLY A 50 3.15 -6.60 2.91
C GLY A 50 3.52 -5.74 4.08
N ASP A 51 4.74 -5.97 4.65
CA ASP A 51 5.24 -5.22 5.80
C ASP A 51 6.74 -5.04 5.71
N GLN A 52 7.26 -3.98 6.39
CA GLN A 52 8.67 -3.59 6.45
C GLN A 52 9.26 -3.97 7.83
N SER A 53 10.62 -4.09 7.93
CA SER A 53 11.40 -4.42 9.13
C SER A 53 11.66 -3.18 10.00
N SER A 54 10.61 -2.45 10.43
CA SER A 54 10.74 -1.26 11.25
C SER A 54 9.42 -0.94 11.89
N THR A 55 8.75 -1.97 12.49
CA THR A 55 7.47 -1.88 13.19
C THR A 55 7.68 -2.24 14.67
N PRO A 56 8.15 -1.34 15.59
CA PRO A 56 8.48 -1.68 16.97
C PRO A 56 7.27 -1.65 17.92
N PHE A 57 6.88 -2.83 18.46
CA PHE A 57 5.78 -2.98 19.42
C PHE A 57 6.33 -3.47 20.76
N GLU A 58 6.29 -2.61 21.81
CA GLU A 58 6.74 -2.90 23.17
C GLU A 58 5.55 -3.16 24.09
N THR A 59 4.39 -3.49 23.49
CA THR A 59 3.13 -3.80 24.17
C THR A 59 2.29 -4.47 23.10
N LYS A 60 1.02 -4.82 23.44
CA LYS A 60 0.05 -5.47 22.55
C LYS A 60 -0.97 -4.49 21.97
N SER A 61 -2.29 -4.75 22.13
CA SER A 61 -3.39 -3.94 21.64
C SER A 61 -4.63 -4.59 22.21
N SER A 62 -5.80 -3.90 22.17
CA SER A 62 -7.07 -4.41 22.70
C SER A 62 -8.24 -4.00 21.80
N PHE A 63 -8.00 -3.79 20.48
CA PHE A 63 -9.04 -3.34 19.53
C PHE A 63 -8.80 -3.89 18.12
N GLY A 64 -7.69 -3.46 17.47
CA GLY A 64 -7.32 -3.79 16.08
C GLY A 64 -7.82 -2.80 15.05
N GLU A 65 -8.32 -1.63 15.55
CA GLU A 65 -8.89 -0.49 14.83
C GLU A 65 -7.87 0.47 14.23
N ASN A 66 -6.57 0.10 14.30
CA ASN A 66 -5.44 0.78 13.70
C ASN A 66 -5.00 -0.19 12.63
N ILE A 67 -4.89 0.32 11.37
CA ILE A 67 -4.54 -0.41 10.17
C ILE A 67 -3.15 0.18 9.91
N THR A 68 -2.06 -0.62 9.86
CA THR A 68 -0.70 -0.17 9.56
C THR A 68 -0.20 -1.14 8.51
N MET A 69 0.11 -0.65 7.28
CA MET A 69 0.50 -1.51 6.18
C MET A 69 1.55 -0.81 5.33
N ASP A 70 2.29 -1.62 4.52
CA ASP A 70 3.32 -1.15 3.61
C ASP A 70 3.11 -1.79 2.25
N PHE A 71 3.58 -1.08 1.19
CA PHE A 71 3.65 -1.57 -0.17
C PHE A 71 5.06 -1.32 -0.68
N HIS A 72 5.57 -2.34 -1.42
CA HIS A 72 6.90 -2.46 -1.96
C HIS A 72 6.74 -2.61 -3.44
N VAL A 73 7.48 -1.74 -4.16
CA VAL A 73 7.44 -1.61 -5.57
C VAL A 73 8.84 -1.84 -6.10
N TRP A 74 9.02 -2.75 -7.10
CA TRP A 74 10.33 -2.84 -7.73
C TRP A 74 10.16 -2.74 -9.25
N GLY A 75 11.09 -1.97 -9.89
CA GLY A 75 11.11 -1.79 -11.33
C GLY A 75 12.51 -1.53 -11.83
N GLY A 76 12.60 -1.37 -13.17
CA GLY A 76 13.84 -1.10 -13.88
C GLY A 76 13.42 -0.40 -15.13
N THR A 77 13.69 0.91 -15.24
CA THR A 77 13.30 1.73 -16.38
C THR A 77 14.10 2.99 -16.20
N THR A 78 13.55 3.96 -15.41
CA THR A 78 14.14 5.25 -15.10
C THR A 78 13.78 5.60 -13.67
N ARG A 79 14.42 6.68 -13.13
CA ARG A 79 14.14 7.34 -11.84
C ARG A 79 12.77 8.04 -11.79
N ALA A 80 12.33 8.65 -12.94
CA ALA A 80 11.06 9.33 -13.15
C ALA A 80 9.86 8.38 -13.19
N GLU A 81 10.04 7.15 -13.76
CA GLU A 81 9.06 6.05 -13.82
C GLU A 81 8.60 5.55 -12.45
N ALA A 82 9.53 5.49 -11.45
CA ALA A 82 9.26 5.17 -10.04
C ALA A 82 8.29 6.14 -9.33
N GLN A 83 8.36 7.45 -9.74
CA GLN A 83 7.50 8.55 -9.33
C GLN A 83 6.14 8.48 -10.06
N ASP A 84 6.17 8.10 -11.37
CA ASP A 84 5.02 7.86 -12.26
C ASP A 84 4.18 6.64 -11.86
N ILE A 85 4.82 5.48 -11.54
CA ILE A 85 4.17 4.25 -11.02
C ILE A 85 3.58 4.46 -9.63
N SER A 86 4.28 5.25 -8.75
CA SER A 86 3.83 5.71 -7.42
C SER A 86 2.62 6.66 -7.50
N SER A 87 2.64 7.61 -8.49
CA SER A 87 1.57 8.56 -8.90
C SER A 87 0.29 7.84 -9.34
N ARG A 88 0.45 6.73 -10.11
CA ARG A 88 -0.61 5.78 -10.48
C ARG A 88 -1.04 4.83 -9.33
N VAL A 89 -0.13 4.29 -8.45
CA VAL A 89 -0.44 3.47 -7.26
C VAL A 89 -1.25 4.23 -6.21
N LEU A 90 -0.82 5.47 -5.80
CA LEU A 90 -1.59 6.33 -4.86
C LEU A 90 -2.85 6.91 -5.51
N GLU A 91 -2.84 7.19 -6.86
CA GLU A 91 -4.03 7.54 -7.67
C GLU A 91 -5.07 6.43 -7.69
N ALA A 92 -4.65 5.12 -7.67
CA ALA A 92 -5.50 3.94 -7.49
C ALA A 92 -6.10 3.93 -6.08
N LEU A 93 -5.24 4.11 -5.01
CA LEU A 93 -5.64 4.15 -3.60
C LEU A 93 -6.79 5.12 -3.22
N THR A 94 -6.80 6.33 -3.87
CA THR A 94 -7.91 7.29 -3.82
C THR A 94 -8.77 7.32 -5.07
N TYR A 95 -8.62 6.37 -6.04
CA TYR A 95 -9.42 6.27 -7.29
C TYR A 95 -10.75 5.67 -6.91
N LYS A 96 -10.65 4.57 -6.14
CA LYS A 96 -11.85 3.98 -5.56
C LYS A 96 -11.62 4.04 -4.04
N PRO A 97 -12.27 4.97 -3.23
CA PRO A 97 -11.96 5.25 -1.82
C PRO A 97 -12.03 4.08 -0.83
N LEU A 98 -11.26 4.16 0.30
CA LEU A 98 -11.09 3.00 1.15
C LEU A 98 -12.20 2.71 2.15
N MET A 99 -12.93 1.65 1.79
CA MET A 99 -14.01 1.07 2.52
C MET A 99 -13.95 -0.43 2.29
N PHE A 100 -14.41 -1.16 3.32
CA PHE A 100 -14.67 -2.59 3.30
C PHE A 100 -16.04 -2.73 3.96
N GLU A 101 -17.07 -3.10 3.18
CA GLU A 101 -18.41 -3.57 3.46
C GLU A 101 -19.36 -2.64 4.19
N GLY A 102 -19.09 -2.43 5.48
CA GLY A 102 -19.79 -1.49 6.35
C GLY A 102 -18.76 -0.88 7.23
N PHE A 103 -17.46 -0.93 6.83
CA PHE A 103 -16.37 -0.39 7.66
C PHE A 103 -15.59 0.64 6.85
N THR A 104 -15.47 1.88 7.39
CA THR A 104 -14.81 3.02 6.74
C THR A 104 -13.68 3.46 7.65
N PHE A 105 -12.46 3.48 7.09
CA PHE A 105 -11.18 3.76 7.72
C PHE A 105 -10.54 4.85 6.88
N VAL A 106 -9.97 5.85 7.57
CA VAL A 106 -9.44 7.11 7.03
C VAL A 106 -7.92 7.08 7.04
N ALA A 107 -7.27 7.48 5.91
CA ALA A 107 -5.84 7.43 5.66
C ALA A 107 -4.99 8.55 6.26
N LYS A 108 -3.81 8.17 6.80
CA LYS A 108 -2.77 8.99 7.39
C LYS A 108 -1.43 8.63 6.73
N LYS A 109 -0.55 9.61 6.45
CA LYS A 109 0.77 9.37 5.87
C LYS A 109 1.59 10.57 6.30
N LEU A 110 2.93 10.58 6.03
CA LEU A 110 3.85 11.66 6.40
C LEU A 110 3.99 12.68 5.25
N VAL A 111 5.18 12.78 4.58
CA VAL A 111 5.42 13.70 3.46
C VAL A 111 5.54 12.89 2.18
N LEU A 112 6.66 12.15 2.01
CA LEU A 112 6.92 11.33 0.84
C LEU A 112 7.89 10.26 1.27
N ALA A 113 7.82 9.06 0.63
CA ALA A 113 8.67 7.92 0.87
C ALA A 113 9.36 7.64 -0.46
N GLN A 114 10.72 7.75 -0.51
CA GLN A 114 11.48 7.53 -1.73
C GLN A 114 12.97 7.41 -1.47
N VAL A 115 13.60 6.31 -1.99
CA VAL A 115 15.03 6.05 -1.99
C VAL A 115 15.41 6.03 -3.48
N ILE A 116 16.55 6.62 -3.89
CA ILE A 116 16.93 6.72 -5.31
C ILE A 116 18.07 5.78 -5.72
N THR A 117 18.12 5.42 -7.04
CA THR A 117 19.16 4.65 -7.72
C THR A 117 20.23 5.59 -8.30
N ASP A 118 21.50 5.15 -8.26
CA ASP A 118 22.68 5.89 -8.72
C ASP A 118 23.11 5.48 -10.13
N THR A 119 24.05 6.28 -10.70
CA THR A 119 24.74 6.27 -11.99
C THR A 119 25.31 4.95 -12.52
N ASP A 120 25.54 3.97 -11.61
CA ASP A 120 26.11 2.64 -11.85
C ASP A 120 25.14 1.65 -12.47
N GLY A 121 23.80 1.92 -12.45
CA GLY A 121 22.77 1.11 -13.12
C GLY A 121 22.22 -0.03 -12.31
N VAL A 122 21.86 0.23 -11.03
CA VAL A 122 21.32 -0.74 -10.07
C VAL A 122 19.79 -0.66 -10.03
N THR A 123 19.14 -1.83 -9.78
CA THR A 123 17.71 -2.13 -9.65
C THR A 123 16.97 -1.17 -8.72
N LYS A 124 15.85 -0.59 -9.22
CA LYS A 124 15.13 0.51 -8.60
C LYS A 124 14.02 -0.01 -7.74
N HIS A 125 14.17 0.26 -6.41
CA HIS A 125 13.29 -0.16 -5.36
C HIS A 125 12.77 1.08 -4.68
N GLY A 126 11.47 1.05 -4.37
CA GLY A 126 10.77 2.00 -3.54
C GLY A 126 9.96 1.24 -2.54
N ILE A 127 9.92 1.72 -1.27
CA ILE A 127 9.16 1.21 -0.14
C ILE A 127 8.25 2.38 0.26
N ILE A 128 6.92 2.13 0.36
CA ILE A 128 5.89 3.11 0.67
C ILE A 128 5.18 2.62 1.94
N LYS A 129 5.06 3.49 2.99
CA LYS A 129 4.39 3.17 4.24
C LYS A 129 3.10 3.95 4.33
N VAL A 130 1.99 3.33 4.82
CA VAL A 130 0.72 4.03 5.01
C VAL A 130 -0.05 3.46 6.20
N ARG A 131 -0.74 4.37 6.92
CA ARG A 131 -1.54 4.07 8.09
C ARG A 131 -2.94 4.62 7.82
N PHE A 132 -3.97 3.86 8.26
CA PHE A 132 -5.37 4.25 8.11
C PHE A 132 -5.99 3.94 9.45
N THR A 133 -7.00 4.70 9.90
CA THR A 133 -7.59 4.56 11.23
C THR A 133 -9.12 4.62 11.13
N ILE A 134 -9.83 3.81 11.95
CA ILE A 134 -11.29 3.77 12.10
C ILE A 134 -11.58 3.91 13.58
N ASN A 135 -12.61 4.72 13.93
CA ASN A 135 -13.10 4.95 15.27
C ASN A 135 -14.29 5.89 15.04
N ASN A 136 -15.07 6.14 16.13
CA ASN A 136 -16.25 6.99 16.29
C ASN A 136 -17.60 6.39 15.88
N ASN A 137 -18.64 6.68 16.72
CA ASN A 137 -20.02 6.27 16.57
C ASN A 137 -20.28 4.85 17.09
N THR A 138 -20.17 4.65 18.44
CA THR A 138 -20.42 3.37 19.12
C THR A 138 -21.80 3.45 19.78
N GLY A 139 -22.75 2.60 19.34
CA GLY A 139 -24.11 2.60 19.85
C GLY A 139 -24.88 1.53 19.13
N GLN A 1 8.38 -10.80 16.26
CA GLN A 1 8.25 -11.37 14.94
C GLN A 1 6.88 -11.05 14.39
N GLY A 2 5.85 -11.19 15.26
CA GLY A 2 4.45 -11.01 14.92
C GLY A 2 3.59 -11.84 15.84
N LEU A 3 2.50 -11.24 16.38
CA LEU A 3 1.55 -11.87 17.28
C LEU A 3 0.33 -10.96 17.21
N GLN A 4 -0.88 -11.52 17.46
CA GLN A 4 -2.23 -10.93 17.38
C GLN A 4 -2.87 -11.38 16.05
N THR A 5 -4.13 -11.87 16.11
CA THR A 5 -4.91 -12.32 14.95
C THR A 5 -6.34 -11.83 15.16
N TRP A 6 -6.44 -10.58 15.66
CA TRP A 6 -7.67 -9.89 16.01
C TRP A 6 -7.75 -8.66 15.12
N LYS A 7 -8.99 -8.22 14.75
CA LYS A 7 -9.33 -7.04 13.93
C LYS A 7 -9.31 -7.35 12.43
N LEU A 8 -10.03 -8.42 11.99
CA LEU A 8 -10.11 -8.98 10.63
C LEU A 8 -10.58 -8.03 9.53
N ALA A 9 -11.48 -7.05 9.87
CA ALA A 9 -11.96 -5.97 9.01
C ALA A 9 -10.87 -5.02 8.53
N SER A 10 -9.81 -4.80 9.37
CA SER A 10 -8.66 -3.95 9.06
C SER A 10 -7.85 -4.40 7.85
N ARG A 11 -7.52 -5.69 7.81
CA ARG A 11 -6.87 -6.49 6.79
C ARG A 11 -7.74 -6.76 5.57
N ALA A 12 -9.07 -6.96 5.80
CA ALA A 12 -10.13 -6.96 4.78
C ALA A 12 -10.17 -5.68 3.89
N LEU A 13 -9.69 -4.50 4.41
CA LEU A 13 -9.38 -3.31 3.58
C LEU A 13 -8.28 -3.51 2.54
N GLN A 14 -7.28 -4.40 2.80
CA GLN A 14 -6.22 -4.82 1.87
C GLN A 14 -6.80 -5.67 0.75
N LYS A 15 -7.80 -6.56 1.05
CA LYS A 15 -8.61 -7.19 -0.05
C LYS A 15 -9.53 -6.21 -0.83
N ALA A 16 -10.04 -5.12 -0.19
CA ALA A 16 -10.75 -4.01 -0.84
C ALA A 16 -9.86 -3.11 -1.70
N THR A 17 -8.58 -2.93 -1.23
CA THR A 17 -7.43 -2.28 -1.87
C THR A 17 -6.93 -3.11 -3.05
N VAL A 18 -7.08 -4.46 -2.99
CA VAL A 18 -6.88 -5.38 -4.13
C VAL A 18 -8.00 -5.26 -5.18
N GLU A 19 -9.28 -5.08 -4.75
CA GLU A 19 -10.41 -4.75 -5.64
C GLU A 19 -10.33 -3.33 -6.27
N ASN A 20 -9.70 -2.35 -5.55
CA ASN A 20 -9.29 -1.03 -6.02
C ASN A 20 -8.25 -1.14 -7.15
N LEU A 21 -7.16 -1.97 -6.94
CA LEU A 21 -6.13 -2.32 -7.95
C LEU A 21 -6.74 -2.96 -9.19
N GLU A 22 -7.87 -3.71 -9.01
CA GLU A 22 -8.74 -4.20 -10.10
C GLU A 22 -9.49 -3.09 -10.89
N SER A 23 -10.13 -2.02 -10.29
CA SER A 23 -10.77 -0.95 -11.13
C SER A 23 -9.79 0.03 -11.75
N TYR A 24 -8.52 0.12 -11.26
CA TYR A 24 -7.56 1.06 -11.84
C TYR A 24 -6.85 0.62 -13.12
N GLN A 25 -7.50 1.02 -14.25
CA GLN A 25 -7.16 0.89 -15.65
C GLN A 25 -5.79 1.44 -16.06
N PRO A 26 -5.29 2.63 -15.64
CA PRO A 26 -3.91 3.09 -15.85
C PRO A 26 -2.84 2.23 -15.18
N LEU A 27 -3.13 1.36 -14.16
CA LEU A 27 -2.13 0.54 -13.47
C LEU A 27 -1.63 -0.65 -14.30
N MET A 28 -2.52 -1.14 -15.20
CA MET A 28 -2.42 -2.24 -16.15
C MET A 28 -1.30 -2.08 -17.17
N GLU A 29 -0.99 -0.81 -17.47
CA GLU A 29 0.00 -0.32 -18.40
C GLU A 29 1.34 0.01 -17.71
N MET A 30 1.32 0.17 -16.35
CA MET A 30 2.46 0.56 -15.50
C MET A 30 3.13 -0.56 -14.68
N VAL A 31 2.39 -1.59 -14.17
CA VAL A 31 2.94 -2.65 -13.32
C VAL A 31 2.63 -3.98 -13.99
N ASN A 32 3.54 -4.97 -13.85
CA ASN A 32 3.37 -6.30 -14.41
C ASN A 32 2.89 -7.32 -13.38
N GLN A 33 3.56 -7.22 -12.22
CA GLN A 33 3.63 -7.99 -11.00
C GLN A 33 2.99 -7.37 -9.81
N VAL A 34 1.80 -6.69 -9.83
CA VAL A 34 1.25 -6.14 -8.56
C VAL A 34 0.46 -7.28 -7.86
N THR A 35 1.09 -7.76 -6.75
CA THR A 35 0.71 -8.96 -6.03
C THR A 35 0.97 -8.84 -4.53
N GLU A 36 0.44 -9.81 -3.73
CA GLU A 36 0.50 -9.85 -2.27
C GLU A 36 1.64 -10.68 -1.66
N SER A 37 2.63 -11.17 -2.44
CA SER A 37 3.79 -11.89 -1.89
C SER A 37 4.91 -12.13 -2.91
N PRO A 38 4.86 -12.98 -3.97
CA PRO A 38 5.99 -13.29 -4.86
C PRO A 38 6.40 -12.17 -5.84
N GLY A 39 7.61 -12.24 -6.45
CA GLY A 39 7.99 -11.22 -7.45
C GLY A 39 9.47 -11.03 -7.65
N LYS A 40 10.34 -11.34 -6.66
CA LYS A 40 11.81 -11.11 -6.63
C LYS A 40 12.66 -11.55 -7.84
N ASP A 41 12.21 -12.62 -8.52
CA ASP A 41 12.80 -13.24 -9.70
C ASP A 41 12.00 -12.93 -10.97
N ASP A 42 11.07 -11.94 -10.97
CA ASP A 42 10.22 -11.59 -12.10
C ASP A 42 10.67 -10.26 -12.76
N PRO A 43 10.15 -9.88 -13.98
CA PRO A 43 10.47 -8.62 -14.68
C PRO A 43 10.06 -7.31 -13.97
N TYR A 44 10.79 -6.20 -14.24
CA TYR A 44 10.62 -4.87 -13.68
C TYR A 44 9.95 -4.01 -14.73
N PRO A 45 8.98 -3.09 -14.46
CA PRO A 45 8.43 -2.68 -13.16
C PRO A 45 7.36 -3.61 -12.53
N TYR A 46 7.31 -3.68 -11.16
CA TYR A 46 6.35 -4.50 -10.42
C TYR A 46 6.14 -4.08 -8.94
N VAL A 47 5.07 -4.62 -8.21
CA VAL A 47 4.77 -4.29 -6.81
C VAL A 47 4.40 -5.49 -5.93
N VAL A 48 4.98 -5.55 -4.70
CA VAL A 48 4.57 -6.42 -3.61
C VAL A 48 4.01 -5.57 -2.46
N ILE A 49 2.94 -6.08 -1.77
CA ILE A 49 2.30 -5.55 -0.57
C ILE A 49 2.89 -6.27 0.65
N GLY A 50 3.40 -5.54 1.66
CA GLY A 50 4.02 -6.15 2.85
C GLY A 50 4.19 -5.20 4.00
N ASP A 51 5.42 -5.21 4.62
CA ASP A 51 5.80 -4.39 5.77
C ASP A 51 7.29 -3.99 5.65
N GLN A 52 7.70 -2.83 6.25
CA GLN A 52 9.07 -2.30 6.28
C GLN A 52 9.93 -2.95 7.38
N SER A 53 11.28 -2.94 7.21
CA SER A 53 12.28 -3.55 8.09
C SER A 53 12.54 -2.81 9.41
N SER A 54 11.46 -2.73 10.23
CA SER A 54 11.36 -2.10 11.55
C SER A 54 11.84 -3.05 12.63
N THR A 55 13.07 -2.86 13.18
CA THR A 55 13.74 -3.64 14.24
C THR A 55 12.94 -3.97 15.52
N PRO A 56 12.27 -3.03 16.25
CA PRO A 56 11.41 -3.38 17.40
C PRO A 56 10.04 -3.95 16.94
N PHE A 57 9.79 -5.24 17.28
CA PHE A 57 8.57 -5.97 16.99
C PHE A 57 7.89 -6.35 18.30
N GLU A 58 6.57 -6.03 18.40
CA GLU A 58 5.63 -6.35 19.46
C GLU A 58 5.86 -5.71 20.84
N THR A 59 5.55 -4.38 20.94
CA THR A 59 5.65 -3.60 22.17
C THR A 59 4.26 -3.04 22.42
N LYS A 60 3.55 -3.54 23.47
CA LYS A 60 2.19 -3.19 23.91
C LYS A 60 1.03 -3.89 23.16
N SER A 61 0.04 -3.12 22.63
CA SER A 61 -1.16 -3.52 21.90
C SER A 61 -1.97 -2.23 21.78
N SER A 62 -3.31 -2.30 21.60
CA SER A 62 -4.25 -1.17 21.51
C SER A 62 -5.63 -1.76 21.29
N PHE A 63 -6.69 -1.17 21.92
CA PHE A 63 -8.07 -1.62 21.84
C PHE A 63 -8.93 -0.64 21.04
N GLY A 64 -8.44 -0.30 19.83
CA GLY A 64 -9.09 0.57 18.86
C GLY A 64 -8.53 0.13 17.54
N GLU A 65 -9.35 0.18 16.44
CA GLU A 65 -8.97 -0.37 15.13
C GLU A 65 -8.19 0.57 14.19
N ASN A 66 -6.99 0.05 13.84
CA ASN A 66 -6.01 0.62 12.97
C ASN A 66 -5.63 -0.44 11.94
N ILE A 67 -5.00 0.07 10.87
CA ILE A 67 -4.51 -0.58 9.67
C ILE A 67 -3.11 0.01 9.49
N THR A 68 -2.05 -0.81 9.26
CA THR A 68 -0.70 -0.35 8.90
C THR A 68 -0.41 -1.23 7.70
N MET A 69 -0.16 -0.59 6.53
CA MET A 69 0.00 -1.19 5.24
C MET A 69 1.19 -0.58 4.54
N ASP A 70 2.06 -1.46 3.96
CA ASP A 70 3.16 -1.02 3.12
C ASP A 70 2.99 -1.63 1.74
N PHE A 71 3.42 -0.83 0.74
CA PHE A 71 3.57 -1.19 -0.66
C PHE A 71 5.06 -1.02 -0.90
N HIS A 72 5.72 -2.05 -1.52
CA HIS A 72 7.14 -2.06 -1.92
C HIS A 72 7.14 -2.22 -3.40
N VAL A 73 7.72 -1.21 -4.05
CA VAL A 73 7.68 -1.02 -5.46
C VAL A 73 9.10 -1.08 -5.99
N TRP A 74 9.32 -1.81 -7.12
CA TRP A 74 10.63 -1.74 -7.78
C TRP A 74 10.36 -1.56 -9.27
N GLY A 75 10.84 -0.42 -9.83
CA GLY A 75 10.71 0.00 -11.22
C GLY A 75 12.07 0.29 -11.77
N GLY A 76 12.84 -0.80 -12.05
CA GLY A 76 14.20 -0.79 -12.56
C GLY A 76 14.23 -1.01 -14.05
N THR A 77 13.81 0.05 -14.78
CA THR A 77 13.78 0.11 -16.24
C THR A 77 14.34 1.47 -16.60
N THR A 78 13.44 2.47 -16.66
CA THR A 78 13.70 3.86 -16.95
C THR A 78 13.42 4.58 -15.64
N ARG A 79 14.24 5.61 -15.26
CA ARG A 79 14.15 6.43 -14.02
C ARG A 79 12.77 7.04 -13.72
N ALA A 80 12.09 7.53 -14.80
CA ALA A 80 10.73 8.07 -14.85
C ALA A 80 9.63 7.07 -14.50
N GLU A 81 9.79 5.77 -14.89
CA GLU A 81 8.87 4.65 -14.63
C GLU A 81 8.68 4.34 -13.15
N ALA A 82 9.75 4.53 -12.33
CA ALA A 82 9.81 4.39 -10.87
C ALA A 82 8.91 5.37 -10.09
N GLN A 83 8.93 6.67 -10.46
CA GLN A 83 8.07 7.72 -9.91
C GLN A 83 6.64 7.65 -10.46
N ASP A 84 6.49 7.17 -11.74
CA ASP A 84 5.22 6.88 -12.42
C ASP A 84 4.46 5.72 -11.80
N ILE A 85 5.14 4.59 -11.41
CA ILE A 85 4.52 3.47 -10.66
C ILE A 85 4.14 3.83 -9.21
N SER A 86 4.99 4.64 -8.51
CA SER A 86 4.80 5.20 -7.15
C SER A 86 3.58 6.15 -7.08
N SER A 87 3.52 7.12 -8.05
CA SER A 87 2.45 8.08 -8.31
C SER A 87 1.15 7.42 -8.75
N ARG A 88 1.21 6.35 -9.61
CA ARG A 88 0.08 5.50 -10.04
C ARG A 88 -0.54 4.66 -8.93
N VAL A 89 0.25 4.00 -8.02
CA VAL A 89 -0.29 3.23 -6.86
C VAL A 89 -0.95 4.13 -5.79
N LEU A 90 -0.38 5.34 -5.50
CA LEU A 90 -0.92 6.43 -4.66
C LEU A 90 -2.20 7.11 -5.26
N GLU A 91 -2.22 7.34 -6.61
CA GLU A 91 -3.35 7.80 -7.44
C GLU A 91 -4.49 6.77 -7.52
N ALA A 92 -4.13 5.45 -7.51
CA ALA A 92 -5.02 4.29 -7.41
C ALA A 92 -5.81 4.29 -6.07
N LEU A 93 -4.97 4.42 -4.98
CA LEU A 93 -5.27 4.59 -3.55
C LEU A 93 -6.34 5.64 -3.27
N THR A 94 -6.35 6.75 -4.06
CA THR A 94 -7.47 7.71 -4.11
C THR A 94 -8.36 7.70 -5.37
N TYR A 95 -8.27 6.73 -6.36
CA TYR A 95 -9.16 6.68 -7.57
C TYR A 95 -10.49 6.16 -7.08
N LYS A 96 -10.41 5.06 -6.29
CA LYS A 96 -11.60 4.61 -5.57
C LYS A 96 -11.24 4.86 -4.11
N PRO A 97 -12.12 5.33 -3.19
CA PRO A 97 -11.77 5.56 -1.79
C PRO A 97 -11.73 4.22 -1.03
N LEU A 98 -10.94 4.13 0.07
CA LEU A 98 -10.80 2.89 0.85
C LEU A 98 -12.02 2.59 1.74
N MET A 99 -12.80 1.53 1.36
CA MET A 99 -13.98 1.07 2.04
C MET A 99 -14.09 -0.44 1.95
N PHE A 100 -14.54 -1.06 3.06
CA PHE A 100 -14.85 -2.48 3.22
C PHE A 100 -16.16 -2.54 4.00
N GLU A 101 -17.26 -2.92 3.32
CA GLU A 101 -18.65 -3.24 3.68
C GLU A 101 -19.50 -2.17 4.32
N GLY A 102 -19.10 -1.78 5.55
CA GLY A 102 -19.71 -0.72 6.34
C GLY A 102 -18.61 -0.03 7.06
N PHE A 103 -17.35 -0.23 6.60
CA PHE A 103 -16.18 0.38 7.23
C PHE A 103 -15.48 1.22 6.18
N THR A 104 -15.24 2.53 6.46
CA THR A 104 -14.57 3.50 5.59
C THR A 104 -13.34 3.91 6.37
N PHE A 105 -12.13 3.86 5.75
CA PHE A 105 -10.85 4.04 6.43
C PHE A 105 -10.14 5.33 6.02
N VAL A 106 -9.67 6.08 7.04
CA VAL A 106 -9.08 7.41 6.99
C VAL A 106 -7.59 7.35 7.22
N ALA A 107 -6.76 7.96 6.33
CA ALA A 107 -5.30 7.96 6.39
C ALA A 107 -4.73 8.99 7.36
N LYS A 108 -3.91 8.50 8.33
CA LYS A 108 -3.35 9.31 9.38
C LYS A 108 -1.90 8.93 9.53
N LYS A 109 -1.01 9.69 8.84
CA LYS A 109 0.45 9.59 8.84
C LYS A 109 1.04 8.56 7.87
N LEU A 110 2.23 8.92 7.32
CA LEU A 110 2.99 8.09 6.40
C LEU A 110 4.47 8.38 6.61
N VAL A 111 5.33 7.43 6.16
CA VAL A 111 6.78 7.41 6.32
C VAL A 111 7.37 6.65 5.14
N LEU A 112 8.65 6.92 4.76
CA LEU A 112 9.32 6.24 3.66
C LEU A 112 10.84 6.22 3.81
N ALA A 113 11.41 5.08 4.28
CA ALA A 113 12.86 4.90 4.42
C ALA A 113 13.19 3.42 4.45
N GLN A 114 13.89 2.94 3.39
CA GLN A 114 14.39 1.57 3.21
C GLN A 114 15.31 1.69 2.00
N VAL A 115 16.46 0.98 1.99
CA VAL A 115 17.39 0.92 0.86
C VAL A 115 17.60 -0.56 0.59
N ILE A 116 17.47 -1.02 -0.69
CA ILE A 116 17.55 -2.42 -1.10
C ILE A 116 18.81 -2.64 -1.91
N THR A 117 19.43 -3.85 -1.75
CA THR A 117 20.68 -4.38 -2.33
C THR A 117 20.61 -4.67 -3.84
N ASP A 118 21.70 -4.38 -4.61
CA ASP A 118 21.77 -4.51 -6.07
C ASP A 118 22.58 -5.70 -6.60
N THR A 119 21.91 -6.60 -7.35
CA THR A 119 22.45 -7.76 -8.06
C THR A 119 23.26 -7.43 -9.32
N ASP A 120 22.64 -6.59 -10.18
CA ASP A 120 23.10 -6.08 -11.46
C ASP A 120 23.84 -4.75 -11.33
N GLY A 121 23.99 -4.23 -10.08
CA GLY A 121 24.62 -2.94 -9.77
C GLY A 121 23.70 -1.75 -9.79
N VAL A 122 22.40 -1.94 -10.17
CA VAL A 122 21.42 -0.87 -10.21
C VAL A 122 20.16 -1.26 -9.43
N THR A 123 20.03 -0.72 -8.20
CA THR A 123 18.86 -0.80 -7.33
C THR A 123 17.97 0.42 -7.57
N LYS A 124 16.69 0.25 -7.96
CA LYS A 124 15.79 1.39 -7.99
C LYS A 124 14.62 0.92 -7.15
N HIS A 125 14.39 1.55 -5.98
CA HIS A 125 13.40 1.15 -4.99
C HIS A 125 12.62 2.36 -4.48
N GLY A 126 11.29 2.18 -4.35
CA GLY A 126 10.37 3.12 -3.72
C GLY A 126 9.55 2.36 -2.71
N ILE A 127 9.41 2.93 -1.48
CA ILE A 127 8.63 2.36 -0.40
C ILE A 127 7.57 3.39 -0.03
N ILE A 128 6.30 2.94 0.05
CA ILE A 128 5.17 3.73 0.55
C ILE A 128 4.68 2.94 1.75
N LYS A 129 4.81 3.53 2.97
CA LYS A 129 4.32 2.97 4.22
C LYS A 129 3.34 3.99 4.75
N VAL A 130 2.06 3.54 4.91
CA VAL A 130 0.94 4.38 5.33
C VAL A 130 0.09 3.63 6.35
N ARG A 131 -0.49 4.41 7.30
CA ARG A 131 -1.38 3.99 8.37
C ARG A 131 -2.73 4.67 8.12
N PHE A 132 -3.84 3.90 8.34
CA PHE A 132 -5.21 4.38 8.25
C PHE A 132 -5.79 4.01 9.60
N THR A 133 -6.62 4.90 10.19
CA THR A 133 -7.22 4.72 11.51
C THR A 133 -8.71 4.85 11.29
N ILE A 134 -9.58 4.07 12.00
CA ILE A 134 -11.03 4.20 11.88
C ILE A 134 -11.65 4.70 13.17
N ASN A 135 -12.70 5.54 13.02
CA ASN A 135 -13.50 6.08 14.11
C ASN A 135 -14.61 6.87 13.46
N ASN A 136 -15.57 7.38 14.28
CA ASN A 136 -16.71 8.15 13.81
C ASN A 136 -17.17 8.95 15.04
N ASN A 137 -17.80 10.15 14.87
CA ASN A 137 -18.26 11.04 15.93
C ASN A 137 -19.79 11.06 16.05
N THR A 138 -20.47 10.11 15.35
CA THR A 138 -21.92 9.94 15.29
C THR A 138 -22.41 9.10 16.47
N GLY A 139 -22.77 9.77 17.59
CA GLY A 139 -23.18 9.15 18.85
C GLY A 139 -22.25 9.58 19.94
N GLN A 1 -17.80 -9.22 24.35
CA GLN A 1 -16.86 -8.86 23.31
C GLN A 1 -17.68 -8.36 22.15
N GLY A 2 -18.74 -9.11 21.76
CA GLY A 2 -19.77 -8.71 20.78
C GLY A 2 -19.44 -8.95 19.33
N LEU A 3 -18.52 -9.91 19.01
CA LEU A 3 -18.03 -10.33 17.70
C LEU A 3 -17.06 -9.35 17.08
N GLN A 4 -17.48 -8.06 17.03
CA GLN A 4 -16.80 -6.86 16.57
C GLN A 4 -16.79 -6.70 15.05
N THR A 5 -17.86 -7.20 14.38
CA THR A 5 -18.15 -7.29 12.94
C THR A 5 -17.71 -8.68 12.47
N TRP A 6 -16.76 -8.70 11.52
CA TRP A 6 -16.11 -9.88 10.97
C TRP A 6 -14.65 -9.86 11.45
N LYS A 7 -14.22 -8.75 12.15
CA LYS A 7 -12.88 -8.45 12.70
C LYS A 7 -11.84 -8.16 11.62
N LEU A 8 -11.67 -9.19 10.75
CA LEU A 8 -10.88 -9.41 9.54
C LEU A 8 -11.18 -8.42 8.45
N ALA A 9 -12.40 -7.80 8.51
CA ALA A 9 -12.93 -6.73 7.69
C ALA A 9 -12.08 -5.45 7.68
N SER A 10 -11.44 -5.16 8.86
CA SER A 10 -10.50 -4.07 9.12
C SER A 10 -9.24 -4.12 8.27
N ARG A 11 -8.62 -5.32 8.19
CA ARG A 11 -7.55 -5.73 7.27
C ARG A 11 -8.01 -5.96 5.82
N ALA A 12 -9.22 -6.53 5.59
CA ALA A 12 -9.87 -6.61 4.27
C ALA A 12 -9.97 -5.24 3.50
N LEU A 13 -9.93 -4.09 4.24
CA LEU A 13 -9.62 -2.73 3.73
C LEU A 13 -8.29 -2.55 2.97
N GLN A 14 -7.20 -3.29 3.39
CA GLN A 14 -5.87 -3.40 2.74
C GLN A 14 -5.99 -4.18 1.46
N LYS A 15 -6.86 -5.23 1.47
CA LYS A 15 -7.33 -5.92 0.22
C LYS A 15 -8.20 -5.03 -0.70
N ALA A 16 -8.99 -4.07 -0.15
CA ALA A 16 -9.76 -3.03 -0.83
C ALA A 16 -8.86 -1.96 -1.43
N THR A 17 -7.72 -1.69 -0.75
CA THR A 17 -6.58 -0.83 -1.14
C THR A 17 -5.80 -1.46 -2.28
N VAL A 18 -5.51 -2.80 -2.17
CA VAL A 18 -4.93 -3.64 -3.22
C VAL A 18 -5.85 -3.82 -4.41
N GLU A 19 -7.18 -3.78 -4.13
CA GLU A 19 -8.23 -3.74 -5.13
C GLU A 19 -8.30 -2.40 -5.86
N ASN A 20 -8.07 -1.21 -5.20
CA ASN A 20 -7.88 0.08 -5.88
C ASN A 20 -6.63 0.14 -6.77
N LEU A 21 -5.52 -0.55 -6.34
CA LEU A 21 -4.34 -0.78 -7.19
C LEU A 21 -4.60 -1.58 -8.48
N GLU A 22 -5.42 -2.67 -8.39
CA GLU A 22 -5.84 -3.45 -9.56
C GLU A 22 -7.03 -2.86 -10.33
N SER A 23 -7.89 -1.99 -9.71
CA SER A 23 -9.05 -1.32 -10.32
C SER A 23 -8.69 -0.09 -11.12
N TYR A 24 -7.54 0.59 -10.80
CA TYR A 24 -7.07 1.77 -11.52
C TYR A 24 -6.32 1.38 -12.81
N GLN A 25 -7.05 1.40 -13.96
CA GLN A 25 -6.65 0.96 -15.31
C GLN A 25 -5.25 1.25 -15.87
N PRO A 26 -4.57 2.43 -15.86
CA PRO A 26 -3.16 2.57 -16.24
C PRO A 26 -2.16 1.86 -15.29
N LEU A 27 -2.51 1.52 -14.00
CA LEU A 27 -1.64 0.87 -13.02
C LEU A 27 -1.33 -0.57 -13.38
N MET A 28 -2.37 -1.30 -13.88
CA MET A 28 -2.44 -2.64 -14.48
C MET A 28 -1.60 -2.82 -15.74
N GLU A 29 -1.39 -1.69 -16.48
CA GLU A 29 -0.58 -1.54 -17.68
C GLU A 29 0.90 -1.31 -17.34
N MET A 30 1.20 -0.49 -16.28
CA MET A 30 2.54 -0.18 -15.78
C MET A 30 3.16 -1.29 -14.92
N VAL A 31 2.37 -1.96 -14.02
CA VAL A 31 2.83 -3.20 -13.37
C VAL A 31 1.69 -4.17 -13.72
N ASN A 32 1.95 -5.48 -13.99
CA ASN A 32 0.92 -6.53 -14.27
C ASN A 32 0.71 -7.41 -13.04
N GLN A 33 1.72 -7.28 -12.20
CA GLN A 33 2.24 -7.92 -11.05
C GLN A 33 1.87 -7.29 -9.74
N VAL A 34 0.60 -6.78 -9.55
CA VAL A 34 0.14 -6.24 -8.26
C VAL A 34 -0.41 -7.47 -7.51
N THR A 35 0.36 -7.85 -6.47
CA THR A 35 0.12 -9.08 -5.71
C THR A 35 0.15 -8.86 -4.20
N GLU A 36 -0.71 -9.62 -3.48
CA GLU A 36 -0.85 -9.57 -2.03
C GLU A 36 0.00 -10.61 -1.28
N SER A 37 0.67 -11.54 -2.00
CA SER A 37 1.56 -12.55 -1.42
C SER A 37 2.38 -13.24 -2.50
N PRO A 38 1.92 -14.17 -3.38
CA PRO A 38 2.78 -14.86 -4.37
C PRO A 38 3.20 -13.94 -5.54
N GLY A 39 4.46 -13.98 -6.00
CA GLY A 39 4.93 -13.13 -7.10
C GLY A 39 5.89 -12.08 -6.63
N LYS A 40 6.71 -12.36 -5.58
CA LYS A 40 7.74 -11.44 -5.11
C LYS A 40 9.07 -11.57 -5.87
N ASP A 41 9.25 -12.70 -6.60
CA ASP A 41 10.39 -13.07 -7.41
C ASP A 41 10.15 -12.95 -8.93
N ASP A 42 9.08 -12.22 -9.37
CA ASP A 42 8.74 -11.94 -10.78
C ASP A 42 9.51 -10.70 -11.28
N PRO A 43 9.81 -10.46 -12.58
CA PRO A 43 10.70 -9.37 -13.04
C PRO A 43 10.09 -7.95 -13.02
N TYR A 44 10.97 -6.91 -12.86
CA TYR A 44 10.72 -5.47 -12.78
C TYR A 44 10.28 -4.78 -14.09
N PRO A 45 9.32 -3.83 -14.11
CA PRO A 45 8.57 -3.26 -12.98
C PRO A 45 7.43 -4.14 -12.43
N TYR A 46 7.18 -4.03 -11.09
CA TYR A 46 6.09 -4.76 -10.41
C TYR A 46 5.80 -4.24 -8.97
N VAL A 47 4.63 -4.68 -8.34
CA VAL A 47 4.24 -4.28 -6.96
C VAL A 47 3.80 -5.46 -6.09
N VAL A 48 4.50 -5.63 -4.93
CA VAL A 48 4.22 -6.66 -3.92
C VAL A 48 3.74 -6.00 -2.64
N ILE A 49 2.80 -6.64 -1.87
CA ILE A 49 2.36 -6.16 -0.54
C ILE A 49 3.18 -6.89 0.51
N GLY A 50 3.62 -6.11 1.52
CA GLY A 50 4.34 -6.52 2.70
C GLY A 50 4.05 -5.50 3.76
N ASP A 51 4.99 -5.26 4.70
CA ASP A 51 4.84 -4.27 5.75
C ASP A 51 6.21 -3.67 6.06
N GLN A 52 6.27 -2.46 6.71
CA GLN A 52 7.46 -1.73 7.14
C GLN A 52 7.27 -1.46 8.62
N SER A 53 8.37 -1.32 9.43
CA SER A 53 8.30 -0.95 10.85
C SER A 53 8.47 0.57 11.03
N SER A 54 8.63 0.99 12.30
CA SER A 54 8.78 2.34 12.85
C SER A 54 7.57 2.68 13.71
N THR A 55 6.52 1.83 13.62
CA THR A 55 5.23 1.92 14.32
C THR A 55 5.00 0.78 15.32
N PRO A 56 5.10 -0.57 15.11
CA PRO A 56 4.75 -1.57 16.13
C PRO A 56 5.82 -1.78 17.22
N PHE A 57 5.37 -2.03 18.47
CA PHE A 57 6.21 -2.27 19.63
C PHE A 57 5.58 -3.51 20.29
N GLU A 58 6.39 -4.36 20.99
CA GLU A 58 5.96 -5.60 21.63
C GLU A 58 5.31 -5.41 23.01
N THR A 59 4.26 -4.57 23.06
CA THR A 59 3.51 -4.25 24.26
C THR A 59 2.25 -3.59 23.76
N LYS A 60 1.20 -3.60 24.61
CA LYS A 60 -0.13 -3.02 24.42
C LYS A 60 -1.05 -3.75 23.44
N SER A 61 -2.03 -4.54 23.96
CA SER A 61 -3.06 -5.34 23.27
C SER A 61 -4.00 -4.57 22.33
N SER A 62 -3.40 -3.95 21.29
CA SER A 62 -3.97 -3.07 20.28
C SER A 62 -4.80 -3.77 19.23
N PHE A 63 -5.86 -4.51 19.66
CA PHE A 63 -6.79 -5.25 18.79
C PHE A 63 -7.94 -4.37 18.26
N GLY A 64 -7.59 -3.17 17.75
CA GLY A 64 -8.52 -2.15 17.26
C GLY A 64 -7.75 -0.86 17.15
N GLU A 65 -8.37 0.22 16.60
CA GLU A 65 -7.88 1.58 16.39
C GLU A 65 -7.07 1.83 15.11
N ASN A 66 -6.00 1.02 14.85
CA ASN A 66 -5.09 1.19 13.72
C ASN A 66 -4.91 -0.10 12.91
N ILE A 67 -4.87 0.10 11.56
CA ILE A 67 -4.56 -0.83 10.47
C ILE A 67 -3.17 -0.35 10.00
N THR A 68 -2.17 -1.24 9.80
CA THR A 68 -0.87 -0.88 9.24
C THR A 68 -0.50 -1.88 8.15
N MET A 69 -0.13 -1.38 6.93
CA MET A 69 0.24 -2.20 5.79
C MET A 69 1.16 -1.41 4.87
N ASP A 70 1.91 -2.09 3.97
CA ASP A 70 2.75 -1.46 2.95
C ASP A 70 2.51 -2.11 1.62
N PHE A 71 2.95 -1.39 0.56
CA PHE A 71 3.11 -1.89 -0.80
C PHE A 71 4.55 -1.47 -1.11
N HIS A 72 5.31 -2.38 -1.77
CA HIS A 72 6.71 -2.19 -2.15
C HIS A 72 6.57 -2.13 -3.64
N VAL A 73 6.98 -0.97 -4.21
CA VAL A 73 6.68 -0.59 -5.56
C VAL A 73 8.01 -0.40 -6.19
N TRP A 74 8.42 -1.28 -7.16
CA TRP A 74 9.80 -1.07 -7.67
C TRP A 74 9.87 -1.06 -9.19
N GLY A 75 10.67 -0.10 -9.74
CA GLY A 75 10.83 0.08 -11.18
C GLY A 75 12.26 -0.01 -11.63
N GLY A 76 12.83 -1.24 -11.73
CA GLY A 76 14.20 -1.50 -12.19
C GLY A 76 14.18 -1.78 -13.67
N THR A 77 14.44 -0.74 -14.50
CA THR A 77 14.38 -0.77 -15.97
C THR A 77 14.80 0.63 -16.36
N THR A 78 14.09 1.67 -15.83
CA THR A 78 14.43 3.08 -16.00
C THR A 78 13.65 3.80 -14.91
N ARG A 79 14.10 5.00 -14.45
CA ARG A 79 13.49 5.92 -13.46
C ARG A 79 12.04 6.35 -13.74
N ALA A 80 11.71 6.51 -15.05
CA ALA A 80 10.41 6.79 -15.64
C ALA A 80 9.32 5.80 -15.25
N GLU A 81 9.65 4.48 -15.10
CA GLU A 81 8.74 3.45 -14.62
C GLU A 81 8.43 3.61 -13.14
N ALA A 82 9.43 4.00 -12.29
CA ALA A 82 9.30 4.27 -10.87
C ALA A 82 8.51 5.54 -10.48
N GLN A 83 8.74 6.68 -11.21
CA GLN A 83 8.04 7.96 -11.08
C GLN A 83 6.58 7.83 -11.53
N ASP A 84 6.32 7.06 -12.64
CA ASP A 84 4.98 6.70 -13.11
C ASP A 84 4.21 5.76 -12.16
N ILE A 85 4.79 4.57 -11.72
CA ILE A 85 4.18 3.61 -10.77
C ILE A 85 3.86 4.19 -9.39
N SER A 86 4.75 5.09 -8.85
CA SER A 86 4.54 5.83 -7.58
C SER A 86 3.34 6.79 -7.65
N SER A 87 3.18 7.49 -8.83
CA SER A 87 2.07 8.39 -9.19
C SER A 87 0.75 7.66 -9.41
N ARG A 88 0.78 6.47 -10.09
CA ARG A 88 -0.37 5.58 -10.29
C ARG A 88 -0.86 4.95 -8.97
N VAL A 89 0.08 4.62 -8.03
CA VAL A 89 -0.17 4.10 -6.68
C VAL A 89 -0.82 5.13 -5.74
N LEU A 90 -0.34 6.41 -5.55
CA LEU A 90 -1.07 7.38 -4.68
C LEU A 90 -2.44 7.86 -5.24
N GLU A 91 -2.48 8.02 -6.60
CA GLU A 91 -3.67 8.29 -7.43
C GLU A 91 -4.75 7.23 -7.27
N ALA A 92 -4.37 5.90 -7.36
CA ALA A 92 -5.16 4.70 -7.06
C ALA A 92 -5.69 4.63 -5.63
N LEU A 93 -4.77 4.85 -4.62
CA LEU A 93 -4.98 4.90 -3.15
C LEU A 93 -6.16 5.77 -2.72
N THR A 94 -6.36 6.96 -3.36
CA THR A 94 -7.64 7.72 -3.23
C THR A 94 -8.55 7.74 -4.46
N TYR A 95 -8.31 6.94 -5.54
CA TYR A 95 -9.18 6.88 -6.74
C TYR A 95 -10.43 6.08 -6.44
N LYS A 96 -10.20 4.94 -5.74
CA LYS A 96 -11.24 4.02 -5.32
C LYS A 96 -11.08 3.95 -3.80
N PRO A 97 -11.81 4.75 -2.97
CA PRO A 97 -11.59 4.90 -1.53
C PRO A 97 -11.79 3.64 -0.69
N LEU A 98 -11.02 3.52 0.43
CA LEU A 98 -10.95 2.33 1.26
C LEU A 98 -12.17 2.09 2.16
N MET A 99 -12.95 1.09 1.73
CA MET A 99 -14.15 0.58 2.30
C MET A 99 -14.18 -0.92 2.09
N PHE A 100 -14.48 -1.69 3.17
CA PHE A 100 -14.67 -3.13 3.16
C PHE A 100 -15.93 -3.35 4.03
N GLU A 101 -16.98 -3.95 3.42
CA GLU A 101 -18.30 -4.39 3.92
C GLU A 101 -19.24 -3.27 4.36
N GLY A 102 -19.02 -2.07 3.77
CA GLY A 102 -19.70 -0.81 4.06
C GLY A 102 -18.97 0.03 5.09
N PHE A 103 -17.83 -0.49 5.61
CA PHE A 103 -17.07 0.20 6.68
C PHE A 103 -15.85 0.88 6.08
N THR A 104 -15.71 2.21 6.33
CA THR A 104 -14.68 3.11 5.79
C THR A 104 -13.52 3.36 6.76
N PHE A 105 -12.27 3.46 6.21
CA PHE A 105 -11.04 3.68 6.99
C PHE A 105 -10.29 4.85 6.38
N VAL A 106 -9.64 5.66 7.23
CA VAL A 106 -9.05 6.96 6.90
C VAL A 106 -7.55 6.79 6.87
N ALA A 107 -6.86 7.09 5.72
CA ALA A 107 -5.40 6.97 5.56
C ALA A 107 -4.60 8.19 6.06
N LYS A 108 -3.45 7.95 6.76
CA LYS A 108 -2.61 9.01 7.34
C LYS A 108 -1.43 9.50 6.48
N LYS A 109 -1.67 10.65 5.79
CA LYS A 109 -0.70 11.43 5.02
C LYS A 109 -0.15 10.81 3.71
N LEU A 110 1.20 10.72 3.60
CA LEU A 110 1.97 10.23 2.48
C LEU A 110 3.28 9.70 3.08
N VAL A 111 4.17 9.10 2.23
CA VAL A 111 5.43 8.43 2.55
C VAL A 111 6.66 9.34 2.82
N LEU A 112 6.47 10.41 3.67
CA LEU A 112 7.44 11.43 4.11
C LEU A 112 8.39 12.05 3.05
N ALA A 113 9.73 11.82 3.17
CA ALA A 113 10.74 12.34 2.25
C ALA A 113 11.42 11.21 1.47
N GLN A 114 10.77 10.01 1.42
CA GLN A 114 11.27 8.78 0.80
C GLN A 114 11.04 8.68 -0.71
N VAL A 115 10.64 9.80 -1.36
CA VAL A 115 10.49 9.98 -2.80
C VAL A 115 11.50 11.06 -3.19
N ILE A 116 12.50 10.68 -4.02
CA ILE A 116 13.56 11.53 -4.56
C ILE A 116 13.63 11.10 -6.02
N THR A 117 14.11 11.99 -6.92
CA THR A 117 14.26 11.80 -8.36
C THR A 117 15.73 11.69 -8.71
N ASP A 118 16.13 10.81 -9.66
CA ASP A 118 17.50 10.60 -10.10
C ASP A 118 17.74 11.37 -11.38
N THR A 119 18.77 12.25 -11.39
CA THR A 119 19.19 13.12 -12.51
C THR A 119 19.84 12.40 -13.69
N ASP A 120 20.39 11.19 -13.46
CA ASP A 120 21.05 10.33 -14.43
C ASP A 120 20.10 9.36 -15.15
N GLY A 121 18.80 9.25 -14.71
CA GLY A 121 17.80 8.37 -15.32
C GLY A 121 17.76 6.97 -14.77
N VAL A 122 18.63 6.69 -13.75
CA VAL A 122 18.85 5.46 -12.99
C VAL A 122 17.66 4.99 -12.13
N THR A 123 17.53 3.65 -11.89
CA THR A 123 16.44 2.97 -11.14
C THR A 123 16.07 3.57 -9.79
N LYS A 124 14.76 3.56 -9.47
CA LYS A 124 14.22 4.04 -8.23
C LYS A 124 13.39 2.90 -7.67
N HIS A 125 13.49 2.74 -6.34
CA HIS A 125 12.82 1.72 -5.54
C HIS A 125 12.27 2.46 -4.34
N GLY A 126 10.97 2.30 -4.07
CA GLY A 126 10.29 2.94 -2.97
C GLY A 126 9.49 1.94 -2.20
N ILE A 127 9.44 2.13 -0.86
CA ILE A 127 8.65 1.36 0.07
C ILE A 127 7.66 2.37 0.62
N ILE A 128 6.36 2.12 0.33
CA ILE A 128 5.26 2.98 0.69
C ILE A 128 4.53 2.30 1.84
N LYS A 129 4.53 2.93 3.05
CA LYS A 129 3.79 2.45 4.20
C LYS A 129 2.57 3.29 4.34
N VAL A 130 1.41 2.62 4.51
CA VAL A 130 0.18 3.33 4.79
C VAL A 130 -0.27 2.82 6.14
N ARG A 131 -0.61 3.83 6.98
CA ARG A 131 -1.15 3.73 8.31
C ARG A 131 -2.53 4.35 8.16
N PHE A 132 -3.56 3.56 8.55
CA PHE A 132 -4.98 3.85 8.37
C PHE A 132 -5.62 3.74 9.74
N THR A 133 -6.47 4.72 10.13
CA THR A 133 -7.02 4.81 11.49
C THR A 133 -8.53 5.02 11.43
N ILE A 134 -9.30 4.41 12.37
CA ILE A 134 -10.76 4.58 12.46
C ILE A 134 -11.09 5.06 13.86
N ASN A 135 -11.63 6.32 13.98
CA ASN A 135 -12.04 6.94 15.24
C ASN A 135 -13.49 6.61 15.56
N ASN A 136 -14.32 6.61 14.49
CA ASN A 136 -15.75 6.33 14.42
C ASN A 136 -16.63 7.51 14.80
N ASN A 137 -16.60 8.58 13.96
CA ASN A 137 -17.42 9.79 14.10
C ASN A 137 -18.32 9.92 12.87
N THR A 138 -18.70 8.76 12.27
CA THR A 138 -19.56 8.62 11.10
C THR A 138 -20.81 7.85 11.55
N GLY A 139 -21.95 8.56 11.69
CA GLY A 139 -23.24 8.00 12.15
C GLY A 139 -23.53 8.34 13.59
N GLN A 1 -14.70 -22.72 13.63
CA GLN A 1 -13.71 -23.54 14.28
C GLN A 1 -12.60 -22.67 14.81
N GLY A 2 -12.76 -21.33 14.65
CA GLY A 2 -11.83 -20.30 15.11
C GLY A 2 -12.19 -19.00 14.44
N LEU A 3 -12.16 -17.86 15.18
CA LEU A 3 -12.48 -16.53 14.69
C LEU A 3 -11.92 -15.58 15.74
N GLN A 4 -11.85 -14.26 15.46
CA GLN A 4 -11.44 -13.22 16.39
C GLN A 4 -12.43 -12.08 16.13
N THR A 5 -12.79 -11.25 17.14
CA THR A 5 -13.75 -10.13 17.03
C THR A 5 -13.23 -8.81 16.44
N TRP A 6 -12.03 -8.83 15.83
CA TRP A 6 -11.41 -7.72 15.15
C TRP A 6 -10.21 -8.30 14.41
N LYS A 7 -9.63 -7.51 13.46
CA LYS A 7 -8.46 -7.76 12.61
C LYS A 7 -8.84 -8.13 11.17
N LEU A 8 -10.03 -8.75 10.95
CA LEU A 8 -10.60 -9.17 9.67
C LEU A 8 -11.04 -8.02 8.79
N ALA A 9 -11.71 -6.99 9.37
CA ALA A 9 -12.19 -5.78 8.68
C ALA A 9 -11.08 -4.84 8.20
N SER A 10 -10.04 -4.62 9.06
CA SER A 10 -8.86 -3.80 8.80
C SER A 10 -8.01 -4.28 7.64
N ARG A 11 -7.71 -5.60 7.61
CA ARG A 11 -6.99 -6.35 6.58
C ARG A 11 -7.79 -6.57 5.29
N ALA A 12 -9.13 -6.80 5.41
CA ALA A 12 -10.10 -6.73 4.32
C ALA A 12 -10.14 -5.38 3.52
N LEU A 13 -9.66 -4.24 4.13
CA LEU A 13 -9.27 -3.01 3.39
C LEU A 13 -8.13 -3.20 2.39
N GLN A 14 -7.15 -4.15 2.63
CA GLN A 14 -6.09 -4.55 1.71
C GLN A 14 -6.68 -5.32 0.54
N LYS A 15 -7.73 -6.14 0.81
CA LYS A 15 -8.61 -6.72 -0.24
C LYS A 15 -9.41 -5.67 -1.07
N ALA A 16 -9.96 -4.60 -0.42
CA ALA A 16 -10.62 -3.45 -1.04
C ALA A 16 -9.67 -2.57 -1.84
N THR A 17 -8.39 -2.50 -1.35
CA THR A 17 -7.21 -1.84 -1.93
C THR A 17 -6.75 -2.60 -3.17
N VAL A 18 -6.77 -3.97 -3.13
CA VAL A 18 -6.63 -4.88 -4.28
C VAL A 18 -7.77 -4.68 -5.30
N GLU A 19 -9.00 -4.30 -4.84
CA GLU A 19 -10.10 -3.86 -5.70
C GLU A 19 -9.91 -2.52 -6.43
N ASN A 20 -9.26 -1.48 -5.81
CA ASN A 20 -8.73 -0.30 -6.57
C ASN A 20 -7.59 -0.66 -7.53
N LEU A 21 -6.67 -1.62 -7.19
CA LEU A 21 -5.62 -2.11 -8.10
C LEU A 21 -6.12 -2.86 -9.33
N GLU A 22 -7.23 -3.66 -9.18
CA GLU A 22 -7.91 -4.32 -10.30
C GLU A 22 -8.88 -3.39 -11.02
N SER A 23 -9.46 -2.34 -10.31
CA SER A 23 -10.39 -1.40 -10.94
C SER A 23 -9.71 -0.27 -11.69
N TYR A 24 -8.42 0.00 -11.39
CA TYR A 24 -7.64 1.07 -12.01
C TYR A 24 -6.88 0.53 -13.23
N GLN A 25 -7.51 0.69 -14.43
CA GLN A 25 -7.05 0.35 -15.77
C GLN A 25 -5.69 0.87 -16.26
N PRO A 26 -5.21 2.11 -15.97
CA PRO A 26 -3.83 2.56 -16.19
C PRO A 26 -2.78 1.80 -15.35
N LEU A 27 -3.15 1.10 -14.22
CA LEU A 27 -2.21 0.36 -13.37
C LEU A 27 -1.74 -0.97 -13.97
N MET A 28 -2.53 -1.51 -14.95
CA MET A 28 -2.34 -2.72 -15.75
C MET A 28 -1.16 -2.67 -16.70
N GLU A 29 -0.85 -1.42 -17.13
CA GLU A 29 0.20 -1.02 -18.04
C GLU A 29 1.47 -0.59 -17.29
N MET A 30 1.34 -0.40 -15.96
CA MET A 30 2.39 -0.01 -15.01
C MET A 30 2.93 -1.15 -14.15
N VAL A 31 2.09 -2.14 -13.74
CA VAL A 31 2.58 -3.28 -12.94
C VAL A 31 2.25 -4.58 -13.65
N ASN A 32 3.13 -5.60 -13.54
CA ASN A 32 2.93 -6.93 -14.11
C ASN A 32 2.52 -7.97 -13.07
N GLN A 33 3.25 -7.83 -11.96
CA GLN A 33 3.46 -8.66 -10.80
C GLN A 33 2.95 -8.13 -9.49
N VAL A 34 1.76 -7.50 -9.42
CA VAL A 34 1.23 -6.90 -8.20
C VAL A 34 0.50 -7.97 -7.34
N THR A 35 1.10 -8.30 -6.16
CA THR A 35 0.62 -9.39 -5.31
C THR A 35 0.79 -9.16 -3.81
N GLU A 36 0.01 -9.96 -3.02
CA GLU A 36 0.02 -10.06 -1.57
C GLU A 36 0.60 -11.43 -1.19
N SER A 37 1.74 -11.78 -1.83
CA SER A 37 2.44 -13.04 -1.71
C SER A 37 3.92 -12.78 -1.99
N PRO A 38 4.87 -13.71 -1.74
CA PRO A 38 6.29 -13.55 -2.05
C PRO A 38 6.57 -13.60 -3.58
N GLY A 39 7.51 -12.76 -4.10
CA GLY A 39 7.71 -12.63 -5.52
C GLY A 39 8.47 -11.37 -5.73
N LYS A 40 9.62 -11.22 -4.99
CA LYS A 40 10.52 -10.07 -5.00
C LYS A 40 11.54 -10.16 -6.13
N ASP A 41 11.63 -11.37 -6.74
CA ASP A 41 12.45 -11.82 -7.83
C ASP A 41 11.66 -11.99 -9.13
N ASP A 42 10.41 -11.42 -9.18
CA ASP A 42 9.49 -11.53 -10.33
C ASP A 42 9.71 -10.39 -11.35
N PRO A 43 9.18 -10.39 -12.62
CA PRO A 43 9.55 -9.45 -13.70
C PRO A 43 9.23 -7.96 -13.51
N TYR A 44 10.18 -7.08 -13.92
CA TYR A 44 10.19 -5.62 -13.82
C TYR A 44 9.40 -4.90 -14.92
N PRO A 45 8.43 -3.97 -14.66
CA PRO A 45 7.94 -3.44 -13.37
C PRO A 45 6.90 -4.33 -12.64
N TYR A 46 6.87 -4.30 -11.26
CA TYR A 46 6.03 -5.17 -10.43
C TYR A 46 5.92 -4.67 -8.96
N VAL A 47 4.95 -5.23 -8.15
CA VAL A 47 4.71 -4.81 -6.76
C VAL A 47 4.46 -5.99 -5.81
N VAL A 48 5.06 -5.91 -4.59
CA VAL A 48 4.66 -6.73 -3.43
C VAL A 48 4.17 -5.78 -2.34
N ILE A 49 3.13 -6.25 -1.61
CA ILE A 49 2.46 -5.59 -0.50
C ILE A 49 2.83 -6.36 0.76
N GLY A 50 3.15 -5.66 1.87
CA GLY A 50 3.46 -6.33 3.11
C GLY A 50 4.06 -5.39 4.11
N ASP A 51 5.32 -5.70 4.49
CA ASP A 51 6.17 -5.00 5.44
C ASP A 51 7.57 -5.09 4.86
N GLN A 52 8.42 -4.05 5.12
CA GLN A 52 9.74 -3.82 4.55
C GLN A 52 10.94 -4.47 5.26
N SER A 53 11.94 -4.95 4.44
CA SER A 53 13.20 -5.66 4.72
C SER A 53 14.16 -5.15 5.81
N SER A 54 14.07 -3.86 6.27
CA SER A 54 14.84 -3.31 7.39
C SER A 54 14.17 -3.61 8.73
N THR A 55 12.81 -3.78 8.74
CA THR A 55 11.92 -4.20 9.82
C THR A 55 11.42 -3.12 10.81
N PRO A 56 10.09 -2.94 11.06
CA PRO A 56 9.56 -2.05 12.10
C PRO A 56 9.53 -2.76 13.48
N PHE A 57 10.01 -2.09 14.55
CA PHE A 57 10.03 -2.66 15.90
C PHE A 57 9.46 -1.63 16.88
N GLU A 58 8.65 -2.11 17.86
CA GLU A 58 8.00 -1.39 18.95
C GLU A 58 6.82 -0.50 18.54
N THR A 59 5.73 -1.13 18.05
CA THR A 59 4.51 -0.45 17.63
C THR A 59 3.38 -1.05 18.43
N LYS A 60 2.79 -0.29 19.40
CA LYS A 60 1.72 -0.74 20.30
C LYS A 60 0.33 -0.67 19.66
N SER A 61 0.16 -1.42 18.55
CA SER A 61 -1.01 -1.55 17.69
C SER A 61 -1.85 -2.78 18.05
N SER A 62 -1.54 -3.41 19.21
CA SER A 62 -2.14 -4.61 19.82
C SER A 62 -3.59 -4.48 20.30
N PHE A 63 -3.98 -3.28 20.78
CA PHE A 63 -5.31 -3.01 21.29
C PHE A 63 -5.60 -1.53 21.02
N GLY A 64 -5.49 -1.15 19.73
CA GLY A 64 -5.72 0.19 19.21
C GLY A 64 -6.18 -0.02 17.80
N GLU A 65 -7.22 0.70 17.35
CA GLU A 65 -7.92 0.56 16.08
C GLU A 65 -7.23 1.14 14.83
N ASN A 66 -6.08 0.54 14.44
CA ASN A 66 -5.35 0.93 13.23
C ASN A 66 -5.26 -0.21 12.21
N ILE A 67 -4.79 0.18 10.99
CA ILE A 67 -4.49 -0.62 9.81
C ILE A 67 -3.15 -0.01 9.37
N THR A 68 -2.12 -0.83 9.01
CA THR A 68 -0.83 -0.36 8.52
C THR A 68 -0.55 -1.18 7.27
N MET A 69 -0.21 -0.47 6.17
CA MET A 69 0.07 -1.01 4.86
C MET A 69 1.40 -0.49 4.39
N ASP A 70 2.31 -1.41 3.97
CA ASP A 70 3.50 -1.02 3.25
C ASP A 70 3.37 -1.69 1.88
N PHE A 71 3.86 -0.98 0.84
CA PHE A 71 3.96 -1.44 -0.52
C PHE A 71 5.42 -1.19 -0.89
N HIS A 72 6.01 -2.21 -1.57
CA HIS A 72 7.39 -2.23 -2.05
C HIS A 72 7.22 -2.36 -3.54
N VAL A 73 7.69 -1.35 -4.32
CA VAL A 73 7.37 -1.23 -5.72
C VAL A 73 8.68 -1.09 -6.47
N TRP A 74 8.92 -1.96 -7.50
CA TRP A 74 10.16 -1.79 -8.25
C TRP A 74 9.79 -1.63 -9.73
N GLY A 75 10.46 -0.67 -10.41
CA GLY A 75 10.36 -0.47 -11.85
C GLY A 75 11.75 -0.32 -12.37
N GLY A 76 11.88 -0.30 -13.72
CA GLY A 76 13.13 -0.13 -14.46
C GLY A 76 12.82 0.67 -15.70
N THR A 77 13.79 1.49 -16.19
CA THR A 77 13.79 2.38 -17.37
C THR A 77 14.48 3.68 -16.99
N THR A 78 13.97 4.41 -15.96
CA THR A 78 14.51 5.69 -15.52
C THR A 78 14.00 5.88 -14.10
N ARG A 79 14.68 6.70 -13.25
CA ARG A 79 14.35 7.08 -11.86
C ARG A 79 12.98 7.73 -11.63
N ALA A 80 12.53 8.56 -12.62
CA ALA A 80 11.26 9.26 -12.74
C ALA A 80 10.04 8.34 -12.86
N GLU A 81 10.21 7.17 -13.55
CA GLU A 81 9.24 6.08 -13.76
C GLU A 81 8.78 5.41 -12.46
N ALA A 82 9.69 5.33 -11.44
CA ALA A 82 9.45 4.85 -10.07
C ALA A 82 8.49 5.75 -9.28
N GLN A 83 8.57 7.09 -9.55
CA GLN A 83 7.69 8.13 -9.03
C GLN A 83 6.36 8.15 -9.74
N ASP A 84 6.36 7.85 -11.07
CA ASP A 84 5.18 7.66 -11.94
C ASP A 84 4.34 6.42 -11.57
N ILE A 85 5.00 5.24 -11.28
CA ILE A 85 4.35 3.99 -10.80
C ILE A 85 3.77 4.14 -9.38
N SER A 86 4.49 4.89 -8.49
CA SER A 86 4.06 5.28 -7.13
C SER A 86 2.90 6.27 -7.14
N SER A 87 2.90 7.26 -8.10
CA SER A 87 1.79 8.19 -8.46
C SER A 87 0.53 7.43 -8.93
N ARG A 88 0.73 6.30 -9.69
CA ARG A 88 -0.29 5.32 -10.09
C ARG A 88 -0.83 4.47 -8.92
N VAL A 89 0.01 3.92 -7.97
CA VAL A 89 -0.46 3.16 -6.78
C VAL A 89 -1.23 4.05 -5.77
N LEU A 90 -0.73 5.30 -5.50
CA LEU A 90 -1.31 6.41 -4.70
C LEU A 90 -2.65 6.92 -5.29
N GLU A 91 -2.68 7.09 -6.66
CA GLU A 91 -3.88 7.37 -7.47
C GLU A 91 -4.93 6.25 -7.40
N ALA A 92 -4.54 4.93 -7.43
CA ALA A 92 -5.43 3.78 -7.15
C ALA A 92 -6.05 3.84 -5.73
N LEU A 93 -5.22 4.03 -4.63
CA LEU A 93 -5.69 4.15 -3.23
C LEU A 93 -6.79 5.19 -2.95
N THR A 94 -6.69 6.40 -3.60
CA THR A 94 -7.79 7.39 -3.56
C THR A 94 -8.66 7.39 -4.82
N TYR A 95 -8.51 6.42 -5.76
CA TYR A 95 -9.30 6.30 -7.00
C TYR A 95 -10.63 5.70 -6.63
N LYS A 96 -10.59 4.59 -5.86
CA LYS A 96 -11.82 4.10 -5.26
C LYS A 96 -11.57 4.20 -3.76
N PRO A 97 -12.25 5.05 -2.93
CA PRO A 97 -11.92 5.28 -1.51
C PRO A 97 -12.04 4.04 -0.62
N LEU A 98 -11.21 3.95 0.46
CA LEU A 98 -11.10 2.73 1.28
C LEU A 98 -12.28 2.43 2.21
N MET A 99 -13.06 1.40 1.83
CA MET A 99 -14.22 0.90 2.52
C MET A 99 -14.34 -0.62 2.40
N PHE A 100 -14.76 -1.30 3.48
CA PHE A 100 -15.03 -2.73 3.52
C PHE A 100 -16.34 -2.91 4.30
N GLU A 101 -17.45 -3.31 3.64
CA GLU A 101 -18.80 -3.63 4.14
C GLU A 101 -19.58 -2.46 4.73
N GLY A 102 -19.07 -1.23 4.50
CA GLY A 102 -19.52 0.01 5.11
C GLY A 102 -18.52 0.50 6.11
N PHE A 103 -17.38 -0.22 6.37
CA PHE A 103 -16.41 0.25 7.38
C PHE A 103 -15.33 1.07 6.69
N THR A 104 -15.11 2.36 7.12
CA THR A 104 -14.19 3.34 6.54
C THR A 104 -12.92 3.51 7.36
N PHE A 105 -11.76 3.62 6.65
CA PHE A 105 -10.41 3.76 7.18
C PHE A 105 -9.73 4.88 6.41
N VAL A 106 -9.36 5.98 7.13
CA VAL A 106 -8.79 7.22 6.58
C VAL A 106 -7.34 7.31 6.99
N ALA A 107 -6.46 7.89 6.12
CA ALA A 107 -5.00 7.92 6.26
C ALA A 107 -4.46 8.99 7.20
N LYS A 108 -3.67 8.55 8.21
CA LYS A 108 -3.04 9.38 9.22
C LYS A 108 -1.66 8.79 9.51
N LYS A 109 -0.59 9.31 8.84
CA LYS A 109 0.83 8.93 8.87
C LYS A 109 1.23 8.31 7.52
N LEU A 110 2.14 9.01 6.78
CA LEU A 110 2.59 8.62 5.46
C LEU A 110 4.03 9.11 5.41
N VAL A 111 4.91 8.34 4.70
CA VAL A 111 6.36 8.52 4.47
C VAL A 111 7.14 7.44 5.24
N LEU A 112 8.38 7.10 4.75
CA LEU A 112 9.34 6.12 5.23
C LEU A 112 10.56 6.41 4.36
N ALA A 113 11.66 5.60 4.39
CA ALA A 113 12.85 5.85 3.57
C ALA A 113 13.71 4.59 3.50
N GLN A 114 14.96 4.75 2.95
CA GLN A 114 16.07 3.79 2.81
C GLN A 114 16.43 3.48 1.35
N VAL A 115 17.75 3.32 1.08
CA VAL A 115 18.36 2.93 -0.19
C VAL A 115 19.03 1.58 0.09
N ILE A 116 18.76 0.56 -0.76
CA ILE A 116 19.34 -0.77 -0.69
C ILE A 116 20.26 -0.94 -1.89
N THR A 117 21.44 -1.57 -1.70
CA THR A 117 22.49 -1.81 -2.69
C THR A 117 22.33 -3.15 -3.42
N ASP A 118 22.08 -3.13 -4.76
CA ASP A 118 21.97 -4.32 -5.63
C ASP A 118 23.25 -4.60 -6.44
N THR A 119 23.33 -5.77 -7.12
CA THR A 119 24.40 -6.34 -7.97
C THR A 119 24.97 -5.47 -9.08
N ASP A 120 24.12 -4.59 -9.66
CA ASP A 120 24.44 -3.62 -10.71
C ASP A 120 24.95 -2.29 -10.20
N GLY A 121 24.80 -1.98 -8.87
CA GLY A 121 25.27 -0.79 -8.16
C GLY A 121 24.46 0.48 -8.30
N VAL A 122 23.42 0.46 -9.16
CA VAL A 122 22.46 1.53 -9.36
C VAL A 122 21.11 0.84 -9.20
N THR A 123 20.50 1.01 -7.99
CA THR A 123 19.25 0.40 -7.56
C THR A 123 18.05 1.28 -7.85
N LYS A 124 16.96 0.75 -8.48
CA LYS A 124 15.72 1.53 -8.56
C LYS A 124 14.68 0.81 -7.71
N HIS A 125 14.32 1.43 -6.56
CA HIS A 125 13.33 0.94 -5.62
C HIS A 125 12.48 2.10 -5.18
N GLY A 126 11.14 1.90 -5.07
CA GLY A 126 10.22 2.80 -4.41
C GLY A 126 9.67 2.07 -3.22
N ILE A 127 9.61 2.75 -2.06
CA ILE A 127 9.05 2.24 -0.83
C ILE A 127 8.00 3.26 -0.48
N ILE A 128 6.76 2.79 -0.25
CA ILE A 128 5.61 3.61 0.04
C ILE A 128 4.95 2.92 1.22
N LYS A 129 4.74 3.66 2.32
CA LYS A 129 4.22 3.15 3.58
C LYS A 129 3.13 4.10 4.00
N VAL A 130 1.97 3.55 4.42
CA VAL A 130 0.82 4.32 4.84
C VAL A 130 0.11 3.62 5.99
N ARG A 131 -0.35 4.43 6.97
CA ARG A 131 -1.13 4.02 8.13
C ARG A 131 -2.47 4.75 8.06
N PHE A 132 -3.56 4.02 8.41
CA PHE A 132 -4.94 4.49 8.38
C PHE A 132 -5.56 4.31 9.77
N THR A 133 -6.57 5.16 10.10
CA THR A 133 -7.34 5.11 11.33
C THR A 133 -8.75 4.65 11.04
N ILE A 134 -9.32 3.81 11.92
CA ILE A 134 -10.71 3.40 11.89
C ILE A 134 -11.20 3.74 13.29
N ASN A 135 -12.20 4.67 13.37
CA ASN A 135 -12.83 5.27 14.54
C ASN A 135 -12.07 6.50 15.01
N ASN A 136 -12.80 7.44 15.66
CA ASN A 136 -12.23 8.71 16.11
C ASN A 136 -12.41 8.87 17.60
N ASN A 137 -13.48 9.58 18.05
CA ASN A 137 -13.77 9.91 19.45
C ASN A 137 -14.42 8.80 20.29
N THR A 138 -15.19 7.89 19.63
CA THR A 138 -15.82 6.70 20.24
C THR A 138 -15.22 5.49 19.54
N GLY A 139 -14.85 4.43 20.30
CA GLY A 139 -14.30 3.18 19.78
C GLY A 139 -12.79 3.19 19.66
N GLN A 1 -22.71 -15.03 20.08
CA GLN A 1 -22.69 -14.30 18.84
C GLN A 1 -22.06 -12.93 19.10
N GLY A 2 -21.60 -12.70 20.34
CA GLY A 2 -20.94 -11.50 20.82
C GLY A 2 -19.46 -11.74 20.98
N LEU A 3 -18.66 -10.64 20.96
CA LEU A 3 -17.21 -10.56 21.08
C LEU A 3 -16.49 -10.83 19.75
N GLN A 4 -17.15 -10.49 18.61
CA GLN A 4 -16.68 -10.60 17.23
C GLN A 4 -15.70 -9.47 16.88
N THR A 5 -14.41 -9.68 17.23
CA THR A 5 -13.29 -8.74 17.08
C THR A 5 -12.71 -8.71 15.67
N TRP A 6 -13.30 -7.88 14.75
CA TRP A 6 -12.88 -7.74 13.36
C TRP A 6 -11.62 -6.89 13.14
N LYS A 7 -10.49 -7.38 13.74
CA LYS A 7 -9.10 -6.93 13.62
C LYS A 7 -8.52 -7.32 12.25
N LEU A 8 -9.29 -8.22 11.58
CA LEU A 8 -9.20 -8.72 10.23
C LEU A 8 -9.65 -7.66 9.22
N ALA A 9 -10.58 -6.73 9.62
CA ALA A 9 -11.12 -5.63 8.79
C ALA A 9 -10.09 -4.60 8.35
N SER A 10 -9.11 -4.31 9.25
CA SER A 10 -7.97 -3.40 9.04
C SER A 10 -7.01 -3.89 7.94
N ARG A 11 -6.64 -5.16 8.00
CA ARG A 11 -5.84 -5.93 7.06
C ARG A 11 -6.57 -6.32 5.74
N ALA A 12 -7.89 -6.70 5.84
CA ALA A 12 -8.83 -6.88 4.74
C ALA A 12 -9.07 -5.60 3.90
N LEU A 13 -8.83 -4.39 4.50
CA LEU A 13 -8.73 -3.11 3.78
C LEU A 13 -7.49 -3.02 2.89
N GLN A 14 -6.36 -3.74 3.22
CA GLN A 14 -5.17 -3.91 2.36
C GLN A 14 -5.51 -4.68 1.09
N LYS A 15 -6.33 -5.78 1.22
CA LYS A 15 -6.89 -6.49 0.02
C LYS A 15 -7.87 -5.62 -0.81
N ALA A 16 -8.60 -4.67 -0.15
CA ALA A 16 -9.36 -3.61 -0.82
C ALA A 16 -8.49 -2.52 -1.47
N THR A 17 -7.29 -2.16 -0.90
CA THR A 17 -6.25 -1.31 -1.55
C THR A 17 -5.60 -2.03 -2.72
N VAL A 18 -5.33 -3.36 -2.58
CA VAL A 18 -4.83 -4.23 -3.64
C VAL A 18 -5.81 -4.44 -4.77
N GLU A 19 -7.12 -4.58 -4.42
CA GLU A 19 -8.19 -4.60 -5.40
C GLU A 19 -8.47 -3.24 -6.07
N ASN A 20 -8.20 -2.08 -5.37
CA ASN A 20 -8.17 -0.72 -5.96
C ASN A 20 -7.05 -0.57 -7.00
N LEU A 21 -5.82 -1.07 -6.69
CA LEU A 21 -4.69 -1.08 -7.61
C LEU A 21 -4.90 -1.96 -8.85
N GLU A 22 -5.69 -3.06 -8.66
CA GLU A 22 -6.24 -3.92 -9.71
C GLU A 22 -7.39 -3.26 -10.49
N SER A 23 -8.24 -2.39 -9.84
CA SER A 23 -9.38 -1.69 -10.43
C SER A 23 -9.04 -0.43 -11.19
N TYR A 24 -7.84 0.19 -10.98
CA TYR A 24 -7.46 1.42 -11.65
C TYR A 24 -6.79 1.13 -13.01
N GLN A 25 -7.57 1.26 -14.11
CA GLN A 25 -7.19 1.01 -15.52
C GLN A 25 -5.83 1.46 -16.07
N PRO A 26 -5.23 2.68 -15.95
CA PRO A 26 -3.82 2.94 -16.27
C PRO A 26 -2.79 2.26 -15.34
N LEU A 27 -3.11 1.85 -14.06
CA LEU A 27 -2.19 1.24 -13.10
C LEU A 27 -1.80 -0.18 -13.48
N MET A 28 -2.78 -0.85 -14.11
CA MET A 28 -2.74 -2.13 -14.85
C MET A 28 -1.72 -2.16 -16.01
N GLU A 29 -1.43 -0.97 -16.63
CA GLU A 29 -0.45 -0.74 -17.68
C GLU A 29 0.91 -0.26 -17.13
N MET A 30 0.93 0.17 -15.85
CA MET A 30 2.08 0.66 -15.10
C MET A 30 2.73 -0.46 -14.30
N VAL A 31 1.91 -1.38 -13.70
CA VAL A 31 2.37 -2.59 -13.01
C VAL A 31 1.46 -3.70 -13.53
N ASN A 32 2.04 -4.92 -13.68
CA ASN A 32 1.43 -6.15 -14.23
C ASN A 32 0.98 -7.15 -13.17
N GLN A 33 1.88 -7.28 -12.19
CA GLN A 33 1.99 -8.16 -11.06
C GLN A 33 1.51 -7.61 -9.74
N VAL A 34 0.36 -6.88 -9.71
CA VAL A 34 -0.17 -6.31 -8.48
C VAL A 34 -1.01 -7.41 -7.82
N THR A 35 -0.40 -7.92 -6.72
CA THR A 35 -0.84 -9.11 -6.00
C THR A 35 -0.55 -9.00 -4.51
N GLU A 36 -1.13 -9.96 -3.73
CA GLU A 36 -0.94 -10.18 -2.32
C GLU A 36 0.02 -11.36 -2.04
N SER A 37 0.28 -12.25 -3.04
CA SER A 37 1.18 -13.39 -2.89
C SER A 37 1.47 -14.07 -4.23
N PRO A 38 0.60 -14.76 -5.02
CA PRO A 38 0.99 -15.39 -6.29
C PRO A 38 1.23 -14.33 -7.39
N GLY A 39 2.32 -14.45 -8.18
CA GLY A 39 2.78 -13.39 -9.08
C GLY A 39 3.91 -12.58 -8.48
N LYS A 40 4.43 -12.96 -7.27
CA LYS A 40 5.50 -12.26 -6.56
C LYS A 40 6.91 -12.54 -7.09
N ASP A 41 7.08 -13.70 -7.78
CA ASP A 41 8.30 -14.20 -8.41
C ASP A 41 8.35 -13.91 -9.91
N ASP A 42 7.43 -13.06 -10.42
CA ASP A 42 7.34 -12.63 -11.82
C ASP A 42 8.18 -11.37 -12.04
N PRO A 43 8.54 -10.92 -13.28
CA PRO A 43 9.43 -9.78 -13.50
C PRO A 43 8.74 -8.42 -13.44
N TYR A 44 9.54 -7.32 -13.28
CA TYR A 44 9.19 -5.90 -13.20
C TYR A 44 8.57 -5.30 -14.49
N PRO A 45 7.64 -4.32 -14.43
CA PRO A 45 7.10 -3.66 -13.24
C PRO A 45 5.97 -4.45 -12.53
N TYR A 46 5.89 -4.31 -11.17
CA TYR A 46 4.88 -4.99 -10.35
C TYR A 46 4.75 -4.47 -8.89
N VAL A 47 3.64 -4.90 -8.15
CA VAL A 47 3.41 -4.49 -6.75
C VAL A 47 3.01 -5.70 -5.93
N VAL A 48 3.70 -5.93 -4.80
CA VAL A 48 3.35 -6.97 -3.83
C VAL A 48 3.04 -6.34 -2.48
N ILE A 49 2.04 -6.93 -1.75
CA ILE A 49 1.67 -6.65 -0.36
C ILE A 49 2.64 -7.33 0.59
N GLY A 50 2.98 -6.59 1.65
CA GLY A 50 3.80 -7.07 2.74
C GLY A 50 3.59 -6.15 3.89
N ASP A 51 4.48 -6.28 4.88
CA ASP A 51 4.49 -5.44 6.05
C ASP A 51 5.97 -5.30 6.37
N GLN A 52 6.45 -4.14 6.89
CA GLN A 52 7.87 -3.88 7.12
C GLN A 52 8.32 -4.36 8.49
N SER A 53 9.39 -5.19 8.55
CA SER A 53 9.91 -5.76 9.79
C SER A 53 11.41 -5.55 9.83
N SER A 54 11.96 -5.61 11.07
CA SER A 54 13.35 -5.45 11.50
C SER A 54 13.27 -5.30 13.00
N THR A 55 12.33 -4.44 13.45
CA THR A 55 11.93 -4.22 14.85
C THR A 55 10.76 -5.14 15.23
N PRO A 56 9.56 -5.19 14.58
CA PRO A 56 8.48 -6.09 15.00
C PRO A 56 8.74 -7.56 14.60
N PHE A 57 8.94 -8.39 15.65
CA PHE A 57 9.03 -9.84 15.66
C PHE A 57 8.16 -10.19 16.85
N GLU A 58 6.89 -10.65 16.60
CA GLU A 58 5.83 -10.93 17.57
C GLU A 58 5.34 -9.67 18.33
N THR A 59 5.48 -8.49 17.70
CA THR A 59 5.19 -7.18 18.30
C THR A 59 4.32 -6.37 17.35
N LYS A 60 3.57 -5.36 17.89
CA LYS A 60 2.62 -4.48 17.20
C LYS A 60 3.26 -3.36 16.38
N SER A 61 2.52 -2.89 15.35
CA SER A 61 2.86 -1.88 14.38
C SER A 61 2.64 -0.45 14.85
N SER A 62 1.44 -0.11 15.39
CA SER A 62 1.17 1.20 15.98
C SER A 62 -0.15 1.18 16.71
N PHE A 63 -0.04 1.06 18.06
CA PHE A 63 -1.10 1.05 19.07
C PHE A 63 -1.89 -0.25 19.16
N GLY A 64 -2.72 -0.51 18.12
CA GLY A 64 -3.69 -1.60 18.03
C GLY A 64 -4.94 -1.05 17.39
N GLU A 65 -5.29 0.21 17.72
CA GLU A 65 -6.45 0.97 17.25
C GLU A 65 -6.12 1.84 16.02
N ASN A 66 -5.49 1.23 15.01
CA ASN A 66 -5.07 1.87 13.78
C ASN A 66 -4.98 0.69 12.83
N ILE A 67 -5.04 0.98 11.51
CA ILE A 67 -4.93 0.05 10.40
C ILE A 67 -3.56 0.36 9.85
N THR A 68 -2.67 -0.66 9.81
CA THR A 68 -1.28 -0.55 9.37
C THR A 68 -1.02 -1.61 8.32
N MET A 69 -0.63 -1.23 7.06
CA MET A 69 -0.25 -2.21 6.06
C MET A 69 0.69 -1.57 5.06
N ASP A 70 1.44 -2.40 4.26
CA ASP A 70 2.44 -1.88 3.34
C ASP A 70 2.31 -2.58 2.00
N PHE A 71 2.93 -1.97 0.98
CA PHE A 71 3.08 -2.51 -0.36
C PHE A 71 4.56 -2.21 -0.72
N HIS A 72 5.16 -3.08 -1.56
CA HIS A 72 6.52 -3.02 -2.10
C HIS A 72 6.23 -2.75 -3.56
N VAL A 73 6.71 -1.59 -4.07
CA VAL A 73 6.34 -1.06 -5.37
C VAL A 73 7.63 -1.00 -6.11
N TRP A 74 7.82 -1.85 -7.17
CA TRP A 74 9.15 -1.78 -7.82
C TRP A 74 8.93 -1.74 -9.33
N GLY A 75 9.73 -0.90 -10.01
CA GLY A 75 9.73 -0.80 -11.47
C GLY A 75 11.11 -0.96 -12.04
N GLY A 76 11.16 -0.99 -13.40
CA GLY A 76 12.34 -1.08 -14.26
C GLY A 76 12.24 0.00 -15.33
N THR A 77 12.89 -0.19 -16.52
CA THR A 77 12.81 0.65 -17.73
C THR A 77 13.55 2.00 -17.69
N THR A 78 13.12 2.91 -16.77
CA THR A 78 13.67 4.26 -16.60
C THR A 78 13.29 4.74 -15.20
N ARG A 79 14.07 5.69 -14.61
CA ARG A 79 13.96 6.41 -13.31
C ARG A 79 12.60 7.08 -13.02
N ALA A 80 11.96 7.59 -14.11
CA ALA A 80 10.64 8.21 -14.23
C ALA A 80 9.49 7.22 -14.02
N GLU A 81 9.63 5.93 -14.47
CA GLU A 81 8.67 4.83 -14.36
C GLU A 81 8.31 4.43 -12.92
N ALA A 82 9.29 4.59 -11.99
CA ALA A 82 9.27 4.41 -10.55
C ALA A 82 8.42 5.48 -9.81
N GLN A 83 8.53 6.76 -10.28
CA GLN A 83 7.77 7.94 -9.84
C GLN A 83 6.34 7.86 -10.37
N ASP A 84 6.20 7.39 -11.66
CA ASP A 84 4.94 7.05 -12.35
C ASP A 84 4.19 5.91 -11.68
N ILE A 85 4.84 4.80 -11.21
CA ILE A 85 4.16 3.74 -10.42
C ILE A 85 3.71 4.23 -9.03
N SER A 86 4.54 4.99 -8.25
CA SER A 86 4.17 5.55 -6.94
C SER A 86 3.10 6.67 -6.99
N SER A 87 3.19 7.65 -7.95
CA SER A 87 2.21 8.71 -8.24
C SER A 87 0.88 8.19 -8.82
N ARG A 88 0.93 7.10 -9.64
CA ARG A 88 -0.23 6.37 -10.18
C ARG A 88 -0.89 5.48 -9.11
N VAL A 89 -0.09 4.96 -8.11
CA VAL A 89 -0.52 4.24 -6.88
C VAL A 89 -1.30 5.18 -5.94
N LEU A 90 -0.80 6.41 -5.58
CA LEU A 90 -1.54 7.40 -4.74
C LEU A 90 -2.82 7.96 -5.40
N GLU A 91 -2.77 8.17 -6.76
CA GLU A 91 -3.90 8.50 -7.62
C GLU A 91 -4.97 7.40 -7.62
N ALA A 92 -4.57 6.09 -7.75
CA ALA A 92 -5.40 4.90 -7.57
C ALA A 92 -6.02 4.80 -6.16
N LEU A 93 -5.18 4.85 -5.07
CA LEU A 93 -5.53 4.83 -3.62
C LEU A 93 -6.63 5.79 -3.18
N THR A 94 -6.76 7.00 -3.84
CA THR A 94 -8.01 7.80 -3.73
C THR A 94 -8.87 7.89 -4.99
N TYR A 95 -8.65 7.14 -6.10
CA TYR A 95 -9.54 7.13 -7.29
C TYR A 95 -10.79 6.30 -6.96
N LYS A 96 -10.53 5.13 -6.32
CA LYS A 96 -11.53 4.22 -5.77
C LYS A 96 -11.37 4.46 -4.26
N PRO A 97 -12.44 4.47 -3.42
CA PRO A 97 -12.36 4.79 -2.00
C PRO A 97 -11.87 3.59 -1.19
N LEU A 98 -11.27 3.81 0.01
CA LEU A 98 -10.79 2.68 0.82
C LEU A 98 -11.93 2.24 1.75
N MET A 99 -12.48 1.06 1.37
CA MET A 99 -13.69 0.51 1.89
C MET A 99 -13.58 -1.00 1.97
N PHE A 100 -14.01 -1.63 3.08
CA PHE A 100 -14.04 -3.08 3.25
C PHE A 100 -15.42 -3.40 3.85
N GLU A 101 -16.32 -4.02 3.05
CA GLU A 101 -17.68 -4.51 3.34
C GLU A 101 -18.73 -3.41 3.47
N GLY A 102 -18.38 -2.21 2.94
CA GLY A 102 -19.16 -0.99 3.04
C GLY A 102 -18.67 -0.08 4.13
N PHE A 103 -17.54 -0.42 4.81
CA PHE A 103 -17.01 0.39 5.92
C PHE A 103 -15.84 1.25 5.45
N THR A 104 -15.90 2.59 5.65
CA THR A 104 -14.94 3.62 5.24
C THR A 104 -13.89 3.97 6.29
N PHE A 105 -12.59 4.05 5.84
CA PHE A 105 -11.46 4.38 6.69
C PHE A 105 -10.59 5.41 5.98
N VAL A 106 -9.85 6.26 6.75
CA VAL A 106 -9.13 7.45 6.31
C VAL A 106 -7.64 7.22 6.29
N ALA A 107 -6.99 7.31 5.08
CA ALA A 107 -5.56 7.09 4.86
C ALA A 107 -4.58 8.24 5.12
N LYS A 108 -3.41 7.93 5.74
CA LYS A 108 -2.26 8.82 5.91
C LYS A 108 -1.05 8.16 5.23
N LYS A 109 -0.12 8.94 4.62
CA LYS A 109 1.09 8.37 4.02
C LYS A 109 2.21 9.40 3.92
N LEU A 110 2.16 10.27 2.89
CA LEU A 110 3.11 11.34 2.55
C LEU A 110 4.37 10.85 1.83
N VAL A 111 4.17 10.12 0.71
CA VAL A 111 5.18 9.62 -0.22
C VAL A 111 5.01 10.39 -1.52
N LEU A 112 5.96 11.32 -1.82
CA LEU A 112 5.92 12.23 -2.95
C LEU A 112 7.04 11.87 -3.93
N ALA A 113 7.70 12.88 -4.56
CA ALA A 113 8.77 12.72 -5.52
C ALA A 113 10.15 12.66 -4.88
N GLN A 114 10.33 11.77 -3.85
CA GLN A 114 11.56 11.55 -3.09
C GLN A 114 12.45 10.51 -3.77
N VAL A 115 12.71 10.75 -5.08
CA VAL A 115 13.44 9.96 -6.04
C VAL A 115 14.71 10.69 -6.44
N ILE A 116 15.85 9.95 -6.58
CA ILE A 116 17.17 10.48 -6.91
C ILE A 116 17.51 10.12 -8.36
N THR A 117 18.18 11.06 -9.09
CA THR A 117 18.64 10.98 -10.49
C THR A 117 19.88 10.12 -10.68
N ASP A 118 19.83 9.11 -11.59
CA ASP A 118 20.96 8.24 -11.91
C ASP A 118 21.30 8.49 -13.37
N THR A 119 22.61 8.49 -13.74
CA THR A 119 23.16 8.74 -15.07
C THR A 119 22.88 7.68 -16.13
N ASP A 120 22.56 6.44 -15.69
CA ASP A 120 22.18 5.29 -16.50
C ASP A 120 20.66 5.20 -16.73
N GLY A 121 19.85 5.89 -15.87
CA GLY A 121 18.38 5.85 -15.89
C GLY A 121 17.79 4.61 -15.23
N VAL A 122 18.39 4.18 -14.10
CA VAL A 122 18.04 3.01 -13.31
C VAL A 122 17.01 3.38 -12.25
N THR A 123 16.15 2.42 -11.88
CA THR A 123 15.05 2.62 -10.96
C THR A 123 15.38 2.57 -9.48
N LYS A 124 14.68 3.49 -8.79
CA LYS A 124 14.63 3.63 -7.35
C LYS A 124 13.30 2.99 -6.98
N HIS A 125 13.37 1.87 -6.24
CA HIS A 125 12.24 1.08 -5.74
C HIS A 125 12.01 1.50 -4.30
N GLY A 126 10.74 1.43 -3.84
CA GLY A 126 10.38 1.86 -2.51
C GLY A 126 9.54 0.81 -1.86
N ILE A 127 9.55 0.86 -0.50
CA ILE A 127 8.75 0.11 0.43
C ILE A 127 7.94 1.24 1.04
N ILE A 128 6.60 1.18 0.80
CA ILE A 128 5.66 2.23 1.12
C ILE A 128 4.68 1.68 2.14
N LYS A 129 4.68 2.30 3.36
CA LYS A 129 3.72 2.04 4.41
C LYS A 129 2.57 3.01 4.28
N VAL A 130 1.36 2.41 4.35
CA VAL A 130 0.12 3.14 4.44
C VAL A 130 -0.44 2.86 5.82
N ARG A 131 -0.76 3.94 6.55
CA ARG A 131 -1.36 3.93 7.86
C ARG A 131 -2.66 4.67 7.68
N PHE A 132 -3.76 4.04 8.10
CA PHE A 132 -5.11 4.51 7.90
C PHE A 132 -5.68 4.49 9.30
N THR A 133 -6.51 5.48 9.66
CA THR A 133 -6.95 5.67 11.05
C THR A 133 -8.47 5.88 10.98
N ILE A 134 -9.26 5.38 11.96
CA ILE A 134 -10.71 5.60 11.95
C ILE A 134 -11.20 6.14 13.28
N ASN A 135 -11.66 7.40 13.32
CA ASN A 135 -12.28 8.01 14.47
C ASN A 135 -13.00 9.15 13.80
N ASN A 136 -13.95 9.80 14.51
CA ASN A 136 -14.81 10.89 14.03
C ASN A 136 -15.95 10.41 13.13
N ASN A 137 -15.58 9.67 12.05
CA ASN A 137 -16.39 9.04 11.00
C ASN A 137 -16.66 9.93 9.77
N THR A 138 -17.00 11.23 9.94
CA THR A 138 -17.33 12.15 8.83
C THR A 138 -16.13 12.94 8.31
N GLY A 139 -15.41 12.40 7.29
CA GLY A 139 -14.30 13.09 6.63
C GLY A 139 -13.08 12.21 6.58
N GLN A 1 -18.82 -9.76 19.50
CA GLN A 1 -19.15 -11.00 20.14
C GLN A 1 -19.48 -12.04 19.10
N GLY A 2 -18.65 -12.11 18.04
CA GLY A 2 -18.69 -13.09 16.96
C GLY A 2 -19.10 -12.50 15.64
N LEU A 3 -20.38 -12.06 15.56
CA LEU A 3 -20.98 -11.46 14.35
C LEU A 3 -21.55 -10.09 14.68
N GLN A 4 -20.85 -9.29 15.54
CA GLN A 4 -21.21 -7.93 15.91
C GLN A 4 -19.97 -7.02 15.77
N THR A 5 -18.98 -7.47 14.96
CA THR A 5 -17.73 -6.81 14.59
C THR A 5 -17.05 -7.79 13.66
N TRP A 6 -15.88 -7.43 13.10
CA TRP A 6 -15.10 -8.28 12.23
C TRP A 6 -13.70 -7.68 12.16
N LYS A 7 -12.72 -8.12 12.99
CA LYS A 7 -11.33 -7.61 13.09
C LYS A 7 -10.48 -7.81 11.83
N LEU A 8 -10.94 -8.79 11.01
CA LEU A 8 -10.50 -9.22 9.69
C LEU A 8 -10.88 -8.20 8.61
N ALA A 9 -11.94 -7.36 8.84
CA ALA A 9 -12.39 -6.27 7.97
C ALA A 9 -11.38 -5.13 7.85
N SER A 10 -10.61 -4.86 8.94
CA SER A 10 -9.52 -3.87 8.97
C SER A 10 -8.37 -4.19 8.01
N ARG A 11 -7.83 -5.43 7.99
CA ARG A 11 -6.88 -5.93 6.98
C ARG A 11 -7.45 -6.25 5.59
N ALA A 12 -8.70 -6.81 5.51
CA ALA A 12 -9.47 -6.94 4.26
C ALA A 12 -9.65 -5.62 3.43
N LEU A 13 -9.52 -4.43 4.10
CA LEU A 13 -9.30 -3.08 3.55
C LEU A 13 -8.02 -2.90 2.72
N GLN A 14 -6.92 -3.68 3.04
CA GLN A 14 -5.63 -3.80 2.33
C GLN A 14 -5.88 -4.51 1.04
N LYS A 15 -6.73 -5.57 1.12
CA LYS A 15 -7.30 -6.25 -0.08
C LYS A 15 -8.26 -5.37 -0.89
N ALA A 16 -8.99 -4.41 -0.22
CA ALA A 16 -9.73 -3.32 -0.87
C ALA A 16 -8.82 -2.31 -1.54
N THR A 17 -7.67 -1.95 -0.91
CA THR A 17 -6.68 -1.01 -1.44
C THR A 17 -5.91 -1.58 -2.63
N VAL A 18 -5.65 -2.92 -2.54
CA VAL A 18 -5.13 -3.75 -3.63
C VAL A 18 -6.12 -3.92 -4.75
N GLU A 19 -7.45 -3.92 -4.40
CA GLU A 19 -8.55 -3.91 -5.34
C GLU A 19 -8.72 -2.57 -6.07
N ASN A 20 -8.33 -1.42 -5.43
CA ASN A 20 -8.25 -0.09 -6.03
C ASN A 20 -7.10 -0.01 -7.05
N LEU A 21 -5.94 -0.66 -6.70
CA LEU A 21 -4.80 -0.91 -7.59
C LEU A 21 -5.12 -1.73 -8.84
N GLU A 22 -5.93 -2.81 -8.72
CA GLU A 22 -6.46 -3.56 -9.88
C GLU A 22 -7.66 -2.88 -10.57
N SER A 23 -8.37 -1.90 -9.91
CA SER A 23 -9.48 -1.12 -10.49
C SER A 23 -9.00 0.06 -11.31
N TYR A 24 -7.76 0.55 -11.07
CA TYR A 24 -7.15 1.66 -11.77
C TYR A 24 -6.50 1.26 -13.10
N GLN A 25 -7.19 1.56 -14.24
CA GLN A 25 -6.80 1.28 -15.62
C GLN A 25 -5.36 1.54 -16.12
N PRO A 26 -4.61 2.67 -15.93
CA PRO A 26 -3.18 2.76 -16.22
C PRO A 26 -2.26 1.89 -15.32
N LEU A 27 -2.70 1.43 -14.10
CA LEU A 27 -1.89 0.62 -13.18
C LEU A 27 -1.71 -0.81 -13.69
N MET A 28 -2.76 -1.35 -14.36
CA MET A 28 -2.88 -2.63 -15.05
C MET A 28 -1.95 -2.86 -16.25
N GLU A 29 -1.55 -1.79 -16.96
CA GLU A 29 -0.61 -1.81 -18.08
C GLU A 29 0.82 -1.52 -17.65
N MET A 30 1.00 -0.85 -16.47
CA MET A 30 2.28 -0.54 -15.83
C MET A 30 2.79 -1.68 -14.94
N VAL A 31 1.92 -2.35 -14.14
CA VAL A 31 2.28 -3.54 -13.36
C VAL A 31 1.22 -4.58 -13.77
N ASN A 32 1.62 -5.88 -13.83
CA ASN A 32 0.84 -7.09 -14.15
C ASN A 32 0.44 -7.87 -12.88
N GLN A 33 1.46 -7.86 -12.02
CA GLN A 33 1.92 -8.52 -10.84
C GLN A 33 1.54 -7.79 -9.58
N VAL A 34 0.27 -7.26 -9.50
CA VAL A 34 -0.26 -6.60 -8.30
C VAL A 34 -0.83 -7.74 -7.45
N THR A 35 -0.07 -8.02 -6.36
CA THR A 35 -0.28 -9.18 -5.48
C THR A 35 0.04 -8.91 -4.03
N GLU A 36 -0.32 -9.86 -3.15
CA GLU A 36 -0.14 -9.85 -1.71
C GLU A 36 0.35 -11.20 -1.25
N SER A 37 0.97 -11.96 -2.18
CA SER A 37 1.38 -13.34 -2.05
C SER A 37 2.89 -13.46 -2.31
N PRO A 38 3.47 -14.68 -2.54
CA PRO A 38 4.78 -14.85 -3.20
C PRO A 38 4.73 -14.30 -4.65
N GLY A 39 5.81 -13.64 -5.10
CA GLY A 39 5.75 -12.83 -6.31
C GLY A 39 6.67 -11.65 -6.27
N LYS A 40 7.38 -11.36 -5.14
CA LYS A 40 8.22 -10.20 -4.95
C LYS A 40 9.61 -10.21 -5.59
N ASP A 41 10.14 -11.39 -5.98
CA ASP A 41 11.44 -11.64 -6.61
C ASP A 41 11.37 -12.00 -8.11
N ASP A 42 10.22 -11.73 -8.77
CA ASP A 42 9.87 -12.10 -10.15
C ASP A 42 10.23 -11.01 -11.18
N PRO A 43 10.02 -11.11 -12.53
CA PRO A 43 10.41 -10.08 -13.52
C PRO A 43 9.68 -8.72 -13.40
N TYR A 44 10.47 -7.62 -13.42
CA TYR A 44 10.18 -6.20 -13.23
C TYR A 44 9.57 -5.51 -14.46
N PRO A 45 8.65 -4.49 -14.40
CA PRO A 45 8.08 -3.81 -13.22
C PRO A 45 6.84 -4.51 -12.61
N TYR A 46 6.65 -4.40 -11.25
CA TYR A 46 5.58 -5.08 -10.49
C TYR A 46 5.49 -4.66 -8.97
N VAL A 47 4.37 -5.07 -8.22
CA VAL A 47 4.19 -4.69 -6.78
C VAL A 47 3.66 -5.80 -5.85
N VAL A 48 4.24 -5.93 -4.61
CA VAL A 48 3.69 -6.81 -3.55
C VAL A 48 3.27 -6.01 -2.31
N ILE A 49 2.34 -6.57 -1.49
CA ILE A 49 1.96 -6.07 -0.16
C ILE A 49 2.96 -6.56 0.89
N GLY A 50 3.30 -5.64 1.82
CA GLY A 50 4.13 -5.86 2.99
C GLY A 50 3.80 -4.76 3.95
N ASP A 51 4.65 -4.54 4.96
CA ASP A 51 4.52 -3.47 5.94
C ASP A 51 5.97 -3.07 6.30
N GLN A 52 6.27 -1.78 6.62
CA GLN A 52 7.63 -1.29 6.92
C GLN A 52 8.12 -1.58 8.34
N SER A 53 9.39 -2.05 8.47
CA SER A 53 10.13 -2.34 9.71
C SER A 53 9.74 -3.59 10.53
N SER A 54 8.42 -3.87 10.72
CA SER A 54 7.92 -5.04 11.45
C SER A 54 6.46 -5.28 11.10
N THR A 55 5.55 -4.93 12.04
CA THR A 55 4.09 -5.02 12.07
C THR A 55 3.73 -5.03 13.56
N PRO A 56 2.90 -4.14 14.17
CA PRO A 56 2.62 -4.13 15.62
C PRO A 56 1.65 -5.24 16.07
N PHE A 57 1.95 -5.94 17.20
CA PHE A 57 1.13 -6.98 17.79
C PHE A 57 1.07 -6.76 19.30
N GLU A 58 -0.16 -6.76 19.90
CA GLU A 58 -0.47 -6.66 21.33
C GLU A 58 -0.32 -5.26 21.95
N THR A 59 -1.39 -4.44 21.93
CA THR A 59 -1.39 -3.10 22.52
C THR A 59 -2.86 -2.80 22.69
N LYS A 60 -3.33 -2.73 23.96
CA LYS A 60 -4.70 -2.47 24.40
C LYS A 60 -5.65 -3.66 24.27
N SER A 61 -6.57 -3.85 25.25
CA SER A 61 -7.60 -4.89 25.27
C SER A 61 -8.86 -4.45 24.51
N SER A 62 -8.80 -4.43 23.16
CA SER A 62 -9.91 -4.01 22.30
C SER A 62 -9.63 -4.45 20.88
N PHE A 63 -8.56 -3.89 20.25
CA PHE A 63 -8.08 -4.13 18.88
C PHE A 63 -8.90 -3.50 17.74
N GLY A 64 -8.52 -3.75 16.45
CA GLY A 64 -9.17 -3.29 15.21
C GLY A 64 -8.88 -1.87 14.80
N GLU A 65 -8.84 -0.96 15.82
CA GLU A 65 -8.60 0.49 15.91
C GLU A 65 -7.63 1.16 14.94
N ASN A 66 -6.43 0.58 14.67
CA ASN A 66 -5.54 1.09 13.62
C ASN A 66 -4.99 -0.06 12.79
N ILE A 67 -4.71 0.30 11.53
CA ILE A 67 -4.18 -0.47 10.45
C ILE A 67 -2.85 0.16 10.05
N THR A 68 -1.77 -0.66 9.89
CA THR A 68 -0.46 -0.28 9.35
C THR A 68 -0.28 -1.09 8.08
N MET A 69 -0.14 -0.44 6.88
CA MET A 69 -0.08 -1.18 5.61
C MET A 69 0.85 -0.55 4.59
N ASP A 70 1.64 -1.38 3.85
CA ASP A 70 2.49 -0.92 2.76
C ASP A 70 2.24 -1.74 1.51
N PHE A 71 2.71 -1.17 0.39
CA PHE A 71 2.84 -1.78 -0.91
C PHE A 71 4.26 -1.39 -1.29
N HIS A 72 5.03 -2.35 -1.84
CA HIS A 72 6.42 -2.22 -2.25
C HIS A 72 6.39 -2.36 -3.75
N VAL A 73 6.85 -1.31 -4.50
CA VAL A 73 6.77 -1.24 -5.95
C VAL A 73 8.18 -1.18 -6.47
N TRP A 74 8.51 -2.01 -7.47
CA TRP A 74 9.86 -1.99 -8.01
C TRP A 74 9.79 -1.90 -9.52
N GLY A 75 10.44 -0.86 -10.09
CA GLY A 75 10.56 -0.66 -11.54
C GLY A 75 11.97 -0.94 -12.00
N GLY A 76 12.14 -1.95 -12.90
CA GLY A 76 13.40 -2.44 -13.49
C GLY A 76 13.71 -1.91 -14.87
N THR A 77 13.16 -0.72 -15.18
CA THR A 77 13.27 0.00 -16.44
C THR A 77 14.26 1.16 -16.29
N THR A 78 13.81 2.30 -15.72
CA THR A 78 14.59 3.50 -15.50
C THR A 78 13.92 4.26 -14.38
N ARG A 79 14.66 5.20 -13.73
CA ARG A 79 14.31 6.04 -12.56
C ARG A 79 13.00 6.83 -12.61
N ALA A 80 12.63 7.36 -13.81
CA ALA A 80 11.40 8.09 -14.09
C ALA A 80 10.13 7.23 -14.00
N GLU A 81 10.23 5.93 -14.44
CA GLU A 81 9.17 4.92 -14.42
C GLU A 81 8.76 4.46 -13.02
N ALA A 82 9.72 4.43 -12.05
CA ALA A 82 9.52 4.16 -10.63
C ALA A 82 8.74 5.25 -9.88
N GLN A 83 8.93 6.56 -10.26
CA GLN A 83 8.22 7.75 -9.81
C GLN A 83 6.78 7.76 -10.34
N ASP A 84 6.63 7.30 -11.63
CA ASP A 84 5.36 7.05 -12.32
C ASP A 84 4.58 5.90 -11.67
N ILE A 85 5.16 4.68 -11.41
CA ILE A 85 4.49 3.57 -10.66
C ILE A 85 4.16 3.89 -9.18
N SER A 86 5.04 4.64 -8.46
CA SER A 86 4.86 5.18 -7.08
C SER A 86 3.71 6.20 -6.97
N SER A 87 3.65 7.20 -7.92
CA SER A 87 2.57 8.18 -8.02
C SER A 87 1.28 7.61 -8.61
N ARG A 88 1.37 6.55 -9.48
CA ARG A 88 0.28 5.73 -10.05
C ARG A 88 -0.44 5.02 -8.94
N VAL A 89 0.35 4.50 -7.95
CA VAL A 89 -0.07 3.94 -6.66
C VAL A 89 -0.78 4.98 -5.78
N LEU A 90 -0.25 6.22 -5.50
CA LEU A 90 -0.99 7.28 -4.73
C LEU A 90 -2.31 7.74 -5.35
N GLU A 91 -2.24 8.02 -6.68
CA GLU A 91 -3.37 8.39 -7.52
C GLU A 91 -4.43 7.29 -7.60
N ALA A 92 -4.03 5.98 -7.58
CA ALA A 92 -4.92 4.80 -7.48
C ALA A 92 -5.60 4.64 -6.12
N LEU A 93 -4.78 4.79 -5.02
CA LEU A 93 -5.12 4.74 -3.57
C LEU A 93 -6.30 5.61 -3.19
N THR A 94 -6.31 6.90 -3.65
CA THR A 94 -7.47 7.81 -3.50
C THR A 94 -8.29 8.02 -4.78
N TYR A 95 -8.05 7.23 -5.88
CA TYR A 95 -8.85 7.26 -7.13
C TYR A 95 -10.17 6.55 -6.89
N LYS A 96 -10.07 5.35 -6.30
CA LYS A 96 -11.25 4.63 -5.84
C LYS A 96 -10.91 4.35 -4.39
N PRO A 97 -11.82 4.49 -3.39
CA PRO A 97 -11.51 4.44 -1.97
C PRO A 97 -11.38 3.02 -1.44
N LEU A 98 -10.70 2.84 -0.28
CA LEU A 98 -10.49 1.56 0.38
C LEU A 98 -11.49 1.41 1.51
N MET A 99 -12.47 0.52 1.27
CA MET A 99 -13.57 0.23 2.12
C MET A 99 -13.82 -1.27 1.99
N PHE A 100 -13.95 -2.01 3.13
CA PHE A 100 -14.26 -3.44 3.17
C PHE A 100 -15.44 -3.62 4.15
N GLU A 101 -16.57 -4.23 3.65
CA GLU A 101 -17.85 -4.56 4.31
C GLU A 101 -18.81 -3.39 4.39
N GLY A 102 -18.46 -2.26 3.73
CA GLY A 102 -19.13 -0.97 3.83
C GLY A 102 -18.51 -0.13 4.91
N PHE A 103 -17.32 -0.55 5.42
CA PHE A 103 -16.60 0.11 6.50
C PHE A 103 -15.34 0.80 5.99
N THR A 104 -15.21 2.13 6.27
CA THR A 104 -14.08 2.98 5.90
C THR A 104 -13.31 3.34 7.16
N PHE A 105 -12.02 3.68 6.96
CA PHE A 105 -10.99 3.99 7.92
C PHE A 105 -10.59 5.40 7.50
N VAL A 106 -9.96 6.21 8.38
CA VAL A 106 -9.54 7.57 8.08
C VAL A 106 -8.03 7.44 7.94
N ALA A 107 -7.47 7.83 6.77
CA ALA A 107 -6.09 7.66 6.40
C ALA A 107 -5.17 8.76 6.93
N LYS A 108 -4.00 8.31 7.43
CA LYS A 108 -2.91 9.09 7.99
C LYS A 108 -1.70 8.83 7.07
N LYS A 109 -1.04 9.89 6.55
CA LYS A 109 0.07 9.74 5.63
C LYS A 109 1.28 10.51 6.13
N LEU A 110 2.49 9.93 5.90
CA LEU A 110 3.80 10.50 6.25
C LEU A 110 4.35 11.33 5.10
N VAL A 111 4.07 10.89 3.84
CA VAL A 111 4.36 11.55 2.55
C VAL A 111 5.84 11.60 2.15
N LEU A 112 6.71 12.23 2.98
CA LEU A 112 8.14 12.45 2.79
C LEU A 112 9.01 11.24 3.20
N ALA A 113 8.75 10.08 2.55
CA ALA A 113 9.43 8.81 2.77
C ALA A 113 8.91 7.81 1.75
N GLN A 114 9.28 8.00 0.45
CA GLN A 114 8.87 7.13 -0.65
C GLN A 114 9.99 7.13 -1.67
N VAL A 115 10.30 8.34 -2.20
CA VAL A 115 11.25 8.59 -3.28
C VAL A 115 12.66 8.92 -2.78
N ILE A 116 13.65 8.09 -3.19
CA ILE A 116 15.08 8.21 -2.87
C ILE A 116 15.81 8.32 -4.21
N THR A 117 16.99 9.00 -4.24
CA THR A 117 17.87 9.22 -5.39
C THR A 117 18.90 8.09 -5.48
N ASP A 118 19.06 7.47 -6.67
CA ASP A 118 20.01 6.39 -6.91
C ASP A 118 21.34 6.97 -7.35
N THR A 119 22.42 6.69 -6.57
CA THR A 119 23.79 7.18 -6.75
C THR A 119 24.54 6.59 -7.95
N ASP A 120 24.10 5.42 -8.46
CA ASP A 120 24.68 4.69 -9.58
C ASP A 120 24.10 5.07 -10.93
N GLY A 121 22.96 5.83 -10.97
CA GLY A 121 22.24 6.21 -12.21
C GLY A 121 21.22 5.19 -12.68
N VAL A 122 21.17 4.05 -11.94
CA VAL A 122 20.33 2.85 -12.04
C VAL A 122 18.97 3.13 -11.40
N THR A 123 17.87 2.47 -11.87
CA THR A 123 16.45 2.57 -11.46
C THR A 123 16.11 2.49 -9.96
N LYS A 124 14.99 3.14 -9.57
CA LYS A 124 14.51 3.29 -8.20
C LYS A 124 13.50 2.23 -7.74
N HIS A 125 13.65 1.82 -6.45
CA HIS A 125 12.75 0.94 -5.73
C HIS A 125 12.09 1.86 -4.70
N GLY A 126 10.73 1.79 -4.61
CA GLY A 126 9.94 2.73 -3.81
C GLY A 126 9.09 1.96 -2.86
N ILE A 127 8.89 2.51 -1.63
CA ILE A 127 8.09 1.88 -0.58
C ILE A 127 7.04 2.90 -0.21
N ILE A 128 5.75 2.52 -0.41
CA ILE A 128 4.61 3.39 -0.15
C ILE A 128 3.91 2.81 1.07
N LYS A 129 3.92 3.58 2.21
CA LYS A 129 3.32 3.21 3.48
C LYS A 129 2.18 4.16 3.75
N VAL A 130 1.02 3.56 4.10
CA VAL A 130 -0.18 4.24 4.53
C VAL A 130 -0.54 3.68 5.92
N ARG A 131 -1.06 4.57 6.81
CA ARG A 131 -1.60 4.27 8.11
C ARG A 131 -3.06 4.72 8.06
N PHE A 132 -3.98 3.92 8.64
CA PHE A 132 -5.41 4.16 8.58
C PHE A 132 -5.97 3.90 9.97
N THR A 133 -6.89 4.77 10.44
CA THR A 133 -7.49 4.72 11.77
C THR A 133 -9.01 4.67 11.72
N ILE A 134 -9.68 3.85 12.60
CA ILE A 134 -11.15 3.85 12.74
C ILE A 134 -11.52 4.49 14.08
N ASN A 135 -12.30 5.60 14.02
CA ASN A 135 -12.80 6.34 15.18
C ASN A 135 -14.20 5.89 15.58
N ASN A 136 -14.77 4.96 14.78
CA ASN A 136 -16.06 4.35 14.95
C ASN A 136 -15.86 2.89 14.60
N ASN A 137 -16.35 1.98 15.45
CA ASN A 137 -16.25 0.54 15.32
C ASN A 137 -17.66 -0.03 15.45
N THR A 138 -18.21 -0.12 16.68
CA THR A 138 -19.54 -0.67 16.95
C THR A 138 -20.46 0.49 17.33
N GLY A 139 -21.12 1.09 16.32
CA GLY A 139 -22.04 2.22 16.44
C GLY A 139 -21.38 3.48 15.92
N GLN A 1 -23.91 -3.17 19.64
CA GLN A 1 -23.14 -4.38 19.56
C GLN A 1 -22.77 -4.60 18.10
N GLY A 2 -23.07 -3.57 17.27
CA GLY A 2 -22.81 -3.42 15.82
C GLY A 2 -21.36 -3.12 15.48
N LEU A 3 -20.50 -4.05 15.93
CA LEU A 3 -19.07 -4.05 15.78
C LEU A 3 -18.66 -5.02 14.69
N GLN A 4 -17.44 -4.83 14.13
CA GLN A 4 -16.81 -5.74 13.17
C GLN A 4 -16.05 -6.78 13.99
N THR A 5 -16.60 -8.02 14.05
CA THR A 5 -16.14 -9.13 14.87
C THR A 5 -14.90 -9.87 14.35
N TRP A 6 -14.49 -9.61 13.08
CA TRP A 6 -13.28 -10.16 12.50
C TRP A 6 -12.26 -9.04 12.35
N LYS A 7 -11.14 -9.14 13.11
CA LYS A 7 -10.01 -8.19 13.19
C LYS A 7 -9.13 -8.20 11.93
N LEU A 8 -9.34 -9.25 11.09
CA LEU A 8 -8.85 -9.51 9.75
C LEU A 8 -9.45 -8.54 8.73
N ALA A 9 -10.65 -7.95 9.04
CA ALA A 9 -11.36 -6.92 8.26
C ALA A 9 -10.57 -5.63 8.10
N SER A 10 -9.85 -5.25 9.20
CA SER A 10 -8.96 -4.11 9.30
C SER A 10 -7.80 -4.11 8.28
N ARG A 11 -7.08 -5.25 8.13
CA ARG A 11 -6.10 -5.60 7.10
C ARG A 11 -6.67 -5.89 5.72
N ALA A 12 -7.88 -6.54 5.65
CA ALA A 12 -8.71 -6.73 4.44
C ALA A 12 -9.01 -5.41 3.67
N LEU A 13 -8.94 -4.24 4.39
CA LEU A 13 -8.85 -2.88 3.81
C LEU A 13 -7.62 -2.59 2.95
N GLN A 14 -6.43 -3.20 3.27
CA GLN A 14 -5.19 -3.16 2.50
C GLN A 14 -5.35 -3.97 1.22
N LYS A 15 -6.07 -5.11 1.31
CA LYS A 15 -6.56 -5.89 0.13
C LYS A 15 -7.61 -5.14 -0.73
N ALA A 16 -8.48 -4.29 -0.10
CA ALA A 16 -9.41 -3.38 -0.78
C ALA A 16 -8.71 -2.19 -1.42
N THR A 17 -7.62 -1.71 -0.77
CA THR A 17 -6.67 -0.68 -1.21
C THR A 17 -5.79 -1.22 -2.35
N VAL A 18 -5.41 -2.52 -2.30
CA VAL A 18 -4.72 -3.24 -3.37
C VAL A 18 -5.64 -3.54 -4.55
N GLU A 19 -6.97 -3.71 -4.26
CA GLU A 19 -8.04 -3.78 -5.26
C GLU A 19 -8.32 -2.42 -5.91
N ASN A 20 -8.09 -1.28 -5.19
CA ASN A 20 -8.04 0.11 -5.70
C ASN A 20 -6.89 0.28 -6.72
N LEU A 21 -5.68 -0.25 -6.38
CA LEU A 21 -4.53 -0.35 -7.29
C LEU A 21 -4.78 -1.21 -8.56
N GLU A 22 -5.60 -2.30 -8.43
CA GLU A 22 -6.13 -3.10 -9.53
C GLU A 22 -7.29 -2.46 -10.29
N SER A 23 -8.07 -1.51 -9.68
CA SER A 23 -9.22 -0.82 -10.28
C SER A 23 -8.81 0.34 -11.16
N TYR A 24 -7.68 1.00 -10.80
CA TYR A 24 -7.07 2.13 -11.49
C TYR A 24 -6.40 1.75 -12.81
N GLN A 25 -7.18 1.94 -13.92
CA GLN A 25 -6.89 1.64 -15.32
C GLN A 25 -5.49 1.92 -15.90
N PRO A 26 -4.74 3.05 -15.76
CA PRO A 26 -3.33 3.12 -16.14
C PRO A 26 -2.35 2.25 -15.32
N LEU A 27 -2.56 1.89 -14.01
CA LEU A 27 -1.51 1.18 -13.26
C LEU A 27 -1.47 -0.32 -13.51
N MET A 28 -2.60 -0.90 -13.99
CA MET A 28 -2.82 -2.26 -14.49
C MET A 28 -2.02 -2.59 -15.76
N GLU A 29 -1.71 -1.52 -16.56
CA GLU A 29 -0.88 -1.54 -17.76
C GLU A 29 0.62 -1.42 -17.43
N MET A 30 0.95 -0.76 -16.28
CA MET A 30 2.31 -0.55 -15.76
C MET A 30 2.77 -1.70 -14.86
N VAL A 31 1.92 -2.18 -13.90
CA VAL A 31 2.23 -3.42 -13.19
C VAL A 31 1.01 -4.25 -13.50
N ASN A 32 1.18 -5.57 -13.75
CA ASN A 32 0.09 -6.53 -13.98
C ASN A 32 -0.14 -7.43 -12.77
N GLN A 33 0.97 -7.52 -12.02
CA GLN A 33 1.44 -8.30 -10.93
C GLN A 33 1.27 -7.60 -9.60
N VAL A 34 0.15 -6.86 -9.43
CA VAL A 34 -0.21 -6.17 -8.18
C VAL A 34 -0.97 -7.21 -7.33
N THR A 35 -0.29 -7.69 -6.27
CA THR A 35 -0.71 -8.84 -5.47
C THR A 35 -0.63 -8.55 -3.97
N GLU A 36 -1.43 -9.31 -3.20
CA GLU A 36 -1.61 -9.19 -1.75
C GLU A 36 -0.79 -10.19 -0.95
N SER A 37 -0.38 -11.31 -1.57
CA SER A 37 0.44 -12.30 -0.88
C SER A 37 1.20 -13.10 -1.92
N PRO A 38 0.66 -14.04 -2.75
CA PRO A 38 1.43 -14.83 -3.72
C PRO A 38 1.90 -14.02 -4.96
N GLY A 39 3.16 -14.23 -5.42
CA GLY A 39 3.63 -13.65 -6.69
C GLY A 39 4.76 -12.73 -6.50
N LYS A 40 5.33 -12.70 -5.27
CA LYS A 40 6.38 -11.80 -4.82
C LYS A 40 7.77 -12.05 -5.39
N ASP A 41 8.00 -13.28 -5.96
CA ASP A 41 9.19 -13.76 -6.63
C ASP A 41 9.04 -13.73 -8.16
N ASP A 42 8.02 -12.99 -8.69
CA ASP A 42 7.76 -12.79 -10.13
C ASP A 42 8.54 -11.58 -10.65
N PRO A 43 8.92 -11.43 -11.95
CA PRO A 43 9.86 -10.40 -12.41
C PRO A 43 9.28 -8.97 -12.55
N TYR A 44 10.15 -7.96 -12.33
CA TYR A 44 9.99 -6.49 -12.37
C TYR A 44 9.57 -5.88 -13.72
N PRO A 45 8.61 -4.94 -13.86
CA PRO A 45 7.85 -4.21 -12.82
C PRO A 45 6.67 -4.98 -12.21
N TYR A 46 6.36 -4.70 -10.91
CA TYR A 46 5.25 -5.31 -10.18
C TYR A 46 5.03 -4.69 -8.77
N VAL A 47 3.86 -5.02 -8.12
CA VAL A 47 3.54 -4.54 -6.74
C VAL A 47 3.15 -5.69 -5.81
N VAL A 48 3.66 -5.66 -4.55
CA VAL A 48 3.29 -6.61 -3.50
C VAL A 48 2.83 -5.84 -2.26
N ILE A 49 1.93 -6.45 -1.43
CA ILE A 49 1.58 -5.99 -0.07
C ILE A 49 2.56 -6.62 0.91
N GLY A 50 3.01 -5.81 1.90
CA GLY A 50 3.84 -6.25 3.00
C GLY A 50 3.54 -5.36 4.15
N ASP A 51 4.50 -5.18 5.07
CA ASP A 51 4.38 -4.27 6.19
C ASP A 51 5.79 -3.75 6.43
N GLN A 52 5.94 -2.46 6.85
CA GLN A 52 7.23 -1.79 7.07
C GLN A 52 7.27 -1.33 8.52
N SER A 53 8.32 -1.74 9.28
CA SER A 53 8.63 -1.34 10.65
C SER A 53 7.68 -1.82 11.73
N SER A 54 7.28 -3.11 11.75
CA SER A 54 6.39 -3.65 12.78
C SER A 54 7.14 -4.01 14.07
N THR A 55 7.76 -3.00 14.69
CA THR A 55 8.54 -3.00 15.92
C THR A 55 8.96 -1.55 16.17
N PRO A 56 9.95 -0.87 15.51
CA PRO A 56 10.31 0.53 15.80
C PRO A 56 9.33 1.51 15.14
N PHE A 57 8.55 2.30 15.93
CA PHE A 57 7.54 3.20 15.42
C PHE A 57 7.71 4.63 15.93
N GLU A 58 7.49 5.61 15.02
CA GLU A 58 7.56 7.07 15.21
C GLU A 58 6.31 7.69 15.84
N THR A 59 5.30 6.85 16.16
CA THR A 59 4.07 7.24 16.83
C THR A 59 3.67 6.02 17.63
N LYS A 60 3.38 6.18 18.95
CA LYS A 60 3.04 5.08 19.86
C LYS A 60 1.53 4.94 19.99
N SER A 61 0.88 4.49 18.88
CA SER A 61 -0.56 4.35 18.70
C SER A 61 -1.21 3.14 19.39
N SER A 62 -1.21 3.10 20.75
CA SER A 62 -1.81 2.05 21.58
C SER A 62 -3.07 2.54 22.26
N PHE A 63 -4.10 2.79 21.42
CA PHE A 63 -5.43 3.23 21.80
C PHE A 63 -6.39 2.60 20.78
N GLY A 64 -7.25 1.67 21.23
CA GLY A 64 -8.33 1.04 20.46
C GLY A 64 -7.96 -0.09 19.55
N GLU A 65 -7.54 0.28 18.31
CA GLU A 65 -7.15 -0.58 17.21
C GLU A 65 -6.97 0.32 15.99
N ASN A 66 -5.74 0.37 15.42
CA ASN A 66 -5.41 1.06 14.17
C ASN A 66 -4.94 -0.02 13.23
N ILE A 67 -4.86 0.35 11.92
CA ILE A 67 -4.42 -0.46 10.81
C ILE A 67 -3.06 0.16 10.44
N THR A 68 -1.97 -0.65 10.33
CA THR A 68 -0.62 -0.23 9.95
C THR A 68 -0.22 -1.16 8.80
N MET A 69 0.04 -0.67 7.54
CA MET A 69 0.38 -1.55 6.43
C MET A 69 1.19 -0.89 5.31
N ASP A 70 1.86 -1.71 4.44
CA ASP A 70 2.71 -1.23 3.36
C ASP A 70 2.40 -1.90 2.02
N PHE A 71 2.68 -1.14 0.92
CA PHE A 71 2.74 -1.57 -0.48
C PHE A 71 4.13 -1.17 -0.96
N HIS A 72 4.81 -2.16 -1.60
CA HIS A 72 6.18 -2.15 -2.08
C HIS A 72 6.02 -2.17 -3.58
N VAL A 73 6.53 -1.11 -4.29
CA VAL A 73 6.25 -0.92 -5.69
C VAL A 73 7.62 -0.85 -6.31
N TRP A 74 7.95 -1.81 -7.22
CA TRP A 74 9.33 -1.73 -7.74
C TRP A 74 9.25 -1.81 -9.26
N GLY A 75 9.96 -0.89 -9.96
CA GLY A 75 9.95 -0.86 -11.42
C GLY A 75 11.21 -1.44 -12.02
N GLY A 76 11.04 -2.10 -13.18
CA GLY A 76 12.07 -2.68 -14.02
C GLY A 76 11.89 -2.08 -15.39
N THR A 77 12.73 -2.47 -16.37
CA THR A 77 12.73 -2.04 -17.78
C THR A 77 13.27 -0.63 -18.02
N THR A 78 12.61 0.40 -17.42
CA THR A 78 12.96 1.80 -17.55
C THR A 78 12.98 2.41 -16.16
N ARG A 79 13.73 3.54 -16.02
CA ARG A 79 13.88 4.39 -14.86
C ARG A 79 12.61 5.15 -14.48
N ALA A 80 11.83 5.55 -15.53
CA ALA A 80 10.55 6.23 -15.54
C ALA A 80 9.39 5.36 -15.05
N GLU A 81 9.39 4.03 -15.33
CA GLU A 81 8.33 3.09 -14.92
C GLU A 81 8.13 2.91 -13.41
N ALA A 82 9.23 2.94 -12.61
CA ALA A 82 9.28 2.89 -11.16
C ALA A 82 8.73 4.14 -10.46
N GLN A 83 8.94 5.31 -11.11
CA GLN A 83 8.44 6.64 -10.76
C GLN A 83 6.98 6.80 -11.13
N ASP A 84 6.61 6.26 -12.34
CA ASP A 84 5.26 6.18 -12.90
C ASP A 84 4.39 5.28 -12.04
N ILE A 85 4.84 4.04 -11.65
CA ILE A 85 4.12 3.18 -10.68
C ILE A 85 3.96 3.79 -9.27
N SER A 86 4.98 4.52 -8.71
CA SER A 86 4.86 5.31 -7.46
C SER A 86 3.93 6.56 -7.57
N SER A 87 4.08 7.45 -8.60
CA SER A 87 3.21 8.60 -8.97
C SER A 87 1.76 8.20 -9.25
N ARG A 88 1.56 7.05 -9.98
CA ARG A 88 0.27 6.43 -10.25
C ARG A 88 -0.32 5.70 -9.03
N VAL A 89 0.49 5.10 -8.08
CA VAL A 89 -0.01 4.52 -6.80
C VAL A 89 -0.62 5.60 -5.90
N LEU A 90 0.05 6.77 -5.71
CA LEU A 90 -0.44 7.94 -4.94
C LEU A 90 -1.72 8.57 -5.54
N GLU A 91 -1.71 8.70 -6.91
CA GLU A 91 -2.84 9.08 -7.74
C GLU A 91 -4.02 8.09 -7.65
N ALA A 92 -3.74 6.75 -7.47
CA ALA A 92 -4.69 5.67 -7.19
C ALA A 92 -5.26 5.76 -5.77
N LEU A 93 -4.37 5.88 -4.71
CA LEU A 93 -4.67 6.06 -3.27
C LEU A 93 -5.63 7.19 -2.92
N THR A 94 -5.71 8.23 -3.79
CA THR A 94 -6.82 9.23 -3.86
C THR A 94 -7.75 9.27 -5.04
N TYR A 95 -7.74 8.22 -5.91
CA TYR A 95 -8.67 8.11 -7.05
C TYR A 95 -9.91 7.32 -6.62
N LYS A 96 -9.74 6.12 -5.99
CA LYS A 96 -10.87 5.27 -5.55
C LYS A 96 -10.94 5.37 -4.01
N PRO A 97 -12.14 5.45 -3.37
CA PRO A 97 -12.30 5.56 -1.91
C PRO A 97 -12.15 4.20 -1.22
N LEU A 98 -11.64 4.16 0.05
CA LEU A 98 -11.31 2.91 0.73
C LEU A 98 -12.43 2.33 1.59
N MET A 99 -12.99 1.20 1.11
CA MET A 99 -14.08 0.49 1.74
C MET A 99 -13.92 -1.01 1.56
N PHE A 100 -14.19 -1.82 2.61
CA PHE A 100 -14.14 -3.28 2.60
C PHE A 100 -15.54 -3.77 3.02
N GLU A 101 -16.32 -4.30 2.05
CA GLU A 101 -17.66 -4.92 2.01
C GLU A 101 -18.82 -4.10 2.58
N GLY A 102 -18.59 -2.78 2.71
CA GLY A 102 -19.50 -1.81 3.30
C GLY A 102 -18.83 -1.10 4.46
N PHE A 103 -17.65 -1.59 4.93
CA PHE A 103 -16.95 -0.98 6.08
C PHE A 103 -15.95 0.08 5.61
N THR A 104 -16.02 1.33 6.14
CA THR A 104 -15.18 2.48 5.72
C THR A 104 -14.05 2.75 6.71
N PHE A 105 -12.84 3.10 6.19
CA PHE A 105 -11.63 3.42 6.96
C PHE A 105 -11.05 4.67 6.32
N VAL A 106 -10.47 5.59 7.12
CA VAL A 106 -9.80 6.81 6.67
C VAL A 106 -8.31 6.63 6.85
N ALA A 107 -7.54 6.90 5.76
CA ALA A 107 -6.08 6.80 5.66
C ALA A 107 -5.32 8.02 6.16
N LYS A 108 -4.19 7.79 6.88
CA LYS A 108 -3.28 8.77 7.45
C LYS A 108 -2.06 8.97 6.56
N LYS A 109 -2.12 10.04 5.72
CA LYS A 109 -1.05 10.48 4.83
C LYS A 109 -0.10 11.44 5.55
N LEU A 110 1.13 11.64 4.98
CA LEU A 110 2.19 12.49 5.52
C LEU A 110 2.51 13.61 4.54
N VAL A 111 1.49 13.99 3.72
CA VAL A 111 1.46 15.04 2.69
C VAL A 111 2.32 14.76 1.44
N LEU A 112 1.80 13.92 0.50
CA LEU A 112 2.39 13.53 -0.79
C LEU A 112 3.50 12.44 -0.73
N ALA A 113 4.60 12.59 -1.53
CA ALA A 113 5.80 11.74 -1.67
C ALA A 113 6.11 11.33 -3.13
N GLN A 114 6.86 12.18 -3.87
CA GLN A 114 7.26 11.98 -5.26
C GLN A 114 8.74 11.65 -5.29
N VAL A 115 9.17 10.79 -6.24
CA VAL A 115 10.57 10.40 -6.47
C VAL A 115 11.07 11.08 -7.74
N ILE A 116 12.26 11.74 -7.65
CA ILE A 116 12.91 12.47 -8.73
C ILE A 116 14.13 11.65 -9.16
N THR A 117 14.39 11.59 -10.49
CA THR A 117 15.42 10.86 -11.22
C THR A 117 16.85 11.39 -11.06
N ASP A 118 17.85 10.46 -11.00
CA ASP A 118 19.29 10.71 -10.89
C ASP A 118 19.94 10.91 -12.26
N THR A 119 21.10 11.64 -12.28
CA THR A 119 21.93 12.03 -13.42
C THR A 119 22.68 10.90 -14.14
N ASP A 120 22.89 9.75 -13.45
CA ASP A 120 23.52 8.53 -13.95
C ASP A 120 22.50 7.56 -14.58
N GLY A 121 21.20 7.67 -14.19
CA GLY A 121 20.09 6.85 -14.70
C GLY A 121 19.88 5.52 -14.02
N VAL A 122 20.01 5.47 -12.67
CA VAL A 122 19.87 4.26 -11.85
C VAL A 122 18.47 4.18 -11.25
N THR A 123 17.71 3.08 -11.53
CA THR A 123 16.30 2.88 -11.12
C THR A 123 16.04 2.78 -9.60
N LYS A 124 15.23 3.73 -9.06
CA LYS A 124 14.81 3.78 -7.66
C LYS A 124 13.42 3.20 -7.45
N HIS A 125 13.32 2.22 -6.49
CA HIS A 125 12.12 1.55 -6.00
C HIS A 125 11.71 2.21 -4.69
N GLY A 126 10.37 2.24 -4.47
CA GLY A 126 9.74 2.91 -3.35
C GLY A 126 8.99 1.95 -2.48
N ILE A 127 8.98 2.28 -1.17
CA ILE A 127 8.30 1.59 -0.10
C ILE A 127 7.35 2.64 0.44
N ILE A 128 6.04 2.38 0.32
CA ILE A 128 5.00 3.30 0.74
C ILE A 128 4.28 2.64 1.89
N LYS A 129 4.38 3.23 3.11
CA LYS A 129 3.66 2.77 4.29
C LYS A 129 2.60 3.81 4.55
N VAL A 130 1.39 3.33 4.87
CA VAL A 130 0.26 4.16 5.25
C VAL A 130 -0.28 3.51 6.52
N ARG A 131 -0.89 4.35 7.39
CA ARG A 131 -1.59 3.94 8.58
C ARG A 131 -3.01 4.39 8.35
N PHE A 132 -4.01 3.56 8.73
CA PHE A 132 -5.41 3.76 8.46
C PHE A 132 -6.06 3.67 9.83
N THR A 133 -7.14 4.42 10.09
CA THR A 133 -7.71 4.46 11.44
C THR A 133 -9.20 4.35 11.31
N ILE A 134 -9.88 3.64 12.26
CA ILE A 134 -11.34 3.59 12.38
C ILE A 134 -11.75 4.80 13.21
N ASN A 135 -12.45 5.75 12.53
CA ASN A 135 -12.90 7.04 13.04
C ASN A 135 -11.81 8.13 12.95
N ASN A 136 -11.62 8.66 11.73
CA ASN A 136 -10.75 9.79 11.47
C ASN A 136 -11.61 10.68 10.59
N ASN A 137 -11.83 11.95 11.01
CA ASN A 137 -12.70 12.92 10.35
C ASN A 137 -11.99 13.72 9.26
N THR A 138 -10.73 14.16 9.54
CA THR A 138 -9.91 14.95 8.62
C THR A 138 -8.76 14.10 8.10
N GLY A 139 -8.84 13.59 6.84
CA GLY A 139 -7.76 12.81 6.24
C GLY A 139 -8.16 12.36 4.87
N GLN A 1 -21.91 -6.18 13.69
CA GLN A 1 -21.87 -4.91 13.02
C GLN A 1 -20.99 -3.99 13.84
N GLY A 2 -21.54 -3.41 14.94
CA GLY A 2 -20.89 -2.47 15.84
C GLY A 2 -20.14 -3.12 16.97
N LEU A 3 -18.82 -2.82 17.04
CA LEU A 3 -17.83 -3.28 18.02
C LEU A 3 -17.31 -4.71 17.82
N GLN A 4 -17.05 -5.09 16.54
CA GLN A 4 -16.43 -6.33 16.10
C GLN A 4 -15.33 -6.00 15.13
N THR A 5 -14.30 -5.27 15.62
CA THR A 5 -13.08 -4.89 14.88
C THR A 5 -12.03 -5.98 15.06
N TRP A 6 -11.57 -6.55 13.92
CA TRP A 6 -10.64 -7.66 13.85
C TRP A 6 -9.66 -7.36 12.73
N LYS A 7 -8.44 -8.00 12.75
CA LYS A 7 -7.33 -7.90 11.80
C LYS A 7 -7.65 -8.35 10.37
N LEU A 8 -8.68 -9.23 10.21
CA LEU A 8 -9.21 -9.72 8.94
C LEU A 8 -10.01 -8.65 8.19
N ALA A 9 -10.85 -7.85 8.91
CA ALA A 9 -11.61 -6.70 8.40
C ALA A 9 -10.73 -5.51 8.02
N SER A 10 -9.84 -5.08 8.98
CA SER A 10 -8.91 -3.96 8.76
C SER A 10 -7.98 -4.16 7.58
N ARG A 11 -7.36 -5.36 7.49
CA ARG A 11 -6.58 -5.93 6.39
C ARG A 11 -7.36 -6.15 5.06
N ALA A 12 -8.69 -6.51 5.15
CA ALA A 12 -9.67 -6.43 4.04
C ALA A 12 -9.74 -5.03 3.34
N LEU A 13 -9.30 -3.93 4.04
CA LEU A 13 -8.92 -2.63 3.37
C LEU A 13 -7.84 -2.68 2.26
N GLN A 14 -6.86 -3.63 2.41
CA GLN A 14 -5.79 -4.05 1.50
C GLN A 14 -6.35 -4.78 0.32
N LYS A 15 -7.41 -5.60 0.58
CA LYS A 15 -8.24 -6.26 -0.46
C LYS A 15 -9.02 -5.27 -1.36
N ALA A 16 -9.52 -4.14 -0.78
CA ALA A 16 -10.09 -2.99 -1.50
C ALA A 16 -9.05 -2.15 -2.25
N THR A 17 -7.82 -2.09 -1.68
CA THR A 17 -6.59 -1.50 -2.22
C THR A 17 -6.05 -2.29 -3.42
N VAL A 18 -6.03 -3.68 -3.38
CA VAL A 18 -5.76 -4.54 -4.56
C VAL A 18 -6.87 -4.50 -5.58
N GLU A 19 -8.16 -4.30 -5.17
CA GLU A 19 -9.26 -4.04 -6.10
C GLU A 19 -9.22 -2.66 -6.80
N ASN A 20 -8.76 -1.56 -6.11
CA ASN A 20 -8.47 -0.26 -6.72
C ASN A 20 -7.25 -0.25 -7.62
N LEU A 21 -6.17 -1.06 -7.30
CA LEU A 21 -5.04 -1.36 -8.18
C LEU A 21 -5.44 -2.16 -9.44
N GLU A 22 -6.36 -3.16 -9.35
CA GLU A 22 -6.83 -3.93 -10.52
C GLU A 22 -7.97 -3.27 -11.28
N SER A 23 -8.80 -2.38 -10.64
CA SER A 23 -9.89 -1.65 -11.29
C SER A 23 -9.35 -0.46 -12.09
N TYR A 24 -8.24 0.17 -11.61
CA TYR A 24 -7.59 1.33 -12.19
C TYR A 24 -6.87 1.06 -13.50
N GLN A 25 -7.57 1.38 -14.62
CA GLN A 25 -7.23 1.20 -16.03
C GLN A 25 -5.79 1.49 -16.53
N PRO A 26 -5.01 2.54 -16.18
CA PRO A 26 -3.57 2.65 -16.48
C PRO A 26 -2.64 1.65 -15.76
N LEU A 27 -2.99 1.13 -14.54
CA LEU A 27 -2.12 0.33 -13.67
C LEU A 27 -2.00 -1.14 -14.09
N MET A 28 -3.14 -1.72 -14.56
CA MET A 28 -3.33 -3.08 -15.08
C MET A 28 -2.53 -3.39 -16.36
N GLU A 29 -2.27 -2.34 -17.19
CA GLU A 29 -1.43 -2.36 -18.38
C GLU A 29 0.05 -2.12 -18.05
N MET A 30 0.33 -1.68 -16.79
CA MET A 30 1.62 -1.32 -16.23
C MET A 30 2.27 -2.36 -15.32
N VAL A 31 1.49 -3.21 -14.61
CA VAL A 31 2.04 -4.20 -13.67
C VAL A 31 1.58 -5.58 -14.17
N ASN A 32 2.40 -6.66 -14.02
CA ASN A 32 2.03 -8.04 -14.34
C ASN A 32 1.71 -8.86 -13.08
N GLN A 33 2.06 -8.19 -11.97
CA GLN A 33 2.44 -8.72 -10.67
C GLN A 33 1.91 -8.09 -9.41
N VAL A 34 0.60 -7.67 -9.31
CA VAL A 34 0.09 -7.11 -8.05
C VAL A 34 -0.41 -8.28 -7.18
N THR A 35 0.41 -8.46 -6.12
CA THR A 35 0.39 -9.57 -5.19
C THR A 35 0.80 -9.08 -3.83
N GLU A 36 0.63 -9.97 -2.83
CA GLU A 36 0.99 -9.79 -1.42
C GLU A 36 1.99 -10.87 -1.01
N SER A 37 2.45 -11.70 -1.99
CA SER A 37 3.43 -12.76 -1.82
C SER A 37 4.62 -12.45 -2.74
N PRO A 38 5.89 -12.91 -2.45
CA PRO A 38 7.12 -12.60 -3.21
C PRO A 38 7.25 -13.06 -4.68
N GLY A 39 8.25 -12.51 -5.44
CA GLY A 39 8.41 -12.79 -6.86
C GLY A 39 9.46 -11.93 -7.54
N LYS A 40 10.69 -11.82 -6.97
CA LYS A 40 11.86 -11.04 -7.41
C LYS A 40 12.45 -11.41 -8.77
N ASP A 41 12.04 -12.63 -9.19
CA ASP A 41 12.31 -13.40 -10.39
C ASP A 41 11.23 -13.22 -11.46
N ASP A 42 10.15 -12.44 -11.19
CA ASP A 42 9.06 -12.12 -12.13
C ASP A 42 9.41 -10.84 -12.90
N PRO A 43 8.72 -10.45 -14.02
CA PRO A 43 9.06 -9.28 -14.82
C PRO A 43 8.84 -7.91 -14.14
N TYR A 44 9.74 -6.93 -14.41
CA TYR A 44 9.76 -5.58 -13.86
C TYR A 44 9.11 -4.61 -14.86
N PRO A 45 8.31 -3.58 -14.48
CA PRO A 45 7.92 -3.18 -13.12
C PRO A 45 6.76 -4.02 -12.56
N TYR A 46 6.71 -4.23 -11.22
CA TYR A 46 5.71 -5.07 -10.54
C TYR A 46 5.51 -4.69 -9.04
N VAL A 47 4.41 -5.19 -8.31
CA VAL A 47 4.13 -4.77 -6.92
C VAL A 47 3.76 -5.87 -5.89
N VAL A 48 4.37 -5.70 -4.69
CA VAL A 48 4.16 -6.44 -3.45
C VAL A 48 3.61 -5.49 -2.38
N ILE A 49 2.51 -5.91 -1.70
CA ILE A 49 1.87 -5.21 -0.60
C ILE A 49 2.16 -5.98 0.68
N GLY A 50 2.51 -5.23 1.75
CA GLY A 50 2.82 -5.75 3.07
C GLY A 50 2.85 -4.62 4.07
N ASP A 51 3.89 -4.57 4.91
CA ASP A 51 4.15 -3.52 5.89
C ASP A 51 5.66 -3.37 5.98
N GLN A 52 6.20 -2.25 6.54
CA GLN A 52 7.63 -2.13 6.83
C GLN A 52 7.83 -2.61 8.28
N SER A 53 8.74 -3.59 8.54
CA SER A 53 9.00 -4.25 9.83
C SER A 53 8.01 -5.39 10.13
N SER A 54 8.01 -6.42 9.26
CA SER A 54 7.14 -7.62 9.31
C SER A 54 7.55 -8.67 10.36
N THR A 55 7.48 -8.29 11.65
CA THR A 55 7.80 -9.14 12.79
C THR A 55 7.03 -8.55 13.97
N PRO A 56 5.96 -9.17 14.53
CA PRO A 56 5.14 -8.58 15.60
C PRO A 56 5.82 -8.59 16.97
N PHE A 57 5.67 -7.47 17.71
CA PHE A 57 6.15 -7.23 19.05
C PHE A 57 4.99 -6.56 19.79
N GLU A 58 4.91 -6.76 21.12
CA GLU A 58 3.86 -6.29 22.04
C GLU A 58 2.69 -7.27 22.08
N THR A 59 2.76 -8.24 23.02
CA THR A 59 1.78 -9.31 23.21
C THR A 59 1.28 -9.25 24.65
N LYS A 60 0.09 -9.87 24.86
CA LYS A 60 -0.76 -9.96 26.05
C LYS A 60 -1.81 -8.84 26.08
N SER A 61 -2.49 -8.60 24.92
CA SER A 61 -3.54 -7.62 24.64
C SER A 61 -3.76 -7.75 23.13
N SER A 62 -4.23 -6.71 22.40
CA SER A 62 -4.37 -6.78 20.94
C SER A 62 -4.29 -5.40 20.30
N PHE A 63 -3.23 -5.12 19.49
CA PHE A 63 -2.94 -3.86 18.77
C PHE A 63 -3.80 -3.59 17.51
N GLY A 64 -5.13 -3.88 17.64
CA GLY A 64 -6.18 -3.73 16.65
C GLY A 64 -6.98 -2.49 16.91
N GLU A 65 -6.29 -1.34 16.80
CA GLU A 65 -6.80 -0.01 17.02
C GLU A 65 -6.37 0.92 15.89
N ASN A 66 -5.52 0.43 14.94
CA ASN A 66 -5.01 1.11 13.77
C ASN A 66 -4.75 -0.04 12.80
N ILE A 67 -4.41 0.31 11.55
CA ILE A 67 -4.23 -0.55 10.41
C ILE A 67 -3.04 0.11 9.70
N THR A 68 -1.93 -0.64 9.48
CA THR A 68 -0.69 -0.16 8.85
C THR A 68 -0.54 -0.89 7.54
N MET A 69 -0.17 -0.14 6.47
CA MET A 69 0.01 -0.62 5.12
C MET A 69 1.33 -0.12 4.58
N ASP A 70 1.89 -0.91 3.64
CA ASP A 70 3.05 -0.53 2.87
C ASP A 70 2.90 -1.18 1.50
N PHE A 71 3.28 -0.40 0.46
CA PHE A 71 3.36 -0.81 -0.92
C PHE A 71 4.85 -0.80 -1.21
N HIS A 72 5.36 -1.93 -1.79
CA HIS A 72 6.74 -2.07 -2.21
C HIS A 72 6.65 -2.39 -3.67
N VAL A 73 7.24 -1.50 -4.48
CA VAL A 73 7.16 -1.56 -5.92
C VAL A 73 8.57 -1.63 -6.45
N TRP A 74 8.84 -2.54 -7.43
CA TRP A 74 10.18 -2.57 -8.02
C TRP A 74 10.05 -2.41 -9.51
N GLY A 75 10.59 -1.27 -10.04
CA GLY A 75 10.65 -0.97 -11.46
C GLY A 75 12.07 -0.84 -11.90
N GLY A 76 12.27 -0.69 -13.23
CA GLY A 76 13.57 -0.48 -13.85
C GLY A 76 13.36 0.54 -14.93
N THR A 77 14.38 1.40 -15.15
CA THR A 77 14.51 2.49 -16.12
C THR A 77 15.29 3.61 -15.44
N THR A 78 14.72 4.33 -14.45
CA THR A 78 15.39 5.44 -13.77
C THR A 78 14.63 5.68 -12.48
N ARG A 79 15.18 6.54 -11.56
CA ARG A 79 14.69 7.10 -10.29
C ARG A 79 13.35 7.83 -10.40
N ALA A 80 13.12 8.52 -11.56
CA ALA A 80 11.92 9.24 -12.03
C ALA A 80 10.64 8.40 -12.01
N GLU A 81 10.78 7.08 -12.31
CA GLU A 81 9.80 6.01 -12.25
C GLU A 81 9.18 5.79 -10.87
N ALA A 82 9.94 6.04 -9.76
CA ALA A 82 9.50 5.98 -8.37
C ALA A 82 8.41 6.99 -8.02
N GLN A 83 8.42 8.17 -8.69
CA GLN A 83 7.44 9.25 -8.63
C GLN A 83 6.15 8.89 -9.38
N ASP A 84 6.32 8.26 -10.58
CA ASP A 84 5.31 7.69 -11.48
C ASP A 84 4.57 6.45 -10.95
N ILE A 85 5.31 5.42 -10.41
CA ILE A 85 4.75 4.18 -9.81
C ILE A 85 4.04 4.43 -8.47
N SER A 86 4.61 5.37 -7.63
CA SER A 86 4.01 5.85 -6.38
C SER A 86 2.73 6.64 -6.63
N SER A 87 2.70 7.47 -7.73
CA SER A 87 1.52 8.20 -8.26
C SER A 87 0.37 7.28 -8.72
N ARG A 88 0.68 6.17 -9.48
CA ARG A 88 -0.32 5.16 -9.89
C ARG A 88 -0.89 4.35 -8.71
N VAL A 89 -0.06 3.83 -7.74
CA VAL A 89 -0.58 3.13 -6.53
C VAL A 89 -1.47 4.00 -5.61
N LEU A 90 -1.10 5.32 -5.43
CA LEU A 90 -1.80 6.39 -4.71
C LEU A 90 -3.08 6.89 -5.43
N GLU A 91 -3.05 7.17 -6.76
CA GLU A 91 -4.23 7.55 -7.58
C GLU A 91 -5.27 6.44 -7.73
N ALA A 92 -4.82 5.15 -7.80
CA ALA A 92 -5.64 3.94 -7.71
C ALA A 92 -6.29 3.82 -6.32
N LEU A 93 -5.45 3.96 -5.25
CA LEU A 93 -5.77 3.94 -3.82
C LEU A 93 -6.92 4.85 -3.37
N THR A 94 -7.00 6.10 -3.92
CA THR A 94 -8.15 7.00 -3.74
C THR A 94 -9.05 7.10 -4.97
N TYR A 95 -8.88 6.25 -6.03
CA TYR A 95 -9.72 6.19 -7.25
C TYR A 95 -11.01 5.50 -6.86
N LYS A 96 -10.84 4.32 -6.22
CA LYS A 96 -11.94 3.59 -5.63
C LYS A 96 -11.54 3.46 -4.16
N PRO A 97 -12.10 4.23 -3.18
CA PRO A 97 -11.56 4.32 -1.82
C PRO A 97 -11.77 3.08 -0.96
N LEU A 98 -10.91 2.94 0.07
CA LEU A 98 -10.79 1.82 0.99
C LEU A 98 -11.97 1.62 1.93
N MET A 99 -12.80 0.57 1.71
CA MET A 99 -13.98 0.28 2.51
C MET A 99 -14.20 -1.22 2.69
N PHE A 100 -14.64 -1.64 3.91
CA PHE A 100 -15.00 -3.02 4.21
C PHE A 100 -16.31 -2.99 5.01
N GLU A 101 -17.46 -3.41 4.42
CA GLU A 101 -18.80 -3.60 4.98
C GLU A 101 -19.53 -2.33 5.42
N GLY A 102 -19.04 -1.18 4.92
CA GLY A 102 -19.44 0.17 5.32
C GLY A 102 -18.41 0.79 6.23
N PHE A 103 -17.35 0.04 6.65
CA PHE A 103 -16.30 0.56 7.52
C PHE A 103 -15.22 1.21 6.66
N THR A 104 -14.80 2.47 6.97
CA THR A 104 -13.80 3.23 6.23
C THR A 104 -12.45 3.27 6.93
N PHE A 105 -11.40 3.36 6.09
CA PHE A 105 -10.02 3.46 6.50
C PHE A 105 -9.60 4.75 5.84
N VAL A 106 -9.27 5.72 6.71
CA VAL A 106 -8.98 7.13 6.50
C VAL A 106 -7.50 7.29 6.67
N ALA A 107 -6.80 7.91 5.67
CA ALA A 107 -5.35 7.95 5.60
C ALA A 107 -4.65 8.99 6.45
N LYS A 108 -3.54 8.53 7.07
CA LYS A 108 -2.60 9.29 7.88
C LYS A 108 -1.27 9.34 7.11
N LYS A 109 -0.71 10.56 6.93
CA LYS A 109 0.51 10.84 6.17
C LYS A 109 1.72 11.17 7.06
N LEU A 110 2.93 10.90 6.54
CA LEU A 110 4.22 11.16 7.18
C LEU A 110 5.20 11.36 6.02
N VAL A 111 6.38 12.02 6.25
CA VAL A 111 7.38 12.44 5.26
C VAL A 111 8.29 11.37 4.63
N LEU A 112 8.31 10.14 5.21
CA LEU A 112 9.06 8.95 4.82
C LEU A 112 10.51 8.84 5.28
N ALA A 113 10.96 7.58 5.47
CA ALA A 113 12.31 7.17 5.81
C ALA A 113 12.78 6.22 4.71
N GLN A 114 13.97 6.49 4.12
CA GLN A 114 14.58 5.76 3.00
C GLN A 114 15.94 5.20 3.37
N VAL A 115 16.09 3.84 3.35
CA VAL A 115 17.36 3.13 3.47
C VAL A 115 17.43 2.17 2.30
N ILE A 116 18.53 2.19 1.50
CA ILE A 116 18.73 1.29 0.37
C ILE A 116 20.00 0.54 0.72
N THR A 117 19.86 -0.81 0.88
CA THR A 117 20.97 -1.72 1.13
C THR A 117 20.95 -2.73 0.01
N ASP A 118 21.95 -2.68 -0.90
CA ASP A 118 22.11 -3.59 -2.03
C ASP A 118 23.57 -3.95 -2.15
N THR A 119 23.90 -5.15 -2.70
CA THR A 119 25.21 -5.78 -2.93
C THR A 119 26.17 -5.03 -3.84
N ASP A 120 25.62 -4.45 -4.95
CA ASP A 120 26.29 -3.57 -5.92
C ASP A 120 26.17 -2.10 -5.52
N GLY A 121 25.27 -1.85 -4.55
CA GLY A 121 24.93 -0.63 -3.83
C GLY A 121 23.89 0.32 -4.39
N VAL A 122 23.33 0.12 -5.62
CA VAL A 122 22.21 0.92 -6.12
C VAL A 122 21.09 0.02 -6.64
N THR A 123 20.02 -0.23 -5.83
CA THR A 123 18.74 -0.84 -6.24
C THR A 123 17.74 0.25 -6.58
N LYS A 124 16.83 0.07 -7.60
CA LYS A 124 15.74 1.02 -7.74
C LYS A 124 14.46 0.36 -7.20
N HIS A 125 13.95 0.90 -6.06
CA HIS A 125 12.73 0.50 -5.41
C HIS A 125 11.95 1.72 -4.95
N GLY A 126 10.60 1.60 -4.93
CA GLY A 126 9.69 2.47 -4.20
C GLY A 126 9.13 1.70 -3.03
N ILE A 127 9.38 2.16 -1.77
CA ILE A 127 8.80 1.63 -0.54
C ILE A 127 7.99 2.83 -0.06
N ILE A 128 6.64 2.67 -0.09
CA ILE A 128 5.65 3.69 0.23
C ILE A 128 4.87 3.20 1.44
N LYS A 129 4.98 3.88 2.60
CA LYS A 129 4.29 3.53 3.84
C LYS A 129 3.15 4.49 4.12
N VAL A 130 1.98 3.96 4.59
CA VAL A 130 0.84 4.77 4.98
C VAL A 130 0.19 4.08 6.16
N ARG A 131 -0.44 4.87 7.06
CA ARG A 131 -1.18 4.43 8.23
C ARG A 131 -2.61 4.88 8.03
N PHE A 132 -3.59 4.03 8.40
CA PHE A 132 -4.99 4.32 8.22
C PHE A 132 -5.62 4.14 9.57
N THR A 133 -6.71 4.88 9.86
CA THR A 133 -7.40 4.76 11.15
C THR A 133 -8.88 4.52 10.83
N ILE A 134 -9.51 3.66 11.68
CA ILE A 134 -10.85 3.09 11.64
C ILE A 134 -11.87 3.84 12.50
N ASN A 135 -13.16 3.98 12.07
CA ASN A 135 -14.18 4.74 12.81
C ASN A 135 -15.10 3.86 13.67
N ASN A 136 -14.47 2.86 14.35
CA ASN A 136 -15.11 1.89 15.23
C ASN A 136 -15.09 2.32 16.69
N ASN A 137 -14.44 3.48 17.01
CA ASN A 137 -14.32 4.10 18.35
C ASN A 137 -15.60 4.81 18.83
N THR A 138 -16.77 4.20 18.57
CA THR A 138 -18.13 4.66 18.86
C THR A 138 -18.69 4.00 20.11
N GLY A 139 -18.56 4.67 21.28
CA GLY A 139 -18.96 4.16 22.58
C GLY A 139 -17.77 3.71 23.38
N GLN A 1 -23.52 -0.10 12.87
CA GLN A 1 -23.15 -1.48 13.04
C GLN A 1 -22.66 -1.64 14.48
N GLY A 2 -22.85 -2.83 15.07
CA GLY A 2 -22.44 -3.13 16.42
C GLY A 2 -22.50 -4.62 16.51
N LEU A 3 -21.62 -5.24 17.35
CA LEU A 3 -21.47 -6.68 17.57
C LEU A 3 -20.62 -7.32 16.46
N GLN A 4 -19.29 -7.09 16.52
CA GLN A 4 -18.35 -7.64 15.56
C GLN A 4 -17.14 -8.11 16.33
N THR A 5 -16.30 -8.98 15.75
CA THR A 5 -15.03 -9.41 16.35
C THR A 5 -14.19 -9.88 15.17
N TRP A 6 -13.90 -8.94 14.24
CA TRP A 6 -13.15 -9.24 13.04
C TRP A 6 -12.09 -8.18 12.82
N LYS A 7 -10.93 -8.28 13.53
CA LYS A 7 -9.75 -7.39 13.42
C LYS A 7 -8.93 -7.66 12.15
N LEU A 8 -9.18 -8.82 11.47
CA LEU A 8 -8.69 -9.25 10.17
C LEU A 8 -9.27 -8.39 9.04
N ALA A 9 -10.45 -7.72 9.29
CA ALA A 9 -11.13 -6.74 8.44
C ALA A 9 -10.29 -5.52 8.08
N SER A 10 -9.39 -5.05 9.01
CA SER A 10 -8.39 -3.99 8.80
C SER A 10 -7.36 -4.33 7.71
N ARG A 11 -6.81 -5.55 7.77
CA ARG A 11 -5.94 -6.23 6.83
C ARG A 11 -6.62 -6.77 5.53
N ALA A 12 -7.87 -7.32 5.60
CA ALA A 12 -8.73 -7.63 4.42
C ALA A 12 -9.08 -6.37 3.58
N LEU A 13 -9.00 -5.19 4.25
CA LEU A 13 -8.92 -3.87 3.69
C LEU A 13 -7.60 -3.64 2.90
N GLN A 14 -6.42 -4.30 3.22
CA GLN A 14 -5.18 -4.28 2.41
C GLN A 14 -5.37 -4.98 1.08
N LYS A 15 -6.15 -6.11 1.07
CA LYS A 15 -6.63 -6.65 -0.25
C LYS A 15 -7.65 -5.76 -1.01
N ALA A 16 -8.48 -4.96 -0.30
CA ALA A 16 -9.36 -3.94 -0.88
C ALA A 16 -8.66 -2.69 -1.44
N THR A 17 -7.62 -2.14 -0.73
CA THR A 17 -6.71 -1.07 -1.17
C THR A 17 -5.77 -1.54 -2.29
N VAL A 18 -5.41 -2.87 -2.30
CA VAL A 18 -4.75 -3.51 -3.44
C VAL A 18 -5.68 -3.70 -4.62
N GLU A 19 -6.99 -4.00 -4.37
CA GLU A 19 -8.03 -4.09 -5.40
C GLU A 19 -8.38 -2.73 -6.02
N ASN A 20 -8.26 -1.64 -5.22
CA ASN A 20 -8.28 -0.23 -5.59
C ASN A 20 -7.14 0.15 -6.54
N LEU A 21 -5.89 -0.35 -6.24
CA LEU A 21 -4.72 -0.28 -7.16
C LEU A 21 -4.93 -1.01 -8.49
N GLU A 22 -5.62 -2.19 -8.45
CA GLU A 22 -6.11 -2.99 -9.58
C GLU A 22 -7.26 -2.34 -10.36
N SER A 23 -8.07 -1.47 -9.68
CA SER A 23 -9.16 -0.69 -10.25
C SER A 23 -8.68 0.51 -11.04
N TYR A 24 -7.56 1.17 -10.61
CA TYR A 24 -6.98 2.32 -11.30
C TYR A 24 -6.26 1.95 -12.61
N GLN A 25 -7.04 2.07 -13.73
CA GLN A 25 -6.78 1.72 -15.12
C GLN A 25 -5.40 1.97 -15.76
N PRO A 26 -4.67 3.12 -15.73
CA PRO A 26 -3.26 3.19 -16.16
C PRO A 26 -2.24 2.41 -15.31
N LEU A 27 -2.50 2.04 -14.02
CA LEU A 27 -1.54 1.38 -13.12
C LEU A 27 -1.40 -0.10 -13.42
N MET A 28 -2.53 -0.69 -13.87
CA MET A 28 -2.76 -2.01 -14.49
C MET A 28 -1.95 -2.26 -15.76
N GLU A 29 -1.61 -1.18 -16.52
CA GLU A 29 -0.71 -1.19 -17.67
C GLU A 29 0.78 -1.14 -17.28
N MET A 30 1.13 -0.46 -16.13
CA MET A 30 2.48 -0.34 -15.57
C MET A 30 2.90 -1.56 -14.72
N VAL A 31 1.96 -2.11 -13.89
CA VAL A 31 2.19 -3.36 -13.16
C VAL A 31 1.03 -4.25 -13.61
N ASN A 32 1.31 -5.57 -13.77
CA ASN A 32 0.39 -6.67 -14.09
C ASN A 32 0.04 -7.50 -12.85
N GLN A 33 1.10 -7.57 -12.02
CA GLN A 33 1.47 -8.34 -10.87
C GLN A 33 1.21 -7.62 -9.55
N VAL A 34 0.07 -6.87 -9.44
CA VAL A 34 -0.35 -6.16 -8.23
C VAL A 34 -1.18 -7.13 -7.37
N THR A 35 -0.54 -7.55 -6.25
CA THR A 35 -1.00 -8.65 -5.40
C THR A 35 -0.81 -8.35 -3.92
N GLU A 36 -1.64 -9.00 -3.06
CA GLU A 36 -1.67 -8.90 -1.61
C GLU A 36 -0.65 -9.80 -0.87
N SER A 37 0.60 -9.84 -1.37
CA SER A 37 1.78 -10.59 -0.88
C SER A 37 2.31 -11.60 -1.91
N PRO A 38 1.70 -12.76 -2.26
CA PRO A 38 2.29 -13.78 -3.13
C PRO A 38 2.38 -13.38 -4.62
N GLY A 39 3.50 -13.67 -5.30
CA GLY A 39 3.74 -13.25 -6.70
C GLY A 39 5.07 -12.56 -6.80
N LYS A 40 5.64 -12.25 -5.62
CA LYS A 40 6.88 -11.56 -5.32
C LYS A 40 8.18 -12.21 -5.80
N ASP A 41 8.11 -13.50 -6.22
CA ASP A 41 9.18 -14.33 -6.78
C ASP A 41 9.21 -14.24 -8.32
N ASP A 42 8.27 -13.47 -8.94
CA ASP A 42 8.23 -13.22 -10.39
C ASP A 42 8.94 -11.89 -10.68
N PRO A 43 9.39 -11.56 -11.91
CA PRO A 43 10.18 -10.35 -12.21
C PRO A 43 9.39 -9.04 -12.30
N TYR A 44 10.11 -7.89 -12.21
CA TYR A 44 9.64 -6.50 -12.25
C TYR A 44 9.27 -6.01 -13.68
N PRO A 45 8.46 -4.93 -13.89
CA PRO A 45 7.82 -4.07 -12.87
C PRO A 45 6.58 -4.73 -12.26
N TYR A 46 6.32 -4.45 -10.95
CA TYR A 46 5.28 -5.15 -10.18
C TYR A 46 4.99 -4.59 -8.76
N VAL A 47 3.88 -5.05 -8.09
CA VAL A 47 3.55 -4.58 -6.73
C VAL A 47 3.09 -5.72 -5.83
N VAL A 48 3.70 -5.80 -4.62
CA VAL A 48 3.28 -6.71 -3.54
C VAL A 48 2.93 -5.90 -2.28
N ILE A 49 1.92 -6.36 -1.48
CA ILE A 49 1.58 -5.85 -0.13
C ILE A 49 2.40 -6.61 0.91
N GLY A 50 2.87 -5.85 1.92
CA GLY A 50 3.45 -6.33 3.15
C GLY A 50 3.02 -5.40 4.26
N ASP A 51 3.87 -5.27 5.28
CA ASP A 51 3.70 -4.37 6.40
C ASP A 51 5.15 -4.01 6.69
N GLN A 52 5.51 -2.71 6.87
CA GLN A 52 6.89 -2.27 7.06
C GLN A 52 6.94 -1.47 8.34
N SER A 53 8.11 -1.51 9.04
CA SER A 53 8.37 -0.80 10.27
C SER A 53 9.86 -0.48 10.24
N SER A 54 10.33 0.24 11.28
CA SER A 54 11.70 0.72 11.49
C SER A 54 12.29 0.15 12.78
N THR A 55 11.80 0.69 13.93
CA THR A 55 12.19 0.40 15.31
C THR A 55 11.41 -0.80 15.88
N PRO A 56 11.98 -2.01 16.10
CA PRO A 56 11.25 -3.18 16.62
C PRO A 56 11.03 -3.12 18.14
N PHE A 57 9.86 -3.62 18.60
CA PHE A 57 9.42 -3.71 19.98
C PHE A 57 8.80 -5.09 20.13
N GLU A 58 8.85 -5.69 21.36
CA GLU A 58 8.31 -7.01 21.71
C GLU A 58 6.82 -6.98 22.09
N THR A 59 6.27 -5.76 22.29
CA THR A 59 4.88 -5.47 22.59
C THR A 59 4.75 -4.00 22.25
N LYS A 60 3.53 -3.45 22.06
CA LYS A 60 3.34 -2.06 21.68
C LYS A 60 2.09 -1.53 22.34
N SER A 61 2.14 -0.33 22.98
CA SER A 61 0.98 0.34 23.58
C SER A 61 0.27 1.22 22.53
N SER A 62 -0.25 0.61 21.45
CA SER A 62 -0.94 1.33 20.39
C SER A 62 -1.75 0.33 19.60
N PHE A 63 -2.79 -0.23 20.25
CA PHE A 63 -3.75 -1.14 19.64
C PHE A 63 -5.11 -0.62 20.07
N GLY A 64 -5.88 0.00 19.14
CA GLY A 64 -7.18 0.55 19.49
C GLY A 64 -7.76 1.34 18.36
N GLU A 65 -8.17 0.62 17.27
CA GLU A 65 -8.78 1.12 16.03
C GLU A 65 -7.77 1.72 15.04
N ASN A 66 -6.70 0.97 14.73
CA ASN A 66 -5.58 1.38 13.89
C ASN A 66 -5.20 0.28 12.90
N ILE A 67 -5.12 0.68 11.60
CA ILE A 67 -4.78 -0.07 10.40
C ILE A 67 -3.43 0.54 9.98
N THR A 68 -2.40 -0.30 9.72
CA THR A 68 -1.11 0.08 9.17
C THR A 68 -0.95 -0.92 8.05
N MET A 69 -0.48 -0.43 6.89
CA MET A 69 -0.42 -1.17 5.65
C MET A 69 0.77 -0.68 4.86
N ASP A 70 1.45 -1.58 4.11
CA ASP A 70 2.54 -1.18 3.26
C ASP A 70 2.42 -1.91 1.97
N PHE A 71 2.84 -1.23 0.89
CA PHE A 71 2.93 -1.78 -0.44
C PHE A 71 4.33 -1.40 -0.88
N HIS A 72 4.99 -2.41 -1.51
CA HIS A 72 6.36 -2.39 -1.97
C HIS A 72 6.12 -2.39 -3.46
N VAL A 73 6.58 -1.30 -4.10
CA VAL A 73 6.24 -0.95 -5.47
C VAL A 73 7.56 -0.89 -6.14
N TRP A 74 7.85 -1.84 -7.08
CA TRP A 74 9.20 -1.84 -7.63
C TRP A 74 9.10 -1.91 -9.14
N GLY A 75 9.96 -1.13 -9.85
CA GLY A 75 9.95 -1.09 -11.29
C GLY A 75 11.29 -0.86 -11.88
N GLY A 76 11.37 -1.12 -13.20
CA GLY A 76 12.58 -0.94 -13.99
C GLY A 76 12.13 -1.21 -15.39
N THR A 77 12.12 -0.19 -16.27
CA THR A 77 11.62 -0.33 -17.65
C THR A 77 12.06 0.93 -18.37
N THR A 78 11.75 2.08 -17.73
CA THR A 78 12.05 3.42 -18.15
C THR A 78 12.34 4.12 -16.83
N ARG A 79 13.14 5.23 -16.85
CA ARG A 79 13.56 6.08 -15.73
C ARG A 79 12.43 6.81 -14.98
N ALA A 80 11.39 7.24 -15.74
CA ALA A 80 10.16 7.89 -15.37
C ALA A 80 9.16 6.95 -14.70
N GLU A 81 9.13 5.67 -15.16
CA GLU A 81 8.20 4.61 -14.79
C GLU A 81 8.12 4.21 -13.31
N ALA A 82 9.25 4.21 -12.55
CA ALA A 82 9.34 3.99 -11.10
C ALA A 82 8.60 5.03 -10.26
N GLN A 83 8.70 6.31 -10.70
CA GLN A 83 8.07 7.51 -10.18
C GLN A 83 6.61 7.57 -10.60
N ASP A 84 6.29 7.02 -11.82
CA ASP A 84 4.93 6.78 -12.33
C ASP A 84 4.21 5.68 -11.53
N ILE A 85 4.80 4.46 -11.28
CA ILE A 85 4.19 3.39 -10.42
C ILE A 85 3.90 3.85 -8.97
N SER A 86 4.81 4.68 -8.37
CA SER A 86 4.70 5.33 -7.06
C SER A 86 3.56 6.35 -6.94
N SER A 87 3.50 7.30 -7.93
CA SER A 87 2.51 8.37 -8.10
C SER A 87 1.13 7.86 -8.52
N ARG A 88 1.09 6.78 -9.35
CA ARG A 88 -0.09 6.08 -9.84
C ARG A 88 -0.69 5.17 -8.79
N VAL A 89 0.12 4.54 -7.87
CA VAL A 89 -0.31 3.82 -6.64
C VAL A 89 -0.96 4.80 -5.65
N LEU A 90 -0.32 5.96 -5.39
CA LEU A 90 -0.77 7.08 -4.54
C LEU A 90 -2.08 7.77 -5.02
N GLU A 91 -2.13 8.14 -6.33
CA GLU A 91 -3.27 8.67 -7.09
C GLU A 91 -4.43 7.67 -7.12
N ALA A 92 -4.10 6.34 -7.22
CA ALA A 92 -5.02 5.21 -7.02
C ALA A 92 -5.61 5.14 -5.60
N LEU A 93 -4.77 5.35 -4.51
CA LEU A 93 -5.17 5.44 -3.08
C LEU A 93 -6.21 6.50 -2.77
N THR A 94 -6.23 7.61 -3.56
CA THR A 94 -7.36 8.59 -3.51
C THR A 94 -8.24 8.80 -4.74
N TYR A 95 -8.10 7.91 -5.75
CA TYR A 95 -8.98 7.80 -6.94
C TYR A 95 -10.23 7.01 -6.51
N LYS A 96 -9.99 5.84 -5.85
CA LYS A 96 -11.01 4.95 -5.33
C LYS A 96 -10.95 5.09 -3.81
N PRO A 97 -12.06 4.93 -3.06
CA PRO A 97 -12.09 5.00 -1.59
C PRO A 97 -11.61 3.69 -0.96
N LEU A 98 -11.16 3.73 0.33
CA LEU A 98 -10.68 2.54 1.01
C LEU A 98 -11.83 1.97 1.84
N MET A 99 -12.38 0.82 1.36
CA MET A 99 -13.54 0.16 1.91
C MET A 99 -13.40 -1.34 1.81
N PHE A 100 -13.85 -2.09 2.85
CA PHE A 100 -13.91 -3.54 2.86
C PHE A 100 -15.33 -3.84 3.36
N GLU A 101 -16.23 -4.30 2.46
CA GLU A 101 -17.62 -4.75 2.65
C GLU A 101 -18.62 -3.63 2.91
N GLY A 102 -18.27 -2.41 2.43
CA GLY A 102 -19.05 -1.17 2.59
C GLY A 102 -18.60 -0.34 3.77
N PHE A 103 -17.52 -0.78 4.47
CA PHE A 103 -17.04 -0.07 5.67
C PHE A 103 -15.84 0.81 5.33
N THR A 104 -15.88 2.15 5.62
CA THR A 104 -14.84 3.12 5.21
C THR A 104 -13.82 3.44 6.29
N PHE A 105 -12.54 3.55 5.88
CA PHE A 105 -11.40 3.83 6.76
C PHE A 105 -10.68 5.01 6.15
N VAL A 106 -10.10 5.92 6.99
CA VAL A 106 -9.52 7.19 6.56
C VAL A 106 -8.02 7.11 6.61
N ALA A 107 -7.34 7.40 5.47
CA ALA A 107 -5.90 7.35 5.27
C ALA A 107 -5.19 8.61 5.79
N LYS A 108 -4.03 8.39 6.45
CA LYS A 108 -3.14 9.40 6.98
C LYS A 108 -1.78 9.13 6.36
N LYS A 109 -1.10 10.19 5.83
CA LYS A 109 0.22 10.17 5.17
C LYS A 109 0.19 9.74 3.70
N LEU A 110 0.56 10.64 2.76
CA LEU A 110 0.61 10.37 1.32
C LEU A 110 2.00 10.75 0.85
N VAL A 111 3.02 9.87 1.09
CA VAL A 111 4.44 10.12 0.82
C VAL A 111 4.95 9.26 -0.35
N LEU A 112 5.95 9.79 -1.10
CA LEU A 112 6.64 9.13 -2.21
C LEU A 112 8.02 9.77 -2.24
N ALA A 113 8.86 9.44 -3.28
CA ALA A 113 10.18 10.01 -3.58
C ALA A 113 11.37 9.09 -3.37
N GLN A 114 11.16 7.86 -2.79
CA GLN A 114 12.18 6.85 -2.48
C GLN A 114 12.75 6.13 -3.71
N VAL A 115 12.06 6.29 -4.87
CA VAL A 115 12.44 5.85 -6.21
C VAL A 115 13.17 7.01 -6.89
N ILE A 116 14.46 6.77 -7.18
CA ILE A 116 15.44 7.69 -7.74
C ILE A 116 15.90 7.16 -9.09
N THR A 117 16.45 8.03 -9.96
CA THR A 117 17.04 7.70 -11.26
C THR A 117 18.56 7.76 -11.09
N ASP A 118 19.28 6.63 -11.33
CA ASP A 118 20.72 6.52 -11.24
C ASP A 118 21.29 6.53 -12.65
N THR A 119 22.39 7.30 -12.87
CA THR A 119 23.13 7.54 -14.12
C THR A 119 23.79 6.33 -14.76
N ASP A 120 24.02 5.26 -13.95
CA ASP A 120 24.57 3.97 -14.34
C ASP A 120 23.50 2.95 -14.75
N GLY A 121 22.18 3.24 -14.52
CA GLY A 121 21.08 2.39 -14.97
C GLY A 121 20.64 1.27 -14.04
N VAL A 122 20.43 1.57 -12.73
CA VAL A 122 20.01 0.62 -11.69
C VAL A 122 18.49 0.54 -11.53
N THR A 123 17.97 -0.66 -11.12
CA THR A 123 16.57 -0.96 -10.80
C THR A 123 16.07 -0.19 -9.57
N LYS A 124 14.81 0.31 -9.64
CA LYS A 124 14.20 1.17 -8.66
C LYS A 124 13.29 0.40 -7.71
N HIS A 125 13.45 0.70 -6.40
CA HIS A 125 12.78 0.07 -5.29
C HIS A 125 12.28 1.19 -4.40
N GLY A 126 10.96 1.26 -4.18
CA GLY A 126 10.35 2.24 -3.28
C GLY A 126 9.39 1.52 -2.38
N ILE A 127 9.40 1.88 -1.06
CA ILE A 127 8.48 1.35 -0.06
C ILE A 127 7.58 2.51 0.34
N ILE A 128 6.25 2.28 0.16
CA ILE A 128 5.19 3.24 0.41
C ILE A 128 4.40 2.66 1.58
N LYS A 129 4.39 3.40 2.73
CA LYS A 129 3.66 3.07 3.95
C LYS A 129 2.55 4.05 4.08
N VAL A 130 1.39 3.50 4.51
CA VAL A 130 0.26 4.34 4.86
C VAL A 130 -0.40 3.72 6.08
N ARG A 131 -0.91 4.60 6.97
CA ARG A 131 -1.62 4.33 8.21
C ARG A 131 -3.01 4.91 7.99
N PHE A 132 -4.07 4.21 8.45
CA PHE A 132 -5.47 4.58 8.28
C PHE A 132 -6.05 4.42 9.65
N THR A 133 -6.95 5.34 10.07
CA THR A 133 -7.51 5.31 11.41
C THR A 133 -9.02 5.38 11.26
N ILE A 134 -9.78 4.65 12.12
CA ILE A 134 -11.24 4.68 12.17
C ILE A 134 -11.59 5.08 13.58
N ASN A 135 -12.60 5.98 13.76
CA ASN A 135 -13.06 6.48 15.05
C ASN A 135 -14.55 6.16 15.17
N ASN A 136 -15.03 5.13 14.41
CA ASN A 136 -16.38 4.57 14.29
C ASN A 136 -17.34 5.34 13.37
N ASN A 137 -18.07 4.63 12.47
CA ASN A 137 -19.11 5.18 11.61
C ASN A 137 -20.40 4.41 11.91
N THR A 138 -21.43 5.07 12.47
CA THR A 138 -22.74 4.50 12.80
C THR A 138 -23.67 4.46 11.59
N GLY A 139 -23.63 3.35 10.84
CA GLY A 139 -24.42 3.12 9.63
C GLY A 139 -23.50 2.89 8.47
N GLN A 1 -22.81 -2.28 11.22
CA GLN A 1 -22.69 -2.59 12.62
C GLN A 1 -22.13 -1.40 13.34
N GLY A 2 -21.67 -0.38 12.57
CA GLY A 2 -20.94 0.79 13.05
C GLY A 2 -19.47 0.63 12.74
N LEU A 3 -18.62 1.55 13.24
CA LEU A 3 -17.17 1.60 12.99
C LEU A 3 -16.33 0.89 14.07
N GLN A 4 -16.95 -0.16 14.68
CA GLN A 4 -16.46 -1.10 15.69
C GLN A 4 -15.67 -2.24 15.05
N THR A 5 -15.88 -2.45 13.73
CA THR A 5 -15.39 -3.54 12.89
C THR A 5 -13.90 -3.51 12.55
N TRP A 6 -13.07 -4.03 13.50
CA TRP A 6 -11.63 -4.19 13.39
C TRP A 6 -11.27 -5.63 13.05
N LYS A 7 -10.15 -6.14 13.64
CA LYS A 7 -9.59 -7.50 13.52
C LYS A 7 -9.21 -7.91 12.10
N LEU A 8 -10.02 -8.81 11.48
CA LEU A 8 -9.92 -9.32 10.11
C LEU A 8 -10.31 -8.29 9.04
N ALA A 9 -11.28 -7.37 9.35
CA ALA A 9 -11.77 -6.32 8.47
C ALA A 9 -10.74 -5.23 8.13
N SER A 10 -9.89 -4.88 9.14
CA SER A 10 -8.77 -3.95 9.07
C SER A 10 -7.70 -4.32 8.03
N ARG A 11 -7.29 -5.60 8.03
CA ARG A 11 -6.40 -6.24 7.06
C ARG A 11 -7.01 -6.55 5.67
N ALA A 12 -8.31 -6.96 5.66
CA ALA A 12 -9.16 -7.08 4.48
C ALA A 12 -9.32 -5.76 3.67
N LEU A 13 -9.13 -4.57 4.33
CA LEU A 13 -8.92 -3.28 3.64
C LEU A 13 -7.65 -3.22 2.80
N GLN A 14 -6.56 -3.97 3.15
CA GLN A 14 -5.30 -4.08 2.40
C GLN A 14 -5.54 -4.84 1.12
N LYS A 15 -6.37 -5.93 1.17
CA LYS A 15 -6.88 -6.56 -0.08
C LYS A 15 -7.88 -5.69 -0.89
N ALA A 16 -8.67 -4.80 -0.23
CA ALA A 16 -9.53 -3.81 -0.88
C ALA A 16 -8.76 -2.67 -1.50
N THR A 17 -7.65 -2.24 -0.84
CA THR A 17 -6.69 -1.23 -1.31
C THR A 17 -5.85 -1.76 -2.47
N VAL A 18 -5.49 -3.09 -2.41
CA VAL A 18 -4.89 -3.85 -3.52
C VAL A 18 -5.82 -4.03 -4.69
N GLU A 19 -7.15 -4.12 -4.40
CA GLU A 19 -8.21 -4.11 -5.41
C GLU A 19 -8.41 -2.75 -6.08
N ASN A 20 -8.12 -1.65 -5.34
CA ASN A 20 -8.07 -0.25 -5.84
C ASN A 20 -6.90 -0.06 -6.82
N LEU A 21 -5.70 -0.63 -6.46
CA LEU A 21 -4.52 -0.73 -7.32
C LEU A 21 -4.75 -1.52 -8.62
N GLU A 22 -5.52 -2.65 -8.53
CA GLU A 22 -5.96 -3.44 -9.68
C GLU A 22 -7.11 -2.79 -10.45
N SER A 23 -7.93 -1.88 -9.81
CA SER A 23 -9.00 -1.12 -10.44
C SER A 23 -8.54 0.13 -11.18
N TYR A 24 -7.34 0.71 -10.88
CA TYR A 24 -6.84 1.92 -11.55
C TYR A 24 -6.13 1.65 -12.90
N GLN A 25 -6.85 1.95 -14.01
CA GLN A 25 -6.46 1.83 -15.43
C GLN A 25 -5.03 2.23 -15.84
N PRO A 26 -4.40 3.39 -15.54
CA PRO A 26 -2.98 3.67 -15.77
C PRO A 26 -2.00 2.83 -14.93
N LEU A 27 -2.36 2.30 -13.72
CA LEU A 27 -1.49 1.55 -12.83
C LEU A 27 -1.42 0.08 -13.22
N MET A 28 -2.59 -0.49 -13.60
CA MET A 28 -2.76 -1.82 -14.22
C MET A 28 -2.12 -1.92 -15.63
N GLU A 29 -2.03 -0.77 -16.36
CA GLU A 29 -1.27 -0.62 -17.59
C GLU A 29 0.26 -0.55 -17.37
N MET A 30 0.73 -0.18 -16.14
CA MET A 30 2.13 -0.05 -15.71
C MET A 30 2.68 -1.20 -14.85
N VAL A 31 1.86 -2.08 -14.19
CA VAL A 31 2.37 -3.21 -13.36
C VAL A 31 1.77 -4.48 -13.98
N ASN A 32 2.51 -5.62 -13.98
CA ASN A 32 2.01 -6.91 -14.50
C ASN A 32 1.59 -7.87 -13.39
N GLN A 33 2.00 -7.46 -12.18
CA GLN A 33 2.15 -8.20 -10.96
C GLN A 33 1.66 -7.56 -9.67
N VAL A 34 0.50 -6.84 -9.69
CA VAL A 34 -0.05 -6.25 -8.45
C VAL A 34 -0.91 -7.34 -7.75
N THR A 35 -0.32 -7.80 -6.63
CA THR A 35 -0.76 -8.93 -5.83
C THR A 35 -0.48 -8.71 -4.35
N GLU A 36 -1.06 -9.60 -3.53
CA GLU A 36 -0.98 -9.64 -2.08
C GLU A 36 -0.13 -10.80 -1.55
N SER A 37 0.25 -11.78 -2.41
CA SER A 37 1.08 -12.94 -2.01
C SER A 37 1.38 -13.77 -3.23
N PRO A 38 0.50 -14.54 -3.91
CA PRO A 38 0.89 -15.36 -5.07
C PRO A 38 1.17 -14.46 -6.30
N GLY A 39 2.27 -14.75 -7.03
CA GLY A 39 2.76 -13.89 -8.09
C GLY A 39 4.00 -13.14 -7.65
N LYS A 40 4.27 -13.02 -6.32
CA LYS A 40 5.43 -12.32 -5.72
C LYS A 40 6.86 -12.59 -6.24
N ASP A 41 7.07 -13.69 -6.99
CA ASP A 41 8.29 -14.11 -7.67
C ASP A 41 8.24 -13.90 -9.19
N ASP A 42 7.23 -13.16 -9.74
CA ASP A 42 7.07 -12.84 -11.16
C ASP A 42 7.65 -11.44 -11.48
N PRO A 43 8.26 -11.21 -12.67
CA PRO A 43 9.15 -10.05 -12.96
C PRO A 43 8.55 -8.64 -13.03
N TYR A 44 9.51 -7.67 -12.92
CA TYR A 44 9.44 -6.21 -12.87
C TYR A 44 9.04 -5.49 -14.17
N PRO A 45 8.20 -4.42 -14.15
CA PRO A 45 7.64 -3.71 -12.98
C PRO A 45 6.44 -4.40 -12.30
N TYR A 46 6.30 -4.25 -10.94
CA TYR A 46 5.25 -4.91 -10.16
C TYR A 46 5.03 -4.40 -8.71
N VAL A 47 3.89 -4.84 -8.04
CA VAL A 47 3.57 -4.39 -6.66
C VAL A 47 3.10 -5.53 -5.78
N VAL A 48 3.80 -5.70 -4.63
CA VAL A 48 3.45 -6.67 -3.60
C VAL A 48 3.08 -5.97 -2.30
N ILE A 49 2.03 -6.48 -1.58
CA ILE A 49 1.60 -6.13 -0.21
C ILE A 49 2.55 -6.77 0.79
N GLY A 50 2.88 -6.03 1.85
CA GLY A 50 3.74 -6.53 2.89
C GLY A 50 3.61 -5.64 4.08
N ASP A 51 4.57 -5.81 5.00
CA ASP A 51 4.58 -5.06 6.23
C ASP A 51 6.05 -4.84 6.57
N GLN A 52 6.44 -3.55 6.68
CA GLN A 52 7.80 -3.10 6.93
C GLN A 52 7.72 -2.12 8.10
N SER A 53 8.89 -1.88 8.75
CA SER A 53 9.14 -1.02 9.90
C SER A 53 9.14 -1.89 11.17
N SER A 54 8.69 -1.31 12.30
CA SER A 54 8.59 -1.97 13.60
C SER A 54 7.72 -1.10 14.49
N THR A 55 7.45 -1.54 15.74
CA THR A 55 6.68 -0.78 16.73
C THR A 55 6.90 -1.54 18.02
N PRO A 56 7.36 -0.97 19.18
CA PRO A 56 7.50 -1.69 20.46
C PRO A 56 6.13 -2.00 21.09
N PHE A 57 5.78 -3.30 21.20
CA PHE A 57 4.52 -3.79 21.71
C PHE A 57 4.80 -4.60 22.95
N GLU A 58 4.54 -4.01 24.14
CA GLU A 58 4.64 -4.63 25.44
C GLU A 58 3.21 -4.91 25.89
N THR A 59 2.42 -3.83 26.00
CA THR A 59 1.01 -3.79 26.34
C THR A 59 0.46 -2.67 25.46
N LYS A 60 -0.84 -2.36 25.58
CA LYS A 60 -1.51 -1.25 24.90
C LYS A 60 -2.30 -0.50 25.98
N SER A 61 -3.15 0.48 25.61
CA SER A 61 -3.96 1.21 26.57
C SER A 61 -5.15 1.74 25.82
N SER A 62 -6.36 1.56 26.41
CA SER A 62 -7.67 1.96 25.91
C SER A 62 -8.19 1.14 24.72
N PHE A 63 -7.62 1.35 23.52
CA PHE A 63 -8.00 0.64 22.30
C PHE A 63 -6.82 0.80 21.35
N GLY A 64 -6.54 -0.23 20.49
CA GLY A 64 -5.50 -0.17 19.46
C GLY A 64 -6.13 -0.23 18.09
N GLU A 65 -7.11 0.68 17.85
CA GLU A 65 -7.96 0.80 16.67
C GLU A 65 -7.37 1.49 15.46
N ASN A 66 -6.29 0.90 14.92
CA ASN A 66 -5.64 1.34 13.71
C ASN A 66 -5.21 0.14 12.87
N ILE A 67 -5.21 0.39 11.54
CA ILE A 67 -4.90 -0.50 10.43
C ILE A 67 -3.57 0.05 9.88
N THR A 68 -2.49 -0.76 9.84
CA THR A 68 -1.18 -0.40 9.31
C THR A 68 -0.96 -1.20 8.03
N MET A 69 -0.62 -0.57 6.86
CA MET A 69 -0.36 -1.38 5.68
C MET A 69 0.76 -0.84 4.83
N ASP A 70 1.56 -1.79 4.26
CA ASP A 70 2.61 -1.45 3.33
C ASP A 70 2.36 -2.21 2.04
N PHE A 71 2.89 -1.60 0.97
CA PHE A 71 2.99 -2.14 -0.37
C PHE A 71 4.38 -1.71 -0.80
N HIS A 72 5.10 -2.60 -1.52
CA HIS A 72 6.46 -2.42 -2.00
C HIS A 72 6.28 -2.37 -3.50
N VAL A 73 6.77 -1.28 -4.16
CA VAL A 73 6.48 -0.95 -5.53
C VAL A 73 7.81 -0.83 -6.22
N TRP A 74 8.11 -1.77 -7.16
CA TRP A 74 9.46 -1.73 -7.74
C TRP A 74 9.40 -1.88 -9.25
N GLY A 75 10.10 -0.95 -9.96
CA GLY A 75 10.01 -0.80 -11.42
C GLY A 75 11.30 -0.93 -12.16
N GLY A 76 11.98 -2.10 -12.05
CA GLY A 76 13.24 -2.43 -12.74
C GLY A 76 13.05 -2.77 -14.20
N THR A 77 13.16 -1.74 -15.08
CA THR A 77 12.95 -1.86 -16.54
C THR A 77 13.42 -0.56 -17.17
N THR A 78 13.04 0.60 -16.60
CA THR A 78 13.48 1.93 -17.05
C THR A 78 13.21 2.80 -15.84
N ARG A 79 13.98 3.91 -15.62
CA ARG A 79 13.88 4.86 -14.50
C ARG A 79 12.55 5.64 -14.42
N ALA A 80 11.97 5.97 -15.62
CA ALA A 80 10.68 6.60 -15.86
C ALA A 80 9.46 5.81 -15.38
N GLU A 81 9.51 4.45 -15.46
CA GLU A 81 8.50 3.49 -15.01
C GLU A 81 8.23 3.52 -13.51
N ALA A 82 9.28 3.82 -12.69
CA ALA A 82 9.32 3.95 -11.24
C ALA A 82 8.53 5.14 -10.70
N GLN A 83 8.53 6.25 -11.49
CA GLN A 83 7.79 7.49 -11.27
C GLN A 83 6.34 7.34 -11.65
N ASP A 84 6.10 6.58 -12.76
CA ASP A 84 4.80 6.15 -13.27
C ASP A 84 4.12 5.15 -12.31
N ILE A 85 4.84 4.11 -11.79
CA ILE A 85 4.27 3.18 -10.79
C ILE A 85 4.06 3.80 -9.40
N SER A 86 4.97 4.67 -8.88
CA SER A 86 4.80 5.39 -7.60
C SER A 86 3.69 6.47 -7.60
N SER A 87 3.69 7.39 -8.61
CA SER A 87 2.68 8.43 -8.87
C SER A 87 1.28 7.89 -9.14
N ARG A 88 1.16 6.86 -10.03
CA ARG A 88 -0.09 6.17 -10.34
C ARG A 88 -0.53 5.22 -9.22
N VAL A 89 0.38 4.59 -8.39
CA VAL A 89 -0.01 3.78 -7.20
C VAL A 89 -0.63 4.60 -6.06
N LEU A 90 -0.08 5.79 -5.64
CA LEU A 90 -0.71 6.69 -4.62
C LEU A 90 -2.03 7.31 -5.11
N GLU A 91 -2.02 7.66 -6.45
CA GLU A 91 -3.19 8.09 -7.21
C GLU A 91 -4.28 7.02 -7.28
N ALA A 92 -3.90 5.69 -7.33
CA ALA A 92 -4.77 4.50 -7.24
C ALA A 92 -5.39 4.31 -5.85
N LEU A 93 -4.54 4.44 -4.75
CA LEU A 93 -4.88 4.38 -3.31
C LEU A 93 -6.07 5.24 -2.92
N THR A 94 -6.08 6.53 -3.37
CA THR A 94 -7.25 7.41 -3.16
C THR A 94 -8.12 7.69 -4.38
N TYR A 95 -7.93 6.95 -5.49
CA TYR A 95 -8.77 7.02 -6.70
C TYR A 95 -10.04 6.22 -6.46
N LYS A 96 -9.81 5.03 -5.85
CA LYS A 96 -10.85 4.11 -5.42
C LYS A 96 -10.60 4.12 -3.90
N PRO A 97 -11.47 4.75 -3.05
CA PRO A 97 -11.21 5.07 -1.63
C PRO A 97 -11.28 3.86 -0.70
N LEU A 98 -10.72 4.00 0.55
CA LEU A 98 -10.56 2.84 1.43
C LEU A 98 -11.82 2.43 2.18
N MET A 99 -12.37 1.29 1.68
CA MET A 99 -13.57 0.65 2.13
C MET A 99 -13.42 -0.86 2.00
N PHE A 100 -13.97 -1.63 2.97
CA PHE A 100 -14.08 -3.08 2.95
C PHE A 100 -15.52 -3.40 3.42
N GLU A 101 -16.40 -3.90 2.50
CA GLU A 101 -17.77 -4.41 2.67
C GLU A 101 -18.79 -3.41 3.22
N GLY A 102 -18.60 -2.14 2.83
CA GLY A 102 -19.35 -0.99 3.31
C GLY A 102 -18.67 -0.29 4.46
N PHE A 103 -17.56 -0.84 5.03
CA PHE A 103 -16.91 -0.21 6.20
C PHE A 103 -15.78 0.66 5.71
N THR A 104 -15.78 1.98 6.08
CA THR A 104 -14.86 3.03 5.67
C THR A 104 -13.75 3.23 6.67
N PHE A 105 -12.55 3.64 6.20
CA PHE A 105 -11.41 3.89 7.09
C PHE A 105 -10.77 5.18 6.63
N VAL A 106 -10.22 5.98 7.58
CA VAL A 106 -9.68 7.32 7.36
C VAL A 106 -8.16 7.31 7.41
N ALA A 107 -7.46 7.73 6.32
CA ALA A 107 -5.99 7.71 6.23
C ALA A 107 -5.30 8.87 6.95
N LYS A 108 -4.31 8.52 7.80
CA LYS A 108 -3.60 9.44 8.67
C LYS A 108 -2.12 9.10 8.62
N LYS A 109 -1.34 9.79 7.77
CA LYS A 109 0.08 9.51 7.60
C LYS A 109 0.83 10.80 7.37
N LEU A 110 2.00 10.95 8.04
CA LEU A 110 2.92 12.07 7.91
C LEU A 110 4.26 11.45 7.60
N VAL A 111 4.83 11.82 6.43
CA VAL A 111 6.08 11.30 5.91
C VAL A 111 6.58 12.35 4.94
N LEU A 112 7.89 12.34 4.61
CA LEU A 112 8.54 13.23 3.66
C LEU A 112 9.09 12.35 2.53
N ALA A 113 8.30 12.20 1.44
CA ALA A 113 8.58 11.36 0.28
C ALA A 113 9.51 12.04 -0.72
N GLN A 114 10.82 11.72 -0.64
CA GLN A 114 11.87 12.24 -1.50
C GLN A 114 12.25 11.23 -2.58
N VAL A 115 12.55 11.73 -3.81
CA VAL A 115 13.02 11.00 -4.97
C VAL A 115 14.29 11.70 -5.34
N ILE A 116 15.37 10.97 -5.74
CA ILE A 116 16.63 11.56 -6.13
C ILE A 116 16.78 11.35 -7.63
N THR A 117 17.26 12.41 -8.30
CA THR A 117 17.56 12.52 -9.73
C THR A 117 19.03 12.25 -9.89
N ASP A 118 19.43 11.12 -10.52
CA ASP A 118 20.83 10.77 -10.72
C ASP A 118 21.10 10.84 -12.22
N THR A 119 22.04 11.72 -12.66
CA THR A 119 22.46 12.10 -14.02
C THR A 119 22.70 10.98 -15.03
N ASP A 120 23.14 9.80 -14.52
CA ASP A 120 23.38 8.56 -15.26
C ASP A 120 22.16 7.63 -15.35
N GLY A 121 21.02 7.93 -14.65
CA GLY A 121 19.77 7.15 -14.73
C GLY A 121 19.66 5.97 -13.79
N VAL A 122 20.01 6.18 -12.49
CA VAL A 122 19.98 5.19 -11.40
C VAL A 122 18.55 4.87 -10.94
N THR A 123 18.14 3.57 -11.06
CA THR A 123 16.84 2.96 -10.80
C THR A 123 16.21 3.19 -9.42
N LYS A 124 15.01 3.83 -9.39
CA LYS A 124 14.25 4.11 -8.19
C LYS A 124 13.23 3.01 -7.88
N HIS A 125 13.11 2.67 -6.58
CA HIS A 125 12.25 1.66 -5.97
C HIS A 125 11.64 2.34 -4.77
N GLY A 126 10.40 1.97 -4.39
CA GLY A 126 9.80 2.53 -3.19
C GLY A 126 9.21 1.45 -2.35
N ILE A 127 9.35 1.61 -1.01
CA ILE A 127 8.65 0.85 0.01
C ILE A 127 7.77 1.93 0.59
N ILE A 128 6.43 1.78 0.42
CA ILE A 128 5.45 2.78 0.76
C ILE A 128 4.52 2.22 1.81
N LYS A 129 4.44 2.93 2.98
CA LYS A 129 3.54 2.62 4.08
C LYS A 129 2.58 3.76 4.21
N VAL A 130 1.30 3.38 4.47
CA VAL A 130 0.26 4.32 4.85
C VAL A 130 -0.41 3.66 6.05
N ARG A 131 -1.08 4.46 6.92
CA ARG A 131 -1.89 4.00 8.03
C ARG A 131 -3.22 4.72 8.16
N PHE A 132 -4.31 3.97 8.53
CA PHE A 132 -5.69 4.46 8.55
C PHE A 132 -6.24 4.22 9.94
N THR A 133 -7.02 5.20 10.45
CA THR A 133 -7.59 5.17 11.79
C THR A 133 -9.10 5.12 11.71
N ILE A 134 -9.74 4.15 12.42
CA ILE A 134 -11.18 4.01 12.56
C ILE A 134 -11.45 4.20 14.02
N ASN A 135 -12.57 4.84 14.38
CA ASN A 135 -12.93 5.14 15.75
C ASN A 135 -14.43 5.08 15.81
N ASN A 136 -14.99 5.22 17.03
CA ASN A 136 -16.41 5.19 17.37
C ASN A 136 -17.04 6.59 17.31
N ASN A 137 -16.20 7.64 17.57
CA ASN A 137 -16.47 9.08 17.55
C ASN A 137 -17.31 9.59 18.72
N THR A 138 -17.30 8.86 19.86
CA THR A 138 -18.06 9.09 21.07
C THR A 138 -17.23 9.74 22.18
N GLY A 139 -17.90 10.45 23.11
CA GLY A 139 -17.28 11.14 24.23
C GLY A 139 -18.40 11.73 25.04
N GLN A 1 -8.34 -23.10 11.40
CA GLN A 1 -8.47 -23.44 12.79
C GLN A 1 -7.17 -23.08 13.48
N GLY A 2 -6.20 -22.57 12.69
CA GLY A 2 -4.84 -22.22 13.09
C GLY A 2 -4.40 -20.82 12.69
N LEU A 3 -5.33 -19.99 12.17
CA LEU A 3 -5.08 -18.60 11.77
C LEU A 3 -5.54 -17.66 12.87
N GLN A 4 -6.72 -17.97 13.47
CA GLN A 4 -7.39 -17.28 14.58
C GLN A 4 -7.95 -15.92 14.22
N THR A 5 -7.21 -14.83 14.51
CA THR A 5 -7.58 -13.43 14.29
C THR A 5 -6.46 -12.74 13.52
N TRP A 6 -6.64 -12.47 12.20
CA TRP A 6 -5.64 -11.88 11.28
C TRP A 6 -5.64 -10.36 11.22
N LYS A 7 -6.63 -9.71 11.89
CA LYS A 7 -6.97 -8.28 11.88
C LYS A 7 -7.89 -8.07 10.68
N LEU A 8 -9.02 -8.83 10.63
CA LEU A 8 -9.86 -9.10 9.45
C LEU A 8 -10.43 -7.97 8.66
N ALA A 9 -11.12 -6.97 9.28
CA ALA A 9 -11.58 -5.77 8.56
C ALA A 9 -10.43 -4.86 8.15
N SER A 10 -9.57 -4.54 9.16
CA SER A 10 -8.38 -3.71 9.11
C SER A 10 -7.30 -4.05 8.09
N ARG A 11 -6.86 -5.32 7.94
CA ARG A 11 -6.03 -5.80 6.83
C ARG A 11 -6.66 -6.03 5.45
N ALA A 12 -7.94 -6.54 5.43
CA ALA A 12 -8.80 -6.75 4.26
C ALA A 12 -9.09 -5.46 3.43
N LEU A 13 -8.94 -4.31 4.12
CA LEU A 13 -8.77 -2.93 3.64
C LEU A 13 -7.59 -2.74 2.68
N GLN A 14 -6.42 -3.40 2.94
CA GLN A 14 -5.26 -3.45 2.04
C GLN A 14 -5.52 -4.32 0.83
N LYS A 15 -6.27 -5.46 0.97
CA LYS A 15 -6.79 -6.17 -0.25
C LYS A 15 -7.87 -5.39 -1.07
N ALA A 16 -8.69 -4.51 -0.41
CA ALA A 16 -9.61 -3.55 -1.04
C ALA A 16 -8.92 -2.38 -1.70
N THR A 17 -7.80 -1.91 -1.08
CA THR A 17 -6.85 -0.89 -1.57
C THR A 17 -6.05 -1.45 -2.73
N VAL A 18 -5.65 -2.75 -2.67
CA VAL A 18 -5.04 -3.52 -3.76
C VAL A 18 -6.01 -3.76 -4.90
N GLU A 19 -7.34 -3.88 -4.59
CA GLU A 19 -8.42 -3.93 -5.54
C GLU A 19 -8.67 -2.60 -6.24
N ASN A 20 -8.40 -1.47 -5.52
CA ASN A 20 -8.42 -0.10 -6.07
C ASN A 20 -7.28 0.17 -7.05
N LEU A 21 -6.07 -0.41 -6.73
CA LEU A 21 -4.92 -0.56 -7.63
C LEU A 21 -5.25 -1.32 -8.92
N GLU A 22 -5.87 -2.53 -8.85
CA GLU A 22 -6.30 -3.24 -10.06
C GLU A 22 -7.53 -2.64 -10.79
N SER A 23 -8.32 -1.73 -10.12
CA SER A 23 -9.43 -1.00 -10.72
C SER A 23 -8.95 0.21 -11.52
N TYR A 24 -7.82 0.86 -11.12
CA TYR A 24 -7.24 1.99 -11.86
C TYR A 24 -6.48 1.53 -13.12
N GLN A 25 -7.22 1.54 -14.27
CA GLN A 25 -6.81 1.15 -15.61
C GLN A 25 -5.52 1.71 -16.20
N PRO A 26 -5.07 2.99 -16.02
CA PRO A 26 -3.72 3.43 -16.40
C PRO A 26 -2.57 2.75 -15.62
N LEU A 27 -2.72 2.12 -14.41
CA LEU A 27 -1.59 1.43 -13.76
C LEU A 27 -1.46 -0.03 -14.21
N MET A 28 -2.52 -0.57 -14.85
CA MET A 28 -2.58 -1.92 -15.44
C MET A 28 -1.63 -2.17 -16.61
N GLU A 29 -1.29 -1.11 -17.38
CA GLU A 29 -0.28 -1.11 -18.43
C GLU A 29 1.13 -0.75 -17.90
N MET A 30 1.22 -0.29 -16.62
CA MET A 30 2.45 0.06 -15.91
C MET A 30 2.92 -1.02 -14.92
N VAL A 31 2.04 -1.92 -14.39
CA VAL A 31 2.40 -3.04 -13.50
C VAL A 31 1.82 -4.28 -14.19
N ASN A 32 2.45 -5.47 -14.10
CA ASN A 32 1.79 -6.73 -14.52
C ASN A 32 1.31 -7.53 -13.28
N GLN A 33 2.24 -7.51 -12.32
CA GLN A 33 2.50 -8.20 -11.09
C GLN A 33 2.09 -7.54 -9.78
N VAL A 34 0.91 -6.87 -9.74
CA VAL A 34 0.36 -6.27 -8.52
C VAL A 34 -0.44 -7.36 -7.76
N THR A 35 0.14 -7.75 -6.59
CA THR A 35 -0.23 -8.93 -5.81
C THR A 35 -0.17 -8.68 -4.31
N GLU A 36 -0.75 -9.65 -3.53
CA GLU A 36 -0.76 -9.74 -2.08
C GLU A 36 0.58 -10.28 -1.57
N SER A 37 0.67 -11.58 -1.20
CA SER A 37 1.91 -12.21 -0.73
C SER A 37 2.72 -12.92 -1.83
N PRO A 38 2.27 -13.88 -2.68
CA PRO A 38 3.10 -14.51 -3.72
C PRO A 38 3.41 -13.59 -4.92
N GLY A 39 4.68 -13.60 -5.39
CA GLY A 39 5.13 -12.87 -6.57
C GLY A 39 6.12 -11.77 -6.28
N LYS A 40 6.80 -11.75 -5.10
CA LYS A 40 7.73 -10.68 -4.72
C LYS A 40 9.09 -10.67 -5.42
N ASP A 41 9.44 -11.80 -6.07
CA ASP A 41 10.60 -12.11 -6.91
C ASP A 41 10.25 -12.20 -8.40
N ASP A 42 9.06 -11.70 -8.83
CA ASP A 42 8.54 -11.78 -10.21
C ASP A 42 8.91 -10.54 -11.04
N PRO A 43 8.70 -10.46 -12.38
CA PRO A 43 9.20 -9.37 -13.25
C PRO A 43 8.79 -7.93 -12.95
N TYR A 44 9.76 -7.02 -13.19
CA TYR A 44 9.74 -5.59 -12.94
C TYR A 44 9.23 -4.85 -14.16
N PRO A 45 8.33 -3.84 -14.10
CA PRO A 45 7.70 -3.23 -12.91
C PRO A 45 6.54 -4.04 -12.29
N TYR A 46 6.32 -3.91 -10.96
CA TYR A 46 5.34 -4.70 -10.22
C TYR A 46 5.21 -4.26 -8.73
N VAL A 47 4.13 -4.74 -7.99
CA VAL A 47 3.94 -4.39 -6.55
C VAL A 47 3.50 -5.58 -5.69
N VAL A 48 4.08 -5.77 -4.47
CA VAL A 48 3.58 -6.71 -3.44
C VAL A 48 3.05 -5.97 -2.21
N ILE A 49 2.09 -6.58 -1.47
CA ILE A 49 1.61 -6.13 -0.13
C ILE A 49 2.52 -6.67 0.98
N GLY A 50 2.81 -5.81 1.98
CA GLY A 50 3.58 -6.14 3.17
C GLY A 50 3.05 -5.35 4.34
N ASP A 51 3.82 -5.27 5.45
CA ASP A 51 3.48 -4.55 6.66
C ASP A 51 4.82 -4.02 7.18
N GLN A 52 4.96 -2.67 7.34
CA GLN A 52 6.21 -1.96 7.71
C GLN A 52 6.01 -1.31 9.08
N SER A 53 7.05 -1.36 9.95
CA SER A 53 7.05 -0.80 11.30
C SER A 53 7.92 0.46 11.40
N SER A 54 7.34 1.69 11.31
CA SER A 54 8.01 3.01 11.29
C SER A 54 8.71 3.49 12.56
N THR A 55 9.61 2.66 13.14
CA THR A 55 10.42 2.88 14.36
C THR A 55 9.62 2.80 15.68
N PRO A 56 9.06 1.65 16.13
CA PRO A 56 8.22 1.56 17.32
C PRO A 56 9.01 1.45 18.63
N PHE A 57 8.92 2.49 19.50
CA PHE A 57 9.54 2.55 20.82
C PHE A 57 8.41 2.65 21.86
N GLU A 58 8.52 1.83 22.96
CA GLU A 58 7.59 1.63 24.08
C GLU A 58 7.09 2.89 24.79
N THR A 59 6.03 3.48 24.20
CA THR A 59 5.38 4.71 24.57
C THR A 59 3.94 4.34 24.82
N LYS A 60 3.45 4.45 26.08
CA LYS A 60 2.11 4.07 26.47
C LYS A 60 1.51 5.19 27.28
N SER A 61 0.72 6.07 26.61
CA SER A 61 0.03 7.22 27.20
C SER A 61 -1.47 7.01 27.17
N SER A 62 -1.95 6.39 26.07
CA SER A 62 -3.33 6.12 25.74
C SER A 62 -3.21 5.12 24.61
N PHE A 63 -4.33 4.77 23.94
CA PHE A 63 -4.40 3.83 22.83
C PHE A 63 -5.37 4.42 21.80
N GLY A 64 -5.49 3.75 20.61
CA GLY A 64 -6.36 4.12 19.51
C GLY A 64 -6.67 2.87 18.71
N GLU A 65 -7.53 2.95 17.66
CA GLU A 65 -7.99 1.81 16.87
C GLU A 65 -7.55 1.98 15.42
N ASN A 66 -6.39 1.38 15.06
CA ASN A 66 -5.75 1.57 13.77
C ASN A 66 -5.31 0.30 13.07
N ILE A 67 -5.14 0.50 11.73
CA ILE A 67 -4.69 -0.36 10.63
C ILE A 67 -3.28 0.17 10.32
N THR A 68 -2.19 -0.65 10.39
CA THR A 68 -0.85 -0.25 9.91
C THR A 68 -0.52 -1.16 8.73
N MET A 69 -0.35 -0.67 7.46
CA MET A 69 -0.01 -1.62 6.40
C MET A 69 0.73 -0.99 5.21
N ASP A 70 1.43 -1.82 4.38
CA ASP A 70 2.27 -1.37 3.27
C ASP A 70 2.04 -2.08 1.95
N PHE A 71 2.58 -1.42 0.90
CA PHE A 71 2.79 -1.90 -0.46
C PHE A 71 4.29 -1.60 -0.72
N HIS A 72 5.00 -2.58 -1.35
CA HIS A 72 6.41 -2.53 -1.72
C HIS A 72 6.37 -2.51 -3.23
N VAL A 73 6.91 -1.44 -3.85
CA VAL A 73 6.84 -1.21 -5.27
C VAL A 73 8.23 -1.26 -5.83
N TRP A 74 8.43 -2.03 -6.92
CA TRP A 74 9.73 -1.98 -7.56
C TRP A 74 9.45 -1.82 -9.06
N GLY A 75 10.23 -0.90 -9.70
CA GLY A 75 10.08 -0.51 -11.11
C GLY A 75 11.34 -0.64 -11.90
N GLY A 76 12.20 -1.63 -11.54
CA GLY A 76 13.53 -1.96 -12.09
C GLY A 76 13.66 -2.30 -13.55
N THR A 77 13.50 -1.26 -14.37
CA THR A 77 13.50 -1.28 -15.82
C THR A 77 14.21 -0.01 -16.21
N THR A 78 13.45 1.10 -16.14
CA THR A 78 13.87 2.44 -16.44
C THR A 78 13.73 3.27 -15.19
N ARG A 79 14.28 4.49 -15.26
CA ARG A 79 14.24 5.57 -14.28
C ARG A 79 12.83 6.16 -14.07
N ALA A 80 12.15 6.42 -15.21
CA ALA A 80 10.81 6.94 -15.43
C ALA A 80 9.68 6.03 -14.98
N GLU A 81 9.84 4.68 -15.12
CA GLU A 81 8.87 3.65 -14.71
C GLU A 81 8.50 3.65 -13.22
N ALA A 82 9.47 4.02 -12.34
CA ALA A 82 9.37 4.20 -10.90
C ALA A 82 8.51 5.40 -10.45
N GLN A 83 8.71 6.58 -11.10
CA GLN A 83 7.93 7.81 -10.87
C GLN A 83 6.54 7.71 -11.49
N ASP A 84 6.42 6.94 -12.63
CA ASP A 84 5.16 6.52 -13.23
C ASP A 84 4.37 5.52 -12.35
N ILE A 85 4.98 4.38 -11.87
CA ILE A 85 4.30 3.41 -10.96
C ILE A 85 3.92 3.99 -9.58
N SER A 86 4.80 4.83 -8.96
CA SER A 86 4.57 5.51 -7.66
C SER A 86 3.46 6.58 -7.71
N SER A 87 3.50 7.52 -8.71
CA SER A 87 2.48 8.56 -8.96
C SER A 87 1.11 7.99 -9.34
N ARG A 88 1.07 6.91 -10.20
CA ARG A 88 -0.13 6.14 -10.51
C ARG A 88 -0.69 5.30 -9.34
N VAL A 89 0.17 4.74 -8.41
CA VAL A 89 -0.22 3.99 -7.20
C VAL A 89 -0.90 4.86 -6.13
N LEU A 90 -0.38 6.09 -5.79
CA LEU A 90 -1.01 7.05 -4.83
C LEU A 90 -2.32 7.66 -5.38
N GLU A 91 -2.29 7.94 -6.73
CA GLU A 91 -3.43 8.36 -7.54
C GLU A 91 -4.54 7.33 -7.54
N ALA A 92 -4.21 6.00 -7.63
CA ALA A 92 -5.14 4.85 -7.50
C ALA A 92 -5.75 4.68 -6.09
N LEU A 93 -4.86 4.79 -5.06
CA LEU A 93 -5.06 4.76 -3.60
C LEU A 93 -6.23 5.58 -3.09
N THR A 94 -6.29 6.88 -3.53
CA THR A 94 -7.48 7.73 -3.29
C THR A 94 -8.35 7.99 -4.51
N TYR A 95 -8.16 7.27 -5.65
CA TYR A 95 -9.02 7.39 -6.85
C TYR A 95 -10.33 6.66 -6.62
N LYS A 96 -10.19 5.42 -6.07
CA LYS A 96 -11.30 4.53 -5.78
C LYS A 96 -11.22 4.30 -4.26
N PRO A 97 -12.05 5.01 -3.39
CA PRO A 97 -11.91 5.17 -1.94
C PRO A 97 -11.83 3.93 -1.04
N LEU A 98 -11.36 4.11 0.23
CA LEU A 98 -11.06 2.95 1.08
C LEU A 98 -12.24 2.41 1.89
N MET A 99 -12.72 1.23 1.43
CA MET A 99 -13.80 0.49 2.02
C MET A 99 -13.57 -1.01 1.89
N PHE A 100 -13.94 -1.75 2.94
CA PHE A 100 -14.02 -3.20 3.00
C PHE A 100 -15.40 -3.53 3.66
N GLU A 101 -16.36 -4.01 2.87
CA GLU A 101 -17.68 -4.60 3.14
C GLU A 101 -18.72 -3.70 3.77
N GLY A 102 -18.51 -3.37 5.05
CA GLY A 102 -19.31 -2.47 5.86
C GLY A 102 -18.37 -1.65 6.68
N PHE A 103 -17.06 -1.62 6.30
CA PHE A 103 -16.05 -0.87 7.04
C PHE A 103 -15.41 0.12 6.08
N THR A 104 -15.43 1.42 6.45
CA THR A 104 -14.89 2.58 5.72
C THR A 104 -13.79 3.12 6.60
N PHE A 105 -12.59 3.40 6.04
CA PHE A 105 -11.41 3.78 6.86
C PHE A 105 -10.71 4.99 6.30
N VAL A 106 -10.21 5.86 7.21
CA VAL A 106 -9.58 7.13 6.90
C VAL A 106 -8.10 7.06 7.09
N ALA A 107 -7.28 7.54 6.09
CA ALA A 107 -5.81 7.56 6.17
C ALA A 107 -5.33 8.76 6.98
N LYS A 108 -4.77 8.44 8.16
CA LYS A 108 -4.36 9.35 9.21
C LYS A 108 -3.07 8.79 9.76
N LYS A 109 -1.93 9.47 9.44
CA LYS A 109 -0.54 9.18 9.79
C LYS A 109 0.19 8.59 8.60
N LEU A 110 1.32 9.24 8.24
CA LEU A 110 2.19 8.90 7.14
C LEU A 110 3.47 9.63 7.53
N VAL A 111 4.64 9.18 7.03
CA VAL A 111 5.95 9.81 7.24
C VAL A 111 6.46 10.17 5.85
N LEU A 112 7.19 11.31 5.72
CA LEU A 112 7.78 11.78 4.47
C LEU A 112 9.26 11.44 4.42
N ALA A 113 9.59 10.28 3.80
CA ALA A 113 10.97 9.81 3.60
C ALA A 113 11.56 10.34 2.30
N GLN A 114 10.78 10.22 1.20
CA GLN A 114 11.02 10.61 -0.19
C GLN A 114 12.13 9.88 -0.95
N VAL A 115 11.87 9.58 -2.25
CA VAL A 115 12.81 8.93 -3.15
C VAL A 115 12.89 9.82 -4.39
N ILE A 116 14.11 10.12 -4.89
CA ILE A 116 14.36 10.96 -6.06
C ILE A 116 14.88 10.07 -7.17
N THR A 117 14.57 10.40 -8.46
CA THR A 117 14.98 9.71 -9.69
C THR A 117 16.48 9.89 -10.00
N ASP A 118 17.19 8.76 -10.28
CA ASP A 118 18.60 8.67 -10.63
C ASP A 118 18.66 8.30 -12.11
N THR A 119 19.52 9.01 -12.89
CA THR A 119 19.76 8.93 -14.34
C THR A 119 20.51 7.71 -14.89
N ASP A 120 21.26 6.98 -14.05
CA ASP A 120 22.21 5.91 -14.43
C ASP A 120 21.72 4.51 -14.82
N GLY A 121 20.39 4.19 -14.78
CA GLY A 121 19.84 2.89 -15.19
C GLY A 121 19.81 1.83 -14.12
N VAL A 122 19.59 2.26 -12.85
CA VAL A 122 19.50 1.46 -11.62
C VAL A 122 18.09 0.91 -11.38
N THR A 123 17.96 -0.29 -10.70
CA THR A 123 16.69 -0.87 -10.23
C THR A 123 16.16 -0.05 -9.05
N LYS A 124 14.95 0.51 -9.20
CA LYS A 124 14.35 1.46 -8.29
C LYS A 124 13.35 0.82 -7.34
N HIS A 125 13.62 0.99 -6.03
CA HIS A 125 12.85 0.44 -4.92
C HIS A 125 12.23 1.55 -4.09
N GLY A 126 10.89 1.45 -3.83
CA GLY A 126 10.18 2.30 -2.89
C GLY A 126 9.37 1.41 -2.00
N ILE A 127 9.27 1.75 -0.69
CA ILE A 127 8.42 1.10 0.29
C ILE A 127 7.49 2.24 0.69
N ILE A 128 6.16 2.02 0.45
CA ILE A 128 5.10 2.97 0.66
C ILE A 128 4.21 2.39 1.75
N LYS A 129 4.18 3.02 2.94
CA LYS A 129 3.42 2.54 4.07
C LYS A 129 2.41 3.60 4.41
N VAL A 130 1.17 3.19 4.75
CA VAL A 130 0.14 4.11 5.20
C VAL A 130 -0.47 3.53 6.48
N ARG A 131 -0.88 4.47 7.38
CA ARG A 131 -1.63 4.20 8.60
C ARG A 131 -3.03 4.77 8.38
N PHE A 132 -4.06 3.99 8.78
CA PHE A 132 -5.47 4.33 8.58
C PHE A 132 -6.15 4.14 9.91
N THR A 133 -7.12 5.01 10.28
CA THR A 133 -7.74 5.04 11.61
C THR A 133 -9.26 5.07 11.47
N ILE A 134 -9.99 4.35 12.38
CA ILE A 134 -11.46 4.32 12.40
C ILE A 134 -11.85 4.64 13.83
N ASN A 135 -12.95 5.41 14.07
CA ASN A 135 -13.53 5.75 15.38
C ASN A 135 -12.77 6.77 16.26
N ASN A 136 -13.19 8.05 16.21
CA ASN A 136 -12.69 9.15 17.04
C ASN A 136 -13.79 10.23 16.94
N ASN A 137 -13.60 11.41 17.60
CA ASN A 137 -14.50 12.56 17.76
C ASN A 137 -14.69 13.49 16.54
N THR A 138 -14.00 13.16 15.41
CA THR A 138 -14.00 13.88 14.15
C THR A 138 -15.01 13.25 13.18
N GLY A 139 -16.20 13.87 13.00
CA GLY A 139 -17.24 13.33 12.12
C GLY A 139 -18.56 13.91 12.53
N GLN A 1 -24.31 -16.85 11.37
CA GLN A 1 -22.94 -17.27 11.52
C GLN A 1 -22.46 -16.83 12.88
N GLY A 2 -22.90 -15.61 13.27
CA GLY A 2 -22.57 -14.91 14.50
C GLY A 2 -23.18 -13.56 14.30
N LEU A 3 -23.04 -12.65 15.30
CA LEU A 3 -23.57 -11.30 15.27
C LEU A 3 -22.49 -10.37 15.81
N GLN A 4 -21.29 -10.48 15.17
CA GLN A 4 -20.07 -9.80 15.53
C GLN A 4 -19.23 -9.81 14.25
N THR A 5 -18.27 -8.86 14.09
CA THR A 5 -17.35 -8.79 12.93
C THR A 5 -16.00 -9.40 13.29
N TRP A 6 -15.10 -9.52 12.29
CA TRP A 6 -13.78 -10.11 12.38
C TRP A 6 -12.74 -9.02 12.39
N LYS A 7 -11.61 -9.22 13.14
CA LYS A 7 -10.50 -8.28 13.31
C LYS A 7 -9.62 -8.13 12.05
N LEU A 8 -9.67 -9.19 11.19
CA LEU A 8 -9.09 -9.37 9.87
C LEU A 8 -9.72 -8.42 8.84
N ALA A 9 -10.98 -7.92 9.09
CA ALA A 9 -11.70 -6.92 8.30
C ALA A 9 -11.01 -5.56 8.24
N SER A 10 -10.33 -5.17 9.37
CA SER A 10 -9.51 -3.98 9.57
C SER A 10 -8.36 -3.85 8.56
N ARG A 11 -7.62 -4.96 8.35
CA ARG A 11 -6.65 -5.33 7.31
C ARG A 11 -7.25 -5.61 5.92
N ALA A 12 -8.46 -6.23 5.83
CA ALA A 12 -9.25 -6.42 4.60
C ALA A 12 -9.47 -5.10 3.77
N LEU A 13 -9.38 -3.94 4.46
CA LEU A 13 -9.09 -2.61 3.85
C LEU A 13 -7.80 -2.44 2.99
N GLN A 14 -6.71 -3.22 3.29
CA GLN A 14 -5.46 -3.48 2.55
C GLN A 14 -5.73 -4.30 1.32
N LYS A 15 -6.58 -5.37 1.43
CA LYS A 15 -7.10 -6.08 0.21
C LYS A 15 -8.05 -5.23 -0.66
N ALA A 16 -8.80 -4.29 -0.02
CA ALA A 16 -9.61 -3.25 -0.67
C ALA A 16 -8.76 -2.17 -1.33
N THR A 17 -7.59 -1.78 -0.73
CA THR A 17 -6.62 -0.86 -1.36
C THR A 17 -5.91 -1.56 -2.54
N VAL A 18 -5.62 -2.89 -2.42
CA VAL A 18 -5.09 -3.75 -3.48
C VAL A 18 -6.07 -3.97 -4.63
N GLU A 19 -7.40 -3.95 -4.28
CA GLU A 19 -8.50 -3.96 -5.21
C GLU A 19 -8.65 -2.67 -5.98
N ASN A 20 -8.33 -1.51 -5.32
CA ASN A 20 -8.21 -0.19 -5.98
C ASN A 20 -7.05 -0.11 -6.97
N LEU A 21 -5.91 -0.77 -6.62
CA LEU A 21 -4.76 -1.00 -7.51
C LEU A 21 -5.08 -1.83 -8.76
N GLU A 22 -5.89 -2.93 -8.65
CA GLU A 22 -6.40 -3.65 -9.82
C GLU A 22 -7.61 -2.99 -10.52
N SER A 23 -8.33 -2.00 -9.88
CA SER A 23 -9.45 -1.27 -10.44
C SER A 23 -9.00 -0.07 -11.27
N TYR A 24 -7.79 0.50 -11.00
CA TYR A 24 -7.22 1.61 -11.76
C TYR A 24 -6.57 1.11 -13.06
N GLN A 25 -7.30 1.24 -14.22
CA GLN A 25 -6.93 0.79 -15.56
C GLN A 25 -5.51 1.09 -16.11
N PRO A 26 -4.82 2.25 -15.97
CA PRO A 26 -3.39 2.43 -16.27
C PRO A 26 -2.41 1.63 -15.39
N LEU A 27 -2.77 1.19 -14.13
CA LEU A 27 -1.89 0.51 -13.17
C LEU A 27 -1.54 -0.92 -13.56
N MET A 28 -2.45 -1.53 -14.35
CA MET A 28 -2.44 -2.81 -15.04
C MET A 28 -1.58 -2.82 -16.30
N GLU A 29 -1.41 -1.62 -16.93
CA GLU A 29 -0.55 -1.34 -18.09
C GLU A 29 0.89 -1.00 -17.65
N MET A 30 1.04 -0.21 -16.55
CA MET A 30 2.30 0.22 -15.93
C MET A 30 2.96 -0.85 -15.03
N VAL A 31 2.16 -1.70 -14.35
CA VAL A 31 2.64 -2.84 -13.57
C VAL A 31 1.80 -4.00 -14.16
N ASN A 32 2.33 -5.23 -14.30
CA ASN A 32 1.62 -6.42 -14.82
C ASN A 32 1.20 -7.38 -13.69
N GLN A 33 1.75 -7.01 -12.55
CA GLN A 33 2.07 -7.81 -11.39
C GLN A 33 1.70 -7.17 -10.09
N VAL A 34 0.51 -6.49 -9.95
CA VAL A 34 0.05 -5.91 -8.68
C VAL A 34 -0.77 -7.01 -7.95
N THR A 35 -0.20 -7.54 -6.85
CA THR A 35 -0.73 -8.76 -6.21
C THR A 35 -0.61 -8.83 -4.68
N GLU A 36 -1.31 -9.85 -4.12
CA GLU A 36 -1.37 -10.24 -2.73
C GLU A 36 -1.12 -11.75 -2.74
N SER A 37 0.15 -12.13 -2.99
CA SER A 37 0.57 -13.50 -3.21
C SER A 37 2.09 -13.45 -3.13
N PRO A 38 2.89 -14.49 -3.47
CA PRO A 38 4.30 -14.35 -3.83
C PRO A 38 4.43 -13.68 -5.23
N GLY A 39 5.58 -13.05 -5.57
CA GLY A 39 5.65 -12.31 -6.82
C GLY A 39 6.93 -11.55 -6.92
N LYS A 40 7.30 -10.84 -5.82
CA LYS A 40 8.39 -9.90 -5.55
C LYS A 40 9.85 -10.21 -5.94
N ASP A 41 10.10 -11.40 -6.53
CA ASP A 41 11.33 -11.89 -7.11
C ASP A 41 11.25 -11.89 -8.65
N ASP A 42 10.22 -11.26 -9.28
CA ASP A 42 10.02 -11.18 -10.73
C ASP A 42 10.75 -9.97 -11.35
N PRO A 43 10.97 -9.85 -12.69
CA PRO A 43 11.61 -8.68 -13.34
C PRO A 43 10.66 -7.46 -13.42
N TYR A 44 11.19 -6.25 -13.09
CA TYR A 44 10.55 -4.93 -12.94
C TYR A 44 10.04 -4.25 -14.22
N PRO A 45 9.06 -3.30 -14.22
CA PRO A 45 8.33 -2.73 -13.08
C PRO A 45 7.12 -3.58 -12.61
N TYR A 46 6.82 -3.56 -11.28
CA TYR A 46 5.72 -4.33 -10.64
C TYR A 46 5.60 -4.09 -9.09
N VAL A 47 4.46 -4.61 -8.45
CA VAL A 47 4.12 -4.40 -7.01
C VAL A 47 3.56 -5.60 -6.23
N VAL A 48 3.90 -5.72 -4.90
CA VAL A 48 3.23 -6.65 -3.95
C VAL A 48 2.72 -5.90 -2.70
N ILE A 49 1.79 -6.57 -1.92
CA ILE A 49 1.35 -6.21 -0.56
C ILE A 49 2.33 -6.89 0.38
N GLY A 50 2.72 -6.20 1.46
CA GLY A 50 3.59 -6.74 2.46
C GLY A 50 3.45 -5.94 3.71
N ASP A 51 4.39 -6.18 4.64
CA ASP A 51 4.44 -5.50 5.90
C ASP A 51 5.92 -5.35 6.29
N GLN A 52 6.37 -4.14 6.70
CA GLN A 52 7.72 -3.83 7.13
C GLN A 52 7.79 -3.83 8.66
N SER A 53 8.96 -4.20 9.24
CA SER A 53 9.30 -4.24 10.67
C SER A 53 10.68 -4.90 10.68
N SER A 54 11.21 -5.33 11.87
CA SER A 54 12.52 -5.99 12.14
C SER A 54 13.09 -5.34 13.38
N THR A 55 12.69 -4.07 13.55
CA THR A 55 12.91 -3.21 14.70
C THR A 55 11.58 -3.25 15.47
N PRO A 56 11.49 -3.18 16.81
CA PRO A 56 10.21 -3.24 17.54
C PRO A 56 9.45 -1.90 17.47
N PHE A 57 8.18 -1.89 17.01
CA PHE A 57 7.37 -0.68 16.94
C PHE A 57 5.97 -1.01 17.44
N GLU A 58 5.42 -0.10 18.28
CA GLU A 58 4.07 -0.08 18.82
C GLU A 58 3.90 1.28 19.48
N THR A 59 2.70 1.90 19.38
CA THR A 59 2.36 3.20 19.98
C THR A 59 1.16 3.01 20.88
N LYS A 60 1.37 3.12 22.22
CA LYS A 60 0.39 2.98 23.28
C LYS A 60 0.32 4.32 24.02
N SER A 61 -0.73 4.52 24.89
CA SER A 61 -0.96 5.71 25.70
C SER A 61 -1.59 6.89 24.93
N SER A 62 -2.34 6.58 23.85
CA SER A 62 -3.07 7.54 23.01
C SER A 62 -4.26 6.74 22.52
N PHE A 63 -5.27 7.40 21.87
CA PHE A 63 -6.46 6.79 21.27
C PHE A 63 -6.17 6.24 19.87
N GLY A 64 -5.08 5.43 19.77
CA GLY A 64 -4.44 4.89 18.57
C GLY A 64 -5.07 3.67 18.00
N GLU A 65 -6.33 3.84 17.51
CA GLU A 65 -7.11 2.81 16.82
C GLU A 65 -6.78 2.75 15.33
N ASN A 66 -5.51 2.43 14.97
CA ASN A 66 -5.01 2.42 13.60
C ASN A 66 -4.68 0.98 13.15
N ILE A 67 -4.75 0.77 11.82
CA ILE A 67 -4.52 -0.45 11.05
C ILE A 67 -3.16 -0.24 10.40
N THR A 68 -2.13 -1.11 10.60
CA THR A 68 -0.81 -0.97 9.99
C THR A 68 -0.64 -1.93 8.81
N MET A 69 -0.46 -1.40 7.57
CA MET A 69 -0.26 -2.23 6.37
C MET A 69 0.53 -1.49 5.30
N ASP A 70 1.26 -2.26 4.44
CA ASP A 70 2.18 -1.75 3.45
C ASP A 70 1.89 -2.28 2.06
N PHE A 71 2.48 -1.57 1.08
CA PHE A 71 2.55 -1.91 -0.34
C PHE A 71 3.99 -1.56 -0.72
N HIS A 72 4.61 -2.44 -1.56
CA HIS A 72 6.02 -2.43 -1.98
C HIS A 72 6.06 -2.34 -3.49
N VAL A 73 6.72 -1.29 -4.05
CA VAL A 73 6.74 -0.99 -5.48
C VAL A 73 8.18 -0.87 -5.96
N TRP A 74 8.51 -1.56 -7.10
CA TRP A 74 9.88 -1.50 -7.64
C TRP A 74 9.88 -1.30 -9.15
N GLY A 75 10.66 -0.29 -9.63
CA GLY A 75 10.86 0.00 -11.05
C GLY A 75 12.34 -0.02 -11.37
N GLY A 76 12.63 -0.36 -12.65
CA GLY A 76 13.96 -0.50 -13.24
C GLY A 76 13.72 -1.00 -14.63
N THR A 77 14.02 -0.19 -15.67
CA THR A 77 13.80 -0.42 -17.10
C THR A 77 14.20 0.90 -17.70
N THR A 78 13.46 1.97 -17.29
CA THR A 78 13.71 3.37 -17.55
C THR A 78 13.57 3.95 -16.15
N ARG A 79 14.24 5.08 -15.81
CA ARG A 79 14.14 5.76 -14.49
C ARG A 79 12.76 6.36 -14.19
N ALA A 80 12.09 6.87 -15.26
CA ALA A 80 10.76 7.46 -15.36
C ALA A 80 9.62 6.49 -15.05
N GLU A 81 9.71 5.18 -15.46
CA GLU A 81 8.74 4.11 -15.14
C GLU A 81 8.49 3.89 -13.65
N ALA A 82 9.54 4.11 -12.80
CA ALA A 82 9.57 4.10 -11.34
C ALA A 82 8.80 5.26 -10.69
N GLN A 83 8.87 6.48 -11.30
CA GLN A 83 8.12 7.67 -10.89
C GLN A 83 6.67 7.59 -11.37
N ASP A 84 6.46 7.00 -12.58
CA ASP A 84 5.15 6.66 -13.17
C ASP A 84 4.38 5.65 -12.33
N ILE A 85 4.99 4.49 -11.91
CA ILE A 85 4.38 3.50 -10.99
C ILE A 85 4.06 4.05 -9.59
N SER A 86 4.94 4.94 -9.02
CA SER A 86 4.77 5.66 -7.74
C SER A 86 3.65 6.74 -7.81
N SER A 87 3.65 7.61 -8.87
CA SER A 87 2.61 8.60 -9.24
C SER A 87 1.23 7.96 -9.51
N ARG A 88 1.22 6.81 -10.25
CA ARG A 88 0.06 5.93 -10.49
C ARG A 88 -0.44 5.21 -9.24
N VAL A 89 0.44 4.73 -8.28
CA VAL A 89 0.05 4.09 -7.01
C VAL A 89 -0.67 5.06 -6.06
N LEU A 90 -0.14 6.30 -5.78
CA LEU A 90 -0.79 7.34 -4.92
C LEU A 90 -2.13 7.85 -5.49
N GLU A 91 -2.11 8.03 -6.85
CA GLU A 91 -3.26 8.36 -7.67
C GLU A 91 -4.34 7.28 -7.66
N ALA A 92 -3.98 5.96 -7.65
CA ALA A 92 -4.89 4.80 -7.52
C ALA A 92 -5.49 4.62 -6.13
N LEU A 93 -4.61 4.79 -5.09
CA LEU A 93 -4.82 4.78 -3.64
C LEU A 93 -5.98 5.67 -3.18
N THR A 94 -6.02 6.96 -3.63
CA THR A 94 -7.22 7.80 -3.42
C THR A 94 -8.12 7.97 -4.64
N TYR A 95 -7.92 7.21 -5.75
CA TYR A 95 -8.80 7.26 -6.94
C TYR A 95 -10.08 6.49 -6.66
N LYS A 96 -9.92 5.32 -6.02
CA LYS A 96 -11.02 4.47 -5.64
C LYS A 96 -10.84 4.25 -4.12
N PRO A 97 -11.49 5.05 -3.22
CA PRO A 97 -11.21 5.10 -1.77
C PRO A 97 -11.48 3.82 -0.98
N LEU A 98 -10.67 3.62 0.10
CA LEU A 98 -10.62 2.43 0.95
C LEU A 98 -11.84 2.18 1.82
N MET A 99 -12.61 1.14 1.43
CA MET A 99 -13.80 0.68 2.10
C MET A 99 -13.83 -0.84 1.97
N PHE A 100 -14.29 -1.56 3.02
CA PHE A 100 -14.46 -3.01 3.01
C PHE A 100 -15.83 -3.32 3.65
N GLU A 101 -16.82 -3.76 2.82
CA GLU A 101 -18.18 -4.22 3.12
C GLU A 101 -19.12 -3.13 3.64
N GLY A 102 -18.84 -1.88 3.25
CA GLY A 102 -19.50 -0.66 3.71
C GLY A 102 -18.73 0.05 4.80
N PHE A 103 -17.63 -0.55 5.32
CA PHE A 103 -16.86 0.03 6.44
C PHE A 103 -15.69 0.87 5.93
N THR A 104 -15.55 2.14 6.42
CA THR A 104 -14.52 3.10 5.99
C THR A 104 -13.44 3.33 7.05
N PHE A 105 -12.17 3.32 6.58
CA PHE A 105 -10.94 3.48 7.33
C PHE A 105 -10.11 4.33 6.39
N VAL A 106 -9.70 5.52 6.88
CA VAL A 106 -9.08 6.57 6.09
C VAL A 106 -7.62 6.60 6.39
N ALA A 107 -6.75 6.86 5.39
CA ALA A 107 -5.30 6.78 5.50
C ALA A 107 -4.64 8.01 6.13
N LYS A 108 -3.75 7.74 7.11
CA LYS A 108 -2.97 8.72 7.84
C LYS A 108 -1.50 8.46 7.48
N LYS A 109 -0.88 9.31 6.62
CA LYS A 109 0.50 9.11 6.21
C LYS A 109 1.01 10.48 5.81
N LEU A 110 2.06 11.02 6.51
CA LEU A 110 2.63 12.35 6.21
C LEU A 110 4.14 12.29 6.33
N VAL A 111 4.79 11.30 5.67
CA VAL A 111 6.25 11.11 5.69
C VAL A 111 6.77 11.23 4.26
N LEU A 112 6.56 10.20 3.40
CA LEU A 112 7.03 10.18 2.02
C LEU A 112 5.87 10.21 1.01
N ALA A 113 5.85 11.24 0.12
CA ALA A 113 4.80 11.41 -0.87
C ALA A 113 5.43 12.01 -2.12
N GLN A 114 6.66 11.54 -2.45
CA GLN A 114 7.44 12.02 -3.56
C GLN A 114 8.51 10.99 -3.86
N VAL A 115 9.12 11.09 -5.05
CA VAL A 115 10.20 10.29 -5.62
C VAL A 115 11.45 11.16 -5.62
N ILE A 116 12.65 10.60 -5.29
CA ILE A 116 13.92 11.36 -5.30
C ILE A 116 14.77 10.91 -6.47
N THR A 117 15.29 11.90 -7.23
CA THR A 117 16.18 11.81 -8.39
C THR A 117 17.62 11.87 -7.91
N ASP A 118 18.50 10.98 -8.41
CA ASP A 118 19.92 10.92 -8.04
C ASP A 118 20.78 11.33 -9.21
N THR A 119 21.88 12.10 -8.97
CA THR A 119 22.85 12.64 -9.96
C THR A 119 23.65 11.61 -10.74
N ASP A 120 23.76 10.37 -10.19
CA ASP A 120 24.45 9.22 -10.74
C ASP A 120 23.58 8.33 -11.62
N GLY A 121 22.23 8.51 -11.63
CA GLY A 121 21.30 7.72 -12.46
C GLY A 121 20.84 6.42 -11.84
N VAL A 122 20.42 6.46 -10.55
CA VAL A 122 20.02 5.31 -9.74
C VAL A 122 18.53 5.03 -9.88
N THR A 123 18.15 3.72 -9.85
CA THR A 123 16.80 3.18 -9.91
C THR A 123 16.08 3.33 -8.56
N LYS A 124 14.89 3.97 -8.61
CA LYS A 124 14.06 4.32 -7.49
C LYS A 124 13.03 3.22 -7.23
N HIS A 125 13.00 2.82 -5.95
CA HIS A 125 12.22 1.77 -5.35
C HIS A 125 11.56 2.44 -4.17
N GLY A 126 10.28 2.09 -3.88
CA GLY A 126 9.55 2.71 -2.80
C GLY A 126 8.89 1.67 -1.96
N ILE A 127 8.90 1.87 -0.61
CA ILE A 127 8.20 1.06 0.37
C ILE A 127 7.30 2.08 1.04
N ILE A 128 5.96 1.88 0.90
CA ILE A 128 4.98 2.79 1.47
C ILE A 128 4.25 2.00 2.55
N LYS A 129 4.29 2.54 3.79
CA LYS A 129 3.63 1.98 4.97
C LYS A 129 2.62 3.00 5.43
N VAL A 130 1.37 2.56 5.58
CA VAL A 130 0.26 3.39 5.99
C VAL A 130 -0.33 2.85 7.28
N ARG A 131 -0.78 3.84 8.11
CA ARG A 131 -1.59 3.64 9.30
C ARG A 131 -2.94 4.24 8.91
N PHE A 132 -3.99 3.39 8.84
CA PHE A 132 -5.34 3.78 8.42
C PHE A 132 -6.17 3.93 9.69
N THR A 133 -7.06 4.96 9.75
CA THR A 133 -7.79 5.36 10.95
C THR A 133 -9.28 5.10 10.79
N ILE A 134 -9.95 4.53 11.83
CA ILE A 134 -11.41 4.28 11.84
C ILE A 134 -12.18 5.53 12.32
N ASN A 135 -13.01 6.08 11.40
CA ASN A 135 -13.80 7.28 11.55
C ASN A 135 -15.12 7.05 10.82
N ASN A 136 -16.26 7.53 11.37
CA ASN A 136 -17.60 7.42 10.80
C ASN A 136 -18.06 8.69 10.08
N ASN A 137 -19.34 8.69 9.65
CA ASN A 137 -20.03 9.78 8.96
C ASN A 137 -21.40 9.89 9.65
N THR A 138 -22.43 10.51 9.00
CA THR A 138 -23.77 10.69 9.60
C THR A 138 -24.67 9.48 9.41
N GLY A 139 -24.62 8.54 10.40
CA GLY A 139 -25.45 7.33 10.45
C GLY A 139 -24.82 6.14 9.77
N GLN A 1 -21.29 -1.25 14.97
CA GLN A 1 -22.36 -0.34 15.31
C GLN A 1 -21.75 1.01 15.58
N GLY A 2 -20.41 1.11 15.41
CA GLY A 2 -19.63 2.31 15.63
C GLY A 2 -18.20 1.90 15.87
N LEU A 3 -17.91 1.36 17.07
CA LEU A 3 -16.59 0.86 17.49
C LEU A 3 -16.42 -0.62 17.11
N GLN A 4 -16.42 -0.91 15.79
CA GLN A 4 -16.31 -2.24 15.21
C GLN A 4 -14.87 -2.72 15.03
N THR A 5 -14.64 -4.02 15.26
CA THR A 5 -13.35 -4.69 15.09
C THR A 5 -13.65 -6.14 14.79
N TRP A 6 -13.29 -6.59 13.56
CA TRP A 6 -13.46 -7.94 13.02
C TRP A 6 -12.08 -8.59 12.89
N LYS A 7 -11.01 -7.84 13.31
CA LYS A 7 -9.57 -8.15 13.25
C LYS A 7 -9.01 -8.10 11.83
N LEU A 8 -9.57 -9.00 10.97
CA LEU A 8 -9.32 -9.23 9.55
C LEU A 8 -9.88 -8.12 8.66
N ALA A 9 -10.93 -7.34 9.08
CA ALA A 9 -11.53 -6.24 8.30
C ALA A 9 -10.63 -5.03 8.09
N SER A 10 -9.79 -4.75 9.14
CA SER A 10 -8.69 -3.78 9.17
C SER A 10 -7.63 -4.02 8.08
N ARG A 11 -7.20 -5.29 7.93
CA ARG A 11 -6.37 -5.91 6.91
C ARG A 11 -7.04 -6.15 5.54
N ALA A 12 -8.34 -6.56 5.52
CA ALA A 12 -9.23 -6.72 4.36
C ALA A 12 -9.36 -5.43 3.50
N LEU A 13 -9.09 -4.27 4.16
CA LEU A 13 -8.76 -2.97 3.58
C LEU A 13 -7.57 -2.96 2.63
N GLN A 14 -6.46 -3.71 2.94
CA GLN A 14 -5.27 -3.87 2.12
C GLN A 14 -5.55 -4.70 0.89
N LYS A 15 -6.38 -5.78 1.01
CA LYS A 15 -6.95 -6.45 -0.20
C LYS A 15 -7.95 -5.59 -1.01
N ALA A 16 -8.72 -4.69 -0.33
CA ALA A 16 -9.60 -3.73 -1.00
C ALA A 16 -8.84 -2.62 -1.71
N THR A 17 -7.71 -2.15 -1.12
CA THR A 17 -6.77 -1.15 -1.66
C THR A 17 -5.98 -1.72 -2.83
N VAL A 18 -5.65 -3.06 -2.75
CA VAL A 18 -5.11 -3.85 -3.86
C VAL A 18 -6.12 -4.05 -4.98
N GLU A 19 -7.43 -4.12 -4.61
CA GLU A 19 -8.56 -4.10 -5.54
C GLU A 19 -8.76 -2.71 -6.21
N ASN A 20 -8.41 -1.57 -5.52
CA ASN A 20 -8.34 -0.19 -6.07
C ASN A 20 -7.23 -0.07 -7.13
N LEU A 21 -6.07 -0.76 -6.87
CA LEU A 21 -4.93 -0.98 -7.80
C LEU A 21 -5.35 -1.79 -9.04
N GLU A 22 -6.27 -2.77 -8.84
CA GLU A 22 -6.96 -3.54 -9.89
C GLU A 22 -8.01 -2.72 -10.65
N SER A 23 -8.68 -1.72 -10.00
CA SER A 23 -9.66 -0.83 -10.61
C SER A 23 -9.05 0.28 -11.49
N TYR A 24 -7.87 0.82 -11.11
CA TYR A 24 -7.21 1.90 -11.83
C TYR A 24 -6.53 1.44 -13.12
N GLN A 25 -7.28 1.60 -14.25
CA GLN A 25 -6.99 1.27 -15.64
C GLN A 25 -5.56 1.54 -16.19
N PRO A 26 -4.86 2.69 -15.98
CA PRO A 26 -3.42 2.87 -16.25
C PRO A 26 -2.46 2.01 -15.40
N LEU A 27 -2.83 1.45 -14.20
CA LEU A 27 -2.01 0.63 -13.30
C LEU A 27 -1.82 -0.80 -13.83
N MET A 28 -2.88 -1.29 -14.53
CA MET A 28 -3.03 -2.57 -15.23
C MET A 28 -2.10 -2.74 -16.44
N GLU A 29 -1.73 -1.62 -17.09
CA GLU A 29 -0.80 -1.52 -18.21
C GLU A 29 0.69 -1.54 -17.76
N MET A 30 0.93 -1.27 -16.45
CA MET A 30 2.24 -1.21 -15.80
C MET A 30 2.63 -2.44 -14.96
N VAL A 31 1.74 -2.98 -14.09
CA VAL A 31 2.12 -4.20 -13.32
C VAL A 31 1.08 -5.28 -13.66
N ASN A 32 1.49 -6.57 -13.76
CA ASN A 32 0.57 -7.72 -13.92
C ASN A 32 0.40 -8.48 -12.60
N GLN A 33 1.47 -8.32 -11.82
CA GLN A 33 2.02 -8.92 -10.65
C GLN A 33 1.70 -8.18 -9.37
N VAL A 34 0.42 -7.68 -9.23
CA VAL A 34 -0.14 -7.05 -8.02
C VAL A 34 -0.73 -8.20 -7.19
N THR A 35 -0.04 -8.50 -6.08
CA THR A 35 -0.31 -9.63 -5.18
C THR A 35 -0.34 -9.24 -3.71
N GLU A 36 -1.02 -10.08 -2.88
CA GLU A 36 -1.17 -9.94 -1.44
C GLU A 36 -0.20 -10.82 -0.64
N SER A 37 0.53 -11.76 -1.30
CA SER A 37 1.49 -12.64 -0.63
C SER A 37 2.37 -13.33 -1.67
N PRO A 38 2.04 -14.44 -2.40
CA PRO A 38 2.92 -15.09 -3.37
C PRO A 38 3.11 -14.27 -4.66
N GLY A 39 4.35 -14.17 -5.23
CA GLY A 39 4.56 -13.39 -6.46
C GLY A 39 5.43 -12.20 -6.23
N LYS A 40 6.33 -12.31 -5.23
CA LYS A 40 7.38 -11.39 -4.90
C LYS A 40 8.69 -11.62 -5.66
N ASP A 41 8.95 -12.89 -6.11
CA ASP A 41 10.16 -13.37 -6.78
C ASP A 41 10.14 -13.38 -8.31
N ASP A 42 9.17 -12.67 -8.93
CA ASP A 42 9.06 -12.52 -10.39
C ASP A 42 9.93 -11.36 -10.94
N PRO A 43 10.16 -11.16 -12.26
CA PRO A 43 10.92 -10.02 -12.80
C PRO A 43 10.14 -8.68 -12.80
N TYR A 44 10.87 -7.55 -12.60
CA TYR A 44 10.44 -6.13 -12.55
C TYR A 44 9.89 -5.59 -13.88
N PRO A 45 8.89 -4.67 -13.95
CA PRO A 45 8.20 -4.00 -12.85
C PRO A 45 7.00 -4.77 -12.30
N TYR A 46 6.71 -4.59 -10.98
CA TYR A 46 5.61 -5.28 -10.28
C TYR A 46 5.37 -4.75 -8.82
N VAL A 47 4.21 -5.17 -8.16
CA VAL A 47 3.84 -4.70 -6.80
C VAL A 47 3.38 -5.82 -5.87
N VAL A 48 4.06 -5.93 -4.71
CA VAL A 48 3.69 -6.87 -3.65
C VAL A 48 3.20 -6.14 -2.41
N ILE A 49 2.21 -6.70 -1.64
CA ILE A 49 1.77 -6.23 -0.31
C ILE A 49 2.77 -6.75 0.72
N GLY A 50 3.11 -5.92 1.72
CA GLY A 50 4.10 -6.31 2.68
C GLY A 50 4.03 -5.38 3.83
N ASP A 51 4.93 -5.61 4.81
CA ASP A 51 4.95 -4.84 6.02
C ASP A 51 6.40 -4.67 6.47
N GLN A 52 6.85 -3.39 6.58
CA GLN A 52 8.18 -2.96 7.00
C GLN A 52 8.11 -2.64 8.50
N SER A 53 9.00 -3.22 9.32
CA SER A 53 9.06 -3.04 10.77
C SER A 53 10.27 -3.84 11.24
N SER A 54 10.68 -3.70 12.53
CA SER A 54 11.84 -4.38 13.11
C SER A 54 11.94 -4.01 14.59
N THR A 55 11.58 -2.75 14.92
CA THR A 55 11.61 -2.17 16.27
C THR A 55 10.28 -2.24 17.01
N PRO A 56 9.09 -1.74 16.60
CA PRO A 56 7.89 -1.69 17.46
C PRO A 56 7.11 -3.01 17.57
N PHE A 57 6.45 -3.24 18.73
CA PHE A 57 5.60 -4.38 19.01
C PHE A 57 4.36 -3.81 19.68
N GLU A 58 3.17 -4.46 19.54
CA GLU A 58 1.88 -4.04 20.08
C GLU A 58 1.67 -4.45 21.54
N THR A 59 2.62 -4.08 22.39
CA THR A 59 2.63 -4.34 23.82
C THR A 59 3.58 -3.28 24.28
N LYS A 60 3.14 -2.45 25.27
CA LYS A 60 3.80 -1.26 25.79
C LYS A 60 3.59 -0.03 24.88
N SER A 61 2.33 0.17 24.43
CA SER A 61 1.91 1.24 23.55
C SER A 61 0.38 1.35 23.67
N SER A 62 -0.22 2.30 22.90
CA SER A 62 -1.60 2.79 22.89
C SER A 62 -2.70 1.86 22.39
N PHE A 63 -2.81 0.65 23.02
CA PHE A 63 -3.76 -0.42 22.75
C PHE A 63 -3.52 -1.19 21.43
N GLY A 64 -3.36 -0.47 20.30
CA GLY A 64 -3.12 -1.03 18.97
C GLY A 64 -4.38 -1.21 18.17
N GLU A 65 -5.18 -0.12 18.03
CA GLU A 65 -6.42 -0.09 17.27
C GLU A 65 -6.24 0.92 16.15
N ASN A 66 -5.58 0.46 15.07
CA ASN A 66 -5.21 1.20 13.87
C ASN A 66 -4.95 0.08 12.87
N ILE A 67 -4.86 0.46 11.58
CA ILE A 67 -4.53 -0.37 10.42
C ILE A 67 -3.21 0.25 9.96
N THR A 68 -2.09 -0.52 9.89
CA THR A 68 -0.80 0.00 9.40
C THR A 68 -0.34 -0.99 8.35
N MET A 69 -0.20 -0.57 7.05
CA MET A 69 0.16 -1.51 6.00
C MET A 69 0.87 -0.86 4.84
N ASP A 70 1.65 -1.68 4.08
CA ASP A 70 2.41 -1.23 2.94
C ASP A 70 2.26 -2.15 1.73
N PHE A 71 2.67 -1.56 0.60
CA PHE A 71 2.82 -2.14 -0.72
C PHE A 71 4.22 -1.69 -1.10
N HIS A 72 5.00 -2.61 -1.74
CA HIS A 72 6.38 -2.46 -2.15
C HIS A 72 6.25 -2.46 -3.65
N VAL A 73 6.68 -1.32 -4.28
CA VAL A 73 6.38 -0.99 -5.65
C VAL A 73 7.71 -0.81 -6.27
N TRP A 74 8.11 -1.74 -7.19
CA TRP A 74 9.47 -1.62 -7.71
C TRP A 74 9.49 -1.65 -9.23
N GLY A 75 10.32 -0.77 -9.83
CA GLY A 75 10.62 -0.76 -11.26
C GLY A 75 12.10 -0.85 -11.40
N GLY A 76 12.60 -1.44 -12.49
CA GLY A 76 14.03 -1.58 -12.78
C GLY A 76 14.25 -1.19 -14.20
N THR A 77 13.41 -0.23 -14.67
CA THR A 77 13.25 0.18 -16.06
C THR A 77 13.88 1.53 -16.35
N THR A 78 13.52 2.58 -15.57
CA THR A 78 13.99 3.96 -15.78
C THR A 78 13.69 4.69 -14.49
N ARG A 79 14.45 5.79 -14.16
CA ARG A 79 14.34 6.74 -13.05
C ARG A 79 12.96 7.40 -12.87
N ALA A 80 12.40 7.86 -14.02
CA ALA A 80 11.10 8.49 -14.23
C ALA A 80 9.93 7.52 -14.16
N GLU A 81 10.12 6.25 -14.65
CA GLU A 81 9.15 5.15 -14.64
C GLU A 81 8.86 4.61 -13.23
N ALA A 82 9.91 4.59 -12.38
CA ALA A 82 9.92 4.25 -10.98
C ALA A 82 9.19 5.27 -10.08
N GLN A 83 9.29 6.59 -10.39
CA GLN A 83 8.51 7.64 -9.71
C GLN A 83 7.07 7.70 -10.20
N ASP A 84 6.86 7.38 -11.52
CA ASP A 84 5.58 7.21 -12.20
C ASP A 84 4.75 6.05 -11.63
N ILE A 85 5.36 4.85 -11.35
CA ILE A 85 4.72 3.72 -10.64
C ILE A 85 4.36 4.03 -9.17
N SER A 86 5.27 4.75 -8.45
CA SER A 86 5.10 5.27 -7.08
C SER A 86 3.94 6.29 -6.95
N SER A 87 3.91 7.30 -7.86
CA SER A 87 2.89 8.33 -8.08
C SER A 87 1.54 7.77 -8.59
N ARG A 88 1.53 6.79 -9.56
CA ARG A 88 0.34 6.08 -10.05
C ARG A 88 -0.29 5.08 -9.07
N VAL A 89 0.50 4.45 -8.13
CA VAL A 89 0.01 3.64 -7.00
C VAL A 89 -0.68 4.53 -5.96
N LEU A 90 -0.04 5.65 -5.52
CA LEU A 90 -0.54 6.71 -4.62
C LEU A 90 -1.83 7.39 -5.16
N GLU A 91 -1.87 7.64 -6.52
CA GLU A 91 -3.04 8.09 -7.27
C GLU A 91 -4.19 7.07 -7.28
N ALA A 92 -3.93 5.74 -7.53
CA ALA A 92 -4.89 4.62 -7.41
C ALA A 92 -5.45 4.40 -6.00
N LEU A 93 -4.54 4.51 -4.97
CA LEU A 93 -4.77 4.46 -3.52
C LEU A 93 -5.88 5.37 -3.03
N THR A 94 -5.85 6.69 -3.45
CA THR A 94 -6.97 7.63 -3.24
C THR A 94 -7.83 8.00 -4.44
N TYR A 95 -7.69 7.29 -5.59
CA TYR A 95 -8.55 7.43 -6.81
C TYR A 95 -9.88 6.76 -6.50
N LYS A 96 -9.71 5.60 -5.84
CA LYS A 96 -10.75 4.77 -5.31
C LYS A 96 -10.70 5.06 -3.81
N PRO A 97 -11.79 5.30 -3.05
CA PRO A 97 -11.73 5.63 -1.63
C PRO A 97 -11.52 4.35 -0.79
N LEU A 98 -10.90 4.47 0.40
CA LEU A 98 -10.62 3.30 1.24
C LEU A 98 -11.83 2.83 2.04
N MET A 99 -12.34 1.69 1.54
CA MET A 99 -13.45 0.98 2.09
C MET A 99 -13.21 -0.50 1.88
N PHE A 100 -13.79 -1.28 2.82
CA PHE A 100 -13.95 -2.72 2.77
C PHE A 100 -15.42 -2.97 3.23
N GLU A 101 -16.30 -3.34 2.27
CA GLU A 101 -17.68 -3.83 2.32
C GLU A 101 -18.73 -2.85 2.80
N GLY A 102 -18.74 -2.67 4.13
CA GLY A 102 -19.57 -1.77 4.89
C GLY A 102 -18.73 -1.22 6.00
N PHE A 103 -17.38 -1.29 5.85
CA PHE A 103 -16.44 -0.80 6.87
C PHE A 103 -15.56 0.25 6.19
N THR A 104 -15.52 1.48 6.77
CA THR A 104 -14.80 2.63 6.26
C THR A 104 -13.82 3.07 7.33
N PHE A 105 -12.60 3.42 6.88
CA PHE A 105 -11.44 3.86 7.66
C PHE A 105 -10.90 5.07 6.91
N VAL A 106 -10.32 6.04 7.67
CA VAL A 106 -9.80 7.32 7.21
C VAL A 106 -8.28 7.25 7.24
N ALA A 107 -7.60 7.67 6.13
CA ALA A 107 -6.14 7.68 5.97
C ALA A 107 -5.44 8.87 6.62
N LYS A 108 -4.28 8.61 7.27
CA LYS A 108 -3.46 9.56 8.00
C LYS A 108 -2.62 10.48 7.11
N LYS A 109 -2.61 11.79 7.43
CA LYS A 109 -1.84 12.83 6.76
C LYS A 109 -0.63 13.14 7.63
N LEU A 110 0.60 13.08 7.03
CA LEU A 110 1.85 13.32 7.71
C LEU A 110 2.86 13.76 6.66
N VAL A 111 4.06 14.27 7.06
CA VAL A 111 5.15 14.78 6.21
C VAL A 111 5.98 13.69 5.47
N LEU A 112 5.24 12.78 4.78
CA LEU A 112 5.74 11.63 4.04
C LEU A 112 5.91 11.97 2.56
N ALA A 113 6.80 12.94 2.28
CA ALA A 113 7.12 13.41 0.94
C ALA A 113 8.63 13.39 0.75
N GLN A 114 9.37 12.73 1.68
CA GLN A 114 10.83 12.71 1.75
C GLN A 114 11.55 11.74 0.80
N VAL A 115 11.34 11.95 -0.52
CA VAL A 115 11.95 11.24 -1.65
C VAL A 115 13.11 12.07 -2.18
N ILE A 116 14.25 11.41 -2.53
CA ILE A 116 15.45 12.03 -3.12
C ILE A 116 15.51 11.63 -4.60
N THR A 117 16.24 12.42 -5.43
CA THR A 117 16.50 12.27 -6.86
C THR A 117 17.98 11.86 -7.00
N ASP A 118 18.35 10.92 -7.91
CA ASP A 118 19.75 10.52 -8.12
C ASP A 118 20.32 11.22 -9.35
N THR A 119 21.44 11.97 -9.15
CA THR A 119 22.22 12.77 -10.09
C THR A 119 22.91 12.00 -11.21
N ASP A 120 23.10 10.67 -10.98
CA ASP A 120 23.67 9.69 -11.90
C ASP A 120 22.63 9.01 -12.80
N GLY A 121 21.31 9.24 -12.54
CA GLY A 121 20.22 8.67 -13.35
C GLY A 121 19.76 7.30 -12.94
N VAL A 122 19.53 7.04 -11.63
CA VAL A 122 19.17 5.73 -11.07
C VAL A 122 17.65 5.53 -10.95
N THR A 123 17.20 4.24 -11.09
CA THR A 123 15.86 3.68 -10.94
C THR A 123 15.43 3.64 -9.47
N LYS A 124 14.17 3.96 -9.13
CA LYS A 124 13.67 4.00 -7.75
C LYS A 124 13.00 2.69 -7.34
N HIS A 125 13.26 2.31 -6.07
CA HIS A 125 12.64 1.22 -5.34
C HIS A 125 11.98 1.99 -4.20
N GLY A 126 10.64 1.94 -4.16
CA GLY A 126 9.82 2.79 -3.30
C GLY A 126 8.98 1.89 -2.46
N ILE A 127 9.01 2.15 -1.13
CA ILE A 127 8.22 1.46 -0.13
C ILE A 127 7.16 2.47 0.22
N ILE A 128 5.90 2.08 -0.11
CA ILE A 128 4.71 2.91 -0.02
C ILE A 128 3.95 2.42 1.19
N LYS A 129 3.84 3.26 2.24
CA LYS A 129 3.19 2.88 3.49
C LYS A 129 2.11 3.88 3.77
N VAL A 130 0.94 3.35 4.19
CA VAL A 130 -0.20 4.16 4.57
C VAL A 130 -0.65 3.58 5.92
N ARG A 131 -1.11 4.54 6.78
CA ARG A 131 -1.72 4.33 8.08
C ARG A 131 -3.12 4.88 7.95
N PHE A 132 -4.10 4.03 8.37
CA PHE A 132 -5.52 4.24 8.22
C PHE A 132 -6.06 4.08 9.61
N THR A 133 -7.10 4.83 10.01
CA THR A 133 -7.59 4.74 11.38
C THR A 133 -9.12 4.67 11.38
N ILE A 134 -9.67 3.84 12.31
CA ILE A 134 -11.07 3.61 12.65
C ILE A 134 -11.23 4.33 13.97
N ASN A 135 -12.40 4.99 14.18
CA ASN A 135 -12.72 5.96 15.22
C ASN A 135 -12.44 5.67 16.70
N ASN A 136 -11.24 6.10 17.17
CA ASN A 136 -10.76 5.97 18.55
C ASN A 136 -11.05 7.19 19.41
N ASN A 137 -10.74 7.08 20.72
CA ASN A 137 -10.85 8.08 21.77
C ASN A 137 -9.67 9.05 21.82
N THR A 138 -9.50 9.88 20.77
CA THR A 138 -8.42 10.86 20.64
C THR A 138 -8.82 12.18 21.28
N GLY A 139 -8.49 12.36 22.58
CA GLY A 139 -8.83 13.55 23.33
C GLY A 139 -8.55 13.30 24.79
N GLN A 1 -12.73 -3.83 22.41
CA GLN A 1 -14.10 -4.13 22.70
C GLN A 1 -14.94 -2.92 22.36
N GLY A 2 -14.48 -2.13 21.36
CA GLY A 2 -15.16 -0.95 20.84
C GLY A 2 -15.12 -0.93 19.33
N LEU A 3 -16.23 -1.39 18.66
CA LEU A 3 -16.43 -1.44 17.20
C LEU A 3 -15.62 -2.48 16.42
N GLN A 4 -14.28 -2.32 16.42
CA GLN A 4 -13.29 -3.19 15.81
C GLN A 4 -12.36 -3.64 16.92
N THR A 5 -12.16 -4.98 17.13
CA THR A 5 -11.29 -5.57 18.17
C THR A 5 -9.84 -5.84 17.70
N TRP A 6 -9.56 -5.48 16.42
CA TRP A 6 -8.33 -5.62 15.64
C TRP A 6 -8.20 -7.01 15.01
N LYS A 7 -9.17 -7.31 14.09
CA LYS A 7 -9.34 -8.57 13.39
C LYS A 7 -8.83 -8.42 11.96
N LEU A 8 -8.74 -9.55 11.18
CA LEU A 8 -8.24 -9.68 9.81
C LEU A 8 -8.91 -8.81 8.74
N ALA A 9 -10.21 -8.43 8.94
CA ALA A 9 -11.00 -7.51 8.12
C ALA A 9 -10.40 -6.09 7.99
N SER A 10 -9.72 -5.64 9.10
CA SER A 10 -8.99 -4.39 9.23
C SER A 10 -7.90 -4.20 8.19
N ARG A 11 -7.06 -5.25 8.01
CA ARG A 11 -6.04 -5.50 6.99
C ARG A 11 -6.60 -5.83 5.60
N ALA A 12 -7.76 -6.56 5.51
CA ALA A 12 -8.57 -6.75 4.29
C ALA A 12 -8.95 -5.42 3.56
N LEU A 13 -8.96 -4.27 4.31
CA LEU A 13 -8.89 -2.89 3.76
C LEU A 13 -7.70 -2.56 2.85
N GLN A 14 -6.50 -3.17 3.12
CA GLN A 14 -5.25 -3.16 2.33
C GLN A 14 -5.43 -3.98 1.07
N LYS A 15 -6.17 -5.11 1.16
CA LYS A 15 -6.67 -5.87 -0.02
C LYS A 15 -7.70 -5.09 -0.90
N ALA A 16 -8.54 -4.21 -0.27
CA ALA A 16 -9.46 -3.27 -0.91
C ALA A 16 -8.72 -2.10 -1.54
N THR A 17 -7.59 -1.71 -0.91
CA THR A 17 -6.59 -0.74 -1.36
C THR A 17 -5.80 -1.28 -2.55
N VAL A 18 -5.36 -2.57 -2.46
CA VAL A 18 -4.75 -3.35 -3.54
C VAL A 18 -5.68 -3.59 -4.70
N GLU A 19 -7.01 -3.66 -4.40
CA GLU A 19 -8.08 -3.69 -5.38
C GLU A 19 -8.25 -2.34 -6.08
N ASN A 20 -8.06 -1.19 -5.37
CA ASN A 20 -7.94 0.15 -5.99
C ASN A 20 -6.74 0.32 -6.95
N LEU A 21 -5.57 -0.30 -6.60
CA LEU A 21 -4.40 -0.47 -7.49
C LEU A 21 -4.67 -1.30 -8.76
N GLU A 22 -5.46 -2.41 -8.63
CA GLU A 22 -5.94 -3.26 -9.72
C GLU A 22 -7.08 -2.63 -10.54
N SER A 23 -7.88 -1.71 -9.91
CA SER A 23 -9.02 -1.00 -10.50
C SER A 23 -8.64 0.28 -11.23
N TYR A 24 -7.46 0.88 -10.91
CA TYR A 24 -6.96 2.10 -11.53
C TYR A 24 -6.30 1.83 -12.88
N GLN A 25 -7.06 2.05 -13.99
CA GLN A 25 -6.74 1.79 -15.40
C GLN A 25 -5.33 2.07 -15.96
N PRO A 26 -4.60 3.22 -15.81
CA PRO A 26 -3.18 3.33 -16.18
C PRO A 26 -2.20 2.47 -15.34
N LEU A 27 -2.53 1.98 -14.10
CA LEU A 27 -1.68 1.14 -13.22
C LEU A 27 -1.60 -0.32 -13.67
N MET A 28 -2.66 -0.72 -14.38
CA MET A 28 -2.88 -2.02 -15.04
C MET A 28 -1.91 -2.26 -16.21
N GLU A 29 -1.44 -1.16 -16.85
CA GLU A 29 -0.41 -1.12 -17.89
C GLU A 29 1.01 -1.12 -17.29
N MET A 30 1.11 -0.95 -15.93
CA MET A 30 2.31 -0.93 -15.12
C MET A 30 2.52 -2.25 -14.38
N VAL A 31 1.43 -2.98 -13.99
CA VAL A 31 1.66 -4.26 -13.30
C VAL A 31 0.98 -5.40 -14.05
N ASN A 32 1.61 -6.61 -14.07
CA ASN A 32 0.96 -7.88 -14.45
C ASN A 32 0.66 -8.72 -13.19
N GLN A 33 1.21 -8.21 -12.08
CA GLN A 33 1.54 -8.85 -10.82
C GLN A 33 1.18 -8.10 -9.56
N VAL A 34 0.02 -7.40 -9.50
CA VAL A 34 -0.42 -6.72 -8.27
C VAL A 34 -1.19 -7.74 -7.41
N THR A 35 -0.53 -8.12 -6.29
CA THR A 35 -0.94 -9.22 -5.43
C THR A 35 -0.76 -8.93 -3.94
N GLU A 36 -1.72 -9.47 -3.14
CA GLU A 36 -1.77 -9.41 -1.68
C GLU A 36 -1.07 -10.60 -1.03
N SER A 37 -1.09 -11.76 -1.74
CA SER A 37 -0.51 -13.04 -1.35
C SER A 37 0.74 -13.23 -2.19
N PRO A 38 1.83 -13.94 -1.81
CA PRO A 38 3.13 -13.84 -2.47
C PRO A 38 3.22 -14.29 -3.94
N GLY A 39 3.92 -13.47 -4.75
CA GLY A 39 4.22 -13.69 -6.16
C GLY A 39 5.45 -12.88 -6.40
N LYS A 40 6.22 -12.70 -5.29
CA LYS A 40 7.32 -11.76 -5.13
C LYS A 40 8.66 -12.27 -5.62
N ASP A 41 8.67 -13.59 -5.94
CA ASP A 41 9.75 -14.40 -6.48
C ASP A 41 9.69 -14.43 -8.01
N ASP A 42 8.71 -13.70 -8.61
CA ASP A 42 8.55 -13.49 -10.04
C ASP A 42 9.20 -12.15 -10.44
N PRO A 43 9.60 -11.89 -11.71
CA PRO A 43 10.24 -10.64 -12.14
C PRO A 43 9.29 -9.43 -12.28
N TYR A 44 9.86 -8.19 -12.33
CA TYR A 44 9.21 -6.88 -12.44
C TYR A 44 8.62 -6.57 -13.85
N PRO A 45 7.72 -5.57 -14.06
CA PRO A 45 7.12 -4.67 -13.08
C PRO A 45 5.95 -5.35 -12.34
N TYR A 46 5.74 -5.00 -11.05
CA TYR A 46 4.79 -5.67 -10.18
C TYR A 46 4.66 -4.98 -8.83
N VAL A 47 3.59 -5.38 -8.06
CA VAL A 47 3.33 -4.82 -6.72
C VAL A 47 2.94 -5.94 -5.76
N VAL A 48 3.66 -6.04 -4.61
CA VAL A 48 3.32 -6.98 -3.54
C VAL A 48 2.96 -6.23 -2.25
N ILE A 49 2.09 -6.87 -1.42
CA ILE A 49 1.72 -6.47 -0.05
C ILE A 49 2.82 -6.75 0.93
N GLY A 50 3.04 -5.83 1.88
CA GLY A 50 4.04 -6.09 2.88
C GLY A 50 3.85 -5.16 4.02
N ASP A 51 4.76 -5.30 4.98
CA ASP A 51 4.75 -4.49 6.17
C ASP A 51 6.22 -4.33 6.47
N GLN A 52 6.75 -3.06 6.53
CA GLN A 52 8.17 -2.77 6.71
C GLN A 52 8.64 -2.87 8.15
N SER A 53 9.89 -3.38 8.33
CA SER A 53 10.61 -3.64 9.58
C SER A 53 9.97 -4.69 10.49
N SER A 54 9.46 -4.24 11.67
CA SER A 54 8.77 -5.01 12.72
C SER A 54 8.86 -4.19 13.96
N THR A 55 7.78 -3.45 14.29
CA THR A 55 7.69 -2.54 15.45
C THR A 55 6.76 -3.16 16.50
N PRO A 56 6.96 -3.01 17.84
CA PRO A 56 6.12 -3.63 18.87
C PRO A 56 4.81 -2.85 19.11
N PHE A 57 3.67 -3.58 19.11
CA PHE A 57 2.32 -3.05 19.34
C PHE A 57 1.60 -4.00 20.31
N GLU A 58 0.66 -3.45 21.11
CA GLU A 58 -0.16 -4.18 22.08
C GLU A 58 -1.63 -3.96 21.75
N THR A 59 -2.50 -4.92 22.10
CA THR A 59 -3.94 -4.86 21.88
C THR A 59 -4.62 -5.31 23.16
N LYS A 60 -5.99 -5.27 23.16
CA LYS A 60 -6.92 -5.56 24.25
C LYS A 60 -6.88 -4.49 25.34
N SER A 61 -6.90 -3.20 24.90
CA SER A 61 -6.81 -2.03 25.76
C SER A 61 -7.10 -0.84 24.86
N SER A 62 -7.08 0.38 25.45
CA SER A 62 -7.33 1.70 24.87
C SER A 62 -6.25 2.23 23.93
N PHE A 63 -5.98 1.45 22.85
CA PHE A 63 -5.03 1.70 21.77
C PHE A 63 -5.68 2.50 20.64
N GLY A 64 -6.85 2.01 20.17
CA GLY A 64 -7.67 2.62 19.14
C GLY A 64 -8.01 1.59 18.11
N GLU A 65 -8.58 2.06 16.98
CA GLU A 65 -8.96 1.28 15.82
C GLU A 65 -8.08 1.82 14.69
N ASN A 66 -6.82 1.37 14.66
CA ASN A 66 -5.80 1.81 13.72
C ASN A 66 -5.19 0.61 12.99
N ILE A 67 -4.98 0.83 11.66
CA ILE A 67 -4.46 -0.12 10.68
C ILE A 67 -3.25 0.61 10.07
N THR A 68 -2.08 -0.06 9.89
CA THR A 68 -0.88 0.52 9.26
C THR A 68 -0.46 -0.47 8.21
N MET A 69 -0.38 -0.11 6.90
CA MET A 69 -0.04 -1.14 5.93
C MET A 69 0.76 -0.57 4.78
N ASP A 70 1.61 -1.46 4.19
CA ASP A 70 2.52 -1.13 3.11
C ASP A 70 2.23 -1.96 1.88
N PHE A 71 2.80 -1.47 0.77
CA PHE A 71 2.83 -2.06 -0.56
C PHE A 71 4.22 -1.69 -1.05
N HIS A 72 4.86 -2.68 -1.75
CA HIS A 72 6.21 -2.62 -2.27
C HIS A 72 5.98 -2.60 -3.75
N VAL A 73 6.42 -1.49 -4.39
CA VAL A 73 6.08 -1.14 -5.75
C VAL A 73 7.38 -1.12 -6.49
N TRP A 74 7.58 -2.09 -7.44
CA TRP A 74 8.86 -2.12 -8.10
C TRP A 74 8.65 -2.18 -9.61
N GLY A 75 9.49 -1.43 -10.37
CA GLY A 75 9.42 -1.41 -11.83
C GLY A 75 10.81 -1.36 -12.35
N GLY A 76 10.98 -1.53 -13.68
CA GLY A 76 12.26 -1.49 -14.38
C GLY A 76 12.35 -0.31 -15.31
N THR A 77 13.13 -0.47 -16.41
CA THR A 77 13.38 0.49 -17.50
C THR A 77 14.27 1.67 -17.16
N THR A 78 13.82 2.59 -16.27
CA THR A 78 14.56 3.80 -15.93
C THR A 78 14.04 4.24 -14.58
N ARG A 79 14.87 5.00 -13.79
CA ARG A 79 14.65 5.63 -12.47
C ARG A 79 13.39 6.50 -12.35
N ALA A 80 13.08 7.19 -13.49
CA ALA A 80 11.91 7.98 -13.80
C ALA A 80 10.56 7.24 -13.74
N GLU A 81 10.51 5.92 -14.14
CA GLU A 81 9.34 5.07 -14.17
C GLU A 81 8.80 4.69 -12.77
N ALA A 82 9.74 4.53 -11.79
CA ALA A 82 9.54 4.25 -10.36
C ALA A 82 8.78 5.35 -9.61
N GLN A 83 8.91 6.61 -10.08
CA GLN A 83 8.22 7.82 -9.62
C GLN A 83 6.78 7.87 -10.16
N ASP A 84 6.59 7.41 -11.42
CA ASP A 84 5.32 7.21 -12.13
C ASP A 84 4.49 6.09 -11.50
N ILE A 85 5.07 4.86 -11.29
CA ILE A 85 4.43 3.72 -10.61
C ILE A 85 4.04 3.97 -9.14
N SER A 86 4.88 4.74 -8.38
CA SER A 86 4.63 5.22 -7.01
C SER A 86 3.52 6.27 -6.94
N SER A 87 3.44 7.22 -7.93
CA SER A 87 2.40 8.22 -8.14
C SER A 87 1.04 7.61 -8.55
N ARG A 88 1.09 6.60 -9.47
CA ARG A 88 -0.05 5.76 -9.90
C ARG A 88 -0.61 4.90 -8.74
N VAL A 89 0.27 4.42 -7.79
CA VAL A 89 -0.13 3.82 -6.50
C VAL A 89 -0.83 4.84 -5.57
N LEU A 90 -0.33 6.10 -5.31
CA LEU A 90 -0.99 7.13 -4.44
C LEU A 90 -2.32 7.65 -5.00
N GLU A 91 -2.27 8.01 -6.31
CA GLU A 91 -3.38 8.43 -7.16
C GLU A 91 -4.46 7.37 -7.27
N ALA A 92 -4.07 6.05 -7.28
CA ALA A 92 -4.97 4.89 -7.11
C ALA A 92 -5.61 4.80 -5.71
N LEU A 93 -4.79 4.98 -4.60
CA LEU A 93 -5.19 4.93 -3.16
C LEU A 93 -6.41 5.76 -2.82
N THR A 94 -6.45 7.02 -3.33
CA THR A 94 -7.67 7.84 -3.22
C THR A 94 -8.52 7.96 -4.48
N TYR A 95 -8.24 7.17 -5.55
CA TYR A 95 -9.08 7.15 -6.78
C TYR A 95 -10.33 6.33 -6.53
N LYS A 96 -10.13 5.15 -5.90
CA LYS A 96 -11.21 4.25 -5.48
C LYS A 96 -10.99 4.18 -3.97
N PRO A 97 -11.72 4.88 -3.07
CA PRO A 97 -11.40 4.99 -1.65
C PRO A 97 -11.61 3.71 -0.83
N LEU A 98 -10.91 3.63 0.33
CA LEU A 98 -10.79 2.47 1.20
C LEU A 98 -12.05 2.11 2.00
N MET A 99 -12.69 0.99 1.58
CA MET A 99 -13.86 0.40 2.18
C MET A 99 -13.76 -1.11 2.04
N PHE A 100 -14.13 -1.89 3.09
CA PHE A 100 -14.13 -3.35 3.08
C PHE A 100 -15.45 -3.81 3.70
N GLU A 101 -16.39 -4.34 2.87
CA GLU A 101 -17.68 -4.98 3.18
C GLU A 101 -18.78 -4.02 3.64
N GLY A 102 -18.61 -2.73 3.27
CA GLY A 102 -19.46 -1.61 3.69
C GLY A 102 -18.82 -0.81 4.80
N PHE A 103 -17.66 -1.26 5.34
CA PHE A 103 -16.96 -0.58 6.44
C PHE A 103 -15.85 0.31 5.87
N THR A 104 -15.84 1.62 6.22
CA THR A 104 -14.94 2.66 5.72
C THR A 104 -13.72 2.85 6.60
N PHE A 105 -12.59 3.33 6.00
CA PHE A 105 -11.36 3.60 6.76
C PHE A 105 -10.85 4.94 6.25
N VAL A 106 -10.35 5.81 7.17
CA VAL A 106 -9.93 7.19 6.92
C VAL A 106 -8.42 7.26 6.95
N ALA A 107 -7.77 7.60 5.79
CA ALA A 107 -6.32 7.59 5.55
C ALA A 107 -5.52 8.80 6.06
N LYS A 108 -4.33 8.48 6.63
CA LYS A 108 -3.30 9.35 7.15
C LYS A 108 -2.01 9.03 6.40
N LYS A 109 -1.18 10.08 6.11
CA LYS A 109 0.16 10.01 5.51
C LYS A 109 0.23 9.91 3.98
N LEU A 110 1.07 10.79 3.39
CA LEU A 110 1.46 10.81 1.98
C LEU A 110 2.93 10.37 1.98
N VAL A 111 3.36 9.57 0.98
CA VAL A 111 4.71 8.98 0.92
C VAL A 111 5.70 9.91 0.24
N LEU A 112 6.90 10.08 0.85
CA LEU A 112 8.00 10.91 0.38
C LEU A 112 9.05 10.05 -0.29
N ALA A 113 9.68 10.56 -1.38
CA ALA A 113 10.67 9.85 -2.17
C ALA A 113 12.10 10.23 -1.78
N GLN A 114 12.56 9.81 -0.58
CA GLN A 114 13.90 10.06 -0.07
C GLN A 114 14.70 8.77 -0.10
N VAL A 115 14.88 8.27 -1.34
CA VAL A 115 15.61 7.08 -1.75
C VAL A 115 16.57 7.56 -2.83
N ILE A 116 17.83 7.05 -2.81
CA ILE A 116 18.95 7.43 -3.66
C ILE A 116 19.26 6.32 -4.68
N THR A 117 19.77 6.72 -5.89
CA THR A 117 20.21 5.90 -7.02
C THR A 117 21.64 5.39 -6.79
N ASP A 118 21.93 4.13 -7.20
CA ASP A 118 23.23 3.46 -7.05
C ASP A 118 24.12 3.59 -8.30
N THR A 119 25.46 3.80 -8.08
CA THR A 119 26.62 4.01 -8.97
C THR A 119 26.79 3.07 -10.17
N ASP A 120 26.19 1.86 -10.07
CA ASP A 120 26.20 0.79 -11.06
C ASP A 120 25.06 0.86 -12.07
N GLY A 121 23.98 1.68 -11.84
CA GLY A 121 22.84 1.79 -12.76
C GLY A 121 21.74 0.77 -12.51
N VAL A 122 21.34 0.63 -11.23
CA VAL A 122 20.35 -0.31 -10.70
C VAL A 122 18.91 0.17 -10.91
N THR A 123 17.96 -0.79 -11.10
CA THR A 123 16.50 -0.64 -11.22
C THR A 123 15.88 -0.04 -9.96
N LYS A 124 15.01 0.98 -10.13
CA LYS A 124 14.48 1.77 -9.01
C LYS A 124 13.15 1.26 -8.47
N HIS A 125 13.01 1.30 -7.14
CA HIS A 125 11.90 0.81 -6.37
C HIS A 125 11.47 1.83 -5.35
N GLY A 126 10.16 1.84 -5.01
CA GLY A 126 9.61 2.63 -3.91
C GLY A 126 8.93 1.73 -2.92
N ILE A 127 9.09 2.03 -1.59
CA ILE A 127 8.40 1.38 -0.48
C ILE A 127 7.39 2.43 -0.04
N ILE A 128 6.11 2.04 -0.16
CA ILE A 128 4.98 2.93 0.03
C ILE A 128 4.22 2.50 1.28
N LYS A 129 4.14 3.37 2.32
CA LYS A 129 3.37 3.08 3.54
C LYS A 129 2.25 4.08 3.67
N VAL A 130 1.08 3.58 4.11
CA VAL A 130 -0.06 4.39 4.51
C VAL A 130 -0.60 3.80 5.78
N ARG A 131 -1.32 4.63 6.56
CA ARG A 131 -2.05 4.28 7.76
C ARG A 131 -3.41 4.90 7.75
N PHE A 132 -4.43 4.16 8.23
CA PHE A 132 -5.83 4.59 8.20
C PHE A 132 -6.34 4.30 9.60
N THR A 133 -7.23 5.16 10.12
CA THR A 133 -7.77 5.16 11.48
C THR A 133 -9.27 5.36 11.36
N ILE A 134 -10.13 4.70 12.19
CA ILE A 134 -11.58 4.96 12.13
C ILE A 134 -12.04 5.48 13.49
N ASN A 135 -12.89 6.53 13.54
CA ASN A 135 -13.40 7.15 14.77
C ASN A 135 -14.77 7.67 14.40
N ASN A 136 -15.47 8.27 15.40
CA ASN A 136 -16.80 8.85 15.28
C ASN A 136 -16.79 10.25 14.67
N ASN A 137 -16.81 10.25 13.32
CA ASN A 137 -16.94 11.41 12.43
C ASN A 137 -15.60 12.04 12.07
N THR A 138 -14.60 11.22 11.66
CA THR A 138 -13.31 11.69 11.14
C THR A 138 -13.34 11.54 9.61
N GLY A 139 -12.99 12.63 8.88
CA GLY A 139 -12.97 12.65 7.43
C GLY A 139 -13.08 14.09 6.99
N GLN A 1 1.16 -22.10 7.80
CA GLN A 1 1.42 -21.19 8.89
C GLN A 1 0.35 -20.11 8.88
N GLY A 2 -0.80 -20.41 8.25
CA GLY A 2 -1.99 -19.53 8.16
C GLY A 2 -2.93 -19.66 9.34
N LEU A 3 -2.58 -20.51 10.32
CA LEU A 3 -3.28 -20.80 11.57
C LEU A 3 -2.86 -19.85 12.68
N GLN A 4 -3.08 -18.53 12.44
CA GLN A 4 -2.78 -17.40 13.31
C GLN A 4 -4.09 -16.78 13.83
N THR A 5 -4.45 -15.58 13.34
CA THR A 5 -5.67 -14.83 13.65
C THR A 5 -5.63 -13.70 12.63
N TRP A 6 -6.64 -12.81 12.59
CA TRP A 6 -6.73 -11.76 11.61
C TRP A 6 -7.53 -10.64 12.24
N LYS A 7 -7.50 -9.41 11.66
CA LYS A 7 -8.29 -8.25 12.05
C LYS A 7 -9.21 -8.06 10.86
N LEU A 8 -10.42 -8.72 10.87
CA LEU A 8 -11.27 -8.95 9.70
C LEU A 8 -11.76 -7.75 8.88
N ALA A 9 -12.38 -6.67 9.46
CA ALA A 9 -12.73 -5.47 8.68
C ALA A 9 -11.52 -4.67 8.21
N SER A 10 -10.64 -4.37 9.20
CA SER A 10 -9.41 -3.62 9.13
C SER A 10 -8.32 -4.13 8.18
N ARG A 11 -7.98 -5.43 8.20
CA ARG A 11 -7.07 -6.12 7.27
C ARG A 11 -7.68 -6.37 5.88
N ALA A 12 -9.00 -6.71 5.80
CA ALA A 12 -9.78 -6.80 4.56
C ALA A 12 -9.85 -5.50 3.74
N LEU A 13 -9.63 -4.30 4.37
CA LEU A 13 -9.26 -3.03 3.68
C LEU A 13 -7.90 -3.06 2.95
N GLN A 14 -6.87 -3.86 3.38
CA GLN A 14 -5.57 -4.01 2.66
C GLN A 14 -5.81 -4.73 1.34
N LYS A 15 -6.73 -5.73 1.42
CA LYS A 15 -7.34 -6.38 0.23
C LYS A 15 -8.24 -5.44 -0.60
N ALA A 16 -8.89 -4.41 0.03
CA ALA A 16 -9.58 -3.31 -0.63
C ALA A 16 -8.63 -2.37 -1.34
N THR A 17 -7.44 -1.99 -0.74
CA THR A 17 -6.33 -1.22 -1.39
C THR A 17 -5.82 -1.91 -2.62
N VAL A 18 -5.68 -3.27 -2.51
CA VAL A 18 -5.27 -4.14 -3.58
C VAL A 18 -6.31 -4.30 -4.67
N GLU A 19 -7.61 -4.27 -4.28
CA GLU A 19 -8.73 -4.20 -5.21
C GLU A 19 -8.89 -2.85 -5.92
N ASN A 20 -8.49 -1.71 -5.27
CA ASN A 20 -8.40 -0.38 -5.86
C ASN A 20 -7.28 -0.27 -6.89
N LEU A 21 -6.12 -0.94 -6.55
CA LEU A 21 -4.95 -1.14 -7.40
C LEU A 21 -5.26 -1.97 -8.64
N GLU A 22 -5.99 -3.11 -8.46
CA GLU A 22 -6.49 -3.91 -9.58
C GLU A 22 -7.60 -3.24 -10.40
N SER A 23 -8.40 -2.28 -9.82
CA SER A 23 -9.43 -1.59 -10.59
C SER A 23 -8.92 -0.38 -11.37
N TYR A 24 -7.77 0.21 -10.98
CA TYR A 24 -7.17 1.36 -11.64
C TYR A 24 -6.45 1.03 -12.95
N GLN A 25 -7.18 1.25 -14.08
CA GLN A 25 -6.79 1.06 -15.49
C GLN A 25 -5.37 1.50 -15.92
N PRO A 26 -4.77 2.67 -15.56
CA PRO A 26 -3.36 2.99 -15.81
C PRO A 26 -2.33 2.14 -15.06
N LEU A 27 -2.59 1.42 -13.90
CA LEU A 27 -1.55 0.59 -13.30
C LEU A 27 -1.52 -0.85 -13.88
N MET A 28 -2.62 -1.29 -14.54
CA MET A 28 -2.77 -2.57 -15.26
C MET A 28 -1.90 -2.71 -16.53
N GLU A 29 -1.59 -1.55 -17.16
CA GLU A 29 -0.75 -1.40 -18.35
C GLU A 29 0.74 -1.47 -18.02
N MET A 30 1.12 -1.12 -16.76
CA MET A 30 2.49 -1.17 -16.25
C MET A 30 2.78 -2.37 -15.34
N VAL A 31 1.90 -2.84 -14.40
CA VAL A 31 2.31 -4.01 -13.60
C VAL A 31 1.27 -5.11 -13.84
N ASN A 32 1.78 -6.36 -13.90
CA ASN A 32 1.05 -7.60 -14.14
C ASN A 32 0.84 -8.40 -12.85
N GLN A 33 1.92 -8.27 -12.07
CA GLN A 33 2.39 -8.85 -10.85
C GLN A 33 2.09 -7.95 -9.67
N VAL A 34 0.92 -7.26 -9.68
CA VAL A 34 0.41 -6.47 -8.55
C VAL A 34 -0.39 -7.48 -7.69
N THR A 35 0.22 -7.84 -6.53
CA THR A 35 -0.19 -8.98 -5.72
C THR A 35 0.01 -8.77 -4.23
N GLU A 36 -0.58 -9.70 -3.43
CA GLU A 36 -0.55 -9.78 -1.98
C GLU A 36 0.50 -10.77 -1.46
N SER A 37 1.02 -11.68 -2.32
CA SER A 37 1.98 -12.72 -1.95
C SER A 37 2.46 -13.49 -3.17
N PRO A 38 1.72 -14.34 -3.94
CA PRO A 38 2.26 -15.05 -5.12
C PRO A 38 2.48 -14.12 -6.32
N GLY A 39 3.62 -14.25 -7.06
CA GLY A 39 4.00 -13.34 -8.14
C GLY A 39 5.02 -12.32 -7.70
N LYS A 40 5.62 -12.54 -6.49
CA LYS A 40 6.58 -11.70 -5.80
C LYS A 40 8.04 -11.87 -6.20
N ASP A 41 8.37 -13.06 -6.75
CA ASP A 41 9.69 -13.52 -7.18
C ASP A 41 9.79 -13.49 -8.70
N ASP A 42 8.83 -12.78 -9.37
CA ASP A 42 8.76 -12.59 -10.82
C ASP A 42 9.53 -11.33 -11.23
N PRO A 43 9.88 -11.08 -12.52
CA PRO A 43 10.69 -9.94 -12.95
C PRO A 43 9.97 -8.58 -12.95
N TYR A 44 10.73 -7.47 -12.84
CA TYR A 44 10.32 -6.06 -12.82
C TYR A 44 9.79 -5.54 -14.18
N PRO A 45 8.75 -4.67 -14.26
CA PRO A 45 8.02 -3.99 -13.18
C PRO A 45 6.86 -4.79 -12.55
N TYR A 46 6.61 -4.57 -11.22
CA TYR A 46 5.56 -5.23 -10.45
C TYR A 46 5.32 -4.57 -9.04
N VAL A 47 4.18 -4.93 -8.32
CA VAL A 47 3.88 -4.38 -6.97
C VAL A 47 3.50 -5.49 -6.00
N VAL A 48 4.10 -5.52 -4.80
CA VAL A 48 3.77 -6.50 -3.77
C VAL A 48 3.33 -5.79 -2.50
N ILE A 49 2.46 -6.47 -1.69
CA ILE A 49 2.13 -6.10 -0.30
C ILE A 49 3.23 -6.66 0.61
N GLY A 50 3.61 -5.84 1.61
CA GLY A 50 4.53 -6.16 2.66
C GLY A 50 4.16 -5.28 3.82
N ASP A 51 5.15 -4.96 4.66
CA ASP A 51 4.96 -4.06 5.79
C ASP A 51 6.28 -3.33 5.95
N GLN A 52 6.27 -2.08 6.48
CA GLN A 52 7.45 -1.23 6.68
C GLN A 52 7.93 -1.41 8.12
N SER A 53 9.24 -1.19 8.39
CA SER A 53 9.89 -1.32 9.70
C SER A 53 9.51 -0.29 10.77
N SER A 54 8.24 -0.31 11.27
CA SER A 54 7.67 0.60 12.28
C SER A 54 8.01 0.25 13.72
N THR A 55 9.13 -0.49 13.96
CA THR A 55 9.63 -0.90 15.28
C THR A 55 10.28 0.20 16.12
N PRO A 56 11.05 1.25 15.68
CA PRO A 56 11.46 2.37 16.55
C PRO A 56 10.36 3.45 16.52
N PHE A 57 9.68 3.70 17.67
CA PHE A 57 8.53 4.61 17.74
C PHE A 57 8.69 5.66 18.83
N GLU A 58 8.08 6.85 18.60
CA GLU A 58 8.09 8.00 19.50
C GLU A 58 6.69 8.32 19.96
N THR A 59 5.80 8.72 19.01
CA THR A 59 4.43 9.13 19.24
C THR A 59 3.52 8.24 18.41
N LYS A 60 2.37 7.82 19.00
CA LYS A 60 1.30 6.99 18.45
C LYS A 60 1.53 5.48 18.58
N SER A 61 2.18 5.05 19.70
CA SER A 61 2.48 3.68 20.09
C SER A 61 1.38 3.13 21.00
N SER A 62 0.14 3.19 20.49
CA SER A 62 -1.11 2.82 21.13
C SER A 62 -1.79 1.80 20.24
N PHE A 63 -1.90 0.53 20.70
CA PHE A 63 -2.47 -0.60 19.99
C PHE A 63 -3.88 -0.95 20.42
N GLY A 64 -4.76 -1.30 19.44
CA GLY A 64 -6.13 -1.76 19.71
C GLY A 64 -7.04 -1.55 18.54
N GLU A 65 -6.96 -0.37 17.89
CA GLU A 65 -7.79 0.02 16.73
C GLU A 65 -6.86 0.65 15.68
N ASN A 66 -5.87 -0.11 15.17
CA ASN A 66 -4.84 0.38 14.29
C ASN A 66 -4.52 -0.62 13.18
N ILE A 67 -4.57 -0.11 11.91
CA ILE A 67 -4.28 -0.78 10.64
C ILE A 67 -2.93 -0.16 10.19
N THR A 68 -1.89 -0.99 9.93
CA THR A 68 -0.60 -0.56 9.40
C THR A 68 -0.29 -1.45 8.22
N MET A 69 -0.02 -0.88 7.02
CA MET A 69 0.29 -1.67 5.83
C MET A 69 1.29 -0.97 4.93
N ASP A 70 2.00 -1.76 4.09
CA ASP A 70 2.87 -1.23 3.05
C ASP A 70 2.62 -1.98 1.75
N PHE A 71 2.69 -1.24 0.62
CA PHE A 71 2.69 -1.75 -0.75
C PHE A 71 4.04 -1.21 -1.30
N HIS A 72 4.85 -2.11 -1.92
CA HIS A 72 6.21 -1.90 -2.43
C HIS A 72 6.12 -2.02 -3.93
N VAL A 73 6.50 -0.94 -4.66
CA VAL A 73 6.33 -0.77 -6.08
C VAL A 73 7.70 -0.60 -6.68
N TRP A 74 8.08 -1.51 -7.63
CA TRP A 74 9.43 -1.36 -8.20
C TRP A 74 9.37 -1.51 -9.72
N GLY A 75 10.13 -0.64 -10.44
CA GLY A 75 10.21 -0.63 -11.90
C GLY A 75 11.63 -0.41 -12.26
N GLY A 76 12.40 -1.51 -12.42
CA GLY A 76 13.85 -1.54 -12.70
C GLY A 76 14.22 -1.38 -14.16
N THR A 77 13.58 -0.41 -14.83
CA THR A 77 13.71 -0.06 -16.25
C THR A 77 14.50 1.22 -16.46
N THR A 78 14.17 2.30 -15.70
CA THR A 78 14.80 3.61 -15.74
C THR A 78 14.37 4.29 -14.45
N ARG A 79 15.17 5.26 -13.91
CA ARG A 79 15.00 6.10 -12.72
C ARG A 79 13.71 6.96 -12.70
N ALA A 80 13.30 7.43 -13.91
CA ALA A 80 12.06 8.15 -14.19
C ALA A 80 10.78 7.34 -13.97
N GLU A 81 10.81 6.01 -14.27
CA GLU A 81 9.72 5.02 -14.15
C GLU A 81 9.24 4.83 -12.72
N ALA A 82 10.15 4.94 -11.70
CA ALA A 82 9.86 4.88 -10.27
C ALA A 82 8.95 6.02 -9.75
N GLN A 83 9.06 7.24 -10.38
CA GLN A 83 8.26 8.44 -10.18
C GLN A 83 6.87 8.29 -10.79
N ASP A 84 6.81 7.70 -12.01
CA ASP A 84 5.61 7.36 -12.80
C ASP A 84 4.78 6.25 -12.15
N ILE A 85 5.42 5.10 -11.77
CA ILE A 85 4.81 3.97 -11.04
C ILE A 85 4.26 4.31 -9.64
N SER A 86 4.99 5.21 -8.91
CA SER A 86 4.60 5.86 -7.64
C SER A 86 3.36 6.76 -7.80
N SER A 87 3.37 7.67 -8.81
CA SER A 87 2.31 8.63 -9.18
C SER A 87 1.00 7.94 -9.56
N ARG A 88 1.14 6.84 -10.34
CA ARG A 88 0.14 5.88 -10.79
C ARG A 88 -0.46 5.05 -9.63
N VAL A 89 0.38 4.48 -8.72
CA VAL A 89 -0.05 3.74 -7.51
C VAL A 89 -0.68 4.60 -6.38
N LEU A 90 -0.18 5.84 -6.04
CA LEU A 90 -0.85 6.76 -5.08
C LEU A 90 -2.17 7.35 -5.60
N GLU A 91 -2.23 7.58 -6.96
CA GLU A 91 -3.44 7.94 -7.70
C GLU A 91 -4.49 6.84 -7.65
N ALA A 92 -4.13 5.53 -7.90
CA ALA A 92 -4.97 4.32 -7.69
C ALA A 92 -5.54 4.15 -6.27
N LEU A 93 -4.65 4.31 -5.24
CA LEU A 93 -4.96 4.28 -3.79
C LEU A 93 -6.03 5.25 -3.32
N THR A 94 -6.08 6.51 -3.86
CA THR A 94 -7.25 7.41 -3.62
C THR A 94 -8.16 7.63 -4.80
N TYR A 95 -8.01 6.85 -5.91
CA TYR A 95 -8.88 6.90 -7.12
C TYR A 95 -10.17 6.19 -6.78
N LYS A 96 -9.93 5.01 -6.19
CA LYS A 96 -10.93 4.13 -5.68
C LYS A 96 -10.58 4.08 -4.19
N PRO A 97 -11.48 4.41 -3.23
CA PRO A 97 -11.17 4.45 -1.79
C PRO A 97 -11.14 3.06 -1.19
N LEU A 98 -10.33 2.85 -0.12
CA LEU A 98 -10.24 1.57 0.57
C LEU A 98 -11.30 1.52 1.66
N MET A 99 -12.33 0.70 1.37
CA MET A 99 -13.52 0.50 2.12
C MET A 99 -13.79 -0.98 1.93
N PHE A 100 -14.26 -1.67 2.99
CA PHE A 100 -14.59 -3.09 2.99
C PHE A 100 -16.02 -3.25 3.53
N GLU A 101 -16.99 -3.70 2.69
CA GLU A 101 -18.40 -4.03 2.94
C GLU A 101 -19.31 -2.86 3.29
N GLY A 102 -18.77 -1.63 3.07
CA GLY A 102 -19.35 -0.36 3.49
C GLY A 102 -18.59 0.25 4.64
N PHE A 103 -17.53 -0.44 5.18
CA PHE A 103 -16.77 0.10 6.32
C PHE A 103 -15.60 0.95 5.86
N THR A 104 -15.52 2.24 6.33
CA THR A 104 -14.50 3.23 5.92
C THR A 104 -13.52 3.48 7.08
N PHE A 105 -12.28 3.89 6.74
CA PHE A 105 -11.16 4.06 7.67
C PHE A 105 -10.56 5.44 7.40
N VAL A 106 -9.86 6.04 8.39
CA VAL A 106 -9.29 7.39 8.31
C VAL A 106 -7.80 7.24 8.15
N ALA A 107 -7.19 7.75 7.02
CA ALA A 107 -5.75 7.65 6.75
C ALA A 107 -4.98 8.72 7.50
N LYS A 108 -4.12 8.28 8.45
CA LYS A 108 -3.44 9.17 9.37
C LYS A 108 -2.04 9.54 8.90
N LYS A 109 -1.91 10.71 8.20
CA LYS A 109 -0.70 11.30 7.60
C LYS A 109 -0.27 10.71 6.26
N LEU A 110 -0.44 11.47 5.15
CA LEU A 110 -0.09 11.06 3.79
C LEU A 110 1.34 11.46 3.42
N VAL A 111 2.22 10.45 3.21
CA VAL A 111 3.65 10.55 2.88
C VAL A 111 4.50 10.85 4.12
N LEU A 112 4.78 9.78 4.89
CA LEU A 112 5.56 9.76 6.11
C LEU A 112 6.98 9.20 5.89
N ALA A 113 7.45 9.25 4.62
CA ALA A 113 8.76 8.78 4.20
C ALA A 113 9.09 9.51 2.89
N GLN A 114 10.33 10.04 2.75
CA GLN A 114 10.80 10.79 1.59
C GLN A 114 11.62 9.94 0.62
N VAL A 115 11.15 9.86 -0.65
CA VAL A 115 11.85 9.25 -1.77
C VAL A 115 12.23 10.41 -2.67
N ILE A 116 13.52 10.50 -3.04
CA ILE A 116 14.07 11.65 -3.76
C ILE A 116 14.85 11.19 -4.98
N THR A 117 15.17 12.18 -5.85
CA THR A 117 15.96 12.14 -7.07
C THR A 117 17.44 11.94 -6.77
N ASP A 118 17.97 10.75 -7.13
CA ASP A 118 19.37 10.35 -6.96
C ASP A 118 20.05 10.41 -8.32
N THR A 119 21.09 11.28 -8.45
CA THR A 119 21.92 11.59 -9.61
C THR A 119 22.93 10.54 -10.06
N ASP A 120 23.31 9.59 -9.17
CA ASP A 120 24.37 8.60 -9.35
C ASP A 120 24.11 7.36 -10.24
N GLY A 121 22.85 7.03 -10.62
CA GLY A 121 22.53 5.87 -11.47
C GLY A 121 22.31 4.58 -10.70
N VAL A 122 21.51 4.65 -9.62
CA VAL A 122 21.10 3.55 -8.76
C VAL A 122 19.70 3.12 -9.15
N THR A 123 19.36 1.80 -9.02
CA THR A 123 18.06 1.20 -9.31
C THR A 123 17.02 1.65 -8.29
N LYS A 124 15.96 2.34 -8.76
CA LYS A 124 14.97 2.98 -7.89
C LYS A 124 13.76 2.11 -7.57
N HIS A 125 13.37 2.21 -6.28
CA HIS A 125 12.29 1.54 -5.61
C HIS A 125 11.37 2.60 -5.02
N GLY A 126 10.03 2.30 -4.93
CA GLY A 126 9.08 3.15 -4.26
C GLY A 126 8.50 2.32 -3.15
N ILE A 127 8.59 2.79 -1.88
CA ILE A 127 8.03 2.09 -0.73
C ILE A 127 7.00 3.05 -0.20
N ILE A 128 5.70 2.63 -0.24
CA ILE A 128 4.63 3.49 0.23
C ILE A 128 3.96 2.74 1.35
N LYS A 129 3.99 3.34 2.57
CA LYS A 129 3.28 2.86 3.74
C LYS A 129 2.13 3.79 3.96
N VAL A 130 0.97 3.19 4.33
CA VAL A 130 -0.20 3.92 4.79
C VAL A 130 -0.58 3.29 6.15
N ARG A 131 -1.00 4.21 7.06
CA ARG A 131 -1.54 3.98 8.39
C ARG A 131 -2.98 4.44 8.32
N PHE A 132 -3.92 3.62 8.85
CA PHE A 132 -5.34 3.88 8.81
C PHE A 132 -5.73 3.68 10.24
N THR A 133 -6.39 4.67 10.86
CA THR A 133 -6.78 4.58 12.26
C THR A 133 -8.30 4.72 12.26
N ILE A 134 -9.00 3.94 13.13
CA ILE A 134 -10.45 4.01 13.26
C ILE A 134 -10.68 4.17 14.74
N ASN A 135 -11.65 5.03 15.17
CA ASN A 135 -11.88 5.32 16.59
C ASN A 135 -12.96 4.45 17.21
N ASN A 136 -14.08 5.02 17.71
CA ASN A 136 -15.14 4.27 18.33
C ASN A 136 -16.44 4.99 18.02
N ASN A 137 -17.23 4.42 17.07
CA ASN A 137 -18.56 4.88 16.69
C ASN A 137 -19.51 3.72 16.94
N THR A 138 -19.55 3.22 18.20
CA THR A 138 -20.39 2.11 18.66
C THR A 138 -21.36 2.62 19.71
N GLY A 139 -22.52 1.93 19.89
CA GLY A 139 -23.54 2.30 20.86
C GLY A 139 -24.85 1.64 20.57
#